data_9BEW
#
_entry.id   9BEW
#
_cell.length_a   1.00
_cell.length_b   1.00
_cell.length_c   1.00
_cell.angle_alpha   90.00
_cell.angle_beta   90.00
_cell.angle_gamma   90.00
#
_symmetry.space_group_name_H-M   'P 1'
#
loop_
_entity.id
_entity.type
_entity.pdbx_description
1 polymer 'Envelope glycoprotein gp120'
2 polymer 'Envelope glycoprotein gp41'
3 polymer '3BNC117 heavy chain'
4 polymer '3BNC117 light chain'
5 polymer '10-1074 heavy chain'
6 polymer '10-1074 light chain'
7 branched 2-acetamido-2-deoxy-beta-D-glucopyranose-(1-4)-2-acetamido-2-deoxy-beta-D-glucopyranose
8 branched alpha-D-mannopyranose-(1-2)-alpha-D-mannopyranose-(1-3)-[alpha-D-mannopyranose-(1-6)]beta-D-mannopyranose-(1-4)-2-acetamido-2-deoxy-beta-D-glucopyranose-(1-4)-2-acetamido-2-deoxy-beta-D-glucopyranose
9 branched alpha-D-mannopyranose-(1-3)-[alpha-D-mannopyranose-(1-6)]beta-D-mannopyranose-(1-4)-2-acetamido-2-deoxy-beta-D-glucopyranose-(1-4)-2-acetamido-2-deoxy-beta-D-glucopyranose
10 branched alpha-D-mannopyranose-(1-6)-beta-D-mannopyranose-(1-4)-2-acetamido-2-deoxy-beta-D-glucopyranose-(1-4)-2-acetamido-2-deoxy-beta-D-glucopyranose
11 branched alpha-D-mannopyranose-(1-2)-alpha-D-mannopyranose-(1-2)-alpha-D-mannopyranose-(1-3)-[alpha-D-mannopyranose-(1-3)-[alpha-D-mannopyranose-(1-6)]alpha-D-mannopyranose-(1-6)]beta-D-mannopyranose-(1-4)-2-acetamido-2-deoxy-beta-D-glucopyranose-(1-4)-2-acetamido-2-deoxy-beta-D-glucopyranose
12 non-polymer 2-acetamido-2-deoxy-beta-D-glucopyranose
#
loop_
_entity_poly.entity_id
_entity_poly.type
_entity_poly.pdbx_seq_one_letter_code
_entity_poly.pdbx_strand_id
1 'polypeptide(L)'
;AENLWVTVYYGVPVWKDAETTLFCASDAKAYETEKHNVWATHACVPTDPNPQEIHLENVTEEFNMWKNNMVEQMHTDIIS
LWCQSLKPCVKLTPLCVTLQCTNVTNNITDDMRGELKNCSFNMTTELRDKKQKVYSLFYRLDVVQINENQGNRSNNSNKE
YRLINCNTSAITQACPKVSFEPIPIHYCAPAGFAILKCKDKKFNGTGPCPNVSTVQCTHGIKPVVSTQLLLNGSLAEEEV
MIRSENITNNAKNILVQFNTPVQINCTRPNNNTRKSIRIGPGQAFYATGDIIGDIRQAHCNVSKATWNETLGKVVKQLRK
HFGNNTIIRFANSSGGDLEVTTHSFNCGGEFFYCNTSGLFNSTWISNTSVQGSNSTGSNDSITLPCRIKQIINMWQGCGI
GQAMYAPPIQGVIRCVSNITGLILTRDGGSTNSTNETFRPGGGDMRDNWRSELYKYKVVKIEPLGVAPTRAKRRVVGRRR
RRR
;
G,A,M
2 'polypeptide(L)'
;AVGIGAVFLGFLGAAGSTMGAASMTLTVQARNLLSGIVQQQSNLLRAPEAQQHLLKLTVWGIKQLQARVLAVERYLRDQQ
LLGIWGCSGKLICATNVPWNSSWSNRNLSEIWDNMTWLQWDKEISNYTQIIYGLLEESQNQQEKNEQDLLALD
;
B,E,N
3 'polypeptide(L)'
;QVQLLQSGAAVTKPGASVRVSCEASGYNIRDYFIHWWRQAPGQGLQWVGWINPKTGQPNNPRQFQGRVSLTRHASWDFDT
YSFYMDLKALRSDDTAVYFCARQRSDYWDFDVWGSGTQVTVSSASTKGPSVFPLAPSSKSTSGGTAALGCLVKDYFPEPV
TVSWNSGALTSGVHTFPAVLQSSGLYSLSSVVTVPSSSLGTQTYICNVNHKPSNTKVDKKVEPKSC
;
C,F,O
4 'polypeptide(L)'
;DIQMTQSPSSLSASVGDTVTITCQANGYLNWYQQRRGKAPKLLIYDGSKLERGVPSRFSGRRWGQEYNLTINNLQPEDIA
TYFCQVYEFVVPGTRLDLKRTVAAPSVFIFPPSDEQLKSGTASVVCLLNNFYPREAKVQWKVDNALQSGNSQESVTEQDS
KDSTYSLSSTLTLSKADYEKHKVYACEVTHQGLSSPVTKSFNRGEC
;
D,I,P
5 'polypeptide(L)'
;QVQLQESGPGLVKPSETLSVTCSVSGDSMNNYYWTWIRQSPGKGLEWIGYISDRESATYNPSLNSRVVISRDTSKNQLSL
KLNSVTPADTAVYYCATARRGQRIYGVVSFGEFFYYYSMDVWGKGTTVTVSSASTKGPSVFPLAPSSKSTSGGTAALGCL
VKDYFPEPVTVSWNSGALTSGVHTFPAVLQSSGLYSLSSVVTVPSSSLGTQTYICNVNHKPSNTKVDKRVEPKSC
;
H,J,Q
6 'polypeptide(L)'
;SYVRPLSVALGETARISCGRQALGSRAVQWYQHRPGQAPILLIYNNQDRPSGIPERFSGTPDINFGTRATLTISGVEAGD
EADYYCHMWDSRSGFSWSFGGATRLTVLGQPKAAPSVTLFPPSSEELQANKATLVCLISDFYPGAVTVAWKADSSPVKAG
VETTTPSKQSNNKYAASSYLSLTPEQWKSHRSYSCQVTHEGSTVEKTVAPTECS
;
L,K,R
#
# COMPACT_ATOMS: atom_id res chain seq x y z
N ASN A 3 35.33 40.66 -47.31
CA ASN A 3 34.87 40.79 -45.94
C ASN A 3 34.47 39.43 -45.38
N LEU A 4 34.54 39.29 -44.05
CA LEU A 4 34.21 38.05 -43.37
C LEU A 4 32.74 38.03 -42.98
N TRP A 5 32.15 36.84 -43.05
CA TRP A 5 30.75 36.64 -42.74
C TRP A 5 30.60 35.48 -41.77
N VAL A 6 29.62 35.60 -40.87
CA VAL A 6 29.41 34.56 -39.87
C VAL A 6 28.58 33.42 -40.47
N THR A 7 28.98 32.19 -40.18
CA THR A 7 28.28 31.01 -40.64
C THR A 7 27.87 30.16 -39.44
N VAL A 8 26.78 29.44 -39.60
CA VAL A 8 26.19 28.63 -38.52
C VAL A 8 26.52 27.17 -38.78
N TYR A 9 27.17 26.53 -37.81
CA TYR A 9 27.53 25.12 -37.88
C TYR A 9 26.72 24.36 -36.83
N TYR A 10 26.13 23.23 -37.24
CA TYR A 10 25.33 22.40 -36.36
C TYR A 10 26.00 21.05 -36.22
N GLY A 11 26.28 20.66 -34.98
CA GLY A 11 26.94 19.41 -34.69
C GLY A 11 28.41 19.50 -34.35
N VAL A 12 28.85 20.61 -33.76
CA VAL A 12 30.26 20.80 -33.43
C VAL A 12 30.58 20.01 -32.15
N PRO A 13 31.78 19.45 -32.04
CA PRO A 13 32.15 18.68 -30.83
C PRO A 13 32.48 19.58 -29.65
N VAL A 14 31.44 20.17 -29.07
CA VAL A 14 31.56 21.04 -27.90
C VAL A 14 30.66 20.49 -26.80
N TRP A 15 31.22 20.28 -25.61
CA TRP A 15 30.46 19.77 -24.48
C TRP A 15 30.59 20.73 -23.29
N LYS A 16 29.67 20.59 -22.36
CA LYS A 16 29.68 21.35 -21.12
C LYS A 16 29.28 20.43 -19.98
N ASP A 17 29.66 20.82 -18.76
CA ASP A 17 29.36 20.02 -17.58
C ASP A 17 27.89 20.19 -17.21
N ALA A 18 27.22 19.08 -16.92
CA ALA A 18 25.82 19.09 -16.54
C ALA A 18 25.50 17.85 -15.71
N GLU A 19 24.33 17.86 -15.10
CA GLU A 19 23.87 16.77 -14.26
C GLU A 19 22.52 16.28 -14.80
N THR A 20 22.49 15.04 -15.26
CA THR A 20 21.27 14.43 -15.78
C THR A 20 20.99 13.13 -15.06
N THR A 21 19.87 12.50 -15.41
CA THR A 21 19.44 11.25 -14.81
C THR A 21 19.82 10.10 -15.73
N LEU A 22 20.88 9.39 -15.39
CA LEU A 22 21.30 8.23 -16.16
C LEU A 22 20.38 7.04 -15.89
N PHE A 23 20.20 6.20 -16.90
CA PHE A 23 19.37 5.02 -16.77
C PHE A 23 20.23 3.77 -16.70
N CYS A 24 19.63 2.69 -16.23
CA CYS A 24 20.31 1.43 -16.01
C CYS A 24 20.43 0.63 -17.30
N ALA A 25 21.29 -0.39 -17.27
CA ALA A 25 21.47 -1.29 -18.39
C ALA A 25 22.05 -2.59 -17.86
N SER A 26 21.28 -3.67 -17.95
CA SER A 26 21.67 -4.96 -17.42
C SER A 26 22.27 -5.82 -18.54
N ASP A 27 22.50 -7.09 -18.24
CA ASP A 27 23.05 -8.04 -19.20
C ASP A 27 21.95 -8.96 -19.69
N ALA A 28 22.35 -9.94 -20.52
CA ALA A 28 21.39 -10.87 -21.09
C ALA A 28 20.94 -11.89 -20.07
N LYS A 29 19.64 -12.20 -20.07
CA LYS A 29 19.08 -13.20 -19.18
C LYS A 29 19.18 -14.57 -19.82
N ALA A 30 19.86 -15.49 -19.16
CA ALA A 30 20.05 -16.84 -19.68
C ALA A 30 18.76 -17.65 -19.56
N LYS A 35 17.09 -15.38 -10.91
CA LYS A 35 15.80 -15.01 -11.50
C LYS A 35 15.37 -13.62 -11.03
N HIS A 36 15.21 -13.46 -9.73
CA HIS A 36 14.80 -12.21 -9.13
C HIS A 36 15.81 -11.79 -8.07
N ASN A 37 15.89 -10.48 -7.81
CA ASN A 37 16.80 -9.93 -6.83
C ASN A 37 16.27 -8.58 -6.37
N VAL A 38 16.91 -8.05 -5.32
CA VAL A 38 16.46 -6.78 -4.75
C VAL A 38 16.77 -5.60 -5.66
N TRP A 39 17.75 -5.74 -6.56
CA TRP A 39 18.03 -4.73 -7.55
C TRP A 39 17.30 -5.12 -8.84
N ALA A 40 16.38 -4.25 -9.28
CA ALA A 40 15.43 -4.58 -10.34
C ALA A 40 16.17 -4.63 -11.67
N THR A 41 16.85 -5.74 -11.90
CA THR A 41 17.61 -5.96 -13.13
C THR A 41 16.77 -6.68 -14.18
N HIS A 42 15.54 -6.18 -14.38
CA HIS A 42 14.66 -6.65 -15.43
C HIS A 42 14.00 -5.52 -16.21
N ALA A 43 13.90 -4.32 -15.63
CA ALA A 43 13.42 -3.15 -16.36
C ALA A 43 14.55 -2.40 -17.07
N CYS A 44 15.79 -2.77 -16.82
CA CYS A 44 16.91 -2.15 -17.52
C CYS A 44 16.94 -2.60 -18.98
N VAL A 45 17.41 -1.71 -19.84
CA VAL A 45 17.54 -2.00 -21.26
C VAL A 45 18.71 -2.96 -21.46
N PRO A 46 18.66 -3.88 -22.43
CA PRO A 46 19.80 -4.77 -22.67
C PRO A 46 20.96 -4.00 -23.28
N THR A 47 22.16 -4.32 -22.81
CA THR A 47 23.35 -3.63 -23.29
C THR A 47 23.76 -4.16 -24.66
N ASP A 48 24.64 -3.41 -25.31
CA ASP A 48 25.15 -3.82 -26.61
C ASP A 48 26.17 -4.94 -26.44
N PRO A 49 26.23 -5.89 -27.36
CA PRO A 49 27.20 -6.99 -27.22
C PRO A 49 28.66 -6.55 -27.29
N ASN A 50 28.96 -5.43 -27.95
CA ASN A 50 30.31 -4.87 -27.96
C ASN A 50 30.23 -3.38 -27.64
N PRO A 51 31.00 -2.89 -26.67
CA PRO A 51 30.98 -1.46 -26.36
C PRO A 51 31.82 -0.67 -27.35
N GLN A 52 31.34 0.52 -27.68
CA GLN A 52 32.02 1.43 -28.60
C GLN A 52 32.74 2.49 -27.79
N GLU A 53 34.06 2.38 -27.70
CA GLU A 53 34.89 3.32 -26.98
C GLU A 53 35.71 4.11 -27.99
N ILE A 54 35.29 5.33 -28.26
CA ILE A 54 35.98 6.20 -29.21
C ILE A 54 37.06 6.98 -28.48
N HIS A 55 38.31 6.78 -28.87
CA HIS A 55 39.41 7.49 -28.24
C HIS A 55 39.45 8.94 -28.70
N LEU A 56 39.69 9.84 -27.76
CA LEU A 56 39.72 11.28 -28.01
C LEU A 56 41.16 11.77 -27.87
N GLU A 57 41.74 12.23 -28.96
CA GLU A 57 43.11 12.71 -28.96
C GLU A 57 43.14 14.23 -28.84
N ASN A 58 44.30 14.74 -28.43
CA ASN A 58 44.60 16.18 -28.35
C ASN A 58 43.64 16.94 -27.45
N VAL A 59 43.16 16.30 -26.39
CA VAL A 59 42.22 16.91 -25.46
C VAL A 59 42.64 16.61 -24.04
N THR A 60 42.64 17.63 -23.19
CA THR A 60 43.00 17.51 -21.77
C THR A 60 41.75 17.90 -20.97
N GLU A 61 40.90 16.93 -20.69
CA GLU A 61 39.69 17.18 -19.93
C GLU A 61 39.99 17.13 -18.43
N GLU A 62 39.41 18.07 -17.70
CA GLU A 62 39.61 18.15 -16.25
C GLU A 62 38.52 17.37 -15.55
N PHE A 63 38.90 16.30 -14.86
CA PHE A 63 37.98 15.54 -14.04
C PHE A 63 37.97 16.08 -12.61
N ASN A 64 36.92 15.74 -11.88
CA ASN A 64 36.78 16.20 -10.50
C ASN A 64 36.05 15.14 -9.69
N MET A 65 36.78 14.44 -8.84
CA MET A 65 36.17 13.53 -7.88
C MET A 65 35.54 14.32 -6.74
N TRP A 66 34.78 13.61 -5.90
CA TRP A 66 34.13 14.10 -4.68
C TRP A 66 33.07 15.17 -4.96
N LYS A 67 32.77 15.46 -6.22
CA LYS A 67 31.70 16.38 -6.59
C LYS A 67 30.86 15.82 -7.73
N ASN A 68 31.10 14.56 -8.13
CA ASN A 68 30.38 13.96 -9.24
C ASN A 68 28.95 13.64 -8.83
N ASN A 69 28.02 13.86 -9.75
CA ASN A 69 26.62 13.56 -9.50
C ASN A 69 26.27 12.10 -9.78
N MET A 70 27.18 11.34 -10.40
CA MET A 70 26.88 9.95 -10.72
C MET A 70 26.86 9.08 -9.46
N VAL A 71 27.72 9.38 -8.49
CA VAL A 71 27.71 8.64 -7.24
C VAL A 71 26.54 9.05 -6.36
N GLU A 72 26.16 10.33 -6.40
CA GLU A 72 25.00 10.80 -5.66
C GLU A 72 23.69 10.25 -6.21
N GLN A 73 23.66 9.89 -7.49
CA GLN A 73 22.47 9.26 -8.05
C GLN A 73 22.44 7.76 -7.79
N MET A 74 23.60 7.11 -7.81
CA MET A 74 23.65 5.67 -7.53
C MET A 74 23.35 5.39 -6.06
N HIS A 75 23.70 6.31 -5.17
CA HIS A 75 23.35 6.14 -3.76
C HIS A 75 21.85 6.19 -3.54
N THR A 76 21.13 6.98 -4.34
CA THR A 76 19.69 7.04 -4.23
C THR A 76 19.02 5.83 -4.87
N ASP A 77 19.61 5.31 -5.95
CA ASP A 77 18.99 4.19 -6.66
C ASP A 77 19.11 2.88 -5.89
N ILE A 78 20.15 2.72 -5.07
CA ILE A 78 20.28 1.51 -4.27
C ILE A 78 19.28 1.50 -3.13
N ILE A 79 19.09 2.65 -2.47
CA ILE A 79 18.10 2.74 -1.40
C ILE A 79 16.69 2.59 -1.95
N SER A 80 16.43 3.12 -3.16
CA SER A 80 15.11 3.02 -3.76
C SER A 80 14.80 1.62 -4.27
N LEU A 81 15.77 0.72 -4.28
CA LEU A 81 15.52 -0.67 -4.64
C LEU A 81 15.64 -1.64 -3.46
N TRP A 82 16.46 -1.32 -2.47
CA TRP A 82 16.55 -2.17 -1.29
C TRP A 82 15.32 -2.03 -0.41
N CYS A 83 14.73 -0.84 -0.36
CA CYS A 83 13.60 -0.58 0.51
C CYS A 83 12.24 -0.80 -0.16
N GLN A 84 12.22 -0.99 -1.47
CA GLN A 84 10.97 -1.23 -2.19
C GLN A 84 10.70 -2.70 -2.44
N SER A 85 11.56 -3.59 -1.96
CA SER A 85 11.36 -5.03 -2.11
C SER A 85 10.91 -5.70 -0.83
N LEU A 86 10.94 -5.00 0.31
CA LEU A 86 10.46 -5.53 1.56
C LEU A 86 8.98 -5.28 1.78
N LYS A 87 8.33 -4.55 0.88
CA LYS A 87 6.91 -4.22 1.03
C LYS A 87 5.95 -5.37 0.76
N PRO A 88 5.98 -6.06 -0.40
CA PRO A 88 4.81 -6.88 -0.76
C PRO A 88 4.68 -8.17 0.02
N CYS A 89 5.78 -8.82 0.40
CA CYS A 89 5.70 -10.09 1.10
C CYS A 89 5.64 -9.86 2.61
N VAL A 90 5.79 -10.94 3.38
CA VAL A 90 5.25 -11.02 4.74
C VAL A 90 6.04 -10.12 5.70
N LYS A 91 5.32 -9.47 6.61
CA LYS A 91 5.90 -8.71 7.71
C LYS A 91 5.70 -9.46 9.02
N LEU A 92 6.76 -9.51 9.82
CA LEU A 92 6.75 -10.28 11.07
C LEU A 92 6.39 -9.41 12.28
N THR A 93 5.26 -8.72 12.21
CA THR A 93 4.79 -7.98 13.37
C THR A 93 4.33 -8.82 14.59
N PRO A 94 3.88 -10.08 14.50
CA PRO A 94 3.63 -10.80 15.75
C PRO A 94 4.82 -11.54 16.32
N LEU A 95 6.04 -11.24 15.86
CA LEU A 95 7.24 -11.91 16.36
C LEU A 95 7.78 -11.28 17.65
N CYS A 96 7.20 -10.18 18.12
CA CYS A 96 7.69 -9.49 19.31
C CYS A 96 7.09 -10.04 20.60
N VAL A 97 6.64 -11.30 20.61
CA VAL A 97 6.17 -11.92 21.84
C VAL A 97 7.37 -12.27 22.73
N THR A 98 7.10 -12.52 24.01
CA THR A 98 8.17 -12.86 24.93
C THR A 98 8.67 -14.28 24.68
N LEU A 99 9.98 -14.44 24.69
CA LEU A 99 10.62 -15.71 24.39
C LEU A 99 11.11 -16.39 25.67
N GLN A 100 11.39 -17.69 25.55
CA GLN A 100 11.96 -18.49 26.63
C GLN A 100 13.21 -19.16 26.07
N CYS A 101 14.34 -18.46 26.16
CA CYS A 101 15.58 -18.88 25.50
C CYS A 101 16.46 -19.65 26.47
N THR A 102 16.94 -20.81 26.04
CA THR A 102 17.93 -21.60 26.75
C THR A 102 19.19 -21.70 25.90
N ASN A 103 20.27 -22.16 26.54
CA ASN A 103 21.53 -22.31 25.84
C ASN A 103 21.53 -23.58 25.00
N VAL A 104 22.49 -23.66 24.08
CA VAL A 104 22.63 -24.79 23.17
C VAL A 104 23.88 -25.60 23.49
N THR A 105 25.02 -24.91 23.68
CA THR A 105 26.28 -25.59 23.91
C THR A 105 26.37 -26.04 25.36
N ASN A 106 26.78 -27.30 25.56
CA ASN A 106 26.92 -27.86 26.90
C ASN A 106 28.29 -27.55 27.50
N ASN A 107 29.36 -27.92 26.80
CA ASN A 107 30.72 -27.68 27.29
C ASN A 107 31.07 -26.20 27.14
N ILE A 108 31.15 -25.50 28.27
CA ILE A 108 31.49 -24.08 28.26
C ILE A 108 32.98 -23.91 28.00
N THR A 109 33.33 -22.80 27.38
CA THR A 109 34.73 -22.50 27.05
C THR A 109 35.39 -21.71 28.16
N MET A 112 31.67 -20.10 21.09
CA MET A 112 31.51 -19.56 22.43
C MET A 112 30.17 -19.98 23.03
N ARG A 113 30.19 -20.37 24.30
CA ARG A 113 28.98 -20.77 25.02
C ARG A 113 28.13 -19.54 25.25
N GLY A 114 27.06 -19.41 24.49
CA GLY A 114 26.18 -18.26 24.53
C GLY A 114 25.98 -17.54 23.22
N GLU A 115 26.43 -18.10 22.10
CA GLU A 115 26.23 -17.46 20.80
C GLU A 115 24.84 -17.75 20.26
N LEU A 116 24.40 -19.00 20.35
CA LEU A 116 23.08 -19.39 19.88
C LEU A 116 22.13 -19.54 21.06
N LYS A 117 20.86 -19.22 20.81
CA LYS A 117 19.82 -19.30 21.84
C LYS A 117 18.67 -20.14 21.29
N ASN A 118 18.17 -21.06 22.12
CA ASN A 118 17.05 -21.92 21.76
C ASN A 118 15.80 -21.34 22.40
N CYS A 119 15.10 -20.49 21.66
CA CYS A 119 13.96 -19.75 22.17
C CYS A 119 12.66 -20.39 21.72
N SER A 120 11.71 -20.49 22.66
CA SER A 120 10.37 -20.96 22.37
C SER A 120 9.37 -19.88 22.72
N PHE A 121 8.28 -19.81 21.95
CA PHE A 121 7.31 -18.74 22.11
C PHE A 121 5.96 -19.20 21.58
N ASN A 122 4.95 -18.37 21.84
CA ASN A 122 3.59 -18.62 21.37
C ASN A 122 3.37 -17.85 20.08
N MET A 123 3.12 -18.57 18.99
CA MET A 123 2.90 -17.96 17.69
C MET A 123 1.44 -18.14 17.28
N THR A 124 0.95 -17.20 16.47
CA THR A 124 -0.43 -17.23 16.02
C THR A 124 -0.62 -18.32 14.97
N THR A 125 -1.71 -19.06 15.10
CA THR A 125 -2.08 -20.08 14.13
C THR A 125 -2.85 -19.42 13.00
N GLU A 126 -3.02 -20.15 11.88
CA GLU A 126 -3.80 -19.64 10.76
C GLU A 126 -5.27 -19.45 11.11
N LEU A 127 -5.77 -20.16 12.12
CA LEU A 127 -7.08 -19.89 12.70
C LEU A 127 -6.87 -19.00 13.91
N ARG A 128 -7.42 -17.78 13.87
CA ARG A 128 -7.10 -16.80 14.90
C ARG A 128 -7.97 -16.95 16.15
N ASP A 129 -8.05 -18.18 16.66
CA ASP A 129 -8.60 -18.42 17.98
C ASP A 129 -7.80 -19.45 18.75
N LYS A 130 -6.75 -20.02 18.15
CA LYS A 130 -5.85 -20.95 18.82
C LYS A 130 -4.43 -20.44 18.67
N LYS A 131 -3.53 -21.03 19.45
CA LYS A 131 -2.12 -20.64 19.43
C LYS A 131 -1.26 -21.88 19.52
N GLN A 132 -0.10 -21.82 18.89
CA GLN A 132 0.85 -22.92 18.86
C GLN A 132 2.11 -22.53 19.60
N LYS A 133 2.77 -23.53 20.19
CA LYS A 133 4.02 -23.33 20.92
C LYS A 133 5.16 -23.86 20.04
N VAL A 134 5.81 -22.95 19.33
CA VAL A 134 6.89 -23.30 18.42
C VAL A 134 8.21 -22.83 19.01
N TYR A 135 9.30 -23.35 18.46
CA TYR A 135 10.65 -23.01 18.91
C TYR A 135 11.52 -22.68 17.70
N SER A 136 12.56 -21.89 17.96
CA SER A 136 13.48 -21.48 16.91
C SER A 136 14.82 -21.12 17.52
N LEU A 137 15.84 -21.10 16.67
CA LEU A 137 17.20 -20.73 17.08
C LEU A 137 17.47 -19.28 16.71
N PHE A 138 17.91 -18.49 17.68
CA PHE A 138 18.28 -17.10 17.45
C PHE A 138 19.69 -16.86 17.94
N TYR A 139 20.37 -15.91 17.29
CA TYR A 139 21.71 -15.54 17.71
C TYR A 139 21.64 -14.58 18.90
N ARG A 140 22.79 -14.38 19.54
CA ARG A 140 22.83 -13.51 20.71
C ARG A 140 22.68 -12.04 20.32
N LEU A 141 23.06 -11.68 19.09
CA LEU A 141 22.96 -10.30 18.65
C LEU A 141 21.53 -9.91 18.27
N ASP A 142 20.61 -10.86 18.24
CA ASP A 142 19.22 -10.59 17.88
C ASP A 142 18.27 -10.63 19.08
N VAL A 143 18.77 -10.90 20.28
CA VAL A 143 17.93 -11.03 21.46
C VAL A 143 18.49 -10.14 22.56
N VAL A 144 17.60 -9.59 23.37
CA VAL A 144 17.98 -8.85 24.57
C VAL A 144 17.17 -9.40 25.74
N GLN A 145 17.67 -9.16 26.95
CA GLN A 145 16.97 -9.61 28.15
C GLN A 145 15.98 -8.56 28.60
N ILE A 146 14.78 -9.01 28.99
CA ILE A 146 13.73 -8.09 29.41
C ILE A 146 14.04 -7.52 30.79
N ASN A 147 14.23 -8.39 31.77
CA ASN A 147 14.52 -7.95 33.13
C ASN A 147 15.91 -8.41 33.60
N LYS A 159 16.59 -16.11 31.52
CA LYS A 159 15.56 -16.37 30.52
C LYS A 159 14.70 -15.13 30.29
N GLU A 160 13.53 -15.34 29.68
CA GLU A 160 12.55 -14.30 29.38
C GLU A 160 13.16 -13.21 28.50
N TYR A 161 13.54 -13.60 27.28
CA TYR A 161 14.13 -12.71 26.30
C TYR A 161 13.04 -12.21 25.34
N ARG A 162 13.48 -11.40 24.37
CA ARG A 162 12.64 -10.96 23.27
C ARG A 162 13.55 -10.76 22.06
N LEU A 163 13.05 -10.10 21.03
CA LEU A 163 13.90 -9.78 19.89
C LEU A 163 14.80 -8.59 20.25
N ILE A 164 15.58 -8.14 19.26
CA ILE A 164 16.65 -7.17 19.55
C ILE A 164 16.07 -5.81 19.92
N ASN A 165 15.28 -5.22 19.01
CA ASN A 165 14.71 -3.90 19.30
C ASN A 165 13.28 -4.00 19.81
N CYS A 166 12.35 -4.43 18.94
CA CYS A 166 10.90 -4.49 19.19
C CYS A 166 10.30 -3.19 19.75
N ASN A 167 11.00 -2.07 19.62
CA ASN A 167 10.50 -0.80 20.13
C ASN A 167 10.72 0.37 19.20
N THR A 168 11.69 0.31 18.29
CA THR A 168 11.94 1.39 17.35
C THR A 168 11.70 1.00 15.90
N SER A 169 11.49 -0.28 15.61
CA SER A 169 11.37 -0.75 14.23
C SER A 169 10.24 -1.75 14.11
N ALA A 170 9.67 -1.80 12.91
CA ALA A 170 8.67 -2.81 12.55
C ALA A 170 9.36 -3.85 11.69
N ILE A 171 9.65 -5.01 12.29
CA ILE A 171 10.48 -6.03 11.65
C ILE A 171 9.66 -6.76 10.60
N THR A 172 10.09 -6.66 9.34
CA THR A 172 9.53 -7.43 8.25
C THR A 172 10.56 -8.42 7.75
N GLN A 173 10.08 -9.55 7.22
CA GLN A 173 10.98 -10.60 6.75
C GLN A 173 11.56 -10.24 5.40
N ALA A 174 12.85 -10.53 5.23
CA ALA A 174 13.46 -10.43 3.91
C ALA A 174 12.83 -11.45 2.99
N CYS A 175 12.66 -11.08 1.74
CA CYS A 175 11.75 -11.84 0.90
C CYS A 175 12.47 -13.05 0.33
N PRO A 176 11.89 -14.25 0.43
CA PRO A 176 12.68 -15.46 0.17
C PRO A 176 12.93 -15.74 -1.30
N LYS A 177 12.07 -15.29 -2.20
CA LYS A 177 12.24 -15.61 -3.62
C LYS A 177 13.32 -14.76 -4.28
N VAL A 178 13.49 -13.52 -3.83
CA VAL A 178 14.51 -12.64 -4.42
C VAL A 178 15.88 -13.03 -3.86
N SER A 179 16.94 -12.58 -4.52
CA SER A 179 18.30 -12.91 -4.14
C SER A 179 19.07 -11.64 -3.78
N PHE A 180 20.21 -11.84 -3.12
CA PHE A 180 21.07 -10.75 -2.69
C PHE A 180 22.37 -10.68 -3.49
N GLU A 181 22.46 -11.40 -4.59
CA GLU A 181 23.69 -11.45 -5.36
C GLU A 181 23.89 -10.15 -6.13
N PRO A 182 25.00 -9.44 -5.93
CA PRO A 182 25.27 -8.22 -6.68
C PRO A 182 25.76 -8.55 -8.09
N ILE A 183 24.90 -8.33 -9.08
CA ILE A 183 25.26 -8.55 -10.47
C ILE A 183 25.65 -7.22 -11.08
N PRO A 184 26.55 -7.18 -12.06
CA PRO A 184 27.02 -5.88 -12.58
C PRO A 184 25.94 -5.15 -13.36
N ILE A 185 25.80 -3.86 -13.07
CA ILE A 185 24.88 -2.99 -13.78
C ILE A 185 25.67 -1.88 -14.45
N HIS A 186 25.06 -1.27 -15.45
CA HIS A 186 25.66 -0.18 -16.20
C HIS A 186 24.79 1.06 -16.11
N TYR A 187 25.39 2.22 -16.35
CA TYR A 187 24.70 3.51 -16.24
C TYR A 187 24.89 4.26 -17.56
N CYS A 188 23.88 4.21 -18.43
CA CYS A 188 24.03 4.78 -19.76
C CYS A 188 23.29 6.10 -19.88
N ALA A 189 23.94 7.06 -20.59
CA ALA A 189 23.55 8.44 -20.76
C ALA A 189 22.48 8.57 -21.85
N PRO A 190 21.55 9.52 -21.70
CA PRO A 190 20.52 9.72 -22.73
C PRO A 190 21.07 10.38 -23.98
N ALA A 191 20.18 10.67 -24.93
CA ALA A 191 20.60 11.36 -26.16
C ALA A 191 20.97 12.80 -25.86
N GLY A 192 22.08 13.24 -26.45
CA GLY A 192 22.60 14.58 -26.22
C GLY A 192 23.63 14.67 -25.12
N PHE A 193 23.83 13.61 -24.34
CA PHE A 193 24.81 13.57 -23.28
C PHE A 193 25.87 12.51 -23.61
N ALA A 194 27.04 12.66 -23.00
CA ALA A 194 28.14 11.74 -23.21
C ALA A 194 28.87 11.50 -21.89
N ILE A 195 29.54 10.35 -21.81
CA ILE A 195 30.31 9.96 -20.63
C ILE A 195 31.77 9.90 -21.03
N LEU A 196 32.62 10.62 -20.31
CA LEU A 196 34.05 10.67 -20.58
C LEU A 196 34.78 9.81 -19.57
N LYS A 197 35.60 8.88 -20.06
CA LYS A 197 36.37 7.98 -19.23
C LYS A 197 37.84 8.40 -19.25
N CYS A 198 38.42 8.60 -18.08
CA CYS A 198 39.83 8.94 -17.96
C CYS A 198 40.66 7.67 -17.82
N LYS A 199 41.62 7.49 -18.72
CA LYS A 199 42.47 6.31 -18.74
C LYS A 199 43.89 6.59 -18.27
N ASP A 200 44.12 7.72 -17.61
CA ASP A 200 45.44 8.07 -17.12
C ASP A 200 45.76 7.25 -15.86
N LYS A 201 46.94 6.65 -15.85
CA LYS A 201 47.32 5.79 -14.72
C LYS A 201 47.72 6.61 -13.51
N LYS A 202 48.61 7.59 -13.68
CA LYS A 202 49.05 8.45 -12.58
C LYS A 202 48.06 9.61 -12.43
N PHE A 203 46.85 9.26 -12.00
CA PHE A 203 45.76 10.21 -11.88
C PHE A 203 45.05 9.99 -10.56
N ASN A 204 45.13 10.98 -9.66
CA ASN A 204 44.43 10.93 -8.39
C ASN A 204 42.99 11.42 -8.59
N GLY A 205 42.30 11.74 -7.49
CA GLY A 205 40.90 12.12 -7.58
C GLY A 205 40.66 13.40 -8.36
N THR A 206 41.31 14.49 -7.96
CA THR A 206 41.12 15.79 -8.57
C THR A 206 42.32 16.15 -9.43
N GLY A 207 42.07 16.57 -10.66
CA GLY A 207 43.12 16.98 -11.56
C GLY A 207 42.77 16.75 -13.01
N PRO A 208 43.51 17.39 -13.92
CA PRO A 208 43.27 17.18 -15.35
C PRO A 208 43.72 15.80 -15.79
N CYS A 209 43.11 15.32 -16.87
CA CYS A 209 43.39 14.00 -17.42
C CYS A 209 43.70 14.13 -18.90
N PRO A 210 44.97 14.00 -19.31
CA PRO A 210 45.31 14.15 -20.73
C PRO A 210 45.04 12.91 -21.57
N ASN A 211 44.56 11.82 -20.98
CA ASN A 211 44.24 10.59 -21.70
C ASN A 211 42.78 10.27 -21.41
N VAL A 212 41.88 10.86 -22.19
CA VAL A 212 40.46 10.74 -21.97
C VAL A 212 39.80 10.24 -23.26
N SER A 213 38.88 9.29 -23.11
CA SER A 213 38.08 8.77 -24.21
C SER A 213 36.62 8.82 -23.80
N THR A 214 35.73 8.65 -24.78
CA THR A 214 34.30 8.62 -24.52
C THR A 214 33.79 7.20 -24.65
N VAL A 215 32.70 6.92 -23.94
CA VAL A 215 32.03 5.63 -23.98
C VAL A 215 30.54 5.87 -24.10
N GLN A 216 29.82 4.86 -24.57
CA GLN A 216 28.37 4.90 -24.45
C GLN A 216 27.96 4.81 -22.99
N CYS A 217 28.58 3.88 -22.26
CA CYS A 217 28.45 3.77 -20.81
C CYS A 217 29.54 2.89 -20.21
N THR A 218 29.50 2.81 -18.88
CA THR A 218 30.60 2.34 -18.05
C THR A 218 30.75 0.83 -18.12
N HIS A 219 31.69 0.31 -17.32
CA HIS A 219 31.93 -1.12 -17.21
C HIS A 219 30.96 -1.72 -16.18
N GLY A 220 31.18 -2.98 -15.84
CA GLY A 220 30.33 -3.64 -14.86
C GLY A 220 30.58 -3.18 -13.44
N ILE A 221 29.63 -2.48 -12.86
CA ILE A 221 29.74 -1.98 -11.49
C ILE A 221 28.85 -2.85 -10.61
N LYS A 222 29.47 -3.64 -9.74
CA LYS A 222 28.72 -4.49 -8.84
C LYS A 222 28.38 -3.73 -7.56
N PRO A 223 27.10 -3.61 -7.20
CA PRO A 223 26.73 -2.88 -5.97
C PRO A 223 26.99 -3.71 -4.71
N VAL A 224 28.26 -3.86 -4.36
CA VAL A 224 28.68 -4.62 -3.19
C VAL A 224 28.65 -3.71 -1.97
N VAL A 225 28.01 -4.17 -0.91
CA VAL A 225 27.87 -3.42 0.33
C VAL A 225 28.91 -3.93 1.32
N SER A 226 29.88 -3.10 1.65
CA SER A 226 30.90 -3.43 2.64
C SER A 226 31.36 -2.14 3.31
N THR A 227 32.05 -2.28 4.44
CA THR A 227 32.43 -1.14 5.26
C THR A 227 33.94 -0.93 5.31
N GLN A 228 34.71 -1.94 5.70
CA GLN A 228 36.14 -1.77 5.90
C GLN A 228 36.98 -2.21 4.72
N LEU A 229 36.61 -3.31 4.06
CA LEU A 229 37.36 -3.84 2.93
C LEU A 229 36.48 -3.81 1.68
N LEU A 230 36.98 -3.21 0.61
CA LEU A 230 36.24 -3.13 -0.65
C LEU A 230 36.36 -4.48 -1.36
N LEU A 231 35.25 -5.22 -1.41
CA LEU A 231 35.23 -6.55 -1.99
C LEU A 231 34.69 -6.50 -3.43
N ASN A 232 35.33 -7.28 -4.30
CA ASN A 232 34.92 -7.45 -5.70
C ASN A 232 34.85 -6.13 -6.44
N GLY A 233 35.96 -5.38 -6.43
CA GLY A 233 36.05 -4.10 -7.05
C GLY A 233 36.99 -4.08 -8.24
N SER A 234 37.22 -2.86 -8.74
CA SER A 234 38.14 -2.64 -9.86
C SER A 234 39.53 -2.35 -9.32
N LEU A 235 40.53 -2.97 -9.93
CA LEU A 235 41.90 -2.85 -9.46
C LEU A 235 42.63 -1.74 -10.22
N ALA A 236 43.81 -1.40 -9.73
CA ALA A 236 44.65 -0.41 -10.39
C ALA A 236 45.43 -1.06 -11.53
N GLU A 237 46.29 -0.28 -12.17
CA GLU A 237 47.04 -0.74 -13.33
C GLU A 237 48.50 -1.03 -13.03
N GLU A 238 49.22 -0.07 -12.44
CA GLU A 238 50.66 -0.21 -12.21
C GLU A 238 51.00 -0.29 -10.74
N GLU A 239 50.58 0.69 -9.93
CA GLU A 239 50.94 0.77 -8.52
C GLU A 239 49.69 0.98 -7.69
N VAL A 240 49.85 0.90 -6.37
CA VAL A 240 48.76 1.13 -5.45
C VAL A 240 48.43 2.62 -5.41
N MET A 241 47.18 2.96 -5.70
CA MET A 241 46.74 4.34 -5.76
C MET A 241 46.03 4.72 -4.47
N ILE A 242 46.36 5.88 -3.93
CA ILE A 242 45.77 6.39 -2.70
C ILE A 242 45.04 7.69 -3.03
N ARG A 243 43.72 7.68 -2.89
CA ARG A 243 42.88 8.82 -3.25
C ARG A 243 42.15 9.32 -2.02
N SER A 244 42.10 10.64 -1.86
CA SER A 244 41.35 11.26 -0.77
C SER A 244 40.97 12.67 -1.20
N GLU A 245 39.94 13.22 -0.54
CA GLU A 245 39.54 14.58 -0.83
C GLU A 245 40.58 15.58 -0.35
N ASN A 246 41.09 15.39 0.86
CA ASN A 246 42.19 16.20 1.38
C ASN A 246 42.93 15.40 2.43
N ILE A 247 44.25 15.29 2.27
CA ILE A 247 45.06 14.53 3.22
C ILE A 247 45.19 15.28 4.54
N THR A 248 45.13 16.61 4.50
CA THR A 248 45.30 17.40 5.71
C THR A 248 44.09 17.28 6.63
N ASN A 249 42.89 17.24 6.07
CA ASN A 249 41.67 17.09 6.85
C ASN A 249 41.54 15.64 7.29
N ASN A 250 41.64 15.40 8.60
CA ASN A 250 41.57 14.04 9.13
C ASN A 250 40.16 13.49 9.17
N ALA A 251 39.14 14.32 8.94
CA ALA A 251 37.76 13.86 8.92
C ALA A 251 37.35 13.25 7.58
N LYS A 252 38.26 13.16 6.63
CA LYS A 252 37.99 12.57 5.32
C LYS A 252 38.58 11.17 5.26
N ASN A 253 37.77 10.22 4.82
CA ASN A 253 38.23 8.84 4.74
C ASN A 253 39.17 8.65 3.56
N ILE A 254 40.33 8.06 3.83
CA ILE A 254 41.33 7.82 2.80
C ILE A 254 40.96 6.55 2.06
N LEU A 255 40.80 6.67 0.74
CA LEU A 255 40.45 5.54 -0.11
C LEU A 255 41.70 4.96 -0.75
N VAL A 256 41.90 3.66 -0.54
CA VAL A 256 43.05 2.94 -1.09
C VAL A 256 42.54 1.97 -2.15
N GLN A 257 43.29 1.84 -3.25
CA GLN A 257 42.95 0.91 -4.32
C GLN A 257 44.17 0.05 -4.61
N PHE A 258 43.99 -1.27 -4.55
CA PHE A 258 45.09 -2.19 -4.76
C PHE A 258 45.32 -2.44 -6.24
N ASN A 259 46.53 -2.92 -6.56
CA ASN A 259 46.86 -3.33 -7.91
C ASN A 259 46.89 -4.84 -8.08
N THR A 260 47.03 -5.58 -6.99
CA THR A 260 46.95 -7.03 -6.97
C THR A 260 45.85 -7.47 -6.01
N PRO A 261 45.12 -8.54 -6.31
CA PRO A 261 44.03 -8.95 -5.43
C PRO A 261 44.51 -9.77 -4.25
N VAL A 262 43.79 -9.62 -3.14
CA VAL A 262 44.03 -10.38 -1.92
C VAL A 262 42.83 -11.28 -1.71
N GLN A 263 43.02 -12.57 -1.92
CA GLN A 263 41.92 -13.52 -1.85
C GLN A 263 41.55 -13.79 -0.40
N ILE A 264 40.24 -13.77 -0.11
CA ILE A 264 39.71 -14.01 1.22
C ILE A 264 38.69 -15.14 1.13
N ASN A 265 38.77 -16.10 2.05
CA ASN A 265 37.88 -17.26 2.07
C ASN A 265 37.04 -17.21 3.33
N CYS A 266 35.77 -16.84 3.19
CA CYS A 266 34.84 -16.76 4.30
C CYS A 266 33.85 -17.91 4.24
N THR A 267 33.47 -18.42 5.40
CA THR A 267 32.59 -19.58 5.46
C THR A 267 31.73 -19.53 6.71
N ARG A 268 30.67 -20.33 6.70
CA ARG A 268 29.81 -20.56 7.87
C ARG A 268 29.58 -22.05 7.95
N PRO A 269 30.39 -22.77 8.73
CA PRO A 269 30.34 -24.24 8.72
C PRO A 269 29.16 -24.86 9.45
N ASN A 270 28.26 -24.06 10.01
CA ASN A 270 27.08 -24.60 10.68
C ASN A 270 26.06 -25.03 9.64
N ASN A 271 25.77 -26.33 9.60
CA ASN A 271 24.79 -26.88 8.67
C ASN A 271 23.40 -26.67 9.25
N ASN A 272 22.78 -25.56 8.87
CA ASN A 272 21.48 -25.17 9.42
C ASN A 272 20.35 -25.77 8.60
N THR A 273 19.21 -25.96 9.26
CA THR A 273 17.98 -26.40 8.62
C THR A 273 16.92 -25.33 8.77
N ARG A 274 16.06 -25.23 7.75
CA ARG A 274 15.03 -24.20 7.70
C ARG A 274 13.66 -24.86 7.81
N LYS A 275 12.90 -24.48 8.82
CA LYS A 275 11.54 -24.95 9.03
C LYS A 275 10.55 -23.83 8.75
N SER A 276 9.37 -24.19 8.26
CA SER A 276 8.33 -23.24 7.91
C SER A 276 7.26 -23.23 8.99
N ILE A 277 6.90 -22.03 9.45
CA ILE A 277 5.89 -21.83 10.47
C ILE A 277 4.81 -20.93 9.90
N ARG A 278 3.59 -21.46 9.79
CA ARG A 278 2.46 -20.68 9.29
C ARG A 278 1.94 -19.78 10.40
N ILE A 279 2.15 -18.47 10.26
CA ILE A 279 1.72 -17.50 11.26
C ILE A 279 0.43 -16.81 10.89
N GLY A 280 -0.14 -17.13 9.74
CA GLY A 280 -1.39 -16.53 9.32
C GLY A 280 -1.91 -17.16 8.04
N PRO A 281 -3.01 -16.62 7.51
CA PRO A 281 -3.54 -17.15 6.25
C PRO A 281 -2.66 -16.79 5.06
N GLY A 282 -1.94 -17.78 4.53
CA GLY A 282 -1.06 -17.54 3.41
C GLY A 282 0.21 -16.80 3.73
N GLN A 283 0.63 -16.78 5.00
CA GLN A 283 1.85 -16.11 5.42
C GLN A 283 2.69 -17.08 6.22
N ALA A 284 3.91 -17.34 5.76
CA ALA A 284 4.81 -18.27 6.41
C ALA A 284 6.02 -17.52 6.99
N PHE A 285 6.61 -18.10 8.03
CA PHE A 285 7.77 -17.54 8.70
C PHE A 285 8.84 -18.62 8.78
N TYR A 286 9.98 -18.37 8.13
CA TYR A 286 11.05 -19.35 8.05
C TYR A 286 11.91 -19.24 9.29
N ALA A 287 11.74 -20.18 10.22
CA ALA A 287 12.52 -20.22 11.44
C ALA A 287 13.77 -21.07 11.21
N THR A 288 14.52 -21.33 12.27
CA THR A 288 15.75 -22.13 12.20
C THR A 288 15.56 -23.36 13.08
N GLY A 289 15.55 -24.53 12.45
CA GLY A 289 15.39 -25.79 13.16
C GLY A 289 16.68 -26.24 13.82
N ASP A 290 16.87 -27.56 13.83
CA ASP A 290 18.07 -28.12 14.42
C ASP A 290 19.26 -27.92 13.49
N ILE A 291 20.46 -27.98 14.08
CA ILE A 291 21.71 -27.88 13.33
C ILE A 291 22.31 -29.28 13.23
N ILE A 292 22.35 -29.81 12.00
CA ILE A 292 22.81 -31.17 11.77
C ILE A 292 24.34 -31.13 11.71
N GLY A 293 24.98 -31.52 12.81
CA GLY A 293 26.43 -31.57 12.84
C GLY A 293 27.03 -30.89 14.06
N ASP A 294 28.23 -30.35 13.89
CA ASP A 294 28.94 -29.69 14.98
C ASP A 294 28.57 -28.21 15.05
N ILE A 295 28.60 -27.67 16.26
CA ILE A 295 28.40 -26.24 16.46
C ILE A 295 29.76 -25.57 16.33
N ARG A 296 29.96 -24.85 15.22
CA ARG A 296 31.21 -24.18 14.94
C ARG A 296 30.97 -22.69 14.74
N GLN A 297 32.06 -21.94 14.59
CA GLN A 297 32.03 -20.50 14.45
C GLN A 297 32.43 -20.09 13.05
N ALA A 298 31.71 -19.14 12.48
CA ALA A 298 32.04 -18.61 11.16
C ALA A 298 33.32 -17.79 11.24
N HIS A 299 34.12 -17.85 10.18
CA HIS A 299 35.42 -17.19 10.17
C HIS A 299 35.79 -16.86 8.73
N CYS A 300 36.91 -16.16 8.58
CA CYS A 300 37.47 -15.81 7.28
C CYS A 300 38.97 -16.03 7.33
N ASN A 301 39.55 -16.30 6.15
CA ASN A 301 40.98 -16.58 6.05
C ASN A 301 41.59 -15.71 4.97
N VAL A 302 42.73 -15.09 5.28
CA VAL A 302 43.54 -14.39 4.30
C VAL A 302 44.97 -14.91 4.41
N SER A 303 45.70 -14.79 3.31
CA SER A 303 47.08 -15.25 3.28
C SER A 303 47.97 -14.26 4.00
N LYS A 304 48.73 -14.76 5.00
CA LYS A 304 49.59 -13.87 5.77
C LYS A 304 50.80 -13.41 4.96
N ALA A 305 51.26 -14.22 4.01
CA ALA A 305 52.37 -13.79 3.16
C ALA A 305 51.91 -12.75 2.16
N THR A 306 50.67 -12.87 1.67
CA THR A 306 50.14 -11.89 0.72
C THR A 306 49.74 -10.60 1.41
N TRP A 307 49.29 -10.68 2.67
CA TRP A 307 48.83 -9.48 3.37
C TRP A 307 50.00 -8.57 3.73
N ASN A 308 51.15 -9.15 4.11
CA ASN A 308 52.32 -8.32 4.37
C ASN A 308 52.90 -7.75 3.08
N GLU A 309 52.76 -8.48 1.98
CA GLU A 309 53.20 -7.95 0.69
C GLU A 309 52.29 -6.83 0.21
N THR A 310 50.99 -6.96 0.47
CA THR A 310 50.05 -5.92 0.05
C THR A 310 50.15 -4.69 0.96
N LEU A 311 50.27 -4.90 2.27
CA LEU A 311 50.42 -3.79 3.20
C LEU A 311 51.79 -3.13 3.06
N GLY A 312 52.79 -3.85 2.55
CA GLY A 312 54.09 -3.26 2.31
C GLY A 312 54.12 -2.28 1.15
N LYS A 313 53.14 -2.35 0.25
CA LYS A 313 53.04 -1.39 -0.84
C LYS A 313 52.24 -0.15 -0.46
N VAL A 314 51.27 -0.30 0.45
CA VAL A 314 50.49 0.86 0.89
C VAL A 314 51.35 1.78 1.74
N VAL A 315 52.25 1.21 2.55
CA VAL A 315 53.12 2.03 3.38
C VAL A 315 54.19 2.70 2.51
N LYS A 316 54.47 2.15 1.33
CA LYS A 316 55.39 2.80 0.42
C LYS A 316 54.74 3.98 -0.28
N GLN A 317 53.46 3.87 -0.61
CA GLN A 317 52.74 4.96 -1.27
C GLN A 317 52.21 5.99 -0.28
N LEU A 318 52.05 5.62 1.00
CA LEU A 318 51.61 6.59 1.99
C LEU A 318 52.70 7.60 2.35
N ARG A 319 53.97 7.24 2.16
CA ARG A 319 55.07 8.13 2.50
C ARG A 319 55.29 9.22 1.45
N LYS A 320 54.50 9.25 0.38
CA LYS A 320 54.61 10.33 -0.59
C LYS A 320 53.88 11.57 -0.12
N HIS A 321 52.77 11.41 0.62
CA HIS A 321 52.04 12.53 1.17
C HIS A 321 52.55 12.95 2.53
N PHE A 322 53.43 12.18 3.14
CA PHE A 322 54.01 12.51 4.44
C PHE A 322 55.54 12.49 4.33
N GLY A 323 56.22 12.52 5.47
CA GLY A 323 57.67 12.49 5.47
C GLY A 323 58.23 11.17 5.00
N ASN A 324 59.52 11.19 4.68
CA ASN A 324 60.20 9.98 4.21
C ASN A 324 60.55 9.04 5.36
N ASN A 325 60.84 9.57 6.54
CA ASN A 325 61.30 8.78 7.67
C ASN A 325 60.28 8.81 8.80
N THR A 326 58.99 8.75 8.46
CA THR A 326 57.94 8.72 9.46
C THR A 326 57.56 7.27 9.79
N ILE A 327 57.01 7.08 10.98
CA ILE A 327 56.59 5.77 11.44
C ILE A 327 55.09 5.65 11.20
N ILE A 328 54.71 4.71 10.34
CA ILE A 328 53.31 4.50 9.95
C ILE A 328 52.81 3.26 10.69
N ARG A 329 51.80 3.45 11.53
CA ARG A 329 51.22 2.36 12.30
C ARG A 329 49.83 2.02 11.77
N PHE A 330 49.36 0.83 12.11
CA PHE A 330 48.03 0.36 11.75
C PHE A 330 47.38 -0.22 13.01
N ALA A 331 46.31 0.42 13.47
CA ALA A 331 45.54 -0.03 14.61
C ALA A 331 44.15 -0.46 14.16
N ASN A 332 43.43 -1.13 15.06
CA ASN A 332 42.09 -1.59 14.76
C ASN A 332 41.09 -0.46 15.00
N SER A 333 39.80 -0.77 14.91
CA SER A 333 38.77 0.26 14.99
C SER A 333 38.64 0.80 16.41
N SER A 334 38.18 2.05 16.50
CA SER A 334 38.09 2.73 17.79
C SER A 334 36.73 2.59 18.45
N GLY A 335 35.67 2.32 17.70
CA GLY A 335 34.35 2.17 18.27
C GLY A 335 33.28 2.43 17.24
N GLY A 336 32.08 2.67 17.74
CA GLY A 336 30.89 2.85 16.92
C GLY A 336 29.96 1.66 17.05
N ASP A 337 28.96 1.63 16.16
CA ASP A 337 28.10 0.47 16.10
C ASP A 337 28.82 -0.68 15.41
N LEU A 338 28.17 -1.85 15.42
CA LEU A 338 28.76 -3.08 14.89
C LEU A 338 29.01 -3.03 13.40
N GLU A 339 28.32 -2.16 12.67
CA GLU A 339 28.51 -2.08 11.22
C GLU A 339 29.85 -1.46 10.86
N VAL A 340 30.32 -0.47 11.62
CA VAL A 340 31.52 0.27 11.25
C VAL A 340 32.77 -0.22 11.98
N THR A 341 32.64 -1.01 13.04
CA THR A 341 33.81 -1.50 13.74
C THR A 341 34.21 -2.90 13.30
N THR A 342 33.38 -3.56 12.50
CA THR A 342 33.67 -4.90 11.99
C THR A 342 33.42 -4.93 10.49
N HIS A 343 34.14 -5.81 9.81
CA HIS A 343 33.99 -5.97 8.36
C HIS A 343 32.68 -6.70 8.09
N SER A 344 31.71 -6.00 7.51
CA SER A 344 30.40 -6.56 7.23
C SER A 344 30.20 -6.73 5.73
N PHE A 345 29.59 -7.85 5.35
CA PHE A 345 29.28 -8.12 3.95
C PHE A 345 28.06 -9.05 3.90
N ASN A 346 27.81 -9.62 2.74
CA ASN A 346 26.59 -10.38 2.47
C ASN A 346 26.91 -11.69 1.77
N CYS A 347 27.87 -12.44 2.33
CA CYS A 347 28.29 -13.72 1.76
C CYS A 347 27.17 -14.76 1.78
N GLY A 348 26.70 -15.14 0.59
CA GLY A 348 25.73 -16.20 0.46
C GLY A 348 24.34 -15.91 1.00
N GLY A 349 23.98 -14.64 1.12
CA GLY A 349 22.69 -14.26 1.66
C GLY A 349 22.66 -13.99 3.14
N GLU A 350 23.68 -14.44 3.89
CA GLU A 350 23.77 -14.18 5.31
C GLU A 350 24.73 -13.03 5.56
N PHE A 351 24.42 -12.25 6.60
CA PHE A 351 25.20 -11.06 6.95
C PHE A 351 26.26 -11.42 7.96
N PHE A 352 27.50 -11.08 7.66
CA PHE A 352 28.64 -11.37 8.52
C PHE A 352 29.10 -10.09 9.22
N TYR A 353 29.83 -10.27 10.32
CA TYR A 353 30.43 -9.16 11.05
C TYR A 353 31.77 -9.68 11.60
N CYS A 354 32.85 -9.41 10.87
CA CYS A 354 34.14 -10.04 11.12
C CYS A 354 35.06 -9.11 11.89
N ASN A 355 35.69 -9.65 12.94
CA ASN A 355 36.63 -8.91 13.76
C ASN A 355 37.96 -8.78 12.99
N THR A 356 38.38 -7.55 12.73
CA THR A 356 39.56 -7.27 11.93
C THR A 356 40.71 -6.72 12.76
N SER A 357 40.88 -7.25 13.97
CA SER A 357 41.99 -6.85 14.81
C SER A 357 43.29 -7.55 14.46
N GLY A 358 43.27 -8.48 13.52
CA GLY A 358 44.47 -9.18 13.11
C GLY A 358 45.08 -8.61 11.85
N LEU A 359 44.25 -7.97 11.03
CA LEU A 359 44.76 -7.36 9.80
C LEU A 359 45.50 -6.06 10.10
N PHE A 360 44.83 -5.12 10.75
CA PHE A 360 45.40 -3.81 11.03
C PHE A 360 46.07 -3.79 12.41
N ASN A 361 47.12 -4.60 12.54
CA ASN A 361 47.93 -4.66 13.75
C ASN A 361 49.39 -4.79 13.29
N SER A 362 50.03 -3.64 13.06
CA SER A 362 51.39 -3.61 12.57
C SER A 362 52.02 -2.27 12.95
N THR A 363 53.34 -2.19 12.75
CA THR A 363 54.09 -0.96 12.93
C THR A 363 55.27 -0.99 11.96
N TRP A 364 55.31 -0.05 11.03
CA TRP A 364 56.29 -0.06 9.95
C TRP A 364 57.34 1.01 10.21
N ILE A 365 58.50 0.60 10.70
CA ILE A 365 59.62 1.51 10.89
C ILE A 365 60.27 1.75 9.53
N SER A 366 60.60 3.01 9.24
CA SER A 366 61.22 3.35 7.97
C SER A 366 62.63 2.80 7.90
N ASN A 367 63.01 2.36 6.69
CA ASN A 367 64.31 1.77 6.39
C ASN A 367 64.64 0.57 7.30
N ASN A 379 52.40 -20.23 3.94
CA ASN A 379 51.37 -21.26 4.05
C ASN A 379 50.40 -20.94 5.19
N ASP A 380 50.85 -20.11 6.12
CA ASP A 380 50.04 -19.73 7.26
C ASP A 380 48.98 -18.71 6.86
N SER A 381 47.83 -18.78 7.51
CA SER A 381 46.70 -17.92 7.22
C SER A 381 46.23 -17.22 8.48
N ILE A 382 45.70 -16.01 8.29
CA ILE A 382 45.14 -15.22 9.39
C ILE A 382 43.66 -15.55 9.51
N THR A 383 43.26 -16.06 10.67
CA THR A 383 41.87 -16.43 10.91
C THR A 383 41.15 -15.26 11.59
N LEU A 384 40.10 -14.76 10.94
CA LEU A 384 39.32 -13.65 11.46
C LEU A 384 38.00 -14.16 12.01
N PRO A 385 37.77 -14.10 13.32
CA PRO A 385 36.48 -14.57 13.86
C PRO A 385 35.35 -13.61 13.50
N CYS A 386 34.25 -14.17 13.02
CA CYS A 386 33.10 -13.40 12.58
C CYS A 386 31.87 -13.76 13.40
N ARG A 387 30.81 -12.97 13.23
CA ARG A 387 29.54 -13.21 13.88
C ARG A 387 28.42 -13.02 12.88
N ILE A 388 27.32 -13.73 13.10
CA ILE A 388 26.18 -13.75 12.19
C ILE A 388 25.04 -12.98 12.83
N LYS A 389 24.38 -12.12 12.04
CA LYS A 389 23.22 -11.38 12.47
C LYS A 389 22.09 -11.60 11.47
N GLN A 390 20.85 -11.61 11.98
CA GLN A 390 19.69 -11.85 11.14
C GLN A 390 18.76 -10.66 11.02
N ILE A 391 18.65 -9.83 12.05
CA ILE A 391 17.80 -8.64 12.01
C ILE A 391 18.69 -7.45 11.68
N ILE A 392 18.53 -6.92 10.47
CA ILE A 392 19.41 -5.89 9.93
C ILE A 392 18.60 -4.62 9.70
N ASN A 393 19.12 -3.49 10.15
CA ASN A 393 18.57 -2.17 9.83
C ASN A 393 19.59 -1.39 9.00
N MET A 394 19.19 -1.02 7.79
CA MET A 394 20.08 -0.33 6.87
C MET A 394 19.36 0.86 6.26
N TRP A 395 20.17 1.78 5.72
CA TRP A 395 19.69 2.99 5.02
C TRP A 395 18.80 3.85 5.91
N GLN A 396 19.22 3.98 7.18
CA GLN A 396 18.54 4.79 8.20
C GLN A 396 17.08 4.35 8.39
N GLY A 397 16.85 3.04 8.39
CA GLY A 397 15.50 2.53 8.60
C GLY A 397 14.57 2.66 7.42
N CYS A 398 15.12 2.81 6.20
CA CYS A 398 14.36 2.91 4.95
C CYS A 398 13.35 4.06 4.99
N GLY A 399 13.77 5.18 5.60
CA GLY A 399 12.96 6.37 5.57
C GLY A 399 12.08 6.62 6.78
N ILE A 400 11.50 5.57 7.37
CA ILE A 400 10.61 5.78 8.51
C ILE A 400 11.09 5.02 9.73
N GLY A 401 10.95 3.68 9.72
CA GLY A 401 11.48 2.89 10.81
C GLY A 401 11.85 1.47 10.46
N GLN A 402 11.77 1.10 9.19
CA GLN A 402 11.67 -0.32 8.84
C GLN A 402 13.02 -1.02 8.90
N ALA A 403 13.01 -2.22 9.47
CA ALA A 403 14.17 -3.10 9.54
C ALA A 403 13.93 -4.30 8.63
N MET A 404 14.86 -5.25 8.66
CA MET A 404 14.78 -6.42 7.79
C MET A 404 15.25 -7.66 8.56
N TYR A 405 14.54 -8.77 8.35
CA TYR A 405 14.88 -10.05 8.96
C TYR A 405 15.26 -11.02 7.86
N ALA A 406 16.54 -11.34 7.75
CA ALA A 406 17.02 -12.26 6.73
C ALA A 406 16.68 -13.70 7.11
N PRO A 407 16.11 -14.49 6.22
CA PRO A 407 15.79 -15.88 6.56
C PRO A 407 17.06 -16.71 6.61
N PRO A 408 17.05 -17.82 7.36
CA PRO A 408 18.26 -18.65 7.42
C PRO A 408 18.45 -19.46 6.14
N ILE A 409 19.69 -19.50 5.68
CA ILE A 409 20.05 -20.22 4.46
C ILE A 409 20.39 -21.65 4.83
N GLN A 410 19.71 -22.60 4.20
CA GLN A 410 19.93 -24.01 4.48
C GLN A 410 21.24 -24.49 3.85
N GLY A 411 22.05 -25.18 4.64
CA GLY A 411 23.30 -25.72 4.16
C GLY A 411 24.50 -24.91 4.62
N VAL A 412 25.67 -25.32 4.13
CA VAL A 412 26.92 -24.66 4.44
C VAL A 412 27.19 -23.58 3.41
N ILE A 413 27.64 -22.42 3.88
CA ILE A 413 27.89 -21.26 3.03
C ILE A 413 29.40 -21.04 2.95
N ARG A 414 29.89 -20.78 1.74
CA ARG A 414 31.31 -20.51 1.53
C ARG A 414 31.47 -19.56 0.36
N CYS A 415 32.16 -18.43 0.59
CA CYS A 415 32.40 -17.44 -0.44
C CYS A 415 33.89 -17.22 -0.63
N VAL A 416 34.28 -16.99 -1.88
CA VAL A 416 35.67 -16.68 -2.23
C VAL A 416 35.63 -15.36 -3.00
N SER A 417 36.22 -14.31 -2.41
CA SER A 417 36.18 -12.99 -3.01
C SER A 417 37.56 -12.35 -2.95
N ASN A 418 37.69 -11.19 -3.58
CA ASN A 418 38.92 -10.43 -3.59
C ASN A 418 38.81 -9.23 -2.66
N ILE A 419 39.95 -8.80 -2.13
CA ILE A 419 40.06 -7.58 -1.35
C ILE A 419 40.79 -6.57 -2.23
N THR A 420 40.05 -5.62 -2.80
CA THR A 420 40.60 -4.68 -3.77
C THR A 420 40.67 -3.26 -3.22
N GLY A 421 40.93 -3.11 -1.94
CA GLY A 421 41.13 -1.79 -1.36
C GLY A 421 40.60 -1.71 0.05
N LEU A 422 41.03 -0.67 0.76
CA LEU A 422 40.64 -0.42 2.14
C LEU A 422 40.05 0.98 2.24
N ILE A 423 39.42 1.24 3.38
CA ILE A 423 38.92 2.56 3.73
C ILE A 423 39.53 2.92 5.08
N LEU A 424 40.52 3.79 5.07
CA LEU A 424 41.26 4.15 6.28
C LEU A 424 40.81 5.50 6.80
N THR A 425 41.26 5.81 8.02
CA THR A 425 40.96 7.09 8.65
C THR A 425 42.13 7.46 9.56
N ARG A 426 42.83 8.53 9.20
CA ARG A 426 44.01 8.94 9.95
C ARG A 426 43.61 9.62 11.26
N ASP A 427 44.40 9.38 12.31
CA ASP A 427 44.17 10.01 13.60
C ASP A 427 44.85 11.36 13.64
N GLY A 428 44.10 12.40 14.05
CA GLY A 428 44.62 13.74 14.09
C GLY A 428 45.38 14.05 15.36
N GLY A 429 45.92 15.27 15.41
CA GLY A 429 46.67 15.73 16.56
C GLY A 429 48.14 15.39 16.55
N SER A 430 48.59 14.53 15.64
CA SER A 430 49.98 14.12 15.58
C SER A 430 50.77 15.12 14.74
N THR A 431 51.60 15.93 15.40
CA THR A 431 52.41 16.92 14.70
C THR A 431 53.90 16.82 15.02
N ASN A 432 54.30 16.06 16.03
CA ASN A 432 55.70 15.75 16.29
C ASN A 432 55.86 14.23 16.28
N SER A 433 57.08 13.77 16.59
CA SER A 433 57.51 12.39 16.76
C SER A 433 57.46 11.55 15.48
N THR A 434 56.98 12.13 14.37
CA THR A 434 56.86 11.47 13.06
C THR A 434 56.14 10.13 13.16
N ASN A 435 54.91 10.17 13.69
CA ASN A 435 54.11 8.99 13.91
C ASN A 435 52.70 9.23 13.39
N GLU A 436 52.26 8.38 12.47
CA GLU A 436 50.91 8.47 11.91
C GLU A 436 50.26 7.09 12.00
N THR A 437 49.11 7.02 12.66
CA THR A 437 48.37 5.78 12.82
C THR A 437 47.12 5.81 11.96
N PHE A 438 46.87 4.74 11.23
CA PHE A 438 45.74 4.64 10.32
C PHE A 438 44.81 3.52 10.80
N ARG A 439 43.53 3.85 10.96
CA ARG A 439 42.54 2.91 11.45
C ARG A 439 41.42 2.76 10.41
N PRO A 440 40.86 1.57 10.28
CA PRO A 440 39.82 1.36 9.27
C PRO A 440 38.50 2.01 9.68
N GLY A 441 37.78 2.49 8.67
CA GLY A 441 36.50 3.12 8.90
C GLY A 441 35.47 2.69 7.88
N GLY A 442 34.47 3.54 7.63
CA GLY A 442 33.46 3.23 6.67
C GLY A 442 32.12 3.83 7.09
N GLY A 443 31.06 3.06 6.94
CA GLY A 443 29.73 3.50 7.31
C GLY A 443 29.03 4.25 6.20
N ASP A 444 29.67 5.30 5.69
CA ASP A 444 29.16 6.02 4.54
C ASP A 444 29.27 5.14 3.31
N MET A 445 28.13 4.68 2.79
CA MET A 445 28.12 3.76 1.66
C MET A 445 28.53 4.41 0.35
N ARG A 446 28.56 5.74 0.28
CA ARG A 446 28.96 6.42 -0.95
C ARG A 446 30.42 6.15 -1.29
N ASP A 447 31.27 5.94 -0.29
CA ASP A 447 32.69 5.67 -0.53
C ASP A 447 32.92 4.32 -1.20
N ASN A 448 31.95 3.40 -1.12
CA ASN A 448 32.05 2.16 -1.85
C ASN A 448 31.89 2.37 -3.35
N TRP A 449 31.19 3.43 -3.76
CA TRP A 449 31.01 3.73 -5.18
C TRP A 449 31.90 4.88 -5.65
N ARG A 450 32.59 5.56 -4.74
CA ARG A 450 33.64 6.47 -5.17
C ARG A 450 34.80 5.71 -5.80
N SER A 451 35.06 4.49 -5.36
CA SER A 451 36.15 3.68 -5.90
C SER A 451 35.84 3.11 -7.28
N GLU A 452 34.59 3.19 -7.74
CA GLU A 452 34.20 2.66 -9.04
C GLU A 452 33.89 3.75 -10.06
N LEU A 453 33.21 4.82 -9.63
CA LEU A 453 32.81 5.91 -10.53
C LEU A 453 33.73 7.11 -10.42
N TYR A 454 35.02 6.90 -10.18
CA TYR A 454 35.96 8.01 -10.08
C TYR A 454 36.49 8.45 -11.43
N LYS A 455 36.45 7.57 -12.43
CA LYS A 455 37.03 7.84 -13.73
C LYS A 455 36.01 8.30 -14.77
N TYR A 456 34.78 8.55 -14.35
CA TYR A 456 33.71 8.89 -15.27
C TYR A 456 33.17 10.28 -14.97
N LYS A 457 32.64 10.93 -16.02
CA LYS A 457 32.02 12.25 -15.89
C LYS A 457 31.03 12.41 -17.03
N VAL A 458 29.84 12.92 -16.71
CA VAL A 458 28.79 13.12 -17.70
C VAL A 458 28.85 14.56 -18.19
N VAL A 459 28.77 14.74 -19.51
CA VAL A 459 28.82 16.05 -20.13
C VAL A 459 27.56 16.24 -20.97
N LYS A 460 27.34 17.47 -21.44
CA LYS A 460 26.16 17.82 -22.24
C LYS A 460 26.63 18.46 -23.53
N ILE A 461 26.25 17.87 -24.66
CA ILE A 461 26.72 18.32 -25.96
C ILE A 461 25.97 19.59 -26.36
N GLU A 462 26.73 20.62 -26.74
CA GLU A 462 26.16 21.85 -27.29
C GLU A 462 26.53 21.94 -28.76
N PRO A 463 25.66 21.54 -29.67
CA PRO A 463 26.05 21.41 -31.09
C PRO A 463 25.96 22.69 -31.91
N LEU A 464 25.64 23.83 -31.32
CA LEU A 464 25.53 25.09 -32.05
C LEU A 464 26.84 25.86 -31.94
N GLY A 465 27.34 26.34 -33.08
CA GLY A 465 28.57 27.09 -33.10
C GLY A 465 28.63 28.01 -34.30
N VAL A 466 29.28 29.15 -34.11
CA VAL A 466 29.43 30.15 -35.16
C VAL A 466 30.91 30.36 -35.43
N ALA A 467 31.23 30.75 -36.67
CA ALA A 467 32.61 30.94 -37.10
C ALA A 467 32.61 31.84 -38.32
N PRO A 468 33.62 32.70 -38.47
CA PRO A 468 33.70 33.55 -39.65
C PRO A 468 34.19 32.80 -40.88
N THR A 469 33.53 33.06 -42.00
CA THR A 469 33.88 32.42 -43.28
C THR A 469 33.68 33.46 -44.38
N ARG A 470 34.37 33.26 -45.51
CA ARG A 470 34.27 34.15 -46.66
C ARG A 470 33.13 33.79 -47.59
N ALA A 471 32.12 33.06 -47.11
CA ALA A 471 30.97 32.69 -47.91
C ALA A 471 29.87 33.73 -47.79
N LYS A 472 28.87 33.60 -48.65
CA LYS A 472 27.77 34.55 -48.69
C LYS A 472 26.47 33.83 -49.00
N ARG A 473 25.36 34.36 -48.49
CA ARG A 473 24.05 33.80 -48.76
C ARG A 473 23.58 34.22 -50.15
N ARG A 474 23.33 33.24 -51.01
CA ARG A 474 22.90 33.51 -52.37
C ARG A 474 21.46 34.02 -52.36
N VAL A 475 21.26 35.28 -52.72
CA VAL A 475 19.94 35.88 -52.74
C VAL A 475 19.24 35.57 -54.06
N LEU B 9 35.64 9.30 -37.90
CA LEU B 9 36.08 8.26 -36.98
C LEU B 9 34.92 7.71 -36.18
N GLY B 10 34.36 8.54 -35.31
CA GLY B 10 33.24 8.14 -34.48
C GLY B 10 32.61 9.32 -33.81
N PHE B 11 31.83 9.04 -32.77
CA PHE B 11 31.17 10.09 -32.01
C PHE B 11 32.20 10.89 -31.22
N LEU B 12 32.20 12.21 -31.43
CA LEU B 12 33.13 13.16 -30.80
C LEU B 12 34.60 12.85 -31.08
N GLY B 13 34.88 12.15 -32.19
CA GLY B 13 36.25 11.79 -32.50
C GLY B 13 37.11 12.95 -32.95
N ALA B 14 36.49 13.99 -33.52
CA ALA B 14 37.21 15.17 -33.99
C ALA B 14 37.20 16.30 -32.98
N ALA B 15 37.14 15.98 -31.69
CA ALA B 15 37.13 17.01 -30.66
C ALA B 15 38.50 17.68 -30.53
N GLY B 16 39.57 16.93 -30.75
CA GLY B 16 40.91 17.49 -30.70
C GLY B 16 41.45 17.98 -32.02
N SER B 17 40.79 17.63 -33.13
CA SER B 17 41.23 18.10 -34.44
C SER B 17 40.86 19.56 -34.62
N THR B 18 41.37 20.14 -35.71
CA THR B 18 41.15 21.55 -35.99
C THR B 18 39.70 21.79 -36.43
N MET B 19 39.33 23.07 -36.50
CA MET B 19 37.97 23.43 -36.89
C MET B 19 37.71 23.14 -38.36
N GLY B 20 38.76 23.17 -39.19
CA GLY B 20 38.58 22.84 -40.59
C GLY B 20 38.39 21.36 -40.84
N ALA B 21 38.94 20.52 -39.97
CA ALA B 21 38.80 19.08 -40.10
C ALA B 21 37.56 18.54 -39.41
N ALA B 22 37.12 19.18 -38.33
CA ALA B 22 35.93 18.73 -37.61
C ALA B 22 34.63 19.13 -38.30
N SER B 23 34.68 20.09 -39.22
CA SER B 23 33.47 20.53 -39.91
C SER B 23 33.06 19.57 -41.02
N MET B 24 33.94 18.66 -41.43
CA MET B 24 33.61 17.68 -42.47
C MET B 24 32.92 16.45 -41.91
N THR B 25 32.85 16.30 -40.59
CA THR B 25 32.28 15.13 -39.95
C THR B 25 31.15 15.52 -39.00
N LEU B 26 30.35 16.53 -39.38
CA LEU B 26 29.26 16.99 -38.54
C LEU B 26 28.08 16.04 -38.50
N THR B 27 28.03 15.04 -39.38
CA THR B 27 26.91 14.12 -39.43
C THR B 27 26.95 13.06 -38.34
N VAL B 28 28.10 12.84 -37.70
CA VAL B 28 28.20 11.84 -36.65
C VAL B 28 27.87 12.39 -35.28
N GLN B 29 27.81 13.71 -35.12
CA GLN B 29 27.40 14.33 -33.86
C GLN B 29 25.95 14.80 -33.89
N ALA B 30 25.36 14.95 -35.07
CA ALA B 30 23.95 15.32 -35.18
C ALA B 30 23.02 14.13 -35.19
N ARG B 31 23.52 12.93 -35.52
CA ARG B 31 22.69 11.74 -35.56
C ARG B 31 22.49 11.14 -34.17
N ASN B 32 23.43 11.36 -33.25
CA ASN B 32 23.37 10.78 -31.92
C ASN B 32 22.65 11.67 -30.91
N LEU B 33 21.74 12.52 -31.38
CA LEU B 33 20.96 13.40 -30.50
C LEU B 33 19.51 12.97 -30.37
N LEU B 34 19.15 11.80 -30.92
CA LEU B 34 17.77 11.33 -30.88
C LEU B 34 17.60 9.89 -30.42
N SER B 35 18.63 9.08 -30.46
CA SER B 35 18.51 7.67 -30.06
C SER B 35 18.38 7.54 -28.54
N GLU B 49 2.73 -12.75 -12.18
CA GLU B 49 4.17 -12.97 -12.28
C GLU B 49 4.93 -11.66 -12.13
N ALA B 50 4.22 -10.54 -12.28
CA ALA B 50 4.83 -9.22 -12.16
C ALA B 50 3.96 -8.23 -11.40
N GLN B 51 2.82 -8.64 -10.86
CA GLN B 51 1.94 -7.73 -10.13
C GLN B 51 2.34 -7.55 -8.68
N GLN B 52 3.32 -8.32 -8.18
CA GLN B 52 3.74 -8.17 -6.80
C GLN B 52 4.54 -6.89 -6.59
N HIS B 53 5.26 -6.43 -7.61
CA HIS B 53 6.08 -5.23 -7.52
C HIS B 53 5.71 -4.25 -8.63
N LEU B 54 4.40 -4.02 -8.79
CA LEU B 54 3.91 -3.09 -9.80
C LEU B 54 4.27 -1.64 -9.49
N LEU B 55 4.60 -1.32 -8.23
CA LEU B 55 5.10 -0.01 -7.89
C LEU B 55 6.61 0.12 -8.14
N LYS B 56 7.32 -1.01 -8.24
CA LYS B 56 8.76 -0.98 -8.44
C LYS B 56 9.15 -0.52 -9.84
N LEU B 57 8.23 -0.56 -10.80
CA LEU B 57 8.54 -0.12 -12.16
C LEU B 57 8.52 1.39 -12.30
N THR B 58 8.24 2.14 -11.23
CA THR B 58 8.42 3.59 -11.26
C THR B 58 9.89 3.95 -11.43
N VAL B 59 10.77 3.28 -10.68
CA VAL B 59 12.20 3.41 -10.89
C VAL B 59 12.55 2.80 -12.25
N TRP B 60 13.27 3.57 -13.07
CA TRP B 60 13.67 3.21 -14.43
C TRP B 60 12.46 2.95 -15.35
N GLY B 61 11.30 3.50 -14.99
CA GLY B 61 10.14 3.50 -15.86
C GLY B 61 9.66 4.91 -16.07
N ILE B 62 9.95 5.77 -15.08
CA ILE B 62 9.71 7.20 -15.21
C ILE B 62 11.02 7.96 -15.37
N LYS B 63 12.09 7.53 -14.71
CA LYS B 63 13.41 8.12 -14.92
C LYS B 63 13.89 7.90 -16.34
N GLN B 64 13.63 6.72 -16.92
CA GLN B 64 13.94 6.50 -18.32
C GLN B 64 12.99 7.25 -19.25
N LEU B 65 11.72 7.38 -18.85
CA LEU B 65 10.76 8.09 -19.68
C LEU B 65 11.01 9.59 -19.68
N GLN B 66 11.41 10.15 -18.54
CA GLN B 66 11.72 11.58 -18.48
C GLN B 66 13.00 11.92 -19.24
N ALA B 67 13.93 10.97 -19.35
CA ALA B 67 15.15 11.19 -20.12
C ALA B 67 14.89 11.18 -21.63
N ARG B 68 13.82 10.53 -22.07
CA ARG B 68 13.49 10.53 -23.50
C ARG B 68 12.73 11.77 -23.91
N VAL B 69 11.91 12.33 -23.01
CA VAL B 69 11.18 13.56 -23.32
C VAL B 69 12.13 14.75 -23.33
N LEU B 70 13.10 14.75 -22.42
CA LEU B 70 14.06 15.86 -22.35
C LEU B 70 14.98 15.88 -23.57
N ALA B 71 15.27 14.70 -24.16
CA ALA B 71 16.10 14.67 -25.37
C ALA B 71 15.34 15.20 -26.57
N VAL B 72 14.00 15.09 -26.57
CA VAL B 72 13.22 15.61 -27.69
C VAL B 72 13.09 17.11 -27.59
N GLU B 73 12.84 17.64 -26.39
CA GLU B 73 12.68 19.08 -26.23
C GLU B 73 14.01 19.82 -26.42
N ARG B 74 15.13 19.18 -26.07
CA ARG B 74 16.42 19.80 -26.32
C ARG B 74 16.79 19.77 -27.80
N TYR B 75 16.23 18.82 -28.55
CA TYR B 75 16.49 18.75 -29.99
C TYR B 75 15.60 19.73 -30.75
N LEU B 76 14.36 19.93 -30.30
CA LEU B 76 13.46 20.85 -30.98
C LEU B 76 13.81 22.31 -30.73
N ARG B 77 14.49 22.62 -29.63
CA ARG B 77 14.93 23.99 -29.39
C ARG B 77 16.05 24.39 -30.35
N ASP B 78 16.91 23.45 -30.72
CA ASP B 78 17.98 23.75 -31.67
C ASP B 78 17.47 23.83 -33.09
N GLN B 79 16.49 23.00 -33.44
CA GLN B 79 15.91 23.07 -34.78
C GLN B 79 15.01 24.28 -34.96
N GLN B 80 14.52 24.86 -33.85
CA GLN B 80 13.71 26.07 -33.96
C GLN B 80 14.57 27.30 -34.23
N LEU B 81 15.76 27.35 -33.61
CA LEU B 81 16.66 28.48 -33.86
C LEU B 81 17.24 28.43 -35.26
N LEU B 82 17.39 27.25 -35.84
CA LEU B 82 17.81 27.16 -37.23
C LEU B 82 16.70 27.60 -38.18
N GLY B 83 15.44 27.39 -37.79
CA GLY B 83 14.34 27.86 -38.62
C GLY B 83 14.15 29.36 -38.55
N ILE B 84 14.46 29.97 -37.40
CA ILE B 84 14.34 31.42 -37.28
C ILE B 84 15.44 32.11 -38.09
N TRP B 85 16.67 31.59 -38.03
CA TRP B 85 17.77 32.18 -38.78
C TRP B 85 17.71 31.86 -40.26
N GLY B 86 16.85 30.94 -40.68
CA GLY B 86 16.75 30.56 -42.08
C GLY B 86 17.66 29.42 -42.49
N CYS B 87 18.14 28.63 -41.55
CA CYS B 87 19.06 27.52 -41.81
C CYS B 87 18.44 26.18 -41.46
N SER B 88 17.15 26.02 -41.78
CA SER B 88 16.44 24.79 -41.46
C SER B 88 16.85 23.68 -42.41
N GLY B 89 17.33 22.57 -41.86
CA GLY B 89 17.71 21.41 -42.65
C GLY B 89 19.13 21.41 -43.14
N LYS B 90 19.91 22.46 -42.88
CA LYS B 90 21.29 22.55 -43.30
C LYS B 90 22.22 22.48 -42.09
N LEU B 91 23.34 21.78 -42.26
CA LEU B 91 24.34 21.71 -41.20
C LEU B 91 25.35 22.84 -41.27
N ILE B 92 25.74 23.24 -42.47
CA ILE B 92 26.63 24.38 -42.69
C ILE B 92 25.82 25.43 -43.43
N CYS B 93 25.47 26.51 -42.74
CA CYS B 93 24.60 27.54 -43.28
C CYS B 93 25.37 28.85 -43.38
N ALA B 94 25.35 29.46 -44.57
CA ALA B 94 25.96 30.76 -44.78
C ALA B 94 24.91 31.85 -44.59
N THR B 95 25.20 32.79 -43.69
CA THR B 95 24.26 33.85 -43.36
C THR B 95 24.63 35.13 -44.09
N ASN B 96 23.91 36.21 -43.79
CA ASN B 96 24.10 37.51 -44.43
C ASN B 96 24.42 38.59 -43.41
N VAL B 97 25.19 38.25 -42.38
CA VAL B 97 25.58 39.16 -41.33
C VAL B 97 27.09 39.37 -41.41
N PRO B 98 27.58 40.61 -41.47
CA PRO B 98 29.03 40.82 -41.53
C PRO B 98 29.68 40.52 -40.19
N TRP B 99 30.86 39.90 -40.25
CA TRP B 99 31.59 39.51 -39.06
C TRP B 99 32.29 40.73 -38.47
N ASN B 100 31.92 41.10 -37.25
CA ASN B 100 32.54 42.24 -36.59
C ASN B 100 33.94 41.88 -36.11
N SER B 101 34.87 42.83 -36.25
CA SER B 101 36.25 42.60 -35.86
C SER B 101 36.47 42.71 -34.36
N SER B 102 35.48 43.23 -33.62
CA SER B 102 35.62 43.35 -32.17
C SER B 102 35.47 42.02 -31.44
N TRP B 103 34.87 41.02 -32.09
CA TRP B 103 34.67 39.73 -31.45
C TRP B 103 35.97 38.95 -31.38
N SER B 104 36.67 38.83 -32.50
CA SER B 104 37.96 38.13 -32.55
C SER B 104 38.79 38.71 -33.68
N ASN B 105 39.93 39.30 -33.32
CA ASN B 105 40.83 39.91 -34.31
C ASN B 105 41.92 38.92 -34.72
N ARG B 106 41.48 37.78 -35.24
CA ARG B 106 42.38 36.72 -35.69
C ARG B 106 42.21 36.50 -37.19
N ASN B 107 43.27 36.03 -37.83
CA ASN B 107 43.22 35.75 -39.25
C ASN B 107 42.40 34.49 -39.53
N LEU B 108 42.02 34.31 -40.80
CA LEU B 108 41.24 33.14 -41.17
C LEU B 108 42.10 31.88 -41.18
N SER B 109 43.41 32.03 -41.42
CA SER B 109 44.28 30.87 -41.51
C SER B 109 44.59 30.26 -40.15
N GLU B 110 44.49 31.04 -39.06
CA GLU B 110 44.79 30.55 -37.72
C GLU B 110 43.56 30.08 -36.97
N ILE B 111 42.39 30.13 -37.58
CA ILE B 111 41.16 29.65 -36.95
C ILE B 111 40.84 28.22 -37.34
N TRP B 112 40.87 27.93 -38.63
CA TRP B 112 40.53 26.60 -39.14
C TRP B 112 41.73 25.65 -39.19
N ASP B 113 42.94 26.15 -38.92
CA ASP B 113 44.12 25.31 -38.98
C ASP B 113 44.92 25.26 -37.68
N ASN B 114 44.57 26.05 -36.66
CA ASN B 114 45.35 26.06 -35.44
C ASN B 114 44.47 25.82 -34.22
N MET B 115 43.24 26.32 -34.26
CA MET B 115 42.33 26.23 -33.13
C MET B 115 41.34 25.07 -33.32
N THR B 116 40.80 24.61 -32.20
CA THR B 116 39.78 23.56 -32.19
C THR B 116 38.47 24.14 -31.68
N TRP B 117 37.41 23.34 -31.77
CA TRP B 117 36.08 23.83 -31.41
C TRP B 117 35.89 23.98 -29.91
N LEU B 118 36.74 23.33 -29.10
CA LEU B 118 36.56 23.40 -27.65
C LEU B 118 36.98 24.75 -27.10
N GLN B 119 38.21 25.18 -27.41
CA GLN B 119 38.69 26.48 -26.93
C GLN B 119 38.10 27.64 -27.71
N TRP B 120 37.48 27.39 -28.87
CA TRP B 120 36.81 28.47 -29.60
C TRP B 120 35.53 28.89 -28.92
N ASP B 121 34.86 27.97 -28.21
CA ASP B 121 33.63 28.32 -27.51
C ASP B 121 33.91 29.26 -26.34
N LYS B 122 35.06 29.14 -25.69
CA LYS B 122 35.38 30.00 -24.56
C LYS B 122 35.67 31.44 -24.98
N GLU B 123 36.03 31.64 -26.25
CA GLU B 123 36.33 32.99 -26.72
C GLU B 123 35.09 33.75 -27.18
N ILE B 124 34.03 33.04 -27.55
CA ILE B 124 32.83 33.68 -28.07
C ILE B 124 31.66 33.64 -27.08
N SER B 125 31.78 32.86 -25.99
CA SER B 125 30.70 32.76 -25.01
C SER B 125 30.41 34.08 -24.32
N ASN B 126 31.37 35.01 -24.30
CA ASN B 126 31.08 36.35 -23.80
C ASN B 126 30.19 37.13 -24.76
N TYR B 127 30.28 36.84 -26.06
CA TYR B 127 29.52 37.55 -27.08
C TYR B 127 28.59 36.63 -27.86
N THR B 128 28.26 35.47 -27.31
CA THR B 128 27.44 34.49 -28.04
C THR B 128 25.97 34.88 -28.09
N GLN B 129 25.53 35.84 -27.29
CA GLN B 129 24.15 36.29 -27.34
C GLN B 129 23.94 37.47 -28.28
N ILE B 130 25.00 38.21 -28.59
CA ILE B 130 24.88 39.31 -29.55
C ILE B 130 24.78 38.76 -30.97
N ILE B 131 25.52 37.69 -31.27
CA ILE B 131 25.47 37.10 -32.59
C ILE B 131 24.14 36.39 -32.81
N TYR B 132 23.56 35.83 -31.75
CA TYR B 132 22.27 35.17 -31.87
C TYR B 132 21.14 36.16 -32.10
N GLY B 133 21.33 37.43 -31.75
CA GLY B 133 20.33 38.44 -32.00
C GLY B 133 20.46 39.06 -33.38
N LEU B 134 21.68 39.15 -33.88
CA LEU B 134 21.90 39.72 -35.21
C LEU B 134 21.45 38.76 -36.30
N LEU B 135 21.52 37.44 -36.05
CA LEU B 135 21.01 36.49 -37.02
C LEU B 135 19.49 36.49 -37.07
N GLU B 136 18.84 36.73 -35.93
CA GLU B 136 17.39 36.84 -35.92
C GLU B 136 16.91 38.13 -36.60
N GLU B 137 17.63 39.22 -36.37
CA GLU B 137 17.27 40.52 -36.95
C GLU B 137 17.52 40.58 -38.45
N SER B 138 18.34 39.69 -39.00
CA SER B 138 18.65 39.71 -40.42
C SER B 138 17.64 38.93 -41.25
N GLN B 139 17.05 37.87 -40.70
CA GLN B 139 16.10 37.07 -41.48
C GLN B 139 14.75 37.75 -41.60
N ASN B 140 14.21 38.27 -40.48
CA ASN B 140 12.93 38.96 -40.54
C ASN B 140 13.02 40.26 -41.33
N GLN B 141 14.20 40.89 -41.37
CA GLN B 141 14.40 42.02 -42.26
C GLN B 141 14.39 41.60 -43.72
N GLN B 142 15.09 40.51 -44.05
CA GLN B 142 15.15 39.99 -45.41
C GLN B 142 13.81 39.43 -45.87
N GLU B 143 13.06 38.80 -44.97
CA GLU B 143 11.74 38.29 -45.32
C GLU B 143 10.75 39.42 -45.57
N LYS B 144 11.01 40.61 -45.02
CA LYS B 144 10.09 41.73 -45.20
C LYS B 144 10.20 42.35 -46.58
N ASN B 145 11.38 42.30 -47.21
CA ASN B 145 11.54 42.92 -48.52
C ASN B 145 10.86 42.09 -49.61
N GLU B 146 11.27 40.83 -49.76
CA GLU B 146 10.77 40.01 -50.85
C GLU B 146 9.39 39.44 -50.57
N GLN B 147 9.03 39.27 -49.30
CA GLN B 147 7.74 38.73 -48.85
C GLN B 147 7.40 37.37 -49.46
N GLN C 1 17.37 28.65 17.58
CA GLN C 1 16.83 27.32 17.83
C GLN C 1 17.97 26.30 17.95
N VAL C 2 19.03 26.51 17.17
CA VAL C 2 20.19 25.61 17.20
C VAL C 2 20.93 25.83 18.50
N GLN C 3 20.81 24.89 19.43
CA GLN C 3 21.45 25.00 20.74
C GLN C 3 22.05 23.67 21.12
N LEU C 4 23.11 23.73 21.91
CA LEU C 4 23.81 22.54 22.41
C LEU C 4 23.81 22.62 23.93
N LEU C 5 22.94 21.84 24.56
CA LEU C 5 22.82 21.86 26.02
C LEU C 5 24.04 21.23 26.67
N GLN C 6 24.38 21.70 27.86
CA GLN C 6 25.58 21.29 28.57
C GLN C 6 25.20 20.81 29.97
N SER C 7 25.90 19.77 30.41
CA SER C 7 25.65 19.19 31.73
C SER C 7 26.39 19.98 32.80
N GLY C 8 26.03 19.71 34.06
CA GLY C 8 26.62 20.41 35.18
C GLY C 8 28.00 19.90 35.54
N ALA C 9 28.67 20.67 36.39
CA ALA C 9 30.02 20.34 36.81
C ALA C 9 30.03 19.14 37.75
N ALA C 10 31.21 18.53 37.87
CA ALA C 10 31.37 17.35 38.71
C ALA C 10 32.76 17.35 39.32
N VAL C 11 32.85 16.95 40.59
CA VAL C 11 34.10 16.84 41.32
C VAL C 11 34.35 15.38 41.63
N THR C 12 35.53 14.88 41.25
CA THR C 12 35.90 13.49 41.46
C THR C 12 37.30 13.44 42.07
N LYS C 13 37.80 12.22 42.27
CA LYS C 13 39.10 11.89 42.82
C LYS C 13 40.03 11.39 41.71
N PRO C 14 41.35 11.50 41.89
CA PRO C 14 42.28 10.93 40.90
C PRO C 14 42.17 9.40 40.82
N GLY C 15 41.70 8.91 39.68
CA GLY C 15 41.46 7.49 39.47
C GLY C 15 40.02 7.13 39.20
N ALA C 16 39.09 8.07 39.30
CA ALA C 16 37.68 7.81 39.07
C ALA C 16 37.36 7.96 37.59
N SER C 17 36.07 8.01 37.25
CA SER C 17 35.61 8.19 35.88
C SER C 17 34.53 9.26 35.85
N VAL C 18 34.61 10.16 34.88
CA VAL C 18 33.66 11.25 34.75
C VAL C 18 32.81 11.00 33.49
N ARG C 19 31.80 11.85 33.32
CA ARG C 19 30.93 11.79 32.14
C ARG C 19 30.37 13.18 31.89
N VAL C 20 30.61 13.71 30.71
CA VAL C 20 30.13 15.03 30.30
C VAL C 20 29.14 14.84 29.16
N SER C 21 27.95 15.41 29.30
CA SER C 21 26.88 15.24 28.34
C SER C 21 26.78 16.44 27.42
N CYS C 22 26.10 16.25 26.30
CA CYS C 22 25.89 17.30 25.31
C CYS C 22 24.69 16.93 24.46
N GLU C 23 23.67 17.78 24.45
CA GLU C 23 22.42 17.51 23.78
C GLU C 23 22.20 18.52 22.66
N ALA C 24 22.09 18.03 21.43
CA ALA C 24 21.80 18.87 20.27
C ALA C 24 20.34 18.68 19.87
N SER C 25 19.62 19.79 19.75
CA SER C 25 18.17 19.72 19.60
C SER C 25 17.66 20.29 18.27
N GLY C 26 18.03 21.53 17.94
CA GLY C 26 17.31 22.24 16.91
C GLY C 26 17.91 22.30 15.52
N TYR C 27 18.51 21.22 15.06
CA TYR C 27 19.02 21.14 13.70
C TYR C 27 19.13 19.68 13.30
N ASN C 28 19.63 19.43 12.09
CA ASN C 28 19.82 18.07 11.58
C ASN C 28 21.17 17.57 12.08
N ILE C 29 21.13 16.65 13.05
CA ILE C 29 22.35 16.25 13.75
C ILE C 29 23.21 15.34 12.88
N ARG C 30 22.59 14.46 12.09
CA ARG C 30 23.32 13.42 11.38
C ARG C 30 24.22 13.93 10.26
N ASP C 31 24.10 15.21 9.88
CA ASP C 31 24.88 15.76 8.78
C ASP C 31 26.00 16.68 9.26
N TYR C 32 26.28 16.74 10.55
CA TYR C 32 27.32 17.61 11.08
C TYR C 32 28.05 16.90 12.21
N PHE C 33 29.38 16.93 12.15
CA PHE C 33 30.19 16.29 13.18
C PHE C 33 30.11 17.07 14.49
N ILE C 34 30.45 16.40 15.58
CA ILE C 34 30.48 17.00 16.91
C ILE C 34 31.87 16.78 17.49
N HIS C 35 32.57 17.87 17.76
CA HIS C 35 33.92 17.82 18.31
C HIS C 35 33.88 18.14 19.80
N TRP C 36 35.01 17.90 20.46
CA TRP C 36 35.16 18.19 21.88
C TRP C 36 36.46 18.94 22.10
N TRP C 37 36.40 19.99 22.91
CA TRP C 37 37.56 20.82 23.19
C TRP C 37 37.76 20.94 24.70
N ARG C 38 39.00 21.21 25.08
CA ARG C 38 39.37 21.30 26.49
C ARG C 38 40.46 22.35 26.64
N GLN C 39 40.31 23.24 27.62
CA GLN C 39 41.32 24.25 27.90
C GLN C 39 41.63 24.27 29.38
N ALA C 40 42.92 24.26 29.70
CA ALA C 40 43.37 24.37 31.07
C ALA C 40 43.33 25.82 31.52
N PRO C 41 43.11 26.06 32.83
CA PRO C 41 43.15 27.45 33.33
C PRO C 41 44.53 28.07 33.23
N GLY C 42 44.67 29.06 32.36
CA GLY C 42 45.95 29.71 32.10
C GLY C 42 46.54 29.39 30.74
N GLN C 43 46.00 28.42 30.02
CA GLN C 43 46.49 28.03 28.71
C GLN C 43 45.38 28.12 27.69
N GLY C 44 45.69 27.77 26.44
CA GLY C 44 44.74 27.81 25.36
C GLY C 44 43.94 26.53 25.23
N LEU C 45 43.25 26.41 24.10
CA LEU C 45 42.42 25.25 23.85
C LEU C 45 43.28 24.04 23.48
N GLN C 46 42.65 22.86 23.57
CA GLN C 46 43.30 21.62 23.21
C GLN C 46 42.25 20.67 22.64
N TRP C 47 42.60 20.00 21.55
CA TRP C 47 41.65 19.14 20.85
C TRP C 47 41.52 17.80 21.55
N VAL C 48 40.28 17.34 21.71
CA VAL C 48 39.99 16.04 22.32
C VAL C 48 39.60 15.01 21.29
N GLY C 49 38.71 15.37 20.37
CA GLY C 49 38.35 14.48 19.29
C GLY C 49 36.94 14.73 18.82
N TRP C 50 36.61 14.12 17.68
CA TRP C 50 35.28 14.21 17.10
C TRP C 50 34.60 12.84 17.11
N ILE C 51 33.31 12.86 16.84
CA ILE C 51 32.53 11.63 16.75
C ILE C 51 31.50 11.81 15.64
N ASN C 52 31.45 10.83 14.75
CA ASN C 52 30.45 10.84 13.68
C ASN C 52 29.08 10.52 14.27
N PRO C 53 28.11 11.44 14.23
CA PRO C 53 26.80 11.12 14.81
C PRO C 53 26.00 10.14 13.98
N LYS C 54 26.36 9.93 12.72
CA LYS C 54 25.63 8.97 11.88
C LYS C 54 26.07 7.54 12.17
N THR C 55 27.37 7.32 12.30
CA THR C 55 27.93 5.98 12.47
C THR C 55 28.39 5.72 13.89
N GLY C 56 29.15 6.63 14.48
CA GLY C 56 29.58 6.46 15.85
C GLY C 56 31.08 6.33 15.99
N GLN C 57 31.78 6.38 14.87
CA GLN C 57 33.23 6.17 14.87
C GLN C 57 33.94 7.37 15.48
N PRO C 58 34.67 7.21 16.57
CA PRO C 58 35.39 8.34 17.17
C PRO C 58 36.80 8.47 16.62
N ASN C 59 37.45 9.56 17.01
CA ASN C 59 38.84 9.82 16.67
C ASN C 59 39.48 10.53 17.84
N ASN C 60 40.72 10.15 18.16
CA ASN C 60 41.41 10.70 19.31
C ASN C 60 42.89 10.78 18.99
N PRO C 61 43.61 11.77 19.55
CA PRO C 61 45.06 11.86 19.33
C PRO C 61 45.81 10.78 20.10
N ARG C 62 47.13 10.78 19.95
CA ARG C 62 47.95 9.76 20.59
C ARG C 62 48.02 9.95 22.10
N GLN C 63 47.87 11.18 22.58
CA GLN C 63 47.93 11.47 24.01
C GLN C 63 46.61 11.22 24.72
N PHE C 64 45.59 10.72 24.01
CA PHE C 64 44.29 10.46 24.62
C PHE C 64 43.77 9.06 24.35
N GLN C 65 44.52 8.21 23.65
CA GLN C 65 44.04 6.88 23.34
C GLN C 65 44.03 6.00 24.60
N GLY C 66 42.95 5.24 24.77
CA GLY C 66 42.81 4.36 25.90
C GLY C 66 42.16 4.98 27.11
N ARG C 67 41.93 6.30 27.11
CA ARG C 67 41.34 6.99 28.25
C ARG C 67 39.96 7.54 27.94
N VAL C 68 39.83 8.34 26.89
CA VAL C 68 38.56 8.95 26.53
C VAL C 68 37.83 8.05 25.55
N SER C 69 36.52 7.88 25.76
CA SER C 69 35.68 7.06 24.89
C SER C 69 34.45 7.87 24.52
N LEU C 70 34.41 8.34 23.27
CA LEU C 70 33.30 9.17 22.81
C LEU C 70 32.13 8.28 22.41
N THR C 71 30.95 8.59 22.95
CA THR C 71 29.75 7.79 22.70
C THR C 71 28.57 8.71 22.52
N ARG C 72 27.73 8.41 21.53
CA ARG C 72 26.51 9.17 21.27
C ARG C 72 25.30 8.27 21.47
N HIS C 73 24.15 8.91 21.65
CA HIS C 73 22.89 8.19 21.81
C HIS C 73 21.78 8.99 21.15
N ALA C 74 20.97 8.32 20.33
CA ALA C 74 19.88 8.95 19.61
C ALA C 74 18.54 8.50 20.19
N SER C 75 17.56 9.39 20.10
CA SER C 75 16.22 9.09 20.57
C SER C 75 15.47 8.27 19.53
N TRP C 76 14.21 7.95 19.84
CA TRP C 76 13.41 7.13 18.93
C TRP C 76 12.97 7.92 17.71
N ASP C 77 12.74 9.23 17.85
CA ASP C 77 12.30 10.07 16.75
C ASP C 77 13.44 10.82 16.08
N PHE C 78 14.67 10.66 16.57
CA PHE C 78 15.89 11.19 15.95
C PHE C 78 15.88 12.71 15.81
N ASP C 79 15.24 13.41 16.75
CA ASP C 79 15.28 14.86 16.76
C ASP C 79 16.28 15.44 17.75
N THR C 80 16.59 14.71 18.82
CA THR C 80 17.58 15.15 19.79
C THR C 80 18.55 14.01 20.06
N TYR C 81 19.79 14.37 20.40
CA TYR C 81 20.86 13.42 20.64
C TYR C 81 21.43 13.63 22.04
N SER C 82 22.35 12.75 22.42
CA SER C 82 23.01 12.84 23.72
C SER C 82 24.45 12.37 23.54
N PHE C 83 25.35 13.33 23.36
CA PHE C 83 26.76 13.02 23.15
C PHE C 83 27.48 12.97 24.50
N TYR C 84 28.11 11.85 24.80
CA TYR C 84 28.80 11.64 26.06
C TYR C 84 30.32 11.67 25.85
N MET C 85 31.04 11.77 26.96
CA MET C 85 32.49 11.78 26.94
C MET C 85 32.98 11.24 28.28
N ASP C 86 33.39 9.97 28.30
CA ASP C 86 33.81 9.31 29.53
C ASP C 86 35.34 9.21 29.56
N LEU C 87 35.92 9.64 30.67
CA LEU C 87 37.36 9.53 30.89
C LEU C 87 37.63 8.34 31.79
N LYS C 88 38.64 7.54 31.43
CA LYS C 88 38.90 6.30 32.16
C LYS C 88 39.61 6.58 33.48
N ALA C 89 40.80 7.18 33.42
CA ALA C 89 41.61 7.44 34.61
C ALA C 89 42.11 8.87 34.55
N LEU C 90 41.51 9.76 35.33
CA LEU C 90 41.90 11.16 35.36
C LEU C 90 43.21 11.34 36.11
N ARG C 91 44.08 12.17 35.56
CA ARG C 91 45.35 12.49 36.19
C ARG C 91 45.17 13.74 37.05
N SER C 92 46.28 14.28 37.56
CA SER C 92 46.20 15.47 38.40
C SER C 92 46.06 16.74 37.57
N ASP C 93 46.57 16.74 36.34
CA ASP C 93 46.54 17.91 35.47
C ASP C 93 45.34 17.92 34.54
N ASP C 94 44.28 17.18 34.87
CA ASP C 94 43.07 17.14 34.05
C ASP C 94 42.00 18.11 34.55
N THR C 95 42.34 18.98 35.50
CA THR C 95 41.40 19.99 35.99
C THR C 95 41.21 21.05 34.92
N ALA C 96 40.13 20.95 34.16
CA ALA C 96 39.90 21.84 33.04
C ALA C 96 38.41 21.87 32.74
N VAL C 97 38.03 22.71 31.78
CA VAL C 97 36.64 22.84 31.33
C VAL C 97 36.52 22.24 29.94
N TYR C 98 35.43 21.52 29.69
CA TYR C 98 35.22 20.81 28.45
C TYR C 98 34.06 21.44 27.68
N PHE C 99 34.23 21.58 26.37
CA PHE C 99 33.23 22.18 25.50
C PHE C 99 32.67 21.12 24.55
N CYS C 100 31.66 21.54 23.78
CA CYS C 100 30.99 20.67 22.82
C CYS C 100 30.76 21.49 21.55
N ALA C 101 31.69 21.38 20.61
CA ALA C 101 31.64 22.18 19.38
C ALA C 101 30.74 21.49 18.35
N ARG C 102 30.69 22.06 17.14
CA ARG C 102 29.89 21.50 16.06
C ARG C 102 30.50 21.96 14.75
N GLN C 103 31.06 21.01 13.99
CA GLN C 103 31.65 21.33 12.70
C GLN C 103 30.56 21.60 11.67
N ARG C 104 30.64 22.75 11.01
CA ARG C 104 29.61 23.15 10.04
C ARG C 104 29.95 22.71 8.62
N SER C 105 31.16 23.02 8.15
CA SER C 105 31.54 22.71 6.79
C SER C 105 32.97 22.15 6.80
N ASP C 106 33.56 22.03 5.61
CA ASP C 106 34.91 21.49 5.48
C ASP C 106 35.98 22.46 5.97
N TYR C 107 35.64 23.72 6.22
CA TYR C 107 36.58 24.68 6.79
C TYR C 107 36.67 24.58 8.30
N TRP C 108 35.95 23.62 8.91
CA TRP C 108 35.91 23.40 10.35
C TRP C 108 35.43 24.66 11.09
N ASP C 109 34.20 25.06 10.77
CA ASP C 109 33.57 26.23 11.36
C ASP C 109 32.76 25.78 12.57
N PHE C 110 33.23 26.13 13.77
CA PHE C 110 32.55 25.80 15.01
C PHE C 110 31.72 27.01 15.43
N ASP C 111 30.55 27.15 14.78
CA ASP C 111 29.72 28.33 15.01
C ASP C 111 29.00 28.27 16.35
N VAL C 112 28.51 27.10 16.75
CA VAL C 112 27.78 26.93 17.99
C VAL C 112 28.60 26.07 18.93
N TRP C 113 28.68 26.47 20.19
CA TRP C 113 29.48 25.79 21.20
C TRP C 113 28.58 25.43 22.40
N GLY C 114 29.18 24.86 23.43
CA GLY C 114 28.49 24.53 24.65
C GLY C 114 28.78 25.51 25.76
N SER C 115 28.04 25.35 26.86
CA SER C 115 28.22 26.25 28.00
C SER C 115 29.50 25.96 28.77
N GLY C 116 30.01 24.72 28.69
CA GLY C 116 31.23 24.37 29.38
C GLY C 116 30.99 23.63 30.68
N THR C 117 31.78 22.58 30.92
CA THR C 117 31.70 21.80 32.14
C THR C 117 33.11 21.68 32.72
N GLN C 118 33.33 22.33 33.86
CA GLN C 118 34.63 22.30 34.53
C GLN C 118 34.65 21.18 35.55
N VAL C 119 35.63 20.29 35.43
CA VAL C 119 35.80 19.18 36.36
C VAL C 119 37.17 19.31 37.02
N THR C 120 37.26 18.86 38.26
CA THR C 120 38.49 18.85 39.03
C THR C 120 38.75 17.45 39.57
N VAL C 121 39.99 17.22 40.00
CA VAL C 121 40.37 15.94 40.58
C VAL C 121 40.84 16.11 42.01
N ASP D 1 51.64 18.59 6.97
CA ASP D 1 52.13 19.22 8.19
C ASP D 1 51.57 20.63 8.33
N ILE D 2 51.39 21.06 9.58
CA ILE D 2 50.84 22.38 9.90
C ILE D 2 51.85 23.13 10.75
N GLN D 3 52.19 24.34 10.33
CA GLN D 3 53.13 25.19 11.05
C GLN D 3 52.40 26.43 11.56
N MET D 4 52.72 26.83 12.79
CA MET D 4 52.03 27.92 13.47
C MET D 4 53.03 28.95 13.97
N THR D 5 52.66 30.22 13.85
CA THR D 5 53.42 31.31 14.44
C THR D 5 52.46 32.38 14.93
N GLN D 6 52.73 32.94 16.10
CA GLN D 6 51.90 33.99 16.70
C GLN D 6 52.83 35.03 17.30
N SER D 7 53.16 36.06 16.51
CA SER D 7 54.06 37.12 16.96
C SER D 7 53.42 38.17 17.88
N PRO D 8 52.16 38.67 17.65
CA PRO D 8 51.61 39.60 18.65
C PRO D 8 51.20 38.90 19.94
N SER D 9 52.16 38.70 20.84
CA SER D 9 51.88 37.99 22.08
C SER D 9 51.02 38.81 23.03
N SER D 10 51.21 40.13 23.06
CA SER D 10 50.45 40.98 23.98
C SER D 10 50.41 42.39 23.43
N LEU D 11 49.23 43.00 23.46
CA LEU D 11 49.06 44.39 23.07
C LEU D 11 47.90 44.98 23.86
N SER D 12 48.04 46.24 24.26
CA SER D 12 47.07 46.93 25.10
C SER D 12 46.78 48.31 24.55
N ALA D 13 46.49 48.38 23.25
CA ALA D 13 46.20 49.65 22.60
C ALA D 13 44.87 50.22 23.07
N SER D 14 44.69 51.51 22.82
CA SER D 14 43.52 52.25 23.30
C SER D 14 42.34 52.03 22.36
N VAL D 15 41.26 52.76 22.60
CA VAL D 15 40.02 52.63 21.83
C VAL D 15 39.99 53.70 20.75
N GLY D 16 39.51 53.32 19.56
CA GLY D 16 39.37 54.23 18.44
C GLY D 16 40.41 54.07 17.36
N ASP D 17 41.46 53.29 17.60
CA ASP D 17 42.53 53.10 16.64
C ASP D 17 42.19 51.95 15.69
N THR D 18 43.19 51.49 14.93
CA THR D 18 43.04 50.34 14.06
C THR D 18 44.20 49.39 14.33
N VAL D 19 43.92 48.29 15.04
CA VAL D 19 44.93 47.31 15.39
C VAL D 19 44.73 46.06 14.53
N THR D 20 45.82 45.35 14.28
CA THR D 20 45.80 44.15 13.45
C THR D 20 46.70 43.11 14.08
N ILE D 21 46.21 41.87 14.13
CA ILE D 21 46.98 40.72 14.60
C ILE D 21 47.15 39.75 13.45
N THR D 22 48.32 39.13 13.36
CA THR D 22 48.66 38.24 12.27
C THR D 22 49.15 36.89 12.80
N CYS D 23 48.92 35.85 12.00
CA CYS D 23 49.46 34.52 12.28
C CYS D 23 49.65 33.81 10.96
N GLN D 24 50.78 33.12 10.82
CA GLN D 24 51.15 32.47 9.56
C GLN D 24 50.86 30.98 9.67
N ALA D 25 49.99 30.49 8.77
CA ALA D 25 49.62 29.09 8.76
C ALA D 25 49.14 28.70 7.37
N ASN D 26 49.35 27.44 7.02
CA ASN D 26 48.88 26.89 5.76
C ASN D 26 47.58 26.11 5.96
N GLY D 27 46.67 26.24 5.01
CA GLY D 27 45.38 25.60 5.08
C GLY D 27 44.29 26.58 5.44
N TYR D 28 43.11 26.02 5.76
CA TYR D 28 41.98 26.84 6.17
C TYR D 28 42.21 27.40 7.57
N LEU D 29 41.73 28.62 7.79
CA LEU D 29 41.98 29.33 9.04
C LEU D 29 40.75 30.11 9.45
N ASN D 30 40.29 29.88 10.68
CA ASN D 30 39.14 30.57 11.26
C ASN D 30 39.60 31.43 12.43
N TRP D 31 38.83 32.49 12.71
CA TRP D 31 39.11 33.39 13.80
C TRP D 31 38.02 33.29 14.85
N TYR D 32 38.42 33.26 16.13
CA TYR D 32 37.48 33.11 17.22
C TYR D 32 37.71 34.19 18.27
N GLN D 33 36.63 34.57 18.94
CA GLN D 33 36.66 35.53 20.03
C GLN D 33 36.26 34.83 21.32
N GLN D 34 37.12 34.91 22.34
CA GLN D 34 36.89 34.21 23.60
C GLN D 34 37.04 35.18 24.76
N ARG D 35 36.04 35.23 25.62
CA ARG D 35 36.08 36.05 26.82
C ARG D 35 36.69 35.23 27.96
N ARG D 36 36.60 35.75 29.19
CA ARG D 36 37.13 35.07 30.35
C ARG D 36 36.06 34.14 30.92
N GLY D 37 36.32 32.83 30.87
CA GLY D 37 35.40 31.85 31.40
C GLY D 37 34.17 31.58 30.54
N LYS D 38 34.12 32.13 29.33
CA LYS D 38 33.00 31.94 28.43
C LYS D 38 33.40 31.08 27.24
N ALA D 39 32.41 30.68 26.47
CA ALA D 39 32.67 29.87 25.28
C ALA D 39 33.15 30.76 24.13
N PRO D 40 34.06 30.26 23.30
CA PRO D 40 34.51 31.03 22.15
C PRO D 40 33.41 31.18 21.11
N LYS D 41 33.53 32.25 20.31
CA LYS D 41 32.54 32.58 19.30
C LYS D 41 33.25 32.83 17.98
N LEU D 42 32.73 32.22 16.90
CA LEU D 42 33.32 32.38 15.58
C LEU D 42 32.99 33.75 15.02
N LEU D 43 34.02 34.47 14.58
CA LEU D 43 33.85 35.78 13.96
C LEU D 43 33.88 35.69 12.44
N ILE D 44 34.99 35.19 11.89
CA ILE D 44 35.14 35.00 10.45
C ILE D 44 35.76 33.64 10.19
N TYR D 45 35.46 33.08 9.02
CA TYR D 45 36.00 31.79 8.63
C TYR D 45 36.56 31.91 7.22
N ASP D 46 37.43 30.95 6.88
CA ASP D 46 38.12 30.88 5.57
C ASP D 46 38.92 32.14 5.30
N GLY D 47 39.46 32.76 6.35
CA GLY D 47 40.27 33.96 6.19
C GLY D 47 39.55 35.28 6.01
N SER D 48 38.53 35.32 5.15
CA SER D 48 37.87 36.58 4.83
C SER D 48 36.34 36.52 4.86
N LYS D 49 35.73 35.34 4.85
CA LYS D 49 34.28 35.27 4.81
C LYS D 49 33.69 35.60 6.17
N LEU D 50 32.60 36.39 6.15
CA LEU D 50 31.98 36.89 7.37
C LEU D 50 30.84 35.98 7.80
N GLU D 51 30.71 35.79 9.11
CA GLU D 51 29.65 34.99 9.69
C GLU D 51 28.46 35.88 10.03
N ARG D 52 27.25 35.36 9.77
CA ARG D 52 26.03 36.10 10.07
C ARG D 52 25.85 36.24 11.58
N GLY D 53 25.61 37.47 12.03
CA GLY D 53 25.51 37.79 13.43
C GLY D 53 26.65 38.62 13.97
N VAL D 54 27.78 38.62 13.28
CA VAL D 54 28.95 39.41 13.66
C VAL D 54 28.78 40.81 13.09
N PRO D 55 29.03 41.87 13.87
CA PRO D 55 28.93 43.22 13.33
C PRO D 55 29.96 43.48 12.25
N SER D 56 29.66 44.48 11.41
CA SER D 56 30.43 44.75 10.21
C SER D 56 31.73 45.53 10.48
N ARG D 57 32.10 45.73 11.75
CA ARG D 57 33.38 46.33 12.07
C ARG D 57 34.52 45.34 12.04
N PHE D 58 34.24 44.07 11.77
CA PHE D 58 35.26 43.02 11.69
C PHE D 58 35.52 42.66 10.23
N SER D 59 36.79 42.59 9.86
CA SER D 59 37.16 42.25 8.50
C SER D 59 38.54 41.61 8.51
N GLY D 60 38.79 40.79 7.50
CA GLY D 60 40.07 40.10 7.40
C GLY D 60 40.42 39.82 5.94
N ARG D 61 41.70 39.65 5.69
CA ARG D 61 42.19 39.35 4.35
C ARG D 61 43.46 38.52 4.46
N ARG D 62 43.81 37.87 3.35
CA ARG D 62 44.98 37.00 3.29
C ARG D 62 45.82 37.34 2.07
N TRP D 63 47.11 37.04 2.17
CA TRP D 63 48.04 37.22 1.06
C TRP D 63 49.16 36.20 1.24
N GLY D 64 49.06 35.10 0.50
CA GLY D 64 50.03 34.02 0.63
C GLY D 64 49.80 33.20 1.88
N GLN D 65 50.70 33.32 2.84
CA GLN D 65 50.60 32.63 4.12
C GLN D 65 50.58 33.61 5.28
N GLU D 66 49.83 34.69 5.13
CA GLU D 66 49.70 35.72 6.17
C GLU D 66 48.25 36.14 6.25
N TYR D 67 47.61 35.86 7.38
CA TYR D 67 46.22 36.22 7.62
C TYR D 67 46.17 37.37 8.61
N ASN D 68 45.37 38.39 8.29
CA ASN D 68 45.26 39.59 9.10
C ASN D 68 43.83 39.75 9.60
N LEU D 69 43.68 40.27 10.81
CA LEU D 69 42.38 40.58 11.40
C LEU D 69 42.33 42.07 11.70
N THR D 70 41.55 42.81 10.92
CA THR D 70 41.45 44.25 11.08
C THR D 70 40.40 44.58 12.13
N ILE D 71 40.78 45.40 13.10
CA ILE D 71 39.91 45.83 14.19
C ILE D 71 39.85 47.35 14.15
N ASN D 72 38.78 47.90 13.56
CA ASN D 72 38.56 49.33 13.52
C ASN D 72 37.27 49.65 14.28
N ASN D 73 37.22 50.85 14.86
CA ASN D 73 36.12 51.32 15.69
C ASN D 73 35.91 50.36 16.87
N LEU D 74 36.93 50.32 17.74
CA LEU D 74 36.88 49.49 18.93
C LEU D 74 35.76 49.96 19.87
N GLN D 75 35.27 49.01 20.66
CA GLN D 75 34.14 49.21 21.55
C GLN D 75 34.50 48.79 22.97
N PRO D 76 33.79 49.30 23.98
CA PRO D 76 34.04 48.84 25.36
C PRO D 76 33.65 47.40 25.61
N GLU D 77 32.86 46.77 24.74
CA GLU D 77 32.54 45.35 24.85
C GLU D 77 33.30 44.50 23.84
N ASP D 78 34.35 45.04 23.22
CA ASP D 78 35.15 44.32 22.23
C ASP D 78 36.58 44.11 22.71
N ILE D 79 36.75 43.77 23.98
CA ILE D 79 38.05 43.47 24.56
C ILE D 79 38.01 42.02 25.03
N ALA D 80 38.66 41.13 24.28
CA ALA D 80 38.65 39.71 24.59
C ALA D 80 39.89 39.07 24.00
N THR D 81 39.92 37.74 23.97
CA THR D 81 41.05 36.98 23.44
C THR D 81 40.71 36.49 22.04
N TYR D 82 41.67 36.64 21.12
CA TYR D 82 41.49 36.27 19.72
C TYR D 82 42.61 35.34 19.29
N PHE D 83 42.24 34.22 18.67
CA PHE D 83 43.21 33.26 18.17
C PHE D 83 42.73 32.70 16.84
N CYS D 84 43.69 32.31 15.99
CA CYS D 84 43.38 31.68 14.72
C CYS D 84 43.44 30.16 14.85
N GLN D 85 42.54 29.48 14.16
CA GLN D 85 42.27 28.06 14.39
C GLN D 85 42.41 27.27 13.09
N VAL D 86 43.49 26.50 12.98
CA VAL D 86 43.60 25.43 12.00
C VAL D 86 42.89 24.24 12.64
N TYR D 87 42.64 23.16 11.88
CA TYR D 87 41.72 22.07 12.23
C TYR D 87 41.86 21.57 13.68
N GLU D 88 43.03 21.04 14.04
CA GLU D 88 43.24 20.51 15.38
C GLU D 88 44.34 21.24 16.12
N PHE D 89 44.80 22.38 15.60
CA PHE D 89 45.89 23.13 16.21
C PHE D 89 45.39 24.54 16.53
N VAL D 90 45.36 24.88 17.81
CA VAL D 90 44.91 26.18 18.29
C VAL D 90 46.02 26.79 19.12
N VAL D 91 46.54 27.94 18.68
CA VAL D 91 47.60 28.63 19.41
C VAL D 91 46.95 29.47 20.51
N PRO D 92 47.63 29.67 21.65
CA PRO D 92 47.10 30.57 22.69
C PRO D 92 47.09 32.01 22.20
N GLY D 93 45.88 32.57 22.05
CA GLY D 93 45.73 33.89 21.52
C GLY D 93 46.15 34.98 22.49
N THR D 94 46.04 36.22 22.03
CA THR D 94 46.44 37.38 22.81
C THR D 94 45.21 38.14 23.30
N ARG D 95 45.41 38.89 24.38
CA ARG D 95 44.37 39.71 24.97
C ARG D 95 44.64 41.19 24.69
N LEU D 96 43.57 41.97 24.67
CA LEU D 96 43.68 43.39 24.40
C LEU D 96 43.90 44.19 25.69
N GLN E 1 56.17 -51.29 28.57
CA GLN E 1 55.59 -52.43 29.28
C GLN E 1 55.25 -52.06 30.72
N VAL E 2 53.95 -51.97 31.01
CA VAL E 2 53.46 -51.61 32.33
C VAL E 2 52.58 -52.74 32.85
N GLN E 3 52.78 -53.12 34.10
CA GLN E 3 52.02 -54.19 34.74
C GLN E 3 51.30 -53.63 35.97
N LEU E 4 50.05 -54.04 36.14
CA LEU E 4 49.20 -53.58 37.23
C LEU E 4 48.71 -54.77 38.03
N GLN E 5 48.73 -54.63 39.36
CA GLN E 5 48.28 -55.69 40.26
C GLN E 5 47.87 -55.04 41.58
N GLU E 6 46.61 -55.22 41.97
CA GLU E 6 46.09 -54.60 43.17
C GLU E 6 45.64 -55.66 44.17
N SER E 7 45.44 -55.23 45.41
CA SER E 7 44.98 -56.08 46.49
C SER E 7 44.06 -55.28 47.39
N GLY E 8 42.89 -55.84 47.69
CA GLY E 8 41.92 -55.17 48.53
C GLY E 8 41.77 -55.84 49.87
N PRO E 9 41.02 -55.20 50.79
CA PRO E 9 40.81 -55.82 52.11
C PRO E 9 39.88 -57.01 52.07
N GLY E 10 38.92 -57.03 51.17
CA GLY E 10 37.97 -58.13 51.05
C GLY E 10 36.74 -58.00 51.90
N LEU E 11 36.91 -57.61 53.17
CA LEU E 11 35.81 -57.45 54.11
C LEU E 11 35.71 -55.99 54.52
N VAL E 12 34.48 -55.50 54.63
CA VAL E 12 34.24 -54.11 55.02
C VAL E 12 32.89 -54.03 55.73
N LYS E 13 32.85 -53.27 56.82
CA LYS E 13 31.64 -53.06 57.58
C LYS E 13 30.88 -51.84 57.06
N PRO E 14 29.56 -51.80 57.24
CA PRO E 14 28.81 -50.59 56.87
C PRO E 14 29.17 -49.42 57.77
N SER E 15 29.12 -48.22 57.17
CA SER E 15 29.51 -46.96 57.81
C SER E 15 30.94 -47.04 58.33
N GLU E 16 31.86 -47.29 57.40
CA GLU E 16 33.27 -47.49 57.74
C GLU E 16 34.10 -47.03 56.54
N THR E 17 35.36 -46.68 56.81
CA THR E 17 36.26 -46.22 55.77
C THR E 17 36.62 -47.38 54.82
N LEU E 18 37.12 -47.01 53.64
CA LEU E 18 37.45 -47.98 52.60
C LEU E 18 38.74 -47.57 51.94
N SER E 19 39.61 -48.54 51.68
CA SER E 19 40.91 -48.26 51.09
C SER E 19 41.34 -49.45 50.25
N VAL E 20 41.45 -49.24 48.93
CA VAL E 20 41.93 -50.24 47.99
C VAL E 20 43.19 -49.70 47.34
N THR E 21 44.31 -50.40 47.52
CA THR E 21 45.62 -49.96 47.06
C THR E 21 46.05 -50.77 45.84
N CYS E 22 46.50 -50.05 44.81
CA CYS E 22 46.92 -50.67 43.55
C CYS E 22 48.41 -50.46 43.37
N SER E 23 49.13 -51.55 43.12
CA SER E 23 50.57 -51.53 42.92
C SER E 23 50.87 -51.62 41.43
N VAL E 24 51.64 -50.67 40.92
CA VAL E 24 52.00 -50.61 39.51
C VAL E 24 53.52 -50.56 39.40
N SER E 25 54.07 -51.34 38.47
CA SER E 25 55.51 -51.36 38.23
C SER E 25 55.75 -51.51 36.73
N GLY E 26 56.97 -51.18 36.32
CA GLY E 26 57.35 -51.28 34.92
C GLY E 26 57.72 -49.95 34.31
N ASP E 27 57.09 -48.87 34.79
CA ASP E 27 57.29 -47.54 34.26
C ASP E 27 56.82 -46.54 35.33
N SER E 28 57.31 -45.31 35.25
CA SER E 28 56.95 -44.26 36.18
C SER E 28 55.57 -43.70 35.83
N MET E 29 55.15 -42.68 36.59
CA MET E 29 53.87 -42.02 36.38
C MET E 29 54.00 -40.69 35.63
N ASN E 30 54.94 -40.61 34.68
CA ASN E 30 55.20 -39.34 34.01
C ASN E 30 54.12 -39.00 32.99
N ASN E 31 53.75 -39.95 32.13
CA ASN E 31 52.70 -39.67 31.15
C ASN E 31 51.50 -40.59 31.30
N TYR E 32 51.39 -41.32 32.40
CA TYR E 32 50.34 -42.33 32.56
C TYR E 32 49.21 -41.77 33.43
N TYR E 33 48.01 -41.69 32.86
CA TYR E 33 46.82 -41.37 33.63
C TYR E 33 46.34 -42.61 34.38
N TRP E 34 45.57 -42.37 35.44
CA TRP E 34 45.04 -43.44 36.26
C TRP E 34 43.57 -43.19 36.55
N THR E 35 42.80 -44.27 36.66
CA THR E 35 41.37 -44.17 36.89
C THR E 35 40.90 -45.39 37.67
N TRP E 36 39.68 -45.30 38.20
CA TRP E 36 39.05 -46.37 38.95
C TRP E 36 37.75 -46.77 38.29
N ILE E 37 37.59 -48.06 38.00
CA ILE E 37 36.42 -48.58 37.31
C ILE E 37 35.73 -49.60 38.22
N ARG E 38 34.41 -49.51 38.32
CA ARG E 38 33.61 -50.38 39.16
C ARG E 38 32.58 -51.11 38.30
N GLN E 39 32.31 -52.37 38.65
CA GLN E 39 31.30 -53.16 37.97
C GLN E 39 30.57 -54.05 38.97
N SER E 40 29.26 -53.87 39.08
CA SER E 40 28.39 -54.65 39.93
C SER E 40 27.65 -55.72 39.12
N PRO E 41 27.41 -56.89 39.70
CA PRO E 41 26.64 -57.92 38.98
C PRO E 41 25.19 -57.50 38.79
N GLY E 42 24.73 -57.54 37.54
CA GLY E 42 23.40 -57.09 37.17
C GLY E 42 23.40 -55.82 36.34
N LYS E 43 24.52 -55.13 36.24
CA LYS E 43 24.63 -53.90 35.45
C LYS E 43 25.96 -53.94 34.71
N GLY E 44 26.27 -52.82 34.03
CA GLY E 44 27.49 -52.71 33.26
C GLY E 44 28.61 -52.05 34.04
N LEU E 45 29.64 -51.64 33.30
CA LEU E 45 30.77 -50.97 33.90
C LEU E 45 30.38 -49.56 34.34
N GLU E 46 30.99 -49.10 35.44
CA GLU E 46 30.68 -47.80 36.01
C GLU E 46 31.96 -47.03 36.24
N TRP E 47 32.09 -45.88 35.59
CA TRP E 47 33.24 -45.01 35.77
C TRP E 47 32.97 -44.05 36.92
N ILE E 48 33.92 -43.92 37.84
CA ILE E 48 33.74 -43.09 39.02
C ILE E 48 34.66 -41.88 39.06
N GLY E 49 35.73 -41.87 38.28
CA GLY E 49 36.63 -40.73 38.27
C GLY E 49 38.02 -41.13 37.84
N TYR E 50 38.88 -40.13 37.74
CA TYR E 50 40.27 -40.33 37.34
C TYR E 50 41.13 -39.24 37.95
N ILE E 51 42.44 -39.46 37.91
CA ILE E 51 43.43 -38.52 38.43
C ILE E 51 44.38 -38.13 37.31
N SER E 52 44.69 -36.84 37.24
CA SER E 52 45.60 -36.31 36.23
C SER E 52 47.03 -36.36 36.73
N ASP E 53 47.95 -35.71 36.02
CA ASP E 53 49.34 -35.69 36.40
C ASP E 53 49.70 -34.49 37.27
N ARG E 54 48.95 -33.39 37.16
CA ARG E 54 49.19 -32.19 37.95
C ARG E 54 48.31 -32.11 39.20
N GLU E 55 47.91 -33.27 39.73
CA GLU E 55 47.12 -33.38 40.97
C GLU E 55 45.79 -32.63 40.87
N SER E 56 45.17 -32.65 39.70
CA SER E 56 43.85 -32.08 39.49
C SER E 56 42.85 -33.22 39.46
N ALA E 57 42.23 -33.49 40.60
CA ALA E 57 41.35 -34.64 40.78
C ALA E 57 39.90 -34.24 40.49
N THR E 58 39.29 -34.89 39.52
CA THR E 58 37.87 -34.76 39.25
C THR E 58 37.22 -36.13 39.36
N TYR E 59 35.93 -36.15 39.68
CA TYR E 59 35.20 -37.39 39.94
C TYR E 59 33.86 -37.36 39.23
N ASN E 60 33.15 -38.47 39.31
CA ASN E 60 31.85 -38.60 38.65
C ASN E 60 30.80 -37.76 39.39
N PRO E 61 30.08 -36.88 38.69
CA PRO E 61 29.06 -36.07 39.38
C PRO E 61 27.83 -36.85 39.81
N SER E 62 27.64 -38.08 39.31
CA SER E 62 26.52 -38.90 39.74
C SER E 62 26.71 -39.50 41.13
N LEU E 63 27.92 -39.44 41.69
CA LEU E 63 28.17 -39.89 43.04
C LEU E 63 28.30 -38.77 44.04
N ASN E 64 28.17 -37.51 43.61
CA ASN E 64 28.20 -36.32 44.46
C ASN E 64 29.50 -36.19 45.25
N SER E 65 30.59 -36.73 44.69
CA SER E 65 31.96 -36.61 45.22
C SER E 65 32.06 -37.13 46.66
N ARG E 66 31.80 -38.44 46.80
CA ARG E 66 31.96 -39.12 48.08
C ARG E 66 33.30 -39.82 48.20
N VAL E 67 34.10 -39.86 47.13
CA VAL E 67 35.39 -40.52 47.14
C VAL E 67 36.49 -39.48 46.91
N VAL E 68 37.71 -39.85 47.27
CA VAL E 68 38.89 -39.03 47.03
C VAL E 68 40.09 -39.96 46.90
N ILE E 69 40.92 -39.72 45.88
CA ILE E 69 42.06 -40.57 45.59
C ILE E 69 43.32 -39.72 45.60
N SER E 70 44.46 -40.39 45.72
CA SER E 70 45.76 -39.74 45.74
C SER E 70 46.82 -40.73 45.32
N ARG E 71 47.98 -40.21 44.92
CA ARG E 71 49.09 -41.04 44.50
C ARG E 71 50.39 -40.26 44.70
N ASP E 72 51.47 -41.01 44.90
CA ASP E 72 52.78 -40.42 45.16
C ASP E 72 53.85 -41.24 44.45
N THR E 73 54.97 -40.60 44.18
CA THR E 73 56.13 -41.22 43.54
C THR E 73 57.04 -41.90 44.55
N SER E 74 57.09 -41.39 45.79
CA SER E 74 57.98 -41.94 46.82
C SER E 74 57.56 -43.34 47.26
N LYS E 75 56.29 -43.70 47.08
CA LYS E 75 55.81 -45.03 47.41
C LYS E 75 55.31 -45.82 46.21
N ASN E 76 55.09 -45.15 45.06
CA ASN E 76 54.59 -45.77 43.83
C ASN E 76 53.26 -46.48 44.07
N GLN E 77 52.40 -45.88 44.87
CA GLN E 77 51.14 -46.48 45.28
C GLN E 77 50.01 -45.46 45.13
N LEU E 78 48.89 -45.92 44.58
CA LEU E 78 47.67 -45.12 44.49
C LEU E 78 46.55 -45.86 45.21
N SER E 79 45.69 -45.10 45.87
CA SER E 79 44.65 -45.70 46.71
C SER E 79 43.35 -44.93 46.52
N LEU E 80 42.35 -45.27 47.32
CA LEU E 80 41.04 -44.64 47.28
C LEU E 80 40.54 -44.48 48.71
N LYS E 81 39.85 -43.37 48.98
CA LYS E 81 39.28 -43.10 50.29
C LYS E 81 37.79 -42.86 50.13
N LEU E 82 36.98 -43.63 50.87
CA LEU E 82 35.53 -43.53 50.80
C LEU E 82 34.96 -43.56 52.21
N ASN E 83 34.08 -42.62 52.50
CA ASN E 83 33.41 -42.54 53.79
C ASN E 83 31.90 -42.68 53.59
N SER E 84 31.23 -43.17 54.64
CA SER E 84 29.78 -43.40 54.66
C SER E 84 29.36 -44.34 53.53
N VAL E 85 29.87 -45.58 53.62
CA VAL E 85 29.65 -46.57 52.57
C VAL E 85 28.20 -47.04 52.63
N THR E 86 27.42 -46.68 51.62
CA THR E 86 26.07 -47.20 51.47
C THR E 86 26.15 -48.68 51.09
N PRO E 87 25.34 -49.55 51.70
CA PRO E 87 25.43 -50.99 51.38
C PRO E 87 24.91 -51.33 49.98
N ALA E 88 25.62 -50.86 48.96
CA ALA E 88 25.31 -51.20 47.57
C ALA E 88 26.59 -51.43 46.76
N ASP E 89 27.73 -51.61 47.41
CA ASP E 89 29.02 -51.76 46.74
C ASP E 89 29.47 -53.21 46.66
N THR E 90 28.53 -54.14 46.54
CA THR E 90 28.86 -55.56 46.34
C THR E 90 29.29 -55.72 44.89
N ALA E 91 30.54 -55.37 44.61
CA ALA E 91 31.04 -55.26 43.26
C ALA E 91 32.53 -55.61 43.24
N VAL E 92 33.12 -55.49 42.05
CA VAL E 92 34.54 -55.77 41.85
C VAL E 92 35.19 -54.52 41.27
N TYR E 93 36.39 -54.20 41.77
CA TYR E 93 37.12 -53.02 41.35
C TYR E 93 38.14 -53.38 40.28
N TYR E 94 38.56 -52.35 39.53
CA TYR E 94 39.54 -52.52 38.46
C TYR E 94 40.52 -51.37 38.49
N CYS E 95 41.80 -51.68 38.40
CA CYS E 95 42.87 -50.68 38.37
C CYS E 95 43.42 -50.63 36.95
N ALA E 96 43.05 -49.59 36.21
CA ALA E 96 43.43 -49.44 34.82
C ALA E 96 43.96 -48.03 34.57
N THR E 97 44.66 -47.89 33.45
CA THR E 97 45.23 -46.61 33.05
C THR E 97 44.32 -45.91 32.05
N ALA E 98 44.79 -44.79 31.52
CA ALA E 98 44.02 -44.01 30.56
C ALA E 98 44.99 -43.20 29.70
N ARG E 99 44.53 -42.87 28.49
CA ARG E 99 45.29 -42.06 27.56
C ARG E 99 44.48 -40.83 27.20
N ARG E 100 45.14 -39.67 27.17
CA ARG E 100 44.48 -38.41 26.86
C ARG E 100 44.56 -38.19 25.35
N GLY E 101 43.45 -38.48 24.66
CA GLY E 101 43.37 -38.29 23.22
C GLY E 101 42.59 -37.03 22.89
N GLN E 102 43.10 -36.28 21.92
CA GLN E 102 42.48 -35.03 21.49
C GLN E 102 41.83 -35.25 20.13
N ARG E 103 40.53 -34.97 20.05
CA ARG E 103 39.78 -35.11 18.81
C ARG E 103 39.49 -33.71 18.27
N ILE E 104 40.14 -33.35 17.17
CA ILE E 104 39.99 -32.04 16.56
C ILE E 104 39.01 -32.13 15.41
N TYR E 105 37.95 -31.31 15.45
CA TYR E 105 36.96 -31.29 14.40
C TYR E 105 36.80 -29.93 13.74
N GLY E 106 37.40 -28.88 14.28
CA GLY E 106 37.28 -27.56 13.70
C GLY E 106 38.55 -26.75 13.81
N VAL E 107 38.41 -25.43 13.97
CA VAL E 107 39.58 -24.58 14.10
C VAL E 107 40.20 -24.79 15.48
N VAL E 108 41.52 -25.00 15.50
CA VAL E 108 42.22 -25.23 16.76
C VAL E 108 42.25 -23.95 17.59
N SER E 109 42.39 -22.79 16.93
CA SER E 109 42.50 -21.51 17.64
C SER E 109 41.21 -21.10 18.33
N PHE E 110 40.07 -21.64 17.89
CA PHE E 110 38.79 -21.30 18.50
C PHE E 110 38.37 -22.28 19.59
N GLY E 111 39.21 -23.28 19.90
CA GLY E 111 38.86 -24.26 20.89
C GLY E 111 37.81 -25.25 20.45
N GLU E 112 37.80 -25.61 19.17
CA GLU E 112 36.81 -26.54 18.63
C GLU E 112 37.38 -27.96 18.64
N PHE E 113 37.57 -28.46 19.86
CA PHE E 113 38.06 -29.82 20.06
C PHE E 113 37.60 -30.30 21.43
N PHE E 114 37.58 -31.62 21.59
CA PHE E 114 37.23 -32.23 22.86
C PHE E 114 38.16 -33.39 23.14
N TYR E 115 38.42 -33.63 24.41
CA TYR E 115 39.33 -34.69 24.83
C TYR E 115 38.56 -35.96 25.14
N TYR E 116 39.09 -37.09 24.72
CA TYR E 116 38.50 -38.39 24.99
C TYR E 116 39.54 -39.29 25.65
N TYR E 117 39.10 -40.13 26.57
CA TYR E 117 39.97 -41.01 27.32
C TYR E 117 39.67 -42.46 26.97
N SER E 118 40.72 -43.24 26.76
CA SER E 118 40.59 -44.66 26.45
C SER E 118 41.51 -45.45 27.37
N MET E 119 40.99 -46.54 27.92
CA MET E 119 41.75 -47.39 28.83
C MET E 119 42.54 -48.40 28.01
N ASP E 120 43.86 -48.27 27.99
CA ASP E 120 44.68 -49.14 27.18
C ASP E 120 44.91 -50.49 27.86
N VAL E 121 45.55 -50.47 29.03
CA VAL E 121 45.84 -51.69 29.79
C VAL E 121 45.02 -51.67 31.07
N TRP E 122 44.56 -52.84 31.49
CA TRP E 122 43.73 -53.00 32.66
C TRP E 122 44.46 -53.83 33.72
N GLY E 123 43.78 -54.05 34.85
CA GLY E 123 44.28 -54.89 35.90
C GLY E 123 43.32 -56.02 36.20
N LYS E 124 43.81 -56.95 37.03
CA LYS E 124 42.98 -58.10 37.41
C LYS E 124 41.87 -57.68 38.37
N GLY E 125 42.25 -57.12 39.52
CA GLY E 125 41.29 -56.59 40.45
C GLY E 125 40.76 -57.63 41.44
N THR E 126 40.08 -57.11 42.46
CA THR E 126 39.45 -57.94 43.47
C THR E 126 38.08 -57.37 43.80
N THR E 127 37.25 -58.19 44.44
CA THR E 127 35.89 -57.81 44.79
C THR E 127 35.77 -57.62 46.30
N VAL E 128 34.77 -56.81 46.68
CA VAL E 128 34.45 -56.58 48.08
C VAL E 128 32.98 -56.94 48.30
N THR E 129 32.68 -57.34 49.54
CA THR E 129 31.32 -57.71 49.92
C THR E 129 31.01 -57.10 51.27
N VAL E 130 29.89 -56.40 51.35
CA VAL E 130 29.41 -55.81 52.60
C VAL E 130 28.49 -56.81 53.29
N SER E 131 28.88 -57.25 54.48
CA SER E 131 28.11 -58.25 55.23
C SER E 131 27.77 -57.70 56.60
N SER E 132 26.63 -58.15 57.12
CA SER E 132 26.15 -57.74 58.44
C SER E 132 26.60 -58.68 59.56
N ALA E 133 27.47 -59.64 59.24
CA ALA E 133 27.95 -60.59 60.25
C ALA E 133 29.17 -60.03 60.98
N TYR F 2 21.00 -52.89 32.20
CA TYR F 2 20.16 -53.30 31.09
C TYR F 2 21.01 -53.84 29.94
N VAL F 3 21.02 -55.16 29.79
CA VAL F 3 21.83 -55.84 28.78
C VAL F 3 20.89 -56.41 27.73
N ARG F 4 21.28 -56.28 26.45
CA ARG F 4 20.50 -56.81 25.34
C ARG F 4 21.20 -58.02 24.72
N PRO F 5 20.45 -59.06 24.36
CA PRO F 5 21.07 -60.25 23.79
C PRO F 5 21.27 -60.16 22.28
N LEU F 6 22.14 -61.03 21.78
CA LEU F 6 22.41 -61.12 20.35
C LEU F 6 22.93 -62.52 20.04
N SER F 7 22.36 -63.15 19.01
CA SER F 7 22.69 -64.52 18.65
C SER F 7 23.25 -64.54 17.23
N VAL F 8 24.53 -64.92 17.11
CA VAL F 8 25.21 -65.02 15.83
C VAL F 8 25.86 -66.40 15.75
N ALA F 9 25.53 -67.15 14.69
CA ALA F 9 26.06 -68.49 14.54
C ALA F 9 27.45 -68.46 13.89
N LEU F 10 28.00 -69.66 13.68
CA LEU F 10 29.31 -69.80 13.07
C LEU F 10 29.22 -69.57 11.57
N GLY F 11 30.24 -68.92 11.01
CA GLY F 11 30.34 -68.75 9.57
C GLY F 11 30.09 -67.33 9.10
N GLU F 12 29.09 -66.67 9.70
CA GLU F 12 28.73 -65.32 9.30
C GLU F 12 29.46 -64.31 10.19
N THR F 13 29.18 -63.03 9.97
CA THR F 13 29.80 -61.95 10.72
C THR F 13 28.84 -61.42 11.79
N ALA F 14 29.40 -60.67 12.72
CA ALA F 14 28.64 -60.06 13.81
C ALA F 14 28.67 -58.55 13.66
N ARG F 15 27.49 -57.94 13.58
CA ARG F 15 27.36 -56.50 13.41
C ARG F 15 26.74 -55.92 14.69
N ILE F 16 27.59 -55.38 15.56
CA ILE F 16 27.16 -54.81 16.82
C ILE F 16 27.11 -53.30 16.68
N SER F 17 25.94 -52.71 16.97
CA SER F 17 25.76 -51.27 16.92
C SER F 17 25.10 -50.81 18.21
N CYS F 18 25.70 -49.84 18.87
CA CYS F 18 25.16 -49.32 20.12
C CYS F 18 24.00 -48.37 19.85
N GLY F 19 23.15 -48.20 20.88
CA GLY F 19 21.97 -47.37 20.74
C GLY F 19 22.23 -45.89 20.88
N ARG F 20 23.39 -45.51 21.41
CA ARG F 20 23.71 -44.09 21.58
C ARG F 20 24.02 -43.47 20.22
N GLN F 21 23.25 -42.45 19.85
CA GLN F 21 23.46 -41.75 18.60
C GLN F 21 24.46 -40.61 18.78
N ALA F 22 25.06 -40.19 17.67
CA ALA F 22 26.08 -39.17 17.67
C ALA F 22 25.51 -37.86 17.14
N LEU F 23 25.53 -36.83 17.98
CA LEU F 23 25.09 -35.49 17.59
C LEU F 23 26.27 -34.65 17.12
N GLY F 24 26.96 -35.16 16.10
CA GLY F 24 28.12 -34.48 15.57
C GLY F 24 29.31 -35.40 15.37
N SER F 25 30.51 -34.85 15.47
CA SER F 25 31.73 -35.65 15.31
C SER F 25 31.91 -36.55 16.52
N ARG F 26 32.12 -37.84 16.26
CA ARG F 26 32.19 -38.85 17.30
C ARG F 26 33.55 -39.54 17.31
N ALA F 27 33.88 -40.13 18.46
CA ALA F 27 35.06 -40.98 18.61
C ALA F 27 34.70 -42.03 19.66
N VAL F 28 34.22 -43.18 19.19
CA VAL F 28 33.68 -44.20 20.08
C VAL F 28 34.80 -45.15 20.49
N GLN F 29 34.54 -45.92 21.55
CA GLN F 29 35.45 -46.94 22.04
C GLN F 29 34.69 -48.24 22.25
N TRP F 30 35.19 -49.31 21.67
CA TRP F 30 34.58 -50.64 21.79
C TRP F 30 35.40 -51.48 22.76
N TYR F 31 34.73 -52.11 23.72
CA TYR F 31 35.37 -52.92 24.73
C TYR F 31 34.87 -54.36 24.65
N GLN F 32 35.56 -55.24 25.36
CA GLN F 32 35.19 -56.64 25.46
C GLN F 32 35.49 -57.11 26.86
N HIS F 33 34.45 -57.48 27.61
CA HIS F 33 34.57 -57.86 29.01
C HIS F 33 33.96 -59.23 29.24
N ARG F 34 34.80 -60.22 29.47
CA ARG F 34 34.32 -61.53 29.88
C ARG F 34 34.04 -61.52 31.38
N PRO F 35 33.04 -62.29 31.84
CA PRO F 35 32.74 -62.33 33.28
C PRO F 35 33.83 -63.01 34.07
N GLY F 36 34.58 -62.23 34.85
CA GLY F 36 35.70 -62.72 35.63
C GLY F 36 37.05 -62.29 35.10
N GLN F 37 37.13 -61.92 33.83
CA GLN F 37 38.37 -61.48 33.21
C GLN F 37 38.42 -59.97 33.12
N ALA F 38 39.61 -59.44 32.83
CA ALA F 38 39.78 -58.01 32.68
C ALA F 38 39.22 -57.56 31.33
N PRO F 39 38.66 -56.34 31.27
CA PRO F 39 38.17 -55.83 29.99
C PRO F 39 39.31 -55.54 29.03
N ILE F 40 39.03 -55.75 27.75
CA ILE F 40 40.02 -55.61 26.68
C ILE F 40 39.57 -54.50 25.75
N LEU F 41 40.49 -53.58 25.47
CA LEU F 41 40.21 -52.51 24.52
C LEU F 41 40.35 -53.03 23.10
N LEU F 42 39.35 -52.72 22.25
CA LEU F 42 39.32 -53.22 20.88
C LEU F 42 39.53 -52.11 19.86
N ILE F 43 38.70 -51.07 19.90
CA ILE F 43 38.72 -50.01 18.90
C ILE F 43 38.78 -48.67 19.61
N TYR F 44 39.73 -47.82 19.21
CA TYR F 44 39.78 -46.43 19.65
C TYR F 44 39.98 -45.54 18.43
N ASN F 45 39.38 -44.35 18.48
CA ASN F 45 39.38 -43.38 17.37
C ASN F 45 38.77 -43.96 16.10
N ASN F 46 37.83 -44.91 16.27
CA ASN F 46 36.92 -45.45 15.27
C ASN F 46 37.59 -46.36 14.24
N GLN F 47 38.91 -46.41 14.20
CA GLN F 47 39.59 -47.29 13.25
C GLN F 47 40.84 -47.97 13.80
N ASP F 48 41.38 -47.55 14.93
CA ASP F 48 42.70 -48.00 15.36
C ASP F 48 42.59 -49.21 16.29
N ARG F 49 43.44 -50.20 16.05
CA ARG F 49 43.53 -51.38 16.88
C ARG F 49 44.85 -51.39 17.63
N PRO F 50 44.84 -51.61 18.93
CA PRO F 50 46.08 -51.61 19.71
C PRO F 50 46.86 -52.91 19.51
N SER F 51 47.98 -53.01 20.21
CA SER F 51 48.83 -54.20 20.13
C SER F 51 48.17 -55.37 20.84
N GLY F 52 47.95 -56.45 20.12
CA GLY F 52 47.32 -57.64 20.68
C GLY F 52 45.95 -57.95 20.12
N ILE F 53 45.54 -57.28 19.05
CA ILE F 53 44.23 -57.49 18.42
C ILE F 53 44.48 -58.00 17.00
N PRO F 54 43.94 -59.15 16.62
CA PRO F 54 44.16 -59.69 15.27
C PRO F 54 43.27 -58.97 14.26
N GLU F 55 43.38 -59.39 13.00
CA GLU F 55 42.54 -58.86 11.92
C GLU F 55 41.21 -59.62 11.96
N ARG F 56 40.40 -59.26 12.95
CA ARG F 56 39.08 -59.84 13.11
C ARG F 56 38.04 -58.74 13.31
N PHE F 57 38.42 -57.68 14.01
CA PHE F 57 37.52 -56.59 14.37
C PHE F 57 37.86 -55.34 13.56
N SER F 58 36.83 -54.55 13.29
CA SER F 58 37.00 -53.30 12.55
C SER F 58 35.86 -52.36 12.92
N GLY F 59 36.15 -51.06 12.85
CA GLY F 59 35.16 -50.05 13.17
C GLY F 59 34.89 -49.10 12.01
N THR F 60 33.75 -48.43 12.05
CA THR F 60 33.41 -47.50 10.99
C THR F 60 34.08 -46.15 11.25
N PRO F 61 34.79 -45.59 10.27
CA PRO F 61 35.44 -44.30 10.48
C PRO F 61 34.44 -43.16 10.50
N ASP F 62 34.90 -42.00 10.98
CA ASP F 62 34.07 -40.81 11.08
C ASP F 62 34.34 -39.92 9.87
N ILE F 63 33.81 -40.35 8.72
CA ILE F 63 33.93 -39.62 7.47
C ILE F 63 32.52 -39.46 6.90
N ASN F 64 32.17 -38.23 6.51
CA ASN F 64 30.83 -37.87 6.03
C ASN F 64 29.77 -38.25 7.07
N PHE F 65 29.79 -37.48 8.16
CA PHE F 65 28.90 -37.69 9.30
C PHE F 65 27.44 -37.76 8.87
N GLY F 66 26.72 -38.70 9.47
CA GLY F 66 25.35 -39.02 9.09
C GLY F 66 25.14 -40.51 9.14
N THR F 67 26.19 -41.25 9.48
CA THR F 67 26.16 -42.70 9.60
C THR F 67 26.14 -43.10 11.07
N ARG F 68 26.15 -44.40 11.31
CA ARG F 68 26.11 -44.97 12.65
C ARG F 68 27.43 -45.67 12.96
N ALA F 69 27.59 -46.06 14.23
CA ALA F 69 28.77 -46.75 14.71
C ALA F 69 28.47 -48.24 14.75
N THR F 70 29.26 -49.03 14.03
CA THR F 70 29.06 -50.47 13.93
C THR F 70 30.39 -51.17 14.09
N LEU F 71 30.44 -52.17 14.97
CA LEU F 71 31.62 -53.00 15.18
C LEU F 71 31.40 -54.31 14.46
N THR F 72 32.11 -54.51 13.35
CA THR F 72 32.00 -55.73 12.57
C THR F 72 33.06 -56.73 13.00
N ILE F 73 32.67 -58.00 13.10
CA ILE F 73 33.55 -59.08 13.53
C ILE F 73 33.58 -60.12 12.42
N SER F 74 34.70 -60.21 11.71
CA SER F 74 34.87 -61.21 10.65
C SER F 74 35.50 -62.45 11.27
N GLY F 75 34.66 -63.41 11.63
CA GLY F 75 35.12 -64.63 12.26
C GLY F 75 34.65 -64.75 13.69
N VAL F 76 33.63 -65.57 13.93
CA VAL F 76 33.07 -65.75 15.27
C VAL F 76 33.82 -66.87 15.97
N GLU F 77 34.12 -66.69 17.25
CA GLU F 77 34.84 -67.67 18.03
C GLU F 77 34.01 -67.99 19.27
N ALA F 78 34.04 -69.26 19.70
CA ALA F 78 33.28 -69.69 20.87
C ALA F 78 33.75 -69.04 22.16
N GLY F 79 34.98 -68.55 22.20
CA GLY F 79 35.50 -67.81 23.34
C GLY F 79 35.13 -66.35 23.38
N ASP F 80 34.25 -65.90 22.50
CA ASP F 80 33.81 -64.51 22.45
C ASP F 80 32.47 -64.30 23.15
N GLU F 81 32.19 -65.09 24.18
CA GLU F 81 30.99 -64.94 25.00
C GLU F 81 31.23 -63.84 26.03
N ALA F 82 31.20 -62.59 25.55
CA ALA F 82 31.49 -61.44 26.39
C ALA F 82 30.52 -60.31 26.03
N ASP F 83 30.63 -59.22 26.80
CA ASP F 83 29.83 -58.02 26.55
C ASP F 83 30.64 -57.05 25.72
N TYR F 84 29.95 -56.33 24.82
CA TYR F 84 30.59 -55.37 23.92
C TYR F 84 29.98 -54.00 24.18
N TYR F 85 30.76 -53.11 24.79
CA TYR F 85 30.29 -51.79 25.17
C TYR F 85 30.59 -50.77 24.08
N CYS F 86 29.93 -49.62 24.16
CA CYS F 86 30.06 -48.55 23.19
C CYS F 86 30.23 -47.24 23.94
N HIS F 87 31.49 -46.88 24.22
CA HIS F 87 31.80 -45.64 24.92
C HIS F 87 31.77 -44.49 23.91
N MET F 88 30.61 -43.86 23.77
CA MET F 88 30.42 -42.81 22.78
C MET F 88 30.92 -41.48 23.33
N TRP F 89 31.87 -40.87 22.63
CA TRP F 89 32.37 -39.54 22.94
C TRP F 89 31.93 -38.58 21.84
N ASP F 90 31.14 -37.59 22.20
CA ASP F 90 30.56 -36.66 21.25
C ASP F 90 31.06 -35.25 21.52
N SER F 91 30.97 -34.40 20.50
CA SER F 91 31.38 -33.00 20.64
C SER F 91 30.28 -32.13 21.23
N ARG F 92 29.02 -32.57 21.19
CA ARG F 92 27.91 -31.81 21.72
C ARG F 92 27.32 -32.38 23.00
N SER F 93 27.62 -33.63 23.32
CA SER F 93 27.09 -34.26 24.53
C SER F 93 27.96 -34.01 25.75
N GLY F 94 29.06 -33.29 25.61
CA GLY F 94 29.92 -33.01 26.74
C GLY F 94 30.72 -34.24 27.16
N PHE F 95 31.10 -34.25 28.44
CA PHE F 95 31.85 -35.37 28.99
C PHE F 95 30.94 -36.57 29.19
N SER F 96 31.42 -37.74 28.78
CA SER F 96 30.67 -38.99 28.90
C SER F 96 31.21 -39.78 30.08
N TRP F 97 30.41 -39.89 31.14
CA TRP F 97 30.81 -40.60 32.35
C TRP F 97 30.28 -42.02 32.40
N SER F 98 29.32 -42.37 31.54
CA SER F 98 28.72 -43.70 31.54
C SER F 98 29.20 -44.49 30.33
N PHE F 99 29.28 -45.81 30.49
CA PHE F 99 29.69 -46.69 29.41
C PHE F 99 28.54 -47.08 28.49
N GLY F 100 27.32 -46.75 28.84
CA GLY F 100 26.17 -47.08 28.00
C GLY F 100 25.59 -48.42 28.37
N GLY F 101 25.31 -49.26 27.37
CA GLY F 101 24.73 -50.55 27.59
C GLY F 101 25.59 -51.64 26.97
N ALA F 102 25.42 -52.85 27.49
CA ALA F 102 26.18 -54.01 27.05
C ALA F 102 25.33 -54.88 26.13
N THR F 103 25.98 -55.44 25.11
CA THR F 103 25.35 -56.35 24.16
C THR F 103 25.97 -57.72 24.34
N ARG F 104 25.29 -58.59 25.08
CA ARG F 104 25.80 -59.94 25.36
C ARG F 104 25.64 -60.80 24.12
N LEU F 105 26.74 -60.97 23.38
CA LEU F 105 26.72 -61.77 22.16
C LEU F 105 26.77 -63.25 22.53
N THR F 106 25.77 -64.00 22.05
CA THR F 106 25.71 -65.45 22.24
C THR F 106 25.99 -66.13 20.91
N VAL F 107 26.69 -67.26 20.97
CA VAL F 107 27.04 -68.04 19.79
C VAL F 107 26.29 -69.36 19.84
N LEU F 108 25.73 -69.77 18.71
CA LEU F 108 24.98 -71.01 18.59
C LEU F 108 25.84 -72.10 17.97
N GLY F 109 25.56 -73.34 18.35
CA GLY F 109 26.29 -74.47 17.82
C GLY F 109 27.70 -74.58 18.38
N ASN G 3 20.15 9.22 -68.17
CA ASN G 3 20.53 8.36 -67.06
C ASN G 3 19.48 8.42 -65.96
N LEU G 4 19.40 7.34 -65.17
CA LEU G 4 18.44 7.24 -64.08
C LEU G 4 19.03 7.78 -62.78
N TRP G 5 18.18 8.41 -61.98
CA TRP G 5 18.59 9.01 -60.72
C TRP G 5 17.64 8.57 -59.62
N VAL G 6 18.19 8.38 -58.43
CA VAL G 6 17.39 7.91 -57.30
C VAL G 6 16.65 9.09 -56.67
N THR G 7 15.38 8.88 -56.34
CA THR G 7 14.55 9.88 -55.69
C THR G 7 14.02 9.34 -54.39
N VAL G 8 13.78 10.24 -53.43
CA VAL G 8 13.35 9.88 -52.09
C VAL G 8 11.87 10.18 -51.96
N TYR G 9 11.08 9.17 -51.62
CA TYR G 9 9.64 9.31 -51.41
C TYR G 9 9.34 9.09 -49.94
N TYR G 10 8.52 9.98 -49.37
CA TYR G 10 8.13 9.91 -47.97
C TYR G 10 6.63 9.68 -47.87
N GLY G 11 6.24 8.60 -47.20
CA GLY G 11 4.85 8.26 -47.04
C GLY G 11 4.37 7.13 -47.92
N VAL G 12 5.23 6.19 -48.27
CA VAL G 12 4.86 5.07 -49.14
C VAL G 12 4.08 4.04 -48.33
N PRO G 13 3.09 3.37 -48.93
CA PRO G 13 2.30 2.36 -48.18
C PRO G 13 3.07 1.04 -48.02
N VAL G 14 4.06 1.05 -47.13
CA VAL G 14 4.87 -0.12 -46.82
C VAL G 14 4.80 -0.36 -45.32
N TRP G 15 4.45 -1.58 -44.93
CA TRP G 15 4.36 -1.95 -43.53
C TRP G 15 5.25 -3.16 -43.24
N LYS G 16 5.55 -3.34 -41.97
CA LYS G 16 6.32 -4.50 -41.50
C LYS G 16 5.71 -4.98 -40.20
N ASP G 17 5.97 -6.25 -39.88
CA ASP G 17 5.44 -6.85 -38.66
C ASP G 17 6.21 -6.35 -37.45
N ALA G 18 5.47 -5.96 -36.40
CA ALA G 18 6.07 -5.47 -35.18
C ALA G 18 5.12 -5.70 -34.02
N GLU G 19 5.64 -5.51 -32.81
CA GLU G 19 4.87 -5.70 -31.57
C GLU G 19 4.94 -4.41 -30.78
N THR G 20 3.79 -3.76 -30.58
CA THR G 20 3.69 -2.52 -29.82
C THR G 20 2.65 -2.68 -28.73
N THR G 21 2.51 -1.63 -27.92
CA THR G 21 1.58 -1.61 -26.80
C THR G 21 0.32 -0.86 -27.22
N LEU G 22 -0.73 -1.60 -27.53
CA LEU G 22 -2.01 -1.00 -27.89
C LEU G 22 -2.70 -0.45 -26.64
N PHE G 23 -3.45 0.63 -26.83
CA PHE G 23 -4.19 1.24 -25.73
C PHE G 23 -5.68 0.95 -25.87
N CYS G 24 -6.40 1.14 -24.77
CA CYS G 24 -7.81 0.82 -24.68
C CYS G 24 -8.66 1.94 -25.26
N ALA G 25 -9.93 1.62 -25.50
CA ALA G 25 -10.90 2.60 -25.98
C ALA G 25 -12.29 2.09 -25.61
N SER G 26 -12.97 2.82 -24.74
CA SER G 26 -14.28 2.45 -24.25
C SER G 26 -15.37 3.16 -25.04
N ASP G 27 -16.60 3.04 -24.58
CA ASP G 27 -17.75 3.69 -25.20
C ASP G 27 -18.19 4.90 -24.40
N ALA G 28 -19.27 5.52 -24.83
CA ALA G 28 -19.78 6.71 -24.16
C ALA G 28 -20.47 6.36 -22.86
N LYS G 29 -20.22 7.17 -21.83
CA LYS G 29 -20.87 6.98 -20.54
C LYS G 29 -22.20 7.71 -20.52
N ALA G 30 -23.27 6.98 -20.27
CA ALA G 30 -24.61 7.55 -20.24
C ALA G 30 -24.83 8.37 -18.97
N LYS G 35 -21.57 2.00 -13.35
CA LYS G 35 -20.75 3.12 -12.91
C LYS G 35 -19.28 2.72 -12.82
N HIS G 36 -18.99 1.73 -11.97
CA HIS G 36 -17.64 1.24 -11.77
C HIS G 36 -17.61 -0.26 -11.99
N ASN G 37 -16.43 -0.77 -12.35
CA ASN G 37 -16.24 -2.19 -12.60
C ASN G 37 -14.77 -2.52 -12.43
N VAL G 38 -14.47 -3.82 -12.44
CA VAL G 38 -13.11 -4.28 -12.22
C VAL G 38 -12.20 -3.97 -13.41
N TRP G 39 -12.78 -3.78 -14.59
CA TRP G 39 -12.03 -3.35 -15.77
C TRP G 39 -12.15 -1.84 -15.88
N ALA G 40 -11.02 -1.14 -15.79
CA ALA G 40 -11.01 0.31 -15.64
C ALA G 40 -11.42 0.96 -16.96
N THR G 41 -12.73 0.97 -17.19
CA THR G 41 -13.30 1.56 -18.39
C THR G 41 -13.69 3.02 -18.17
N HIS G 42 -12.75 3.78 -17.59
CA HIS G 42 -12.88 5.22 -17.44
C HIS G 42 -11.64 5.98 -17.83
N ALA G 43 -10.46 5.35 -17.84
CA ALA G 43 -9.24 5.95 -18.34
C ALA G 43 -9.05 5.73 -19.83
N CYS G 44 -9.88 4.89 -20.46
CA CYS G 44 -9.80 4.69 -21.89
C CYS G 44 -10.31 5.91 -22.63
N VAL G 45 -9.73 6.15 -23.80
CA VAL G 45 -10.15 7.27 -24.65
C VAL G 45 -11.50 6.95 -25.27
N PRO G 46 -12.37 7.94 -25.49
CA PRO G 46 -13.65 7.65 -26.14
C PRO G 46 -13.46 7.32 -27.61
N THR G 47 -14.21 6.33 -28.07
CA THR G 47 -14.09 5.88 -29.45
C THR G 47 -14.82 6.85 -30.38
N ASP G 48 -14.52 6.71 -31.67
CA ASP G 48 -15.17 7.53 -32.67
C ASP G 48 -16.59 7.03 -32.91
N PRO G 49 -17.56 7.93 -33.17
CA PRO G 49 -18.94 7.47 -33.39
C PRO G 49 -19.12 6.61 -34.63
N ASN G 50 -18.26 6.75 -35.63
CA ASN G 50 -18.29 5.86 -36.80
C ASN G 50 -16.89 5.35 -37.08
N PRO G 51 -16.69 4.04 -37.21
CA PRO G 51 -15.36 3.52 -37.52
C PRO G 51 -15.03 3.67 -39.00
N GLN G 52 -13.76 3.97 -39.27
CA GLN G 52 -13.27 4.13 -40.64
C GLN G 52 -12.54 2.85 -41.04
N GLU G 53 -13.17 2.06 -41.89
CA GLU G 53 -12.60 0.81 -42.39
C GLU G 53 -12.27 0.99 -43.86
N ILE G 54 -11.00 1.20 -44.16
CA ILE G 54 -10.54 1.39 -45.53
C ILE G 54 -10.21 0.03 -46.13
N HIS G 55 -10.92 -0.34 -47.19
CA HIS G 55 -10.69 -1.61 -47.85
C HIS G 55 -9.40 -1.56 -48.66
N LEU G 56 -8.62 -2.63 -48.59
CA LEU G 56 -7.33 -2.73 -49.27
C LEU G 56 -7.46 -3.76 -50.38
N GLU G 57 -7.34 -3.33 -51.62
CA GLU G 57 -7.44 -4.21 -52.78
C GLU G 57 -6.06 -4.62 -53.26
N ASN G 58 -6.03 -5.73 -54.03
CA ASN G 58 -4.84 -6.24 -54.70
C ASN G 58 -3.71 -6.56 -53.73
N VAL G 59 -4.04 -7.00 -52.52
CA VAL G 59 -3.05 -7.32 -51.51
C VAL G 59 -3.42 -8.64 -50.85
N THR G 60 -2.43 -9.51 -50.69
CA THR G 60 -2.59 -10.82 -50.04
C THR G 60 -1.69 -10.83 -48.82
N GLU G 61 -2.22 -10.37 -47.70
CA GLU G 61 -1.46 -10.32 -46.45
C GLU G 61 -1.54 -11.67 -45.75
N GLU G 62 -0.40 -12.12 -45.22
CA GLU G 62 -0.32 -13.41 -44.53
C GLU G 62 -0.55 -13.17 -43.04
N PHE G 63 -1.65 -13.74 -42.53
CA PHE G 63 -1.92 -13.70 -41.10
C PHE G 63 -1.34 -14.94 -40.43
N ASN G 64 -1.19 -14.85 -39.10
CA ASN G 64 -0.63 -15.96 -38.34
C ASN G 64 -1.26 -15.97 -36.95
N MET G 65 -2.13 -16.93 -36.71
CA MET G 65 -2.67 -17.16 -35.38
C MET G 65 -1.63 -17.86 -34.51
N TRP G 66 -1.93 -17.95 -33.22
CA TRP G 66 -1.14 -18.65 -32.19
C TRP G 66 0.25 -18.04 -31.97
N LYS G 67 0.55 -16.92 -32.63
CA LYS G 67 1.80 -16.20 -32.41
C LYS G 67 1.57 -14.70 -32.30
N ASN G 68 0.30 -14.27 -32.27
CA ASN G 68 -0.02 -12.86 -32.21
C ASN G 68 0.28 -12.29 -30.83
N ASN G 69 0.81 -11.07 -30.79
CA ASN G 69 1.11 -10.40 -29.54
C ASN G 69 -0.10 -9.69 -28.95
N MET G 70 -1.20 -9.57 -29.70
CA MET G 70 -2.37 -8.85 -29.19
C MET G 70 -3.08 -9.67 -28.11
N VAL G 71 -3.09 -11.00 -28.24
CA VAL G 71 -3.70 -11.84 -27.22
C VAL G 71 -2.80 -11.96 -26.00
N GLU G 72 -1.47 -11.96 -26.20
CA GLU G 72 -0.53 -11.98 -25.09
C GLU G 72 -0.54 -10.68 -24.29
N GLN G 73 -0.94 -9.57 -24.91
CA GLN G 73 -1.07 -8.32 -24.19
C GLN G 73 -2.40 -8.21 -23.48
N MET G 74 -3.48 -8.73 -24.09
CA MET G 74 -4.79 -8.69 -23.44
C MET G 74 -4.85 -9.63 -22.25
N HIS G 75 -4.08 -10.72 -22.27
CA HIS G 75 -4.02 -11.61 -21.12
C HIS G 75 -3.35 -10.93 -19.93
N THR G 76 -2.39 -10.05 -20.18
CA THR G 76 -1.74 -9.32 -19.10
C THR G 76 -2.62 -8.18 -18.58
N ASP G 77 -3.40 -7.56 -19.47
CA ASP G 77 -4.22 -6.42 -19.06
C ASP G 77 -5.41 -6.83 -18.21
N ILE G 78 -5.92 -8.05 -18.40
CA ILE G 78 -7.05 -8.51 -17.60
C ILE G 78 -6.58 -8.85 -16.18
N ILE G 79 -5.42 -9.48 -16.06
CA ILE G 79 -4.86 -9.79 -14.74
C ILE G 79 -4.46 -8.51 -14.01
N SER G 80 -3.94 -7.52 -14.74
CA SER G 80 -3.55 -6.26 -14.13
C SER G 80 -4.73 -5.40 -13.72
N LEU G 81 -5.95 -5.77 -14.09
CA LEU G 81 -7.14 -5.07 -13.65
C LEU G 81 -8.00 -5.86 -12.68
N TRP G 82 -7.97 -7.20 -12.77
CA TRP G 82 -8.72 -8.01 -11.84
C TRP G 82 -8.04 -8.03 -10.47
N CYS G 83 -6.72 -7.97 -10.44
CA CYS G 83 -5.97 -8.07 -9.19
C CYS G 83 -5.67 -6.72 -8.55
N GLN G 84 -5.90 -5.62 -9.26
CA GLN G 84 -5.67 -4.29 -8.73
C GLN G 84 -6.92 -3.64 -8.15
N SER G 85 -8.06 -4.33 -8.17
CA SER G 85 -9.30 -3.81 -7.62
C SER G 85 -9.65 -4.44 -6.27
N LEU G 86 -8.95 -5.49 -5.86
CA LEU G 86 -9.17 -6.12 -4.56
C LEU G 86 -8.34 -5.49 -3.46
N LYS G 87 -7.46 -4.54 -3.80
CA LYS G 87 -6.58 -3.92 -2.81
C LYS G 87 -7.26 -2.92 -1.88
N PRO G 88 -7.97 -1.88 -2.36
CA PRO G 88 -8.26 -0.77 -1.46
C PRO G 88 -9.35 -1.05 -0.43
N CYS G 89 -10.36 -1.84 -0.77
CA CYS G 89 -11.44 -2.10 0.16
C CYS G 89 -11.12 -3.31 1.04
N VAL G 90 -12.13 -3.81 1.78
CA VAL G 90 -11.90 -4.55 3.01
C VAL G 90 -11.34 -5.95 2.71
N LYS G 91 -10.41 -6.39 3.55
CA LYS G 91 -9.88 -7.75 3.52
C LYS G 91 -10.41 -8.53 4.72
N LEU G 92 -10.84 -9.76 4.47
CA LEU G 92 -11.47 -10.59 5.50
C LEU G 92 -10.46 -11.52 6.18
N THR G 93 -9.38 -10.96 6.71
CA THR G 93 -8.44 -11.77 7.48
C THR G 93 -8.94 -12.30 8.83
N PRO G 94 -9.91 -11.72 9.55
CA PRO G 94 -10.40 -12.43 10.75
C PRO G 94 -11.54 -13.41 10.49
N LEU G 95 -11.78 -13.81 9.25
CA LEU G 95 -12.83 -14.76 8.93
C LEU G 95 -12.41 -16.21 9.09
N CYS G 96 -11.14 -16.47 9.40
CA CYS G 96 -10.64 -17.84 9.53
C CYS G 96 -10.83 -18.41 10.93
N VAL G 97 -11.79 -17.92 11.70
CA VAL G 97 -12.10 -18.49 13.00
C VAL G 97 -12.85 -19.81 12.80
N THR G 98 -12.89 -20.62 13.86
CA THR G 98 -13.58 -21.90 13.77
C THR G 98 -15.08 -21.70 13.76
N LEU G 99 -15.77 -22.43 12.89
CA LEU G 99 -17.21 -22.30 12.69
C LEU G 99 -17.94 -23.46 13.37
N GLN G 100 -19.24 -23.27 13.54
CA GLN G 100 -20.15 -24.30 14.08
C GLN G 100 -21.29 -24.42 13.08
N CYS G 101 -21.11 -25.29 12.09
CA CYS G 101 -22.03 -25.38 10.96
C CYS G 101 -23.03 -26.51 11.17
N THR G 102 -24.31 -26.20 10.98
CA THR G 102 -25.38 -27.18 10.99
C THR G 102 -26.04 -27.21 9.61
N ASN G 103 -26.85 -28.24 9.39
CA ASN G 103 -27.53 -28.37 8.11
C ASN G 103 -28.75 -27.45 8.06
N VAL G 104 -29.26 -27.25 6.86
CA VAL G 104 -30.40 -26.38 6.59
C VAL G 104 -31.63 -27.19 6.17
N THR G 105 -31.44 -28.12 5.24
CA THR G 105 -32.56 -28.89 4.72
C THR G 105 -32.92 -30.02 5.68
N ASN G 106 -34.23 -30.16 5.95
CA ASN G 106 -34.71 -31.18 6.86
C ASN G 106 -34.95 -32.50 6.14
N ASN G 107 -35.75 -32.49 5.08
CA ASN G 107 -36.05 -33.70 4.33
C ASN G 107 -34.85 -34.08 3.47
N ILE G 108 -34.18 -35.17 3.84
CA ILE G 108 -33.02 -35.64 3.10
C ILE G 108 -33.48 -36.32 1.82
N THR G 109 -32.64 -36.25 0.79
CA THR G 109 -32.96 -36.85 -0.51
C THR G 109 -32.44 -38.28 -0.59
N MET G 112 -29.88 -30.84 -2.77
CA MET G 112 -29.24 -31.93 -2.04
C MET G 112 -29.04 -31.56 -0.58
N ARG G 113 -29.33 -32.50 0.32
CA ARG G 113 -29.18 -32.30 1.76
C ARG G 113 -27.69 -32.24 2.07
N GLY G 114 -27.19 -31.04 2.33
CA GLY G 114 -25.79 -30.81 2.58
C GLY G 114 -25.12 -29.79 1.67
N GLU G 115 -25.89 -29.05 0.87
CA GLU G 115 -25.30 -28.04 0.00
C GLU G 115 -25.03 -26.75 0.77
N LEU G 116 -25.98 -26.31 1.58
CA LEU G 116 -25.84 -25.11 2.38
C LEU G 116 -25.51 -25.47 3.82
N LYS G 117 -24.74 -24.62 4.47
CA LYS G 117 -24.34 -24.82 5.85
C LYS G 117 -24.66 -23.56 6.65
N ASN G 118 -25.25 -23.75 7.83
CA ASN G 118 -25.61 -22.64 8.72
C ASN G 118 -24.54 -22.55 9.79
N CYS G 119 -23.52 -21.74 9.54
CA CYS G 119 -22.37 -21.65 10.41
C CYS G 119 -22.45 -20.41 11.29
N SER G 120 -22.10 -20.58 12.56
CA SER G 120 -22.01 -19.50 13.53
C SER G 120 -20.59 -19.42 14.06
N PHE G 121 -20.15 -18.21 14.36
CA PHE G 121 -18.76 -18.00 14.76
C PHE G 121 -18.67 -16.71 15.56
N ASN G 122 -17.50 -16.49 16.16
CA ASN G 122 -17.20 -15.30 16.93
C ASN G 122 -16.48 -14.30 16.03
N MET G 123 -17.11 -13.15 15.82
CA MET G 123 -16.54 -12.10 14.98
C MET G 123 -16.14 -10.91 15.82
N THR G 124 -15.13 -10.18 15.35
CA THR G 124 -14.64 -9.03 16.08
C THR G 124 -15.61 -7.86 15.97
N THR G 125 -15.84 -7.18 17.09
CA THR G 125 -16.68 -6.00 17.13
C THR G 125 -15.83 -4.79 16.76
N GLU G 126 -16.49 -3.67 16.46
CA GLU G 126 -15.78 -2.43 16.16
C GLU G 126 -14.99 -1.90 17.36
N LEU G 127 -15.38 -2.28 18.58
CA LEU G 127 -14.58 -2.03 19.77
C LEU G 127 -13.78 -3.30 20.04
N ARG G 128 -12.45 -3.20 19.97
CA ARG G 128 -11.62 -4.40 20.01
C ARG G 128 -11.33 -4.87 21.44
N ASP G 129 -12.39 -4.98 22.25
CA ASP G 129 -12.32 -5.65 23.53
C ASP G 129 -13.53 -6.53 23.78
N LYS G 130 -14.50 -6.53 22.87
CA LYS G 130 -15.69 -7.38 22.97
C LYS G 130 -15.80 -8.19 21.67
N LYS G 131 -16.65 -9.21 21.72
CA LYS G 131 -16.86 -10.08 20.56
C LYS G 131 -18.35 -10.40 20.43
N GLN G 132 -18.79 -10.57 19.20
CA GLN G 132 -20.18 -10.87 18.89
C GLN G 132 -20.28 -12.26 18.30
N LYS G 133 -21.43 -12.91 18.54
CA LYS G 133 -21.72 -14.24 18.02
C LYS G 133 -22.70 -14.09 16.86
N VAL G 134 -22.17 -14.07 15.64
CA VAL G 134 -22.98 -13.90 14.45
C VAL G 134 -23.05 -15.22 13.69
N TYR G 135 -24.00 -15.31 12.76
CA TYR G 135 -24.20 -16.49 11.96
C TYR G 135 -24.32 -16.11 10.49
N SER G 136 -24.02 -17.06 9.62
CA SER G 136 -24.06 -16.82 8.18
C SER G 136 -24.24 -18.16 7.47
N LEU G 137 -24.68 -18.08 6.21
CA LEU G 137 -24.87 -19.25 5.37
C LEU G 137 -23.68 -19.40 4.44
N PHE G 138 -23.07 -20.58 4.42
CA PHE G 138 -21.96 -20.89 3.54
C PHE G 138 -22.28 -22.14 2.73
N TYR G 139 -21.73 -22.20 1.53
CA TYR G 139 -21.89 -23.37 0.68
C TYR G 139 -20.93 -24.47 1.11
N ARG G 140 -21.17 -25.69 0.61
CA ARG G 140 -20.32 -26.81 0.97
C ARG G 140 -18.94 -26.71 0.33
N LEU G 141 -18.84 -26.03 -0.82
CA LEU G 141 -17.55 -25.89 -1.49
C LEU G 141 -16.65 -24.85 -0.85
N ASP G 142 -17.14 -24.10 0.14
CA ASP G 142 -16.36 -23.09 0.82
C ASP G 142 -15.95 -23.48 2.23
N VAL G 143 -16.33 -24.66 2.69
CA VAL G 143 -16.04 -25.10 4.05
C VAL G 143 -15.39 -26.48 4.00
N VAL G 144 -14.48 -26.72 4.94
CA VAL G 144 -13.87 -28.04 5.14
C VAL G 144 -13.99 -28.39 6.61
N GLN G 145 -13.90 -29.69 6.90
CA GLN G 145 -13.97 -30.16 8.27
C GLN G 145 -12.58 -30.15 8.89
N ILE G 146 -12.49 -29.69 10.13
CA ILE G 146 -11.20 -29.61 10.82
C ILE G 146 -10.72 -31.00 11.23
N ASN G 147 -11.53 -31.71 11.99
CA ASN G 147 -11.17 -33.05 12.45
C ASN G 147 -12.12 -34.12 11.91
N LYS G 159 -19.55 -31.30 12.89
CA LYS G 159 -19.43 -29.87 13.11
C LYS G 159 -17.97 -29.45 13.14
N GLU G 160 -17.73 -28.25 13.69
CA GLU G 160 -16.40 -27.65 13.83
C GLU G 160 -15.69 -27.52 12.48
N TYR G 161 -16.29 -26.70 11.62
CA TYR G 161 -15.76 -26.43 10.30
C TYR G 161 -14.91 -25.16 10.30
N ARG G 162 -14.41 -24.80 9.12
CA ARG G 162 -13.74 -23.53 8.90
C ARG G 162 -14.00 -23.13 7.46
N LEU G 163 -13.24 -22.15 6.96
CA LEU G 163 -13.36 -21.80 5.55
C LEU G 163 -12.63 -22.83 4.70
N ILE G 164 -12.58 -22.60 3.39
CA ILE G 164 -12.12 -23.62 2.46
C ILE G 164 -10.62 -23.85 2.61
N ASN G 165 -9.81 -22.81 2.41
CA ASN G 165 -8.36 -22.98 2.53
C ASN G 165 -7.83 -22.54 3.91
N CYS G 166 -7.91 -21.23 4.19
CA CYS G 166 -7.36 -20.59 5.40
C CYS G 166 -5.92 -20.95 5.71
N ASN G 167 -5.17 -21.47 4.73
CA ASN G 167 -3.77 -21.85 4.95
C ASN G 167 -2.85 -21.47 3.81
N THR G 168 -3.35 -21.29 2.59
CA THR G 168 -2.53 -20.91 1.46
C THR G 168 -2.87 -19.54 0.89
N SER G 169 -3.97 -18.92 1.32
CA SER G 169 -4.43 -17.67 0.74
C SER G 169 -4.90 -16.72 1.83
N ALA G 170 -4.78 -15.42 1.53
CA ALA G 170 -5.32 -14.37 2.39
C ALA G 170 -6.61 -13.88 1.74
N ILE G 171 -7.74 -14.29 2.31
CA ILE G 171 -9.04 -14.04 1.68
C ILE G 171 -9.44 -12.59 1.89
N THR G 172 -9.59 -11.86 0.79
CA THR G 172 -10.14 -10.51 0.81
C THR G 172 -11.50 -10.51 0.11
N GLN G 173 -12.35 -9.59 0.53
CA GLN G 173 -13.70 -9.52 0.00
C GLN G 173 -13.69 -8.85 -1.37
N ALA G 174 -14.49 -9.39 -2.29
CA ALA G 174 -14.71 -8.72 -3.56
C ALA G 174 -15.46 -7.41 -3.30
N CYS G 175 -15.13 -6.40 -4.07
CA CYS G 175 -15.49 -5.06 -3.66
C CYS G 175 -16.93 -4.78 -4.08
N PRO G 176 -17.79 -4.27 -3.19
CA PRO G 176 -19.23 -4.27 -3.48
C PRO G 176 -19.67 -3.20 -4.45
N LYS G 177 -18.95 -2.08 -4.54
CA LYS G 177 -19.40 -0.99 -5.40
C LYS G 177 -19.10 -1.25 -6.87
N VAL G 178 -18.01 -1.96 -7.17
CA VAL G 178 -17.65 -2.25 -8.55
C VAL G 178 -18.52 -3.39 -9.06
N SER G 179 -18.57 -3.57 -10.38
CA SER G 179 -19.40 -4.58 -11.00
C SER G 179 -18.54 -5.56 -11.77
N PHE G 180 -19.15 -6.70 -12.13
CA PHE G 180 -18.47 -7.75 -12.86
C PHE G 180 -18.97 -7.88 -14.30
N GLU G 181 -19.72 -6.90 -14.78
CA GLU G 181 -20.32 -6.99 -16.11
C GLU G 181 -19.25 -6.77 -17.17
N PRO G 182 -19.04 -7.70 -18.10
CA PRO G 182 -18.08 -7.49 -19.18
C PRO G 182 -18.66 -6.59 -20.26
N ILE G 183 -18.17 -5.35 -20.31
CA ILE G 183 -18.61 -4.41 -21.34
C ILE G 183 -17.56 -4.41 -22.45
N PRO G 184 -17.95 -4.16 -23.71
CA PRO G 184 -17.00 -4.28 -24.82
C PRO G 184 -15.94 -3.19 -24.77
N ILE G 185 -14.69 -3.60 -24.95
CA ILE G 185 -13.56 -2.67 -25.02
C ILE G 185 -12.90 -2.83 -26.39
N HIS G 186 -12.16 -1.80 -26.78
CA HIS G 186 -11.44 -1.77 -28.05
C HIS G 186 -9.95 -1.59 -27.80
N TYR G 187 -9.16 -1.97 -28.79
CA TYR G 187 -7.70 -1.92 -28.68
C TYR G 187 -7.17 -1.14 -29.88
N CYS G 188 -6.85 0.13 -29.67
CA CYS G 188 -6.48 0.99 -30.78
C CYS G 188 -4.97 1.26 -30.79
N ALA G 189 -4.40 1.25 -32.02
CA ALA G 189 -2.99 1.33 -32.34
C ALA G 189 -2.50 2.78 -32.27
N PRO G 190 -1.26 3.00 -31.86
CA PRO G 190 -0.72 4.37 -31.82
C PRO G 190 -0.40 4.92 -33.20
N ALA G 191 0.16 6.13 -33.24
CA ALA G 191 0.55 6.72 -34.51
C ALA G 191 1.73 5.97 -35.12
N GLY G 192 1.66 5.72 -36.43
CA GLY G 192 2.67 4.97 -37.12
C GLY G 192 2.41 3.49 -37.22
N PHE G 193 1.41 2.98 -36.53
CA PHE G 193 1.03 1.58 -36.58
C PHE G 193 -0.37 1.44 -37.14
N ALA G 194 -0.67 0.25 -37.68
CA ALA G 194 -1.97 -0.02 -38.26
C ALA G 194 -2.40 -1.43 -37.90
N ILE G 195 -3.71 -1.64 -37.92
CA ILE G 195 -4.32 -2.94 -37.62
C ILE G 195 -4.98 -3.45 -38.89
N LEU G 196 -4.62 -4.66 -39.32
CA LEU G 196 -5.17 -5.27 -40.51
C LEU G 196 -6.20 -6.31 -40.12
N LYS G 197 -7.39 -6.21 -40.68
CA LYS G 197 -8.48 -7.13 -40.41
C LYS G 197 -8.70 -8.04 -41.62
N CYS G 198 -8.68 -9.35 -41.39
CA CYS G 198 -8.93 -10.32 -42.44
C CYS G 198 -10.41 -10.64 -42.50
N LYS G 199 -11.01 -10.45 -43.68
CA LYS G 199 -12.44 -10.68 -43.87
C LYS G 199 -12.72 -11.92 -44.71
N ASP G 200 -11.74 -12.80 -44.87
CA ASP G 200 -11.93 -14.02 -45.65
C ASP G 200 -12.72 -15.03 -44.82
N LYS G 201 -13.75 -15.60 -45.45
CA LYS G 201 -14.63 -16.54 -44.74
C LYS G 201 -13.96 -17.90 -44.57
N LYS G 202 -13.45 -18.47 -45.66
CA LYS G 202 -12.77 -19.77 -45.61
C LYS G 202 -11.31 -19.56 -45.23
N PHE G 203 -11.10 -19.14 -43.98
CA PHE G 203 -9.78 -18.79 -43.47
C PHE G 203 -9.63 -19.40 -42.08
N ASN G 204 -8.71 -20.36 -41.95
CA ASN G 204 -8.40 -20.95 -40.66
C ASN G 204 -7.38 -20.07 -39.93
N GLY G 205 -6.74 -20.62 -38.90
CA GLY G 205 -5.84 -19.82 -38.08
C GLY G 205 -4.62 -19.31 -38.83
N THR G 206 -3.87 -20.23 -39.43
CA THR G 206 -2.63 -19.89 -40.12
C THR G 206 -2.84 -19.98 -41.63
N GLY G 207 -2.42 -18.94 -42.35
CA GLY G 207 -2.54 -18.91 -43.79
C GLY G 207 -2.69 -17.50 -44.33
N PRO G 208 -2.45 -17.34 -45.63
CA PRO G 208 -2.63 -16.01 -46.24
C PRO G 208 -4.10 -15.64 -46.34
N CYS G 209 -4.35 -14.35 -46.40
CA CYS G 209 -5.71 -13.80 -46.46
C CYS G 209 -5.79 -12.83 -47.62
N PRO G 210 -6.45 -13.20 -48.73
CA PRO G 210 -6.53 -12.30 -49.88
C PRO G 210 -7.61 -11.22 -49.76
N ASN G 211 -8.37 -11.21 -48.67
CA ASN G 211 -9.41 -10.20 -48.45
C ASN G 211 -9.10 -9.53 -47.12
N VAL G 212 -8.24 -8.51 -47.16
CA VAL G 212 -7.77 -7.84 -45.95
C VAL G 212 -8.04 -6.35 -46.09
N SER G 213 -8.52 -5.75 -45.01
CA SER G 213 -8.74 -4.32 -44.92
C SER G 213 -8.08 -3.81 -43.65
N THR G 214 -7.94 -2.48 -43.54
CA THR G 214 -7.38 -1.86 -42.35
C THR G 214 -8.48 -1.19 -41.56
N VAL G 215 -8.25 -1.07 -40.26
CA VAL G 215 -9.17 -0.40 -39.35
C VAL G 215 -8.34 0.50 -38.44
N GLN G 216 -9.01 1.50 -37.85
CA GLN G 216 -8.39 2.22 -36.77
C GLN G 216 -8.22 1.31 -35.56
N CYS G 217 -9.28 0.56 -35.21
CA CYS G 217 -9.23 -0.50 -34.22
C CYS G 217 -10.44 -1.42 -34.32
N THR G 218 -10.42 -2.43 -33.46
CA THR G 218 -11.25 -3.63 -33.58
C THR G 218 -12.69 -3.37 -33.19
N HIS G 219 -13.50 -4.43 -33.21
CA HIS G 219 -14.89 -4.38 -32.80
C HIS G 219 -14.99 -4.51 -31.28
N GLY G 220 -16.20 -4.65 -30.77
CA GLY G 220 -16.41 -4.80 -29.35
C GLY G 220 -16.02 -6.17 -28.84
N ILE G 221 -14.94 -6.24 -28.05
CA ILE G 221 -14.45 -7.48 -27.48
C ILE G 221 -14.84 -7.49 -26.01
N LYS G 222 -15.76 -8.38 -25.65
CA LYS G 222 -16.19 -8.51 -24.27
C LYS G 222 -15.28 -9.48 -23.52
N PRO G 223 -14.63 -9.06 -22.43
CA PRO G 223 -13.76 -9.97 -21.68
C PRO G 223 -14.55 -10.95 -20.80
N VAL G 224 -15.16 -11.93 -21.46
CA VAL G 224 -15.96 -12.94 -20.78
C VAL G 224 -15.04 -14.08 -20.34
N VAL G 225 -15.15 -14.47 -19.07
CA VAL G 225 -14.33 -15.53 -18.49
C VAL G 225 -15.16 -16.80 -18.46
N SER G 226 -14.76 -17.79 -19.25
CA SER G 226 -15.42 -19.08 -19.26
C SER G 226 -14.39 -20.14 -19.64
N THR G 227 -14.73 -21.41 -19.40
CA THR G 227 -13.80 -22.50 -19.58
C THR G 227 -14.21 -23.46 -20.70
N GLN G 228 -15.42 -24.00 -20.66
CA GLN G 228 -15.82 -25.02 -21.62
C GLN G 228 -16.64 -24.46 -22.77
N LEU G 229 -17.53 -23.51 -22.52
CA LEU G 229 -18.37 -22.93 -23.56
C LEU G 229 -18.07 -21.44 -23.68
N LEU G 230 -17.78 -21.00 -24.90
CA LEU G 230 -17.49 -19.59 -25.17
C LEU G 230 -18.81 -18.82 -25.21
N LEU G 231 -19.04 -18.00 -24.18
CA LEU G 231 -20.29 -17.26 -24.05
C LEU G 231 -20.12 -15.83 -24.54
N ASN G 232 -21.13 -15.34 -25.26
CA ASN G 232 -21.21 -13.95 -25.74
C ASN G 232 -20.01 -13.59 -26.62
N GLY G 233 -19.78 -14.39 -27.66
CA GLY G 233 -18.67 -14.20 -28.56
C GLY G 233 -19.09 -13.80 -29.95
N SER G 234 -18.11 -13.78 -30.85
CA SER G 234 -18.34 -13.46 -32.25
C SER G 234 -18.61 -14.74 -33.03
N LEU G 235 -19.61 -14.71 -33.90
CA LEU G 235 -20.03 -15.88 -34.64
C LEU G 235 -19.35 -15.92 -36.00
N ALA G 236 -19.49 -17.06 -36.67
CA ALA G 236 -18.96 -17.22 -38.02
C ALA G 236 -19.93 -16.61 -39.03
N GLU G 237 -19.61 -16.75 -40.32
CA GLU G 237 -20.40 -16.18 -41.38
C GLU G 237 -21.24 -17.20 -42.14
N GLU G 238 -20.62 -18.26 -42.65
CA GLU G 238 -21.32 -19.24 -43.48
C GLU G 238 -21.43 -20.60 -42.81
N GLU G 239 -20.32 -21.19 -42.36
CA GLU G 239 -20.32 -22.53 -41.80
C GLU G 239 -19.56 -22.52 -40.48
N VAL G 240 -19.61 -23.65 -39.77
CA VAL G 240 -18.91 -23.80 -38.51
C VAL G 240 -17.43 -23.93 -38.79
N MET G 241 -16.63 -23.06 -38.19
CA MET G 241 -15.19 -23.05 -38.39
C MET G 241 -14.49 -23.73 -37.24
N ILE G 242 -13.52 -24.60 -37.56
CA ILE G 242 -12.74 -25.33 -36.58
C ILE G 242 -11.29 -24.91 -36.72
N ARG G 243 -10.75 -24.27 -35.69
CA ARG G 243 -9.40 -23.74 -35.70
C ARG G 243 -8.58 -24.40 -34.61
N SER G 244 -7.34 -24.75 -34.95
CA SER G 244 -6.41 -25.32 -33.98
C SER G 244 -5.00 -25.04 -34.47
N GLU G 245 -4.04 -25.09 -33.52
CA GLU G 245 -2.65 -24.90 -33.90
C GLU G 245 -2.13 -26.08 -34.71
N ASN G 246 -2.45 -27.30 -34.27
CA ASN G 246 -2.11 -28.50 -35.04
C ASN G 246 -3.08 -29.60 -34.64
N ILE G 247 -3.72 -30.20 -35.64
CA ILE G 247 -4.68 -31.27 -35.37
C ILE G 247 -3.98 -32.54 -34.94
N THR G 248 -2.73 -32.74 -35.40
CA THR G 248 -2.01 -33.96 -35.06
C THR G 248 -1.59 -33.98 -33.59
N ASN G 249 -1.17 -32.83 -33.07
CA ASN G 249 -0.77 -32.73 -31.67
C ASN G 249 -2.01 -32.71 -30.80
N ASN G 250 -2.19 -33.77 -30.00
CA ASN G 250 -3.38 -33.87 -29.15
C ASN G 250 -3.31 -32.99 -27.91
N ALA G 251 -2.16 -32.39 -27.63
CA ALA G 251 -2.02 -31.48 -26.48
C ALA G 251 -2.50 -30.07 -26.79
N LYS G 252 -3.00 -29.82 -27.99
CA LYS G 252 -3.50 -28.50 -28.36
C LYS G 252 -5.02 -28.50 -28.33
N ASN G 253 -5.59 -27.49 -27.68
CA ASN G 253 -7.04 -27.42 -27.56
C ASN G 253 -7.66 -26.99 -28.88
N ILE G 254 -8.65 -27.75 -29.34
CA ILE G 254 -9.34 -27.46 -30.59
C ILE G 254 -10.38 -26.39 -30.34
N LEU G 255 -10.29 -25.28 -31.06
CA LEU G 255 -11.23 -24.17 -30.91
C LEU G 255 -12.30 -24.27 -31.98
N VAL G 256 -13.56 -24.28 -31.56
CA VAL G 256 -14.71 -24.35 -32.45
C VAL G 256 -15.45 -23.03 -32.38
N GLN G 257 -15.94 -22.56 -33.52
CA GLN G 257 -16.71 -21.33 -33.61
C GLN G 257 -18.01 -21.62 -34.35
N PHE G 258 -19.13 -21.30 -33.72
CA PHE G 258 -20.44 -21.58 -34.31
C PHE G 258 -20.84 -20.48 -35.27
N ASN G 259 -21.78 -20.82 -36.16
CA ASN G 259 -22.37 -19.85 -37.07
C ASN G 259 -23.78 -19.43 -36.66
N THR G 260 -24.44 -20.23 -35.84
CA THR G 260 -25.74 -19.91 -35.26
C THR G 260 -25.64 -19.96 -33.74
N PRO G 261 -26.34 -19.09 -33.03
CA PRO G 261 -26.23 -19.07 -31.56
C PRO G 261 -27.09 -20.14 -30.90
N VAL G 262 -26.60 -20.63 -29.78
CA VAL G 262 -27.32 -21.59 -28.94
C VAL G 262 -27.65 -20.88 -27.64
N GLN G 263 -28.92 -20.57 -27.44
CA GLN G 263 -29.34 -19.80 -26.27
C GLN G 263 -29.35 -20.69 -25.03
N ILE G 264 -28.78 -20.17 -23.94
CA ILE G 264 -28.73 -20.88 -22.67
C ILE G 264 -29.34 -19.99 -21.60
N ASN G 265 -30.20 -20.57 -20.76
CA ASN G 265 -30.90 -19.85 -19.71
C ASN G 265 -30.43 -20.39 -18.36
N CYS G 266 -29.61 -19.61 -17.67
CA CYS G 266 -29.08 -19.99 -16.36
C CYS G 266 -29.74 -19.14 -15.29
N THR G 267 -29.99 -19.74 -14.12
CA THR G 267 -30.69 -19.05 -13.06
C THR G 267 -30.22 -19.56 -11.71
N ARG G 268 -30.53 -18.79 -10.67
CA ARG G 268 -30.32 -19.18 -9.28
C ARG G 268 -31.60 -18.81 -8.52
N PRO G 269 -32.53 -19.76 -8.38
CA PRO G 269 -33.85 -19.42 -7.84
C PRO G 269 -33.89 -19.20 -6.34
N ASN G 270 -32.77 -19.29 -5.63
CA ASN G 270 -32.75 -19.04 -4.19
C ASN G 270 -32.80 -17.54 -3.94
N ASN G 271 -33.87 -17.08 -3.29
CA ASN G 271 -34.04 -15.67 -2.96
C ASN G 271 -33.25 -15.38 -1.69
N ASN G 272 -32.00 -14.95 -1.88
CA ASN G 272 -31.10 -14.71 -0.76
C ASN G 272 -31.24 -13.29 -0.23
N THR G 273 -30.91 -13.13 1.05
CA THR G 273 -30.87 -11.83 1.70
C THR G 273 -29.45 -11.55 2.18
N ARG G 274 -29.06 -10.28 2.14
CA ARG G 274 -27.72 -9.85 2.48
C ARG G 274 -27.76 -9.02 3.76
N LYS G 275 -27.04 -9.47 4.78
CA LYS G 275 -26.91 -8.75 6.04
C LYS G 275 -25.50 -8.20 6.19
N SER G 276 -25.40 -7.06 6.86
CA SER G 276 -24.12 -6.38 7.04
C SER G 276 -23.62 -6.63 8.46
N ILE G 277 -22.35 -7.02 8.56
CA ILE G 277 -21.70 -7.29 9.85
C ILE G 277 -20.48 -6.40 9.95
N ARG G 278 -20.47 -5.52 10.95
CA ARG G 278 -19.34 -4.63 11.17
C ARG G 278 -18.24 -5.39 11.90
N ILE G 279 -17.14 -5.67 11.20
CA ILE G 279 -16.03 -6.42 11.77
C ILE G 279 -14.89 -5.52 12.22
N GLY G 280 -15.02 -4.21 12.05
CA GLY G 280 -14.00 -3.28 12.48
C GLY G 280 -14.43 -1.85 12.29
N PRO G 281 -13.53 -0.90 12.57
CA PRO G 281 -13.88 0.51 12.37
C PRO G 281 -13.97 0.88 10.91
N GLY G 282 -15.19 1.08 10.42
CA GLY G 282 -15.39 1.43 9.03
C GLY G 282 -15.22 0.29 8.05
N GLN G 283 -15.29 -0.96 8.51
CA GLN G 283 -15.15 -2.12 7.66
C GLN G 283 -16.33 -3.05 7.88
N ALA G 284 -17.07 -3.33 6.83
CA ALA G 284 -18.26 -4.17 6.90
C ALA G 284 -18.02 -5.47 6.13
N PHE G 285 -18.73 -6.53 6.54
CA PHE G 285 -18.65 -7.83 5.92
C PHE G 285 -20.06 -8.29 5.57
N TYR G 286 -20.33 -8.48 4.28
CA TYR G 286 -21.66 -8.83 3.81
C TYR G 286 -21.84 -10.34 3.91
N ALA G 287 -22.57 -10.78 4.93
CA ALA G 287 -22.85 -12.19 5.12
C ALA G 287 -24.13 -12.55 4.38
N THR G 288 -24.61 -13.78 4.58
CA THR G 288 -25.84 -14.26 3.95
C THR G 288 -26.84 -14.60 5.05
N GLY G 289 -27.95 -13.86 5.08
CA GLY G 289 -28.98 -14.08 6.07
C GLY G 289 -29.88 -15.24 5.72
N ASP G 290 -31.16 -15.10 6.06
CA ASP G 290 -32.13 -16.15 5.75
C ASP G 290 -32.46 -16.13 4.26
N ILE G 291 -32.98 -17.26 3.78
CA ILE G 291 -33.43 -17.41 2.40
C ILE G 291 -34.95 -17.39 2.41
N ILE G 292 -35.52 -16.34 1.83
CA ILE G 292 -36.98 -16.14 1.84
C ILE G 292 -37.56 -16.97 0.70
N GLY G 293 -38.11 -18.13 1.04
CA GLY G 293 -38.73 -18.98 0.04
C GLY G 293 -38.29 -20.43 0.11
N ASP G 294 -38.28 -21.09 -1.05
CA ASP G 294 -37.90 -22.50 -1.12
C ASP G 294 -36.40 -22.64 -1.35
N ILE G 295 -35.84 -23.72 -0.83
CA ILE G 295 -34.45 -24.06 -1.06
C ILE G 295 -34.38 -24.87 -2.36
N ARG G 296 -33.88 -24.24 -3.41
CA ARG G 296 -33.78 -24.87 -4.72
C ARG G 296 -32.33 -24.87 -5.20
N GLN G 297 -32.11 -25.52 -6.33
CA GLN G 297 -30.78 -25.69 -6.89
C GLN G 297 -30.65 -24.89 -8.18
N ALA G 298 -29.52 -24.21 -8.34
CA ALA G 298 -29.25 -23.47 -9.56
C ALA G 298 -29.01 -24.43 -10.72
N HIS G 299 -29.45 -24.03 -11.90
CA HIS G 299 -29.37 -24.89 -13.07
C HIS G 299 -29.31 -24.03 -14.33
N CYS G 300 -29.12 -24.69 -15.47
CA CYS G 300 -29.11 -24.05 -16.78
C CYS G 300 -29.90 -24.90 -17.75
N ASN G 301 -30.46 -24.25 -18.76
CA ASN G 301 -31.29 -24.92 -19.75
C ASN G 301 -30.81 -24.58 -21.15
N VAL G 302 -30.68 -25.61 -21.99
CA VAL G 302 -30.42 -25.44 -23.41
C VAL G 302 -31.47 -26.24 -24.19
N SER G 303 -31.72 -25.81 -25.41
CA SER G 303 -32.71 -26.48 -26.26
C SER G 303 -32.11 -27.78 -26.80
N LYS G 304 -32.81 -28.89 -26.57
CA LYS G 304 -32.31 -30.18 -27.03
C LYS G 304 -32.41 -30.32 -28.55
N ALA G 305 -33.40 -29.66 -29.16
CA ALA G 305 -33.51 -29.71 -30.62
C ALA G 305 -32.43 -28.85 -31.26
N THR G 306 -32.06 -27.74 -30.63
CA THR G 306 -31.02 -26.88 -31.17
C THR G 306 -29.62 -27.46 -30.93
N TRP G 307 -29.45 -28.17 -29.82
CA TRP G 307 -28.13 -28.72 -29.50
C TRP G 307 -27.75 -29.86 -30.43
N ASN G 308 -28.71 -30.70 -30.82
CA ASN G 308 -28.42 -31.75 -31.79
C ASN G 308 -28.20 -31.17 -33.18
N GLU G 309 -28.88 -30.06 -33.49
CA GLU G 309 -28.65 -29.40 -34.77
C GLU G 309 -27.28 -28.72 -34.80
N THR G 310 -26.86 -28.14 -33.67
CA THR G 310 -25.55 -27.49 -33.62
C THR G 310 -24.42 -28.52 -33.59
N LEU G 311 -24.59 -29.58 -32.80
CA LEU G 311 -23.57 -30.63 -32.75
C LEU G 311 -23.53 -31.44 -34.04
N GLY G 312 -24.63 -31.46 -34.80
CA GLY G 312 -24.62 -32.13 -36.09
C GLY G 312 -23.80 -31.43 -37.15
N LYS G 313 -23.53 -30.14 -36.97
CA LYS G 313 -22.68 -29.40 -37.90
C LYS G 313 -21.21 -29.50 -37.54
N VAL G 314 -20.89 -29.63 -36.24
CA VAL G 314 -19.50 -29.77 -35.83
C VAL G 314 -18.95 -31.13 -36.26
N VAL G 315 -19.79 -32.17 -36.21
CA VAL G 315 -19.34 -33.49 -36.62
C VAL G 315 -19.21 -33.56 -38.14
N LYS G 316 -19.89 -32.66 -38.86
CA LYS G 316 -19.72 -32.60 -40.31
C LYS G 316 -18.42 -31.91 -40.67
N GLN G 317 -18.03 -30.88 -39.92
CA GLN G 317 -16.78 -30.17 -40.18
C GLN G 317 -15.57 -30.86 -39.57
N LEU G 318 -15.77 -31.72 -38.57
CA LEU G 318 -14.64 -32.45 -37.99
C LEU G 318 -14.15 -33.55 -38.91
N ARG G 319 -14.99 -34.06 -39.80
CA ARG G 319 -14.60 -35.13 -40.70
C ARG G 319 -13.76 -34.65 -41.87
N LYS G 320 -13.48 -33.35 -41.97
CA LYS G 320 -12.59 -32.87 -43.02
C LYS G 320 -11.13 -33.06 -42.65
N HIS G 321 -10.79 -32.99 -41.36
CA HIS G 321 -9.43 -33.23 -40.89
C HIS G 321 -9.17 -34.69 -40.58
N PHE G 322 -10.21 -35.53 -40.57
CA PHE G 322 -10.06 -36.96 -40.33
C PHE G 322 -10.70 -37.74 -41.46
N GLY G 323 -10.88 -39.04 -41.28
CA GLY G 323 -11.49 -39.86 -42.31
C GLY G 323 -12.96 -39.55 -42.52
N ASN G 324 -13.48 -40.03 -43.65
CA ASN G 324 -14.88 -39.80 -43.97
C ASN G 324 -15.81 -40.73 -43.21
N ASN G 325 -15.37 -41.94 -42.90
CA ASN G 325 -16.21 -42.95 -42.25
C ASN G 325 -15.71 -43.27 -40.85
N THR G 326 -15.27 -42.25 -40.13
CA THR G 326 -14.82 -42.43 -38.76
C THR G 326 -15.96 -42.18 -37.78
N ILE G 327 -15.85 -42.78 -36.60
CA ILE G 327 -16.84 -42.65 -35.54
C ILE G 327 -16.37 -41.57 -34.58
N ILE G 328 -17.12 -40.47 -34.51
CA ILE G 328 -16.77 -39.33 -33.66
C ILE G 328 -17.66 -39.37 -32.43
N ARG G 329 -17.03 -39.49 -31.26
CA ARG G 329 -17.74 -39.56 -29.99
C ARG G 329 -17.53 -38.28 -29.20
N PHE G 330 -18.41 -38.05 -28.23
CA PHE G 330 -18.32 -36.91 -27.34
C PHE G 330 -18.51 -37.40 -25.91
N ALA G 331 -17.47 -37.30 -25.09
CA ALA G 331 -17.51 -37.67 -23.69
C ALA G 331 -17.36 -36.43 -22.83
N ASN G 332 -17.64 -36.60 -21.54
CA ASN G 332 -17.54 -35.49 -20.59
C ASN G 332 -16.09 -35.34 -20.12
N SER G 333 -15.86 -34.47 -19.15
CA SER G 333 -14.49 -34.16 -18.73
C SER G 333 -13.86 -35.33 -17.97
N SER G 334 -12.54 -35.38 -18.03
CA SER G 334 -11.80 -36.49 -17.43
C SER G 334 -11.34 -36.21 -16.00
N GLY G 335 -11.22 -34.95 -15.61
CA GLY G 335 -10.78 -34.62 -14.28
C GLY G 335 -10.17 -33.24 -14.22
N GLY G 336 -9.44 -32.99 -13.14
CA GLY G 336 -8.85 -31.71 -12.85
C GLY G 336 -9.55 -31.02 -11.69
N ASP G 337 -9.22 -29.75 -11.50
CA ASP G 337 -9.94 -28.97 -10.51
C ASP G 337 -11.33 -28.61 -11.03
N LEU G 338 -12.13 -28.00 -10.15
CA LEU G 338 -13.52 -27.69 -10.46
C LEU G 338 -13.66 -26.64 -11.56
N GLU G 339 -12.63 -25.85 -11.81
CA GLU G 339 -12.72 -24.82 -12.84
C GLU G 339 -12.72 -25.42 -14.24
N VAL G 340 -11.95 -26.49 -14.47
CA VAL G 340 -11.79 -27.03 -15.81
C VAL G 340 -12.69 -28.24 -16.09
N THR G 341 -13.30 -28.84 -15.07
CA THR G 341 -14.19 -29.98 -15.32
C THR G 341 -15.65 -29.56 -15.38
N THR G 342 -15.97 -28.32 -15.04
CA THR G 342 -17.33 -27.81 -15.07
C THR G 342 -17.34 -26.47 -15.79
N HIS G 343 -18.48 -26.16 -16.41
CA HIS G 343 -18.65 -24.90 -17.12
C HIS G 343 -18.81 -23.79 -16.09
N SER G 344 -17.81 -22.91 -16.00
CA SER G 344 -17.81 -21.83 -15.03
C SER G 344 -17.97 -20.48 -15.73
N PHE G 345 -18.77 -19.61 -15.13
CA PHE G 345 -18.98 -18.26 -15.65
C PHE G 345 -19.34 -17.35 -14.48
N ASN G 346 -19.83 -16.15 -14.81
CA ASN G 346 -20.04 -15.09 -13.83
C ASN G 346 -21.42 -14.46 -14.03
N CYS G 347 -22.45 -15.29 -14.09
CA CYS G 347 -23.82 -14.82 -14.29
C CYS G 347 -24.33 -13.99 -13.12
N GLY G 348 -24.54 -12.70 -13.36
CA GLY G 348 -25.14 -11.82 -12.36
C GLY G 348 -24.28 -11.53 -11.16
N GLY G 349 -22.96 -11.67 -11.26
CA GLY G 349 -22.06 -11.44 -10.16
C GLY G 349 -21.73 -12.66 -9.34
N GLU G 350 -22.50 -13.73 -9.45
CA GLU G 350 -22.22 -14.98 -8.75
C GLU G 350 -21.53 -15.95 -9.69
N PHE G 351 -20.64 -16.76 -9.12
CA PHE G 351 -19.84 -17.71 -9.89
C PHE G 351 -20.54 -19.07 -9.90
N PHE G 352 -20.75 -19.59 -11.10
CA PHE G 352 -21.42 -20.88 -11.29
C PHE G 352 -20.40 -21.95 -11.65
N TYR G 353 -20.80 -23.21 -11.44
CA TYR G 353 -19.98 -24.35 -11.82
C TYR G 353 -20.95 -25.45 -12.26
N CYS G 354 -21.20 -25.54 -13.57
CA CYS G 354 -22.27 -26.36 -14.11
C CYS G 354 -21.74 -27.69 -14.64
N ASN G 355 -22.42 -28.76 -14.26
CA ASN G 355 -22.09 -30.11 -14.71
C ASN G 355 -22.54 -30.28 -16.16
N THR G 356 -21.61 -30.56 -17.05
CA THR G 356 -21.87 -30.65 -18.48
C THR G 356 -21.78 -32.09 -18.99
N SER G 357 -22.28 -33.04 -18.20
CA SER G 357 -22.29 -34.43 -18.62
C SER G 357 -23.48 -34.75 -19.52
N GLY G 358 -24.39 -33.80 -19.75
CA GLY G 358 -25.53 -34.02 -20.60
C GLY G 358 -25.33 -33.49 -22.00
N LEU G 359 -24.46 -32.49 -22.14
CA LEU G 359 -24.18 -31.92 -23.45
C LEU G 359 -23.27 -32.85 -24.26
N PHE G 360 -22.10 -33.17 -23.71
CA PHE G 360 -21.11 -33.99 -24.42
C PHE G 360 -21.29 -35.46 -24.06
N ASN G 361 -22.44 -36.00 -24.45
CA ASN G 361 -22.75 -37.43 -24.28
C ASN G 361 -23.47 -37.87 -25.56
N SER G 362 -22.70 -38.27 -26.56
CA SER G 362 -23.25 -38.67 -27.85
C SER G 362 -22.27 -39.60 -28.55
N THR G 363 -22.74 -40.22 -29.62
CA THR G 363 -21.90 -41.03 -30.50
C THR G 363 -22.46 -40.94 -31.90
N TRP G 364 -21.67 -40.41 -32.83
CA TRP G 364 -22.14 -40.11 -34.18
C TRP G 364 -21.56 -41.13 -35.16
N ILE G 365 -22.38 -42.11 -35.53
CA ILE G 365 -22.00 -43.08 -36.55
C ILE G 365 -22.11 -42.43 -37.92
N SER G 366 -21.11 -42.63 -38.76
CA SER G 366 -21.13 -42.04 -40.09
C SER G 366 -22.19 -42.68 -40.96
N ASN G 367 -22.82 -41.86 -41.80
CA ASN G 367 -23.92 -42.24 -42.71
C ASN G 367 -25.07 -42.91 -41.97
N ASN G 379 -39.35 -29.04 -27.88
CA ASN G 379 -39.87 -28.33 -26.72
C ASN G 379 -39.12 -28.75 -25.46
N ASP G 380 -38.49 -29.92 -25.52
CA ASP G 380 -37.75 -30.44 -24.37
C ASP G 380 -36.42 -29.72 -24.23
N SER G 381 -35.98 -29.56 -22.98
CA SER G 381 -34.75 -28.85 -22.67
C SER G 381 -33.84 -29.73 -21.81
N ILE G 382 -32.54 -29.52 -21.97
CA ILE G 382 -31.54 -30.23 -21.19
C ILE G 382 -31.23 -29.42 -19.94
N THR G 383 -31.47 -30.00 -18.78
CA THR G 383 -31.22 -29.33 -17.50
C THR G 383 -29.83 -29.69 -17.00
N LEU G 384 -29.00 -28.67 -16.81
CA LEU G 384 -27.63 -28.87 -16.34
C LEU G 384 -27.53 -28.45 -14.89
N PRO G 385 -27.30 -29.36 -13.94
CA PRO G 385 -27.18 -28.97 -12.54
C PRO G 385 -25.87 -28.22 -12.29
N CYS G 386 -25.97 -27.10 -11.59
CA CYS G 386 -24.83 -26.24 -11.31
C CYS G 386 -24.62 -26.12 -9.81
N ARG G 387 -23.48 -25.54 -9.43
CA ARG G 387 -23.15 -25.28 -8.05
C ARG G 387 -22.58 -23.88 -7.92
N ILE G 388 -22.78 -23.29 -6.74
CA ILE G 388 -22.38 -21.91 -6.47
C ILE G 388 -21.18 -21.92 -5.54
N LYS G 389 -20.19 -21.09 -5.85
CA LYS G 389 -19.01 -20.91 -5.03
C LYS G 389 -18.82 -19.43 -4.74
N GLN G 390 -18.30 -19.12 -3.56
CA GLN G 390 -18.10 -17.74 -3.14
C GLN G 390 -16.64 -17.35 -2.97
N ILE G 391 -15.78 -18.28 -2.56
CA ILE G 391 -14.36 -18.00 -2.40
C ILE G 391 -13.64 -18.48 -3.66
N ILE G 392 -13.17 -17.54 -4.46
CA ILE G 392 -12.62 -17.81 -5.78
C ILE G 392 -11.14 -17.42 -5.79
N ASN G 393 -10.29 -18.31 -6.29
CA ASN G 393 -8.89 -18.01 -6.56
C ASN G 393 -8.64 -18.08 -8.06
N MET G 394 -8.20 -16.97 -8.64
CA MET G 394 -7.99 -16.88 -10.08
C MET G 394 -6.64 -16.23 -10.35
N TRP G 395 -6.15 -16.45 -11.58
CA TRP G 395 -4.91 -15.86 -12.09
C TRP G 395 -3.71 -16.24 -11.22
N GLN G 396 -3.68 -17.50 -10.80
CA GLN G 396 -2.61 -18.09 -9.98
C GLN G 396 -2.41 -17.32 -8.67
N GLY G 397 -3.52 -16.91 -8.04
CA GLY G 397 -3.43 -16.22 -6.78
C GLY G 397 -3.01 -14.77 -6.87
N CYS G 398 -3.16 -14.15 -8.05
CA CYS G 398 -2.84 -12.74 -8.29
C CYS G 398 -1.38 -12.43 -7.96
N GLY G 399 -0.49 -13.36 -8.28
CA GLY G 399 0.93 -13.14 -8.15
C GLY G 399 1.57 -13.63 -6.87
N ILE G 400 0.89 -13.56 -5.73
CA ILE G 400 1.51 -13.99 -4.48
C ILE G 400 0.68 -15.09 -3.82
N GLY G 401 -0.47 -14.73 -3.25
CA GLY G 401 -1.34 -15.75 -2.69
C GLY G 401 -2.82 -15.39 -2.66
N GLN G 402 -3.21 -14.26 -3.23
CA GLN G 402 -4.48 -13.64 -2.87
C GLN G 402 -5.66 -14.32 -3.55
N ALA G 403 -6.71 -14.53 -2.78
CA ALA G 403 -7.98 -15.08 -3.26
C ALA G 403 -9.03 -13.97 -3.21
N MET G 404 -10.27 -14.33 -3.52
CA MET G 404 -11.36 -13.37 -3.58
C MET G 404 -12.63 -13.98 -3.01
N TYR G 405 -13.38 -13.19 -2.24
CA TYR G 405 -14.66 -13.62 -1.66
C TYR G 405 -15.76 -12.76 -2.26
N ALA G 406 -16.57 -13.35 -3.11
CA ALA G 406 -17.66 -12.62 -3.75
C ALA G 406 -18.82 -12.45 -2.77
N PRO G 407 -19.36 -11.24 -2.61
CA PRO G 407 -20.48 -11.06 -1.70
C PRO G 407 -21.75 -11.65 -2.28
N PRO G 408 -22.71 -12.03 -1.44
CA PRO G 408 -23.97 -12.59 -1.96
C PRO G 408 -24.83 -11.52 -2.59
N ILE G 409 -25.40 -11.86 -3.74
CA ILE G 409 -26.28 -10.95 -4.47
C ILE G 409 -27.71 -11.15 -3.99
N GLN G 410 -28.34 -10.06 -3.55
CA GLN G 410 -29.70 -10.14 -3.04
C GLN G 410 -30.70 -10.29 -4.18
N GLY G 411 -31.62 -11.23 -4.05
CA GLY G 411 -32.64 -11.46 -5.03
C GLY G 411 -32.35 -12.68 -5.90
N VAL G 412 -33.22 -12.87 -6.88
CA VAL G 412 -33.10 -13.98 -7.82
C VAL G 412 -32.28 -13.52 -9.02
N ILE G 413 -31.38 -14.38 -9.48
CA ILE G 413 -30.48 -14.08 -10.58
C ILE G 413 -30.89 -14.93 -11.77
N ARG G 414 -30.92 -14.31 -12.95
CA ARG G 414 -31.25 -15.02 -14.19
C ARG G 414 -30.52 -14.36 -15.34
N CYS G 415 -29.76 -15.16 -16.09
CA CYS G 415 -29.00 -14.68 -17.23
C CYS G 415 -29.42 -15.42 -18.49
N VAL G 416 -29.44 -14.71 -19.62
CA VAL G 416 -29.72 -15.27 -20.93
C VAL G 416 -28.55 -14.92 -21.83
N SER G 417 -27.80 -15.93 -22.27
CA SER G 417 -26.61 -15.70 -23.07
C SER G 417 -26.58 -16.66 -24.24
N ASN G 418 -25.61 -16.47 -25.12
CA ASN G 418 -25.41 -17.32 -26.28
C ASN G 418 -24.21 -18.23 -26.06
N ILE G 419 -24.25 -19.39 -26.70
CA ILE G 419 -23.13 -20.32 -26.74
C ILE G 419 -22.56 -20.25 -28.15
N THR G 420 -21.43 -19.57 -28.31
CA THR G 420 -20.85 -19.30 -29.62
C THR G 420 -19.54 -20.05 -29.84
N GLY G 421 -19.44 -21.26 -29.31
CA GLY G 421 -18.28 -22.09 -29.56
C GLY G 421 -17.91 -22.94 -28.36
N LEU G 422 -17.10 -23.95 -28.61
CA LEU G 422 -16.63 -24.87 -27.59
C LEU G 422 -15.11 -24.90 -27.59
N ILE G 423 -14.54 -25.50 -26.55
CA ILE G 423 -13.11 -25.75 -26.46
C ILE G 423 -12.95 -27.25 -26.19
N LEU G 424 -12.56 -27.99 -27.22
CA LEU G 424 -12.45 -29.44 -27.15
C LEU G 424 -11.00 -29.88 -26.98
N THR G 425 -10.83 -31.16 -26.68
CA THR G 425 -9.50 -31.75 -26.54
C THR G 425 -9.59 -33.20 -26.97
N ARG G 426 -8.91 -33.55 -28.05
CA ARG G 426 -8.96 -34.90 -28.59
C ARG G 426 -8.11 -35.85 -27.76
N ASP G 427 -8.59 -37.08 -27.60
CA ASP G 427 -7.84 -38.10 -26.87
C ASP G 427 -6.87 -38.80 -27.82
N GLY G 428 -5.62 -38.90 -27.39
CA GLY G 428 -4.58 -39.49 -28.22
C GLY G 428 -4.54 -41.01 -28.11
N GLY G 429 -3.64 -41.60 -28.89
CA GLY G 429 -3.45 -43.04 -28.90
C GLY G 429 -4.35 -43.80 -29.84
N SER G 430 -5.39 -43.17 -30.40
CA SER G 430 -6.32 -43.83 -31.29
C SER G 430 -5.76 -43.81 -32.71
N THR G 431 -5.32 -44.98 -33.19
CA THR G 431 -4.79 -45.09 -34.54
C THR G 431 -5.45 -46.18 -35.38
N ASN G 432 -6.26 -47.05 -34.78
CA ASN G 432 -7.09 -47.99 -35.52
C ASN G 432 -8.54 -47.77 -35.10
N SER G 433 -9.43 -48.62 -35.62
CA SER G 433 -10.86 -48.73 -35.34
C SER G 433 -11.67 -47.51 -35.78
N THR G 434 -11.02 -46.47 -36.31
CA THR G 434 -11.65 -45.23 -36.79
C THR G 434 -12.58 -44.62 -35.73
N ASN G 435 -12.01 -44.36 -34.56
CA ASN G 435 -12.77 -43.84 -33.43
C ASN G 435 -12.01 -42.66 -32.81
N GLU G 436 -12.66 -41.51 -32.76
CA GLU G 436 -12.08 -40.31 -32.17
C GLU G 436 -13.07 -39.73 -31.17
N THR G 437 -12.62 -39.58 -29.92
CA THR G 437 -13.45 -39.04 -28.85
C THR G 437 -12.96 -37.65 -28.49
N PHE G 438 -13.90 -36.70 -28.37
CA PHE G 438 -13.58 -35.32 -28.07
C PHE G 438 -14.19 -34.94 -26.74
N ARG G 439 -13.37 -34.41 -25.83
CA ARG G 439 -13.79 -34.03 -24.50
C ARG G 439 -13.55 -32.54 -24.28
N PRO G 440 -14.42 -31.87 -23.53
CA PRO G 440 -14.25 -30.43 -23.32
C PRO G 440 -13.09 -30.14 -22.37
N GLY G 441 -12.43 -29.01 -22.62
CA GLY G 441 -11.32 -28.59 -21.80
C GLY G 441 -11.36 -27.10 -21.52
N GLY G 442 -10.20 -26.52 -21.27
CA GLY G 442 -10.13 -25.09 -21.01
C GLY G 442 -9.01 -24.79 -20.02
N GLY G 443 -9.31 -23.91 -19.08
CA GLY G 443 -8.35 -23.53 -18.06
C GLY G 443 -7.45 -22.40 -18.49
N ASP G 444 -6.78 -22.57 -19.63
CA ASP G 444 -5.97 -21.50 -20.21
C ASP G 444 -6.90 -20.41 -20.72
N MET G 445 -6.89 -19.25 -20.06
CA MET G 445 -7.80 -18.17 -20.41
C MET G 445 -7.44 -17.49 -21.72
N ARG G 446 -6.24 -17.73 -22.26
CA ARG G 446 -5.85 -17.12 -23.53
C ARG G 446 -6.71 -17.62 -24.68
N ASP G 447 -7.17 -18.87 -24.61
CA ASP G 447 -8.01 -19.42 -25.67
C ASP G 447 -9.38 -18.75 -25.76
N ASN G 448 -9.82 -18.08 -24.69
CA ASN G 448 -11.04 -17.30 -24.77
C ASN G 448 -10.87 -16.06 -25.63
N TRP G 449 -9.64 -15.55 -25.75
CA TRP G 449 -9.38 -14.39 -26.59
C TRP G 449 -8.72 -14.74 -27.91
N ARG G 450 -8.32 -16.00 -28.11
CA ARG G 450 -7.94 -16.45 -29.44
C ARG G 450 -9.13 -16.45 -30.38
N SER G 451 -10.33 -16.69 -29.86
CA SER G 451 -11.53 -16.74 -30.68
C SER G 451 -12.02 -15.35 -31.09
N GLU G 452 -11.48 -14.29 -30.51
CA GLU G 452 -11.87 -12.92 -30.82
C GLU G 452 -10.81 -12.15 -31.60
N LEU G 453 -9.54 -12.31 -31.24
CA LEU G 453 -8.44 -11.60 -31.88
C LEU G 453 -7.69 -12.45 -32.89
N TYR G 454 -8.39 -13.33 -33.60
CA TYR G 454 -7.76 -14.18 -34.60
C TYR G 454 -7.65 -13.49 -35.95
N LYS G 455 -8.50 -12.50 -36.22
CA LYS G 455 -8.56 -11.85 -37.51
C LYS G 455 -7.78 -10.54 -37.57
N TYR G 456 -7.04 -10.21 -36.52
CA TYR G 456 -6.34 -8.94 -36.44
C TYR G 456 -4.84 -9.14 -36.37
N LYS G 457 -4.09 -8.15 -36.85
CA LYS G 457 -2.65 -8.16 -36.79
C LYS G 457 -2.16 -6.72 -36.83
N VAL G 458 -1.20 -6.39 -35.97
CA VAL G 458 -0.65 -5.04 -35.89
C VAL G 458 0.62 -4.97 -36.74
N VAL G 459 0.73 -3.92 -37.54
CA VAL G 459 1.88 -3.72 -38.41
C VAL G 459 2.51 -2.36 -38.08
N LYS G 460 3.70 -2.11 -38.65
CA LYS G 460 4.44 -0.89 -38.41
C LYS G 460 4.76 -0.25 -39.75
N ILE G 461 4.31 0.98 -39.96
CA ILE G 461 4.46 1.66 -41.24
C ILE G 461 5.89 2.15 -41.39
N GLU G 462 6.51 1.82 -42.53
CA GLU G 462 7.82 2.32 -42.89
C GLU G 462 7.67 3.26 -44.08
N PRO G 463 7.60 4.57 -43.86
CA PRO G 463 7.26 5.51 -44.95
C PRO G 463 8.40 5.95 -45.83
N LEU G 464 9.61 5.43 -45.65
CA LEU G 464 10.76 5.82 -46.45
C LEU G 464 10.94 4.83 -47.59
N GLY G 465 11.11 5.35 -48.81
CA GLY G 465 11.29 4.51 -49.97
C GLY G 465 12.05 5.24 -51.06
N VAL G 466 12.84 4.49 -51.81
CA VAL G 466 13.63 5.04 -52.91
C VAL G 466 13.21 4.36 -54.20
N ALA G 467 13.36 5.10 -55.32
CA ALA G 467 12.96 4.61 -56.62
C ALA G 467 13.70 5.39 -57.69
N PRO G 468 14.07 4.76 -58.80
CA PRO G 468 14.76 5.49 -59.87
C PRO G 468 13.80 6.33 -60.70
N THR G 469 14.22 7.55 -61.00
CA THR G 469 13.43 8.49 -61.79
C THR G 469 14.40 9.27 -62.69
N ARG G 470 13.88 9.82 -63.78
CA ARG G 470 14.66 10.60 -64.73
C ARG G 470 14.74 12.08 -64.35
N ALA G 471 14.50 12.41 -63.08
CA ALA G 471 14.57 13.78 -62.61
C ALA G 471 15.99 14.11 -62.11
N LYS G 472 16.22 15.40 -61.86
CA LYS G 472 17.53 15.86 -61.44
C LYS G 472 17.36 17.01 -60.45
N ARG G 473 18.33 17.13 -59.54
CA ARG G 473 18.34 18.20 -58.56
C ARG G 473 18.82 19.48 -59.22
N ARG G 474 17.98 20.51 -59.22
CA ARG G 474 18.32 21.79 -59.82
C ARG G 474 19.36 22.50 -58.96
N VAL G 475 20.57 22.64 -59.50
CA VAL G 475 21.65 23.30 -58.77
C VAL G 475 21.58 24.81 -58.96
N LEU H 9 -8.06 7.86 -51.67
CA LEU H 9 -9.14 7.08 -51.07
C LEU H 9 -9.12 7.22 -49.55
N GLY H 10 -8.08 6.69 -48.92
CA GLY H 10 -7.96 6.75 -47.49
C GLY H 10 -6.58 6.34 -47.05
N PHE H 11 -6.47 6.00 -45.76
CA PHE H 11 -5.20 5.57 -45.20
C PHE H 11 -4.84 4.19 -45.74
N LEU H 12 -3.64 4.09 -46.33
CA LEU H 12 -3.11 2.87 -46.95
C LEU H 12 -4.00 2.33 -48.06
N GLY H 13 -4.81 3.18 -48.69
CA GLY H 13 -5.71 2.71 -49.72
C GLY H 13 -5.02 2.34 -51.02
N ALA H 14 -3.86 2.94 -51.29
CA ALA H 14 -3.11 2.67 -52.50
C ALA H 14 -2.00 1.65 -52.28
N ALA H 15 -2.20 0.71 -51.35
CA ALA H 15 -1.19 -0.31 -51.09
C ALA H 15 -1.12 -1.32 -52.22
N GLY H 16 -2.25 -1.61 -52.86
CA GLY H 16 -2.28 -2.53 -53.97
C GLY H 16 -2.12 -1.89 -55.33
N SER H 17 -2.24 -0.56 -55.41
CA SER H 17 -2.07 0.14 -56.67
C SER H 17 -0.59 0.19 -57.05
N THR H 18 -0.33 0.65 -58.27
CA THR H 18 1.04 0.72 -58.77
C THR H 18 1.81 1.84 -58.10
N MET H 19 3.12 1.85 -58.32
CA MET H 19 3.98 2.87 -57.71
C MET H 19 3.74 4.24 -58.31
N GLY H 20 3.30 4.30 -59.57
CA GLY H 20 2.99 5.58 -60.17
C GLY H 20 1.70 6.19 -59.66
N ALA H 21 0.75 5.35 -59.23
CA ALA H 21 -0.52 5.83 -58.71
C ALA H 21 -0.47 6.11 -57.21
N ALA H 22 0.35 5.36 -56.47
CA ALA H 22 0.46 5.55 -55.03
C ALA H 22 1.30 6.76 -54.65
N SER H 23 2.11 7.27 -55.58
CA SER H 23 2.96 8.43 -55.30
C SER H 23 2.19 9.75 -55.33
N MET H 24 0.98 9.76 -55.88
CA MET H 24 0.16 10.96 -55.93
C MET H 24 -0.67 11.16 -54.66
N THR H 25 -0.69 10.19 -53.77
CA THR H 25 -1.49 10.24 -52.56
C THR H 25 -0.63 10.05 -51.31
N LEU H 26 0.58 10.61 -51.34
CA LEU H 26 1.51 10.47 -50.22
C LEU H 26 1.10 11.31 -49.00
N THR H 27 0.16 12.23 -49.15
CA THR H 27 -0.22 13.10 -48.05
C THR H 27 -1.15 12.42 -47.04
N VAL H 28 -1.78 11.30 -47.41
CA VAL H 28 -2.68 10.61 -46.49
C VAL H 28 -1.95 9.59 -45.62
N GLN H 29 -0.71 9.23 -45.96
CA GLN H 29 0.09 8.35 -45.11
C GLN H 29 1.10 9.10 -44.26
N ALA H 30 1.40 10.35 -44.60
CA ALA H 30 2.30 11.16 -43.79
C ALA H 30 1.58 11.95 -42.71
N ARG H 31 0.27 12.16 -42.85
CA ARG H 31 -0.48 12.90 -41.86
C ARG H 31 -0.87 12.04 -40.67
N ASN H 32 -1.00 10.73 -40.86
CA ASN H 32 -1.43 9.82 -39.81
C ASN H 32 -0.26 9.25 -39.01
N LEU H 33 0.86 9.97 -38.92
CA LEU H 33 2.01 9.55 -38.15
C LEU H 33 2.21 10.36 -36.88
N LEU H 34 1.26 11.23 -36.54
CA LEU H 34 1.39 12.09 -35.37
C LEU H 34 0.17 12.12 -34.46
N SER H 35 -1.00 11.71 -34.94
CA SER H 35 -2.20 11.74 -34.12
C SER H 35 -2.18 10.64 -33.06
N GLU H 49 -13.50 10.68 -4.84
CA GLU H 49 -14.28 9.99 -5.85
C GLU H 49 -13.38 9.16 -6.77
N ALA H 50 -12.08 9.47 -6.74
CA ALA H 50 -11.12 8.75 -7.56
C ALA H 50 -9.81 8.44 -6.84
N GLN H 51 -9.71 8.75 -5.56
CA GLN H 51 -8.48 8.50 -4.81
C GLN H 51 -8.39 7.07 -4.28
N GLN H 52 -9.45 6.27 -4.41
CA GLN H 52 -9.41 4.89 -3.93
C GLN H 52 -8.55 4.01 -4.82
N HIS H 53 -8.47 4.33 -6.11
CA HIS H 53 -7.71 3.54 -7.08
C HIS H 53 -6.73 4.44 -7.82
N LEU H 54 -6.00 5.26 -7.06
CA LEU H 54 -5.01 6.16 -7.65
C LEU H 54 -3.82 5.42 -8.23
N LEU H 55 -3.59 4.18 -7.82
CA LEU H 55 -2.56 3.34 -8.44
C LEU H 55 -3.07 2.65 -9.70
N LYS H 56 -4.39 2.56 -9.87
CA LYS H 56 -4.95 1.89 -11.03
C LYS H 56 -4.77 2.68 -12.33
N LEU H 57 -4.50 3.98 -12.24
CA LEU H 57 -4.30 4.79 -13.43
C LEU H 57 -2.90 4.61 -14.04
N THR H 58 -2.06 3.76 -13.45
CA THR H 58 -0.81 3.40 -14.11
C THR H 58 -1.07 2.62 -15.39
N VAL H 59 -2.00 1.66 -15.32
CA VAL H 59 -2.47 0.99 -16.53
C VAL H 59 -3.24 1.98 -17.38
N TRP H 60 -2.88 2.06 -18.66
CA TRP H 60 -3.44 3.00 -19.65
C TRP H 60 -3.25 4.46 -19.24
N GLY H 61 -2.26 4.73 -18.38
CA GLY H 61 -1.85 6.09 -18.09
C GLY H 61 -0.36 6.25 -18.36
N ILE H 62 0.36 5.13 -18.28
CA ILE H 62 1.75 5.07 -18.69
C ILE H 62 1.91 4.30 -19.99
N LYS H 63 1.12 3.24 -20.21
CA LYS H 63 1.12 2.53 -21.48
C LYS H 63 0.64 3.45 -22.62
N GLN H 64 -0.35 4.28 -22.35
CA GLN H 64 -0.78 5.27 -23.35
C GLN H 64 0.24 6.40 -23.49
N LEU H 65 0.90 6.77 -22.40
CA LEU H 65 1.88 7.85 -22.45
C LEU H 65 3.15 7.40 -23.17
N GLN H 66 3.57 6.15 -22.96
CA GLN H 66 4.75 5.64 -23.65
C GLN H 66 4.50 5.45 -25.14
N ALA H 67 3.26 5.19 -25.54
CA ALA H 67 2.94 5.07 -26.94
C ALA H 67 2.95 6.41 -27.67
N ARG H 68 2.74 7.51 -26.94
CA ARG H 68 2.80 8.83 -27.57
C ARG H 68 4.22 9.34 -27.72
N VAL H 69 5.11 8.99 -26.78
CA VAL H 69 6.50 9.40 -26.88
C VAL H 69 7.21 8.63 -27.98
N LEU H 70 6.88 7.34 -28.14
CA LEU H 70 7.50 6.52 -29.17
C LEU H 70 7.08 6.96 -30.57
N ALA H 71 5.86 7.49 -30.71
CA ALA H 71 5.43 7.99 -32.01
C ALA H 71 6.15 9.27 -32.39
N VAL H 72 6.58 10.06 -31.40
CA VAL H 72 7.31 11.28 -31.69
C VAL H 72 8.75 10.99 -32.08
N GLU H 73 9.39 10.07 -31.35
CA GLU H 73 10.78 9.73 -31.65
C GLU H 73 10.91 8.99 -32.98
N ARG H 74 9.90 8.20 -33.34
CA ARG H 74 9.93 7.53 -34.64
C ARG H 74 9.67 8.50 -35.78
N TYR H 75 8.98 9.61 -35.51
CA TYR H 75 8.75 10.62 -36.53
C TYR H 75 9.94 11.54 -36.70
N LEU H 76 10.65 11.85 -35.62
CA LEU H 76 11.81 12.71 -35.70
C LEU H 76 13.02 12.02 -36.31
N ARG H 77 13.09 10.69 -36.25
CA ARG H 77 14.18 9.98 -36.91
C ARG H 77 14.04 10.02 -38.41
N ASP H 78 12.81 10.02 -38.93
CA ASP H 78 12.60 10.08 -40.37
C ASP H 78 12.81 11.50 -40.91
N GLN H 79 12.42 12.51 -40.12
CA GLN H 79 12.64 13.89 -40.53
C GLN H 79 14.10 14.29 -40.42
N GLN H 80 14.89 13.59 -39.61
CA GLN H 80 16.31 13.90 -39.53
C GLN H 80 17.07 13.36 -40.74
N LEU H 81 16.68 12.18 -41.23
CA LEU H 81 17.33 11.63 -42.42
C LEU H 81 16.98 12.43 -43.67
N LEU H 82 15.80 13.04 -43.70
CA LEU H 82 15.47 13.93 -44.82
C LEU H 82 16.26 15.22 -44.75
N GLY H 83 16.60 15.68 -43.55
CA GLY H 83 17.43 16.88 -43.41
C GLY H 83 18.88 16.63 -43.77
N ILE H 84 19.38 15.42 -43.51
CA ILE H 84 20.76 15.09 -43.87
C ILE H 84 20.90 14.96 -45.38
N TRP H 85 19.94 14.32 -46.04
CA TRP H 85 19.99 14.17 -47.49
C TRP H 85 19.64 15.45 -48.22
N GLY H 86 19.11 16.46 -47.54
CA GLY H 86 18.72 17.69 -48.19
C GLY H 86 17.30 17.74 -48.68
N CYS H 87 16.43 16.87 -48.17
CA CYS H 87 15.04 16.78 -48.60
C CYS H 87 14.09 17.12 -47.47
N SER H 88 14.42 18.15 -46.70
CA SER H 88 13.61 18.54 -45.55
C SER H 88 12.38 19.29 -46.02
N GLY H 89 11.20 18.80 -45.65
CA GLY H 89 9.95 19.45 -45.99
C GLY H 89 9.34 19.02 -47.30
N LYS H 90 10.01 18.16 -48.06
CA LYS H 90 9.50 17.69 -49.34
C LYS H 90 9.14 16.22 -49.26
N LEU H 91 8.05 15.84 -49.91
CA LEU H 91 7.64 14.44 -49.96
C LEU H 91 8.27 13.69 -51.13
N ILE H 92 8.40 14.34 -52.27
CA ILE H 92 9.07 13.77 -53.44
C ILE H 92 10.31 14.62 -53.67
N CYS H 93 11.48 14.06 -53.38
CA CYS H 93 12.74 14.77 -53.46
C CYS H 93 13.63 14.15 -54.53
N ALA H 94 14.12 14.98 -55.44
CA ALA H 94 15.06 14.54 -56.46
C ALA H 94 16.48 14.77 -55.98
N THR H 95 17.28 13.71 -55.98
CA THR H 95 18.64 13.76 -55.48
C THR H 95 19.62 13.87 -56.64
N ASN H 96 20.91 13.82 -56.33
CA ASN H 96 21.99 13.96 -57.31
C ASN H 96 22.90 12.75 -57.30
N VAL H 97 22.34 11.57 -57.12
CA VAL H 97 23.09 10.31 -57.07
C VAL H 97 22.65 9.47 -58.28
N PRO H 98 23.59 9.00 -59.10
CA PRO H 98 23.19 8.17 -60.24
C PRO H 98 22.73 6.79 -59.80
N TRP H 99 21.69 6.29 -60.46
CA TRP H 99 21.11 5.00 -60.12
C TRP H 99 21.99 3.89 -60.70
N ASN H 100 22.55 3.05 -59.83
CA ASN H 100 23.37 1.95 -60.26
C ASN H 100 22.50 0.84 -60.86
N SER H 101 22.99 0.23 -61.94
CA SER H 101 22.24 -0.83 -62.61
C SER H 101 22.35 -2.17 -61.90
N SER H 102 23.25 -2.30 -60.92
CA SER H 102 23.40 -3.56 -60.21
C SER H 102 22.29 -3.77 -59.18
N TRP H 103 21.58 -2.72 -58.79
CA TRP H 103 20.51 -2.85 -57.81
C TRP H 103 19.27 -3.49 -58.42
N SER H 104 18.82 -2.98 -59.56
CA SER H 104 17.66 -3.53 -60.25
C SER H 104 17.80 -3.23 -61.73
N ASN H 105 17.90 -4.28 -62.55
CA ASN H 105 18.04 -4.13 -63.99
C ASN H 105 16.67 -4.22 -64.68
N ARG H 106 15.77 -3.33 -64.28
CA ARG H 106 14.42 -3.28 -64.82
C ARG H 106 14.20 -1.95 -65.53
N ASN H 107 13.31 -1.95 -66.50
CA ASN H 107 12.98 -0.74 -67.23
C ASN H 107 12.15 0.20 -66.37
N LEU H 108 12.07 1.46 -66.80
CA LEU H 108 11.29 2.44 -66.05
C LEU H 108 9.79 2.22 -66.24
N SER H 109 9.39 1.63 -67.36
CA SER H 109 7.97 1.43 -67.63
C SER H 109 7.37 0.29 -66.81
N GLU H 110 8.18 -0.66 -66.36
CA GLU H 110 7.69 -1.81 -65.60
C GLU H 110 7.80 -1.60 -64.09
N ILE H 111 8.29 -0.45 -63.64
CA ILE H 111 8.38 -0.17 -62.22
C ILE H 111 7.17 0.61 -61.72
N TRP H 112 6.82 1.70 -62.42
CA TRP H 112 5.72 2.55 -62.01
C TRP H 112 4.37 2.10 -62.56
N ASP H 113 4.35 1.09 -63.44
CA ASP H 113 3.10 0.63 -64.03
C ASP H 113 2.81 -0.84 -63.80
N ASN H 114 3.73 -1.61 -63.22
CA ASN H 114 3.50 -3.04 -63.04
C ASN H 114 3.71 -3.45 -61.58
N MET H 115 4.65 -2.81 -60.90
CA MET H 115 4.99 -3.18 -59.53
C MET H 115 4.34 -2.23 -58.53
N THR H 116 4.18 -2.72 -57.31
CA THR H 116 3.64 -1.93 -56.21
C THR H 116 4.73 -1.70 -55.18
N TRP H 117 4.41 -0.86 -54.18
CA TRP H 117 5.41 -0.48 -53.19
C TRP H 117 5.72 -1.61 -52.20
N LEU H 118 4.84 -2.59 -52.08
CA LEU H 118 5.05 -3.66 -51.11
C LEU H 118 6.15 -4.61 -51.55
N GLN H 119 6.03 -5.15 -52.77
CA GLN H 119 7.05 -6.07 -53.28
C GLN H 119 8.30 -5.35 -53.74
N TRP H 120 8.25 -4.02 -53.91
CA TRP H 120 9.46 -3.28 -54.26
C TRP H 120 10.41 -3.17 -53.07
N ASP H 121 9.88 -3.17 -51.85
CA ASP H 121 10.72 -3.10 -50.66
C ASP H 121 11.55 -4.36 -50.48
N LYS H 122 11.00 -5.52 -50.88
CA LYS H 122 11.73 -6.77 -50.73
C LYS H 122 12.90 -6.89 -51.69
N GLU H 123 12.88 -6.13 -52.79
CA GLU H 123 13.96 -6.21 -53.77
C GLU H 123 15.12 -5.29 -53.42
N ILE H 124 14.88 -4.24 -52.63
CA ILE H 124 15.92 -3.27 -52.32
C ILE H 124 16.41 -3.39 -50.88
N SER H 125 15.72 -4.16 -50.02
CA SER H 125 16.11 -4.30 -48.63
C SER H 125 17.47 -4.94 -48.45
N ASN H 126 17.94 -5.70 -49.46
CA ASN H 126 19.31 -6.20 -49.43
C ASN H 126 20.32 -5.09 -49.64
N TYR H 127 19.94 -4.05 -50.39
CA TYR H 127 20.85 -2.95 -50.71
C TYR H 127 20.33 -1.60 -50.20
N THR H 128 19.43 -1.61 -49.22
CA THR H 128 18.83 -0.38 -48.73
C THR H 128 19.76 0.43 -47.85
N GLN H 129 20.87 -0.15 -47.39
CA GLN H 129 21.83 0.59 -46.59
C GLN H 129 22.94 1.22 -47.42
N ILE H 130 23.18 0.72 -48.63
CA ILE H 130 24.17 1.33 -49.51
C ILE H 130 23.64 2.62 -50.10
N ILE H 131 22.34 2.65 -50.44
CA ILE H 131 21.74 3.85 -51.00
C ILE H 131 21.61 4.93 -49.92
N TYR H 132 21.39 4.52 -48.67
CA TYR H 132 21.30 5.50 -47.59
C TYR H 132 22.65 6.13 -47.27
N GLY H 133 23.75 5.48 -47.64
CA GLY H 133 25.06 6.05 -47.43
C GLY H 133 25.49 6.95 -48.57
N LEU H 134 25.06 6.63 -49.79
CA LEU H 134 25.41 7.44 -50.94
C LEU H 134 24.66 8.76 -50.94
N LEU H 135 23.46 8.79 -50.37
CA LEU H 135 22.72 10.05 -50.26
C LEU H 135 23.33 10.96 -49.20
N GLU H 136 23.88 10.38 -48.14
CA GLU H 136 24.56 11.17 -47.13
C GLU H 136 25.88 11.72 -47.65
N GLU H 137 26.62 10.91 -48.41
CA GLU H 137 27.90 11.32 -48.96
C GLU H 137 27.78 12.34 -50.08
N SER H 138 26.60 12.50 -50.67
CA SER H 138 26.41 13.45 -51.76
C SER H 138 26.06 14.84 -51.27
N GLN H 139 25.37 14.96 -50.13
CA GLN H 139 24.96 16.28 -49.65
C GLN H 139 26.13 17.01 -48.99
N ASN H 140 26.88 16.33 -48.12
CA ASN H 140 28.03 16.96 -47.48
C ASN H 140 29.13 17.28 -48.48
N GLN H 141 29.23 16.51 -49.56
CA GLN H 141 30.13 16.88 -50.65
C GLN H 141 29.65 18.12 -51.37
N GLN H 142 28.37 18.21 -51.69
CA GLN H 142 27.79 19.36 -52.37
C GLN H 142 27.79 20.61 -51.50
N GLU H 143 27.57 20.44 -50.19
CA GLU H 143 27.62 21.58 -49.28
C GLU H 143 29.04 22.13 -49.12
N LYS H 144 30.05 21.30 -49.39
CA LYS H 144 31.43 21.74 -49.24
C LYS H 144 31.88 22.66 -50.37
N ASN H 145 31.32 22.48 -51.57
CA ASN H 145 31.74 23.31 -52.71
C ASN H 145 31.20 24.73 -52.57
N GLU H 146 29.87 24.87 -52.52
CA GLU H 146 29.26 26.19 -52.53
C GLU H 146 29.31 26.88 -51.17
N GLN H 147 29.38 26.10 -50.09
CA GLN H 147 29.43 26.59 -48.70
C GLN H 147 28.29 27.54 -48.36
N GLN I 1 20.23 -29.72 -11.90
CA GLN I 1 19.24 -29.34 -10.90
C GLN I 1 17.86 -29.88 -11.28
N VAL I 2 17.57 -29.91 -12.58
CA VAL I 2 16.29 -30.41 -13.07
C VAL I 2 16.27 -31.93 -12.90
N GLN I 3 15.51 -32.41 -11.91
CA GLN I 3 15.43 -33.83 -11.63
C GLN I 3 13.99 -34.20 -11.35
N LEU I 4 13.66 -35.46 -11.65
CA LEU I 4 12.32 -36.01 -11.43
C LEU I 4 12.48 -37.24 -10.55
N LEU I 5 12.15 -37.08 -9.26
CA LEU I 5 12.31 -38.17 -8.31
C LEU I 5 11.27 -39.26 -8.57
N GLN I 6 11.65 -40.49 -8.26
CA GLN I 6 10.83 -41.66 -8.54
C GLN I 6 10.61 -42.45 -7.25
N SER I 7 9.41 -43.00 -7.10
CA SER I 7 9.05 -43.79 -5.94
C SER I 7 9.54 -45.23 -6.10
N GLY I 8 9.52 -45.96 -4.98
CA GLY I 8 9.99 -47.34 -4.98
C GLY I 8 8.99 -48.31 -5.57
N ALA I 9 9.46 -49.53 -5.80
CA ALA I 9 8.65 -50.56 -6.40
C ALA I 9 7.59 -51.07 -5.42
N ALA I 10 6.57 -51.73 -5.97
CA ALA I 10 5.48 -52.24 -5.16
C ALA I 10 4.95 -53.52 -5.79
N VAL I 11 4.63 -54.50 -4.93
CA VAL I 11 4.06 -55.78 -5.36
C VAL I 11 2.64 -55.87 -4.83
N THR I 12 1.69 -56.13 -5.72
CA THR I 12 0.29 -56.25 -5.37
C THR I 12 -0.29 -57.52 -5.98
N LYS I 13 -1.60 -57.71 -5.78
CA LYS I 13 -2.38 -58.83 -6.28
C LYS I 13 -3.28 -58.38 -7.42
N PRO I 14 -3.71 -59.30 -8.31
CA PRO I 14 -4.67 -58.92 -9.36
C PRO I 14 -6.01 -58.49 -8.80
N GLY I 15 -6.34 -57.21 -8.97
CA GLY I 15 -7.54 -56.63 -8.43
C GLY I 15 -7.32 -55.52 -7.43
N ALA I 16 -6.07 -55.25 -7.03
CA ALA I 16 -5.76 -54.21 -6.07
C ALA I 16 -5.57 -52.88 -6.80
N SER I 17 -5.03 -51.89 -6.10
CA SER I 17 -4.76 -50.57 -6.67
C SER I 17 -3.35 -50.15 -6.29
N VAL I 18 -2.62 -49.60 -7.26
CA VAL I 18 -1.25 -49.16 -7.04
C VAL I 18 -1.20 -47.64 -7.09
N ARG I 19 -0.03 -47.09 -6.78
CA ARG I 19 0.19 -45.65 -6.85
C ARG I 19 1.68 -45.41 -7.08
N VAL I 20 2.00 -44.71 -8.16
CA VAL I 20 3.37 -44.38 -8.53
C VAL I 20 3.53 -42.87 -8.45
N SER I 21 4.54 -42.42 -7.71
CA SER I 21 4.76 -41.00 -7.47
C SER I 21 5.85 -40.46 -8.38
N CYS I 22 5.88 -39.13 -8.49
CA CYS I 22 6.87 -38.45 -9.32
C CYS I 22 6.96 -37.01 -8.84
N GLU I 23 8.16 -36.59 -8.42
CA GLU I 23 8.36 -35.28 -7.84
C GLU I 23 9.31 -34.48 -8.71
N ALA I 24 8.85 -33.33 -9.20
CA ALA I 24 9.65 -32.41 -9.99
C ALA I 24 10.04 -31.23 -9.13
N SER I 25 11.34 -30.93 -9.06
CA SER I 25 11.86 -29.97 -8.11
C SER I 25 12.51 -28.76 -8.75
N GLY I 26 13.47 -28.94 -9.65
CA GLY I 26 14.36 -27.86 -10.01
C GLY I 26 14.09 -27.11 -11.30
N TYR I 27 12.83 -26.86 -11.61
CA TYR I 27 12.47 -26.06 -12.78
C TYR I 27 11.07 -25.51 -12.58
N ASN I 28 10.57 -24.79 -13.58
CA ASN I 28 9.23 -24.22 -13.54
C ASN I 28 8.25 -25.28 -14.03
N ILE I 29 7.48 -25.84 -13.09
CA ILE I 29 6.67 -27.01 -13.39
C ILE I 29 5.44 -26.63 -14.21
N ARG I 30 4.84 -25.47 -13.94
CA ARG I 30 3.55 -25.11 -14.52
C ARG I 30 3.60 -24.84 -16.02
N ASP I 31 4.79 -24.73 -16.61
CA ASP I 31 4.91 -24.42 -18.03
C ASP I 31 5.33 -25.61 -18.88
N TYR I 32 5.35 -26.82 -18.31
CA TYR I 32 5.75 -28.01 -19.04
C TYR I 32 4.88 -29.18 -18.64
N PHE I 33 4.36 -29.90 -19.63
CA PHE I 33 3.52 -31.06 -19.37
C PHE I 33 4.34 -32.20 -18.78
N ILE I 34 3.65 -33.13 -18.13
CA ILE I 34 4.26 -34.33 -17.56
C ILE I 34 3.53 -35.54 -18.12
N HIS I 35 4.26 -36.38 -18.85
CA HIS I 35 3.70 -37.58 -19.46
C HIS I 35 4.10 -38.80 -18.65
N TRP I 36 3.47 -39.93 -18.98
CA TRP I 36 3.74 -41.20 -18.33
C TRP I 36 3.92 -42.27 -19.39
N TRP I 37 4.95 -43.09 -19.23
CA TRP I 37 5.25 -44.14 -20.19
C TRP I 37 5.36 -45.47 -19.46
N ARG I 38 5.15 -46.56 -20.21
CA ARG I 38 5.16 -47.90 -19.65
C ARG I 38 5.68 -48.85 -20.71
N GLN I 39 6.61 -49.72 -20.32
CA GLN I 39 7.15 -50.73 -21.23
C GLN I 39 7.12 -52.09 -20.57
N ALA I 40 6.62 -53.07 -21.30
CA ALA I 40 6.62 -54.45 -20.82
C ALA I 40 7.99 -55.08 -21.03
N PRO I 41 8.37 -56.05 -20.18
CA PRO I 41 9.64 -56.75 -20.39
C PRO I 41 9.64 -57.58 -21.66
N GLY I 42 10.44 -57.16 -22.65
CA GLY I 42 10.51 -57.81 -23.93
C GLY I 42 9.90 -57.02 -25.06
N GLN I 43 9.19 -55.94 -24.77
CA GLN I 43 8.55 -55.11 -25.77
C GLN I 43 9.04 -53.66 -25.63
N GLY I 44 8.51 -52.79 -26.48
CA GLY I 44 8.88 -51.39 -26.48
C GLY I 44 8.02 -50.57 -25.52
N LEU I 45 8.12 -49.26 -25.67
CA LEU I 45 7.39 -48.34 -24.82
C LEU I 45 5.91 -48.29 -25.22
N GLN I 46 5.09 -47.77 -24.30
CA GLN I 46 3.67 -47.60 -24.56
C GLN I 46 3.21 -46.36 -23.80
N TRP I 47 2.39 -45.55 -24.48
CA TRP I 47 1.95 -44.28 -23.91
C TRP I 47 0.81 -44.50 -22.93
N VAL I 48 0.89 -43.81 -21.79
CA VAL I 48 -0.13 -43.89 -20.76
C VAL I 48 -0.98 -42.62 -20.74
N GLY I 49 -0.36 -41.46 -20.79
CA GLY I 49 -1.08 -40.21 -20.86
C GLY I 49 -0.31 -39.08 -20.22
N TRP I 50 -0.79 -37.87 -20.47
CA TRP I 50 -0.21 -36.66 -19.89
C TRP I 50 -1.19 -36.01 -18.92
N ILE I 51 -0.67 -35.06 -18.16
CA ILE I 51 -1.48 -34.29 -17.22
C ILE I 51 -0.97 -32.86 -17.22
N ASN I 52 -1.88 -31.91 -17.38
CA ASN I 52 -1.54 -30.50 -17.32
C ASN I 52 -1.25 -30.12 -15.87
N PRO I 53 -0.03 -29.72 -15.53
CA PRO I 53 0.26 -29.36 -14.13
C PRO I 53 -0.37 -28.05 -13.70
N LYS I 54 -0.78 -27.21 -14.65
CA LYS I 54 -1.41 -25.94 -14.30
C LYS I 54 -2.87 -26.13 -13.93
N THR I 55 -3.59 -26.94 -14.71
CA THR I 55 -5.03 -27.11 -14.53
C THR I 55 -5.38 -28.46 -13.91
N GLY I 56 -4.81 -29.55 -14.42
CA GLY I 56 -5.07 -30.85 -13.84
C GLY I 56 -5.78 -31.78 -14.78
N GLN I 57 -6.08 -31.31 -15.97
CA GLN I 57 -6.86 -32.09 -16.94
C GLN I 57 -6.01 -33.22 -17.50
N PRO I 58 -6.39 -34.48 -17.31
CA PRO I 58 -5.62 -35.59 -17.85
C PRO I 58 -6.09 -35.99 -19.24
N ASN I 59 -5.34 -36.89 -19.86
CA ASN I 59 -5.68 -37.46 -21.14
C ASN I 59 -5.23 -38.91 -21.15
N ASN I 60 -6.04 -39.79 -21.70
CA ASN I 60 -5.75 -41.22 -21.70
C ASN I 60 -6.30 -41.83 -22.98
N PRO I 61 -5.66 -42.88 -23.50
CA PRO I 61 -6.17 -43.55 -24.70
C PRO I 61 -7.42 -44.37 -24.39
N ARG I 62 -7.96 -45.00 -25.43
CA ARG I 62 -9.19 -45.79 -25.27
C ARG I 62 -8.94 -47.06 -24.47
N GLN I 63 -7.74 -47.60 -24.52
CA GLN I 63 -7.41 -48.83 -23.79
C GLN I 63 -7.07 -48.59 -22.33
N PHE I 64 -7.15 -47.35 -21.85
CA PHE I 64 -6.84 -47.05 -20.46
C PHE I 64 -7.92 -46.23 -19.76
N GLN I 65 -9.04 -45.95 -20.42
CA GLN I 65 -10.08 -45.16 -19.79
C GLN I 65 -10.80 -45.96 -18.73
N GLY I 66 -11.05 -45.33 -17.58
CA GLY I 66 -11.74 -45.97 -16.48
C GLY I 66 -10.83 -46.69 -15.50
N ARG I 67 -9.55 -46.83 -15.81
CA ARG I 67 -8.61 -47.53 -14.94
C ARG I 67 -7.56 -46.60 -14.33
N VAL I 68 -6.84 -45.86 -15.15
CA VAL I 68 -5.79 -44.98 -14.68
C VAL I 68 -6.38 -43.59 -14.43
N SER I 69 -6.00 -42.97 -13.32
CA SER I 69 -6.45 -41.64 -12.95
C SER I 69 -5.24 -40.81 -12.58
N LEU I 70 -4.87 -39.88 -13.47
CA LEU I 70 -3.70 -39.05 -13.25
C LEU I 70 -4.05 -37.88 -12.34
N THR I 71 -3.28 -37.70 -11.28
CA THR I 71 -3.53 -36.66 -10.29
C THR I 71 -2.21 -36.02 -9.88
N ARG I 72 -2.21 -34.70 -9.78
CA ARG I 72 -1.04 -33.95 -9.33
C ARG I 72 -1.37 -33.24 -8.02
N HIS I 73 -0.31 -32.84 -7.32
CA HIS I 73 -0.44 -32.10 -6.06
C HIS I 73 0.70 -31.11 -5.95
N ALA I 74 0.36 -29.86 -5.64
CA ALA I 74 1.33 -28.79 -5.51
C ALA I 74 1.50 -28.40 -4.05
N SER I 75 2.70 -27.95 -3.71
CA SER I 75 2.99 -27.49 -2.37
C SER I 75 2.48 -26.06 -2.17
N TRP I 76 2.71 -25.53 -0.97
CA TRP I 76 2.24 -24.18 -0.66
C TRP I 76 3.07 -23.12 -1.36
N ASP I 77 4.36 -23.37 -1.58
CA ASP I 77 5.24 -22.40 -2.22
C ASP I 77 5.43 -22.68 -3.71
N PHE I 78 4.82 -23.74 -4.23
CA PHE I 78 4.77 -24.05 -5.67
C PHE I 78 6.16 -24.25 -6.28
N ASP I 79 7.11 -24.76 -5.50
CA ASP I 79 8.43 -25.08 -6.04
C ASP I 79 8.60 -26.56 -6.36
N THR I 80 7.87 -27.44 -5.68
CA THR I 80 7.93 -28.87 -5.95
C THR I 80 6.52 -29.41 -6.08
N TYR I 81 6.37 -30.45 -6.89
CA TYR I 81 5.08 -31.07 -7.17
C TYR I 81 5.13 -32.55 -6.81
N SER I 82 3.97 -33.20 -6.92
CA SER I 82 3.87 -34.64 -6.64
C SER I 82 2.85 -35.22 -7.61
N PHE I 83 3.34 -35.78 -8.71
CA PHE I 83 2.48 -36.36 -9.73
C PHE I 83 2.23 -37.84 -9.41
N TYR I 84 0.97 -38.21 -9.29
CA TYR I 84 0.57 -39.56 -8.94
C TYR I 84 -0.03 -40.27 -10.16
N MET I 85 -0.17 -41.58 -10.04
CA MET I 85 -0.75 -42.40 -11.11
C MET I 85 -1.35 -43.64 -10.45
N ASP I 86 -2.67 -43.63 -10.28
CA ASP I 86 -3.38 -44.71 -9.61
C ASP I 86 -4.08 -45.59 -10.64
N LEU I 87 -3.87 -46.89 -10.55
CA LEU I 87 -4.53 -47.87 -11.40
C LEU I 87 -5.68 -48.50 -10.62
N LYS I 88 -6.83 -48.63 -11.28
CA LYS I 88 -8.03 -49.11 -10.60
C LYS I 88 -7.99 -50.62 -10.41
N ALA I 89 -7.92 -51.38 -11.50
CA ALA I 89 -7.95 -52.85 -11.44
C ALA I 89 -6.83 -53.37 -12.35
N LEU I 90 -5.74 -53.82 -11.75
CA LEU I 90 -4.62 -54.35 -12.52
C LEU I 90 -4.94 -55.73 -13.06
N ARG I 91 -4.57 -55.96 -14.32
CA ARG I 91 -4.75 -57.26 -14.95
C ARG I 91 -3.48 -58.09 -14.74
N SER I 92 -3.41 -59.24 -15.41
CA SER I 92 -2.24 -60.10 -15.28
C SER I 92 -1.07 -59.62 -16.13
N ASP I 93 -1.35 -58.93 -17.24
CA ASP I 93 -0.31 -58.46 -18.15
C ASP I 93 0.12 -57.03 -17.86
N ASP I 94 -0.11 -56.54 -16.64
CA ASP I 94 0.30 -55.19 -16.25
C ASP I 94 1.64 -55.17 -15.54
N THR I 95 2.36 -56.29 -15.51
CA THR I 95 3.68 -56.35 -14.89
C THR I 95 4.67 -55.61 -15.79
N ALA I 96 4.97 -54.37 -15.44
CA ALA I 96 5.82 -53.52 -16.26
C ALA I 96 6.43 -52.43 -15.39
N VAL I 97 7.29 -51.62 -15.99
CA VAL I 97 7.94 -50.50 -15.32
C VAL I 97 7.36 -49.20 -15.86
N TYR I 98 7.12 -48.24 -14.98
CA TYR I 98 6.50 -46.98 -15.34
C TYR I 98 7.50 -45.84 -15.19
N PHE I 99 7.48 -44.92 -16.15
CA PHE I 99 8.38 -43.78 -16.17
C PHE I 99 7.59 -42.49 -15.98
N CYS I 100 8.32 -41.39 -15.86
CA CYS I 100 7.75 -40.06 -15.66
C CYS I 100 8.51 -39.09 -16.55
N ALA I 101 7.99 -38.84 -17.75
CA ALA I 101 8.66 -38.00 -18.72
C ALA I 101 8.34 -36.53 -18.47
N ARG I 102 8.82 -35.66 -19.36
CA ARG I 102 8.56 -34.23 -19.25
C ARG I 102 8.65 -33.63 -20.64
N GLN I 103 7.53 -33.15 -21.15
CA GLN I 103 7.51 -32.53 -22.48
C GLN I 103 8.14 -31.13 -22.41
N ARG I 104 9.11 -30.89 -23.27
CA ARG I 104 9.83 -29.62 -23.26
C ARG I 104 9.20 -28.59 -24.21
N SER I 105 8.98 -28.97 -25.46
CA SER I 105 8.46 -28.04 -26.46
C SER I 105 7.38 -28.76 -27.27
N ASP I 106 6.96 -28.13 -28.36
CA ASP I 106 5.92 -28.69 -29.22
C ASP I 106 6.40 -29.88 -30.03
N TYR I 107 7.70 -30.14 -30.08
CA TYR I 107 8.23 -31.33 -30.75
C TYR I 107 8.19 -32.57 -29.86
N TRP I 108 7.64 -32.44 -28.65
CA TRP I 108 7.54 -33.52 -27.66
C TRP I 108 8.92 -34.08 -27.32
N ASP I 109 9.76 -33.20 -26.77
CA ASP I 109 11.12 -33.55 -26.38
C ASP I 109 11.12 -33.96 -24.91
N PHE I 110 11.31 -35.25 -24.65
CA PHE I 110 11.36 -35.78 -23.29
C PHE I 110 12.82 -35.88 -22.88
N ASP I 111 13.37 -34.74 -22.48
CA ASP I 111 14.80 -34.67 -22.16
C ASP I 111 15.12 -35.32 -20.83
N VAL I 112 14.28 -35.11 -19.82
CA VAL I 112 14.48 -35.65 -18.49
C VAL I 112 13.41 -36.70 -18.21
N TRP I 113 13.82 -37.83 -17.65
CA TRP I 113 12.94 -38.95 -17.35
C TRP I 113 13.05 -39.30 -15.87
N GLY I 114 12.33 -40.36 -15.48
CA GLY I 114 12.39 -40.86 -14.12
C GLY I 114 13.23 -42.12 -14.02
N SER I 115 13.45 -42.54 -12.76
CA SER I 115 14.26 -43.73 -12.52
C SER I 115 13.52 -45.01 -12.87
N GLY I 116 12.19 -44.99 -12.85
CA GLY I 116 11.40 -46.17 -13.17
C GLY I 116 10.90 -46.91 -11.96
N THR I 117 9.64 -47.34 -12.00
CA THR I 117 9.02 -48.11 -10.94
C THR I 117 8.39 -49.36 -11.55
N GLN I 118 8.95 -50.52 -11.25
CA GLN I 118 8.45 -51.78 -11.76
C GLN I 118 7.47 -52.38 -10.76
N VAL I 119 6.25 -52.66 -11.22
CA VAL I 119 5.23 -53.28 -10.39
C VAL I 119 4.82 -54.61 -11.02
N THR I 120 4.46 -55.56 -10.17
CA THR I 120 4.00 -56.87 -10.59
C THR I 120 2.64 -57.17 -9.95
N VAL I 121 1.96 -58.18 -10.49
CA VAL I 121 0.67 -58.58 -9.97
C VAL I 121 0.72 -60.04 -9.50
N ASP J 1 -3.38 -38.83 -39.28
CA ASP J 1 -2.94 -40.20 -39.12
C ASP J 1 -1.42 -40.29 -39.13
N ILE J 2 -0.88 -41.27 -38.40
CA ILE J 2 0.55 -41.47 -38.27
C ILE J 2 0.89 -42.88 -38.76
N GLN J 3 1.84 -42.98 -39.68
CA GLN J 3 2.28 -44.26 -40.21
C GLN J 3 3.73 -44.50 -39.82
N MET J 4 4.04 -45.74 -39.44
CA MET J 4 5.35 -46.10 -38.92
C MET J 4 5.92 -47.28 -39.70
N THR J 5 7.23 -47.23 -39.94
CA THR J 5 7.95 -48.35 -40.53
C THR J 5 9.33 -48.41 -39.92
N GLN J 6 9.80 -49.61 -39.60
CA GLN J 6 11.13 -49.81 -39.02
C GLN J 6 11.75 -51.04 -39.68
N SER J 7 12.51 -50.81 -40.76
CA SER J 7 13.14 -51.89 -41.51
C SER J 7 14.42 -52.47 -40.87
N PRO J 8 15.36 -51.67 -40.27
CA PRO J 8 16.50 -52.33 -39.61
C PRO J 8 16.10 -52.99 -38.28
N SER J 9 15.57 -54.21 -38.36
CA SER J 9 15.10 -54.89 -37.16
C SER J 9 16.26 -55.32 -36.25
N SER J 10 17.39 -55.72 -36.84
CA SER J 10 18.52 -56.20 -36.04
C SER J 10 19.80 -56.02 -36.84
N LEU J 11 20.83 -55.49 -36.20
CA LEU J 11 22.15 -55.36 -36.80
C LEU J 11 23.20 -55.44 -35.69
N SER J 12 24.31 -56.10 -35.99
CA SER J 12 25.38 -56.34 -35.04
C SER J 12 26.73 -56.01 -35.65
N ALA J 13 26.83 -54.83 -36.25
CA ALA J 13 28.07 -54.40 -36.88
C ALA J 13 29.15 -54.14 -35.84
N SER J 14 30.40 -54.09 -36.32
CA SER J 14 31.56 -53.96 -35.47
C SER J 14 31.78 -52.49 -35.10
N VAL J 15 32.90 -52.20 -34.44
CA VAL J 15 33.24 -50.87 -33.97
C VAL J 15 34.16 -50.20 -34.98
N GLY J 16 33.93 -48.91 -35.21
CA GLY J 16 34.76 -48.12 -36.11
C GLY J 16 34.14 -47.82 -37.45
N ASP J 17 33.02 -48.45 -37.78
CA ASP J 17 32.37 -48.26 -39.07
C ASP J 17 31.39 -47.09 -38.98
N THR J 18 30.53 -46.96 -40.00
CA THR J 18 29.48 -45.94 -40.01
C THR J 18 28.17 -46.64 -40.35
N VAL J 19 27.32 -46.81 -39.34
CA VAL J 19 26.03 -47.47 -39.49
C VAL J 19 24.93 -46.43 -39.43
N THR J 20 23.83 -46.70 -40.12
CA THR J 20 22.68 -45.80 -40.18
C THR J 20 21.40 -46.59 -40.07
N ILE J 21 20.47 -46.11 -39.26
CA ILE J 21 19.14 -46.69 -39.13
C ILE J 21 18.12 -45.67 -39.59
N THR J 22 17.08 -46.15 -40.27
CA THR J 22 16.06 -45.30 -40.86
C THR J 22 14.67 -45.73 -40.42
N CYS J 23 13.76 -44.75 -40.37
CA CYS J 23 12.36 -45.01 -40.12
C CYS J 23 11.54 -43.93 -40.80
N GLN J 24 10.46 -44.33 -41.46
CA GLN J 24 9.64 -43.41 -42.25
C GLN J 24 8.40 -43.02 -41.45
N ALA J 25 8.25 -41.73 -41.20
CA ALA J 25 7.12 -41.22 -40.45
C ALA J 25 6.88 -39.76 -40.82
N ASN J 26 5.62 -39.34 -40.72
CA ASN J 26 5.23 -37.96 -40.96
C ASN J 26 5.06 -37.22 -39.64
N GLY J 27 5.49 -35.97 -39.60
CA GLY J 27 5.42 -35.16 -38.41
C GLY J 27 6.78 -35.02 -37.75
N TYR J 28 6.76 -34.49 -36.53
CA TYR J 28 7.98 -34.34 -35.75
C TYR J 28 8.48 -35.70 -35.28
N LEU J 29 9.80 -35.84 -35.21
CA LEU J 29 10.42 -37.12 -34.90
C LEU J 29 11.65 -36.90 -34.03
N ASN J 30 11.69 -37.57 -32.89
CA ASN J 30 12.81 -37.51 -31.97
C ASN J 30 13.48 -38.88 -31.88
N TRP J 31 14.77 -38.87 -31.55
CA TRP J 31 15.55 -40.09 -31.40
C TRP J 31 15.95 -40.27 -29.94
N TYR J 32 15.84 -41.50 -29.45
CA TYR J 32 16.13 -41.81 -28.07
C TYR J 32 17.09 -43.00 -27.98
N GLN J 33 17.92 -42.99 -26.94
CA GLN J 33 18.84 -44.08 -26.63
C GLN J 33 18.44 -44.73 -25.32
N GLN J 34 18.22 -46.04 -25.36
CA GLN J 34 17.75 -46.77 -24.19
C GLN J 34 18.64 -47.98 -23.94
N ARG J 35 19.14 -48.09 -22.71
CA ARG J 35 19.93 -49.24 -22.31
C ARG J 35 19.01 -50.33 -21.77
N ARG J 36 19.59 -51.36 -21.16
CA ARG J 36 18.82 -52.46 -20.58
C ARG J 36 18.43 -52.11 -19.15
N GLY J 37 17.14 -51.95 -18.90
CA GLY J 37 16.64 -51.64 -17.57
C GLY J 37 16.82 -50.21 -17.13
N LYS J 38 17.27 -49.33 -18.01
CA LYS J 38 17.50 -47.93 -17.68
C LYS J 38 16.49 -47.04 -18.40
N ALA J 39 16.47 -45.78 -18.00
CA ALA J 39 15.57 -44.82 -18.62
C ALA J 39 16.12 -44.36 -19.96
N PRO J 40 15.25 -44.12 -20.95
CA PRO J 40 15.71 -43.61 -22.24
C PRO J 40 16.24 -42.19 -22.14
N LYS J 41 17.12 -41.84 -23.07
CA LYS J 41 17.75 -40.53 -23.10
C LYS J 41 17.62 -39.94 -24.49
N LEU J 42 17.21 -38.67 -24.55
CA LEU J 42 17.04 -37.99 -25.82
C LEU J 42 18.41 -37.63 -26.40
N LEU J 43 18.62 -38.00 -27.67
CA LEU J 43 19.86 -37.68 -28.38
C LEU J 43 19.67 -36.47 -29.29
N ILE J 44 18.74 -36.56 -30.24
CA ILE J 44 18.42 -35.47 -31.14
C ILE J 44 16.91 -35.36 -31.26
N TYR J 45 16.46 -34.14 -31.56
CA TYR J 45 15.04 -33.86 -31.73
C TYR J 45 14.84 -33.09 -33.02
N ASP J 46 13.60 -33.12 -33.51
CA ASP J 46 13.18 -32.47 -34.76
C ASP J 46 14.01 -32.95 -35.96
N GLY J 47 14.41 -34.22 -35.92
CA GLY J 47 15.17 -34.80 -37.02
C GLY J 47 16.67 -34.52 -37.07
N SER J 48 17.06 -33.26 -36.89
CA SER J 48 18.45 -32.87 -37.04
C SER J 48 19.02 -32.02 -35.91
N LYS J 49 18.19 -31.42 -35.07
CA LYS J 49 18.69 -30.54 -34.02
C LYS J 49 19.32 -31.35 -32.89
N LEU J 50 20.46 -30.88 -32.41
CA LEU J 50 21.25 -31.59 -31.41
C LEU J 50 20.89 -31.10 -30.01
N GLU J 51 20.85 -32.03 -29.06
CA GLU J 51 20.57 -31.72 -27.67
C GLU J 51 21.88 -31.49 -26.92
N ARG J 52 21.87 -30.50 -26.04
CA ARG J 52 23.05 -30.18 -25.23
C ARG J 52 23.35 -31.31 -24.25
N GLY J 53 24.59 -31.77 -24.24
CA GLY J 53 25.00 -32.90 -23.42
C GLY J 53 25.34 -34.14 -24.21
N VAL J 54 24.84 -34.24 -25.44
CA VAL J 54 25.11 -35.38 -26.32
C VAL J 54 26.43 -35.11 -27.03
N PRO J 55 27.35 -36.09 -27.12
CA PRO J 55 28.60 -35.87 -27.85
C PRO J 55 28.36 -35.65 -29.33
N SER J 56 29.35 -35.00 -29.97
CA SER J 56 29.22 -34.56 -31.35
C SER J 56 29.42 -35.66 -32.38
N ARG J 57 29.53 -36.92 -31.95
CA ARG J 57 29.59 -38.02 -32.89
C ARG J 57 28.21 -38.46 -33.38
N PHE J 58 27.14 -37.83 -32.89
CA PHE J 58 25.78 -38.14 -33.30
C PHE J 58 25.26 -37.05 -34.23
N SER J 59 24.67 -37.47 -35.35
CA SER J 59 24.13 -36.53 -36.31
C SER J 59 22.99 -37.20 -37.07
N GLY J 60 22.08 -36.38 -37.57
CA GLY J 60 20.93 -36.88 -38.31
C GLY J 60 20.46 -35.87 -39.32
N ARG J 61 19.77 -36.38 -40.35
CA ARG J 61 19.23 -35.52 -41.40
C ARG J 61 17.96 -36.17 -41.96
N ARG J 62 17.17 -35.36 -42.65
CA ARG J 62 15.91 -35.80 -43.20
C ARG J 62 15.80 -35.39 -44.66
N TRP J 63 15.02 -36.14 -45.43
CA TRP J 63 14.75 -35.83 -46.82
C TRP J 63 13.38 -36.39 -47.16
N GLY J 64 12.36 -35.53 -47.15
CA GLY J 64 11.01 -35.97 -47.38
C GLY J 64 10.41 -36.67 -46.17
N GLN J 65 10.22 -37.98 -46.28
CA GLN J 65 9.69 -38.80 -45.20
C GLN J 65 10.67 -39.90 -44.83
N GLU J 66 11.96 -39.57 -44.76
CA GLU J 66 12.99 -40.52 -44.40
C GLU J 66 13.97 -39.85 -43.46
N TYR J 67 14.03 -40.33 -42.22
CA TYR J 67 14.94 -39.80 -41.20
C TYR J 67 16.06 -40.79 -40.98
N ASN J 68 17.29 -40.29 -40.96
CA ASN J 68 18.48 -41.11 -40.80
C ASN J 68 19.23 -40.72 -39.54
N LEU J 69 19.84 -41.70 -38.90
CA LEU J 69 20.67 -41.49 -37.72
C LEU J 69 22.07 -42.00 -38.02
N THR J 70 23.01 -41.08 -38.20
CA THR J 70 24.39 -41.44 -38.52
C THR J 70 25.17 -41.74 -37.26
N ILE J 71 25.82 -42.90 -37.24
CA ILE J 71 26.63 -43.34 -36.11
C ILE J 71 28.03 -43.59 -36.62
N ASN J 72 28.93 -42.62 -36.40
CA ASN J 72 30.33 -42.75 -36.77
C ASN J 72 31.18 -42.68 -35.51
N ASN J 73 32.33 -43.36 -35.55
CA ASN J 73 33.25 -43.49 -34.42
C ASN J 73 32.52 -44.11 -33.22
N LEU J 74 32.13 -45.38 -33.41
CA LEU J 74 31.46 -46.12 -32.37
C LEU J 74 32.39 -46.33 -31.16
N GLN J 75 31.76 -46.49 -29.99
CA GLN J 75 32.45 -46.59 -28.72
C GLN J 75 32.00 -47.84 -27.98
N PRO J 76 32.81 -48.34 -27.03
CA PRO J 76 32.37 -49.49 -26.22
C PRO J 76 31.22 -49.18 -25.28
N GLU J 77 30.91 -47.90 -25.03
CA GLU J 77 29.75 -47.53 -24.23
C GLU J 77 28.60 -46.98 -25.08
N ASP J 78 28.64 -47.20 -26.40
CA ASP J 78 27.62 -46.73 -27.32
C ASP J 78 26.87 -47.89 -27.98
N ILE J 79 26.56 -48.92 -27.21
CA ILE J 79 25.80 -50.07 -27.69
C ILE J 79 24.52 -50.12 -26.86
N ALA J 80 23.40 -49.72 -27.47
CA ALA J 80 22.13 -49.67 -26.77
C ALA J 80 21.01 -49.79 -27.81
N THR J 81 19.78 -49.52 -27.38
CA THR J 81 18.60 -49.57 -28.23
C THR J 81 18.21 -48.16 -28.67
N TYR J 82 17.91 -48.02 -29.95
CA TYR J 82 17.57 -46.73 -30.54
C TYR J 82 16.24 -46.84 -31.27
N PHE J 83 15.33 -45.91 -30.99
CA PHE J 83 14.03 -45.87 -31.65
C PHE J 83 13.64 -44.43 -31.92
N CYS J 84 12.86 -44.23 -32.97
CA CYS J 84 12.34 -42.90 -33.30
C CYS J 84 10.93 -42.75 -32.72
N GLN J 85 10.62 -41.53 -32.26
CA GLN J 85 9.44 -41.28 -31.44
C GLN J 85 8.59 -40.17 -32.03
N VAL J 86 7.45 -40.55 -32.60
CA VAL J 86 6.37 -39.62 -32.91
C VAL J 86 5.60 -39.48 -31.58
N TYR J 87 4.68 -38.51 -31.49
CA TYR J 87 4.06 -38.06 -30.24
C TYR J 87 3.64 -39.17 -29.29
N GLU J 88 2.70 -40.02 -29.71
CA GLU J 88 2.21 -41.11 -28.87
C GLU J 88 2.49 -42.47 -29.47
N PHE J 89 3.30 -42.55 -30.52
CA PHE J 89 3.60 -43.81 -31.19
C PHE J 89 5.09 -44.06 -31.14
N VAL J 90 5.50 -45.14 -30.46
CA VAL J 90 6.89 -45.51 -30.31
C VAL J 90 7.05 -46.94 -30.82
N VAL J 91 7.86 -47.12 -31.85
CA VAL J 91 8.12 -48.44 -32.41
C VAL J 91 9.20 -49.12 -31.59
N PRO J 92 9.18 -50.45 -31.45
CA PRO J 92 10.28 -51.14 -30.77
C PRO J 92 11.56 -51.05 -31.56
N GLY J 93 12.55 -50.35 -30.98
CA GLY J 93 13.80 -50.11 -31.66
C GLY J 93 14.67 -51.35 -31.74
N THR J 94 15.82 -51.16 -32.39
CA THR J 94 16.77 -52.24 -32.61
C THR J 94 17.99 -52.09 -31.71
N ARG J 95 18.65 -53.20 -31.46
CA ARG J 95 19.86 -53.25 -30.64
C ARG J 95 21.08 -53.48 -31.52
N LEU J 96 22.22 -53.00 -31.04
CA LEU J 96 23.47 -53.14 -31.79
C LEU J 96 24.18 -54.44 -31.45
N GLN K 1 -67.79 -44.57 -4.74
CA GLN K 1 -68.56 -44.56 -3.49
C GLN K 1 -68.00 -45.59 -2.51
N VAL K 2 -67.38 -45.10 -1.44
CA VAL K 2 -66.78 -45.94 -0.42
C VAL K 2 -67.42 -45.61 0.93
N GLN K 3 -67.78 -46.64 1.67
CA GLN K 3 -68.40 -46.51 2.98
C GLN K 3 -67.54 -47.18 4.04
N LEU K 4 -67.40 -46.50 5.18
CA LEU K 4 -66.57 -46.98 6.28
C LEU K 4 -67.42 -47.10 7.54
N GLN K 5 -67.22 -48.20 8.26
CA GLN K 5 -67.95 -48.45 9.52
C GLN K 5 -67.12 -49.38 10.37
N GLU K 6 -66.75 -48.93 11.57
CA GLU K 6 -65.91 -49.71 12.46
C GLU K 6 -66.64 -50.03 13.76
N SER K 7 -66.08 -50.99 14.49
CA SER K 7 -66.62 -51.41 15.77
C SER K 7 -65.46 -51.76 16.69
N GLY K 8 -65.48 -51.22 17.91
CA GLY K 8 -64.43 -51.46 18.87
C GLY K 8 -64.91 -52.32 20.03
N PRO K 9 -63.97 -52.73 20.88
CA PRO K 9 -64.36 -53.54 22.05
C PRO K 9 -65.09 -52.74 23.11
N GLY K 10 -64.77 -51.46 23.27
CA GLY K 10 -65.41 -50.60 24.26
C GLY K 10 -64.74 -50.60 25.61
N LEU K 11 -64.38 -51.77 26.12
CA LEU K 11 -63.73 -51.92 27.41
C LEU K 11 -62.34 -52.49 27.22
N VAL K 12 -61.39 -51.98 28.00
CA VAL K 12 -59.99 -52.42 27.91
C VAL K 12 -59.34 -52.22 29.27
N LYS K 13 -58.56 -53.23 29.69
CA LYS K 13 -57.84 -53.17 30.95
C LYS K 13 -56.46 -52.57 30.74
N PRO K 14 -55.87 -51.96 31.78
CA PRO K 14 -54.49 -51.48 31.66
C PRO K 14 -53.51 -52.63 31.53
N SER K 15 -52.43 -52.38 30.78
CA SER K 15 -51.39 -53.36 30.45
C SER K 15 -52.00 -54.58 29.76
N GLU K 16 -52.67 -54.33 28.63
CA GLU K 16 -53.40 -55.35 27.91
C GLU K 16 -53.38 -54.98 26.43
N THR K 17 -53.55 -55.97 25.57
CA THR K 17 -53.56 -55.75 24.13
C THR K 17 -54.81 -54.98 23.72
N LEU K 18 -54.74 -54.40 22.51
CA LEU K 18 -55.83 -53.58 22.00
C LEU K 18 -56.00 -53.87 20.52
N SER K 19 -57.26 -53.97 20.09
CA SER K 19 -57.57 -54.30 18.70
C SER K 19 -58.88 -53.64 18.30
N VAL K 20 -58.81 -52.69 17.37
CA VAL K 20 -59.97 -52.04 16.81
C VAL K 20 -60.02 -52.36 15.32
N THR K 21 -61.10 -52.99 14.88
CA THR K 21 -61.25 -53.47 13.51
C THR K 21 -62.24 -52.58 12.75
N CYS K 22 -61.81 -52.16 11.55
CA CYS K 22 -62.62 -51.28 10.71
C CYS K 22 -63.05 -52.04 9.46
N SER K 23 -64.35 -52.03 9.18
CA SER K 23 -64.91 -52.71 8.02
C SER K 23 -65.20 -51.68 6.94
N VAL K 24 -64.68 -51.91 5.74
CA VAL K 24 -64.85 -51.00 4.61
C VAL K 24 -65.43 -51.80 3.44
N SER K 25 -66.41 -51.22 2.76
CA SER K 25 -67.02 -51.84 1.60
C SER K 25 -67.35 -50.77 0.57
N GLY K 26 -67.56 -51.20 -0.67
CA GLY K 26 -67.89 -50.29 -1.74
C GLY K 26 -66.85 -50.29 -2.85
N ASP K 27 -65.59 -50.52 -2.48
CA ASP K 27 -64.48 -50.49 -3.42
C ASP K 27 -63.32 -51.26 -2.79
N SER K 28 -62.39 -51.72 -3.63
CA SER K 28 -61.23 -52.47 -3.18
C SER K 28 -60.19 -51.52 -2.60
N MET K 29 -59.04 -52.07 -2.21
CA MET K 29 -57.93 -51.32 -1.65
C MET K 29 -56.82 -51.05 -2.66
N ASN K 30 -57.18 -50.86 -3.94
CA ASN K 30 -56.17 -50.73 -4.98
C ASN K 30 -55.49 -49.37 -4.94
N ASN K 31 -56.25 -48.29 -4.85
CA ASN K 31 -55.64 -46.96 -4.81
C ASN K 31 -55.97 -46.20 -3.53
N TYR K 32 -56.54 -46.86 -2.53
CA TYR K 32 -57.02 -46.19 -1.32
C TYR K 32 -56.01 -46.35 -0.19
N TYR K 33 -55.50 -45.22 0.29
CA TYR K 33 -54.68 -45.21 1.49
C TYR K 33 -55.57 -45.28 2.73
N TRP K 34 -54.98 -45.74 3.83
CA TRP K 34 -55.70 -45.87 5.09
C TRP K 34 -54.85 -45.31 6.23
N THR K 35 -55.53 -44.72 7.22
CA THR K 35 -54.85 -44.11 8.34
C THR K 35 -55.73 -44.22 9.58
N TRP K 36 -55.13 -43.96 10.74
CA TRP K 36 -55.82 -43.99 12.02
C TRP K 36 -55.68 -42.62 12.68
N ILE K 37 -56.82 -42.05 13.08
CA ILE K 37 -56.86 -40.72 13.69
C ILE K 37 -57.47 -40.85 15.08
N ARG K 38 -56.85 -40.17 16.06
CA ARG K 38 -57.28 -40.21 17.45
C ARG K 38 -57.58 -38.80 17.93
N GLN K 39 -58.61 -38.67 18.78
CA GLN K 39 -58.96 -37.38 19.35
C GLN K 39 -59.42 -37.59 20.79
N SER K 40 -58.72 -36.95 21.73
CA SER K 40 -59.04 -36.98 23.15
C SER K 40 -59.76 -35.70 23.56
N PRO K 41 -60.70 -35.77 24.50
CA PRO K 41 -61.38 -34.56 24.97
C PRO K 41 -60.42 -33.67 25.75
N GLY K 42 -60.35 -32.39 25.33
CA GLY K 42 -59.43 -31.44 25.90
C GLY K 42 -58.31 -31.02 24.95
N LYS K 43 -58.13 -31.73 23.84
CA LYS K 43 -57.12 -31.40 22.86
C LYS K 43 -57.71 -31.58 21.47
N GLY K 44 -56.87 -31.44 20.44
CA GLY K 44 -57.29 -31.55 19.07
C GLY K 44 -57.10 -32.94 18.51
N LEU K 45 -57.19 -33.03 17.19
CA LEU K 45 -56.99 -34.30 16.50
C LEU K 45 -55.52 -34.70 16.55
N GLU K 46 -55.28 -36.01 16.62
CA GLU K 46 -53.92 -36.55 16.73
C GLU K 46 -53.73 -37.63 15.68
N TRP K 47 -52.77 -37.41 14.78
CA TRP K 47 -52.41 -38.39 13.77
C TRP K 47 -51.36 -39.34 14.32
N ILE K 48 -51.57 -40.64 14.14
CA ILE K 48 -50.67 -41.64 14.69
C ILE K 48 -49.94 -42.45 13.63
N GLY K 49 -50.39 -42.44 12.40
CA GLY K 49 -49.72 -43.17 11.34
C GLY K 49 -50.67 -43.56 10.23
N TYR K 50 -50.10 -44.17 9.21
CA TYR K 50 -50.87 -44.61 8.04
C TYR K 50 -50.18 -45.82 7.42
N ILE K 51 -50.92 -46.49 6.54
CA ILE K 51 -50.43 -47.65 5.81
C ILE K 51 -50.52 -47.37 4.32
N SER K 52 -49.47 -47.77 3.60
CA SER K 52 -49.41 -47.59 2.15
C SER K 52 -50.00 -48.81 1.45
N ASP K 53 -49.81 -48.88 0.14
CA ASP K 53 -50.33 -50.00 -0.65
C ASP K 53 -49.33 -51.13 -0.79
N ARG K 54 -48.02 -50.84 -0.71
CA ARG K 54 -46.98 -51.84 -0.83
C ARG K 54 -46.49 -52.36 0.52
N GLU K 55 -47.35 -52.30 1.55
CA GLU K 55 -47.05 -52.81 2.89
C GLU K 55 -45.85 -52.13 3.53
N SER K 56 -45.68 -50.84 3.26
CA SER K 56 -44.64 -50.02 3.87
C SER K 56 -45.29 -49.20 4.98
N ALA K 57 -45.21 -49.70 6.21
CA ALA K 57 -45.91 -49.10 7.34
C ALA K 57 -44.98 -48.13 8.07
N THR K 58 -45.38 -46.86 8.14
CA THR K 58 -44.71 -45.86 8.95
C THR K 58 -45.69 -45.30 9.97
N TYR K 59 -45.17 -44.82 11.08
CA TYR K 59 -45.99 -44.37 12.19
C TYR K 59 -45.46 -43.03 12.72
N ASN K 60 -46.19 -42.46 13.67
CA ASN K 60 -45.83 -41.17 14.24
C ASN K 60 -44.60 -41.32 15.13
N PRO K 61 -43.55 -40.54 14.92
CA PRO K 61 -42.36 -40.65 15.77
C PRO K 61 -42.56 -40.13 17.19
N SER K 62 -43.63 -39.38 17.46
CA SER K 62 -43.90 -38.91 18.81
C SER K 62 -44.43 -40.00 19.73
N LEU K 63 -44.83 -41.16 19.17
CA LEU K 63 -45.29 -42.28 19.97
C LEU K 63 -44.24 -43.39 20.10
N ASN K 64 -43.07 -43.21 19.48
CA ASN K 64 -41.94 -44.15 19.56
C ASN K 64 -42.30 -45.54 19.06
N SER K 65 -43.27 -45.62 18.13
CA SER K 65 -43.67 -46.84 17.43
C SER K 65 -44.11 -47.94 18.41
N ARG K 66 -45.18 -47.64 19.15
CA ARG K 66 -45.79 -48.61 20.05
C ARG K 66 -46.96 -49.34 19.40
N VAL K 67 -47.38 -48.94 18.20
CA VAL K 67 -48.51 -49.55 17.52
C VAL K 67 -48.02 -50.21 16.24
N VAL K 68 -48.83 -51.13 15.72
CA VAL K 68 -48.56 -51.77 14.43
C VAL K 68 -49.90 -52.17 13.83
N ILE K 69 -50.07 -51.88 12.54
CA ILE K 69 -51.33 -52.14 11.83
C ILE K 69 -51.05 -53.04 10.64
N SER K 70 -52.12 -53.66 10.14
CA SER K 70 -52.04 -54.55 8.99
C SER K 70 -53.40 -54.62 8.33
N ARG K 71 -53.41 -55.08 7.09
CA ARG K 71 -54.64 -55.21 6.33
C ARG K 71 -54.44 -56.27 5.25
N ASP K 72 -55.55 -56.91 4.87
CA ASP K 72 -55.52 -57.97 3.87
C ASP K 72 -56.74 -57.86 2.97
N THR K 73 -56.61 -58.42 1.78
CA THR K 73 -57.70 -58.45 0.80
C THR K 73 -58.62 -59.65 0.99
N SER K 74 -58.10 -60.77 1.53
CA SER K 74 -58.90 -61.97 1.70
C SER K 74 -59.98 -61.80 2.76
N LYS K 75 -59.81 -60.87 3.69
CA LYS K 75 -60.82 -60.58 4.71
C LYS K 75 -61.40 -59.18 4.61
N ASN K 76 -60.78 -58.27 3.84
CA ASN K 76 -61.21 -56.88 3.67
C ASN K 76 -61.32 -56.16 5.01
N GLN K 77 -60.37 -56.43 5.90
CA GLN K 77 -60.39 -55.92 7.26
C GLN K 77 -59.02 -55.35 7.61
N LEU K 78 -59.02 -54.18 8.24
CA LEU K 78 -57.80 -53.58 8.78
C LEU K 78 -57.99 -53.35 10.27
N SER K 79 -56.91 -53.54 11.02
CA SER K 79 -56.98 -53.48 12.48
C SER K 79 -55.77 -52.73 13.03
N LEU K 80 -55.64 -52.73 14.35
CA LEU K 80 -54.53 -52.08 15.03
C LEU K 80 -54.11 -52.95 16.20
N LYS K 81 -52.80 -53.00 16.46
CA LYS K 81 -52.24 -53.77 17.57
C LYS K 81 -51.43 -52.84 18.45
N LEU K 82 -51.77 -52.80 19.74
CA LEU K 82 -51.10 -51.93 20.71
C LEU K 82 -50.82 -52.71 21.97
N ASN K 83 -49.58 -52.64 22.45
CA ASN K 83 -49.16 -53.29 23.68
C ASN K 83 -48.70 -52.24 24.68
N SER K 84 -48.81 -52.59 25.96
CA SER K 84 -48.44 -51.73 27.09
C SER K 84 -49.21 -50.41 27.04
N VAL K 85 -50.52 -50.52 27.17
CA VAL K 85 -51.41 -49.36 27.05
C VAL K 85 -51.24 -48.48 28.28
N THR K 86 -50.66 -47.30 28.09
CA THR K 86 -50.61 -46.31 29.16
C THR K 86 -52.01 -45.75 29.38
N PRO K 87 -52.45 -45.60 30.65
CA PRO K 87 -53.81 -45.10 30.89
C PRO K 87 -54.00 -43.63 30.54
N ALA K 88 -53.92 -43.32 29.24
CA ALA K 88 -54.19 -41.98 28.74
C ALA K 88 -54.97 -42.00 27.43
N ASP K 89 -55.55 -43.15 27.07
CA ASP K 89 -56.24 -43.31 25.79
C ASP K 89 -57.76 -43.24 25.94
N THR K 90 -58.24 -42.41 26.87
CA THR K 90 -59.68 -42.15 27.01
C THR K 90 -60.08 -41.21 25.87
N ALA K 91 -60.28 -41.79 24.70
CA ALA K 91 -60.46 -41.01 23.48
C ALA K 91 -61.38 -41.77 22.54
N VAL K 92 -61.59 -41.21 21.35
CA VAL K 92 -62.42 -41.80 20.32
C VAL K 92 -61.57 -41.98 19.05
N TYR K 93 -61.73 -43.12 18.39
CA TYR K 93 -60.97 -43.44 17.20
C TYR K 93 -61.77 -43.11 15.95
N TYR K 94 -61.05 -42.96 14.83
CA TYR K 94 -61.66 -42.63 13.56
C TYR K 94 -60.99 -43.45 12.46
N CYS K 95 -61.80 -44.06 11.60
CA CYS K 95 -61.32 -44.84 10.47
C CYS K 95 -61.58 -44.04 9.19
N ALA K 96 -60.52 -43.46 8.64
CA ALA K 96 -60.62 -42.59 7.48
C ALA K 96 -59.56 -42.99 6.45
N THR K 97 -59.77 -42.53 5.22
CA THR K 97 -58.86 -42.79 4.12
C THR K 97 -57.92 -41.61 3.93
N ALA K 98 -57.11 -41.69 2.87
CA ALA K 98 -56.15 -40.64 2.56
C ALA K 98 -55.84 -40.67 1.07
N ARG K 99 -55.43 -39.52 0.55
CA ARG K 99 -55.05 -39.38 -0.84
C ARG K 99 -53.62 -38.86 -0.92
N ARG K 100 -52.83 -39.45 -1.82
CA ARG K 100 -51.43 -39.09 -1.98
C ARG K 100 -51.35 -37.98 -3.03
N GLY K 101 -51.22 -36.74 -2.55
CA GLY K 101 -51.10 -35.59 -3.43
C GLY K 101 -49.66 -35.12 -3.52
N GLN K 102 -49.22 -34.80 -4.73
CA GLN K 102 -47.86 -34.35 -5.00
C GLN K 102 -47.88 -32.86 -5.28
N ARG K 103 -47.11 -32.10 -4.50
CA ARG K 103 -47.00 -30.66 -4.66
C ARG K 103 -45.64 -30.35 -5.26
N ILE K 104 -45.64 -29.91 -6.52
CA ILE K 104 -44.42 -29.62 -7.25
C ILE K 104 -44.18 -28.11 -7.21
N TYR K 105 -43.01 -27.71 -6.72
CA TYR K 105 -42.65 -26.30 -6.67
C TYR K 105 -41.38 -25.96 -7.43
N GLY K 106 -40.63 -26.94 -7.89
CA GLY K 106 -39.41 -26.68 -8.63
C GLY K 106 -39.17 -27.66 -9.75
N VAL K 107 -37.90 -27.97 -10.03
CA VAL K 107 -37.58 -28.92 -11.08
C VAL K 107 -37.94 -30.33 -10.62
N VAL K 108 -38.67 -31.06 -11.47
CA VAL K 108 -39.07 -32.42 -11.13
C VAL K 108 -37.86 -33.35 -11.10
N SER K 109 -36.90 -33.14 -12.00
CA SER K 109 -35.74 -34.02 -12.10
C SER K 109 -34.81 -33.91 -10.91
N PHE K 110 -34.86 -32.81 -10.17
CA PHE K 110 -34.00 -32.62 -9.01
C PHE K 110 -34.67 -33.04 -7.71
N GLY K 111 -35.90 -33.57 -7.78
CA GLY K 111 -36.60 -33.97 -6.57
C GLY K 111 -37.11 -32.81 -5.73
N GLU K 112 -37.51 -31.72 -6.38
CA GLU K 112 -37.99 -30.54 -5.67
C GLU K 112 -39.52 -30.59 -5.56
N PHE K 113 -39.98 -31.56 -4.79
CA PHE K 113 -41.41 -31.72 -4.54
C PHE K 113 -41.57 -32.46 -3.22
N PHE K 114 -42.76 -32.31 -2.63
CA PHE K 114 -43.10 -33.00 -1.40
C PHE K 114 -44.53 -33.51 -1.50
N TYR K 115 -44.78 -34.64 -0.83
CA TYR K 115 -46.08 -35.27 -0.84
C TYR K 115 -46.91 -34.82 0.35
N TYR K 116 -48.19 -34.56 0.10
CA TYR K 116 -49.13 -34.18 1.15
C TYR K 116 -50.32 -35.12 1.11
N TYR K 117 -50.85 -35.43 2.30
CA TYR K 117 -51.97 -36.35 2.44
C TYR K 117 -53.19 -35.60 2.95
N SER K 118 -54.35 -35.88 2.35
CA SER K 118 -55.61 -35.27 2.75
C SER K 118 -56.64 -36.37 2.94
N MET K 119 -57.40 -36.30 4.03
CA MET K 119 -58.43 -37.29 4.34
C MET K 119 -59.71 -36.88 3.63
N ASP K 120 -60.12 -37.65 2.63
CA ASP K 120 -61.31 -37.30 1.85
C ASP K 120 -62.58 -37.70 2.59
N VAL K 121 -62.76 -39.00 2.84
CA VAL K 121 -63.94 -39.52 3.50
C VAL K 121 -63.52 -40.08 4.86
N TRP K 122 -64.38 -39.91 5.86
CA TRP K 122 -64.12 -40.33 7.23
C TRP K 122 -65.10 -41.42 7.63
N GLY K 123 -64.97 -41.88 8.87
CA GLY K 123 -65.87 -42.85 9.45
C GLY K 123 -66.51 -42.31 10.72
N LYS K 124 -67.50 -43.06 11.20
CA LYS K 124 -68.20 -42.66 12.42
C LYS K 124 -67.31 -42.86 13.65
N GLY K 125 -66.89 -44.10 13.87
CA GLY K 125 -65.96 -44.40 14.94
C GLY K 125 -66.64 -44.68 16.27
N THR K 126 -65.83 -45.20 17.20
CA THR K 126 -66.28 -45.47 18.56
C THR K 126 -65.18 -45.06 19.52
N THR K 127 -65.57 -44.93 20.79
CA THR K 127 -64.65 -44.51 21.84
C THR K 127 -64.34 -45.67 22.78
N VAL K 128 -63.18 -45.57 23.43
CA VAL K 128 -62.75 -46.54 24.43
C VAL K 128 -62.47 -45.80 25.74
N THR K 129 -62.65 -46.52 26.85
CA THR K 129 -62.42 -45.97 28.18
C THR K 129 -61.65 -46.99 29.01
N VAL K 130 -60.55 -46.55 29.60
CA VAL K 130 -59.75 -47.40 30.49
C VAL K 130 -60.26 -47.21 31.91
N SER K 131 -60.74 -48.28 32.52
CA SER K 131 -61.30 -48.24 33.86
C SER K 131 -60.58 -49.24 34.75
N SER K 132 -60.50 -48.92 36.04
CA SER K 132 -59.86 -49.77 37.03
C SER K 132 -60.84 -50.72 37.71
N ALA K 133 -62.09 -50.78 37.25
CA ALA K 133 -63.08 -51.66 37.85
C ALA K 133 -63.01 -53.05 37.22
N TYR L 2 -54.90 -26.95 23.14
CA TYR L 2 -55.00 -25.50 23.21
C TYR L 2 -55.89 -24.96 22.11
N VAL L 3 -57.11 -24.58 22.47
CA VAL L 3 -58.12 -24.11 21.53
C VAL L 3 -58.33 -22.61 21.75
N ARG L 4 -58.44 -21.85 20.66
CA ARG L 4 -58.67 -20.41 20.73
C ARG L 4 -60.09 -20.09 20.28
N PRO L 5 -60.77 -19.15 20.96
CA PRO L 5 -62.14 -18.82 20.60
C PRO L 5 -62.22 -17.75 19.52
N LEU L 6 -63.40 -17.68 18.90
CA LEU L 6 -63.67 -16.68 17.88
C LEU L 6 -65.18 -16.45 17.82
N SER L 7 -65.58 -15.18 17.81
CA SER L 7 -66.99 -14.80 17.85
C SER L 7 -67.32 -14.00 16.59
N VAL L 8 -68.19 -14.55 15.75
CA VAL L 8 -68.63 -13.91 14.52
C VAL L 8 -70.15 -13.94 14.50
N ALA L 9 -70.77 -12.77 14.34
CA ALA L 9 -72.22 -12.68 14.36
C ALA L 9 -72.79 -12.95 12.96
N LEU L 10 -74.11 -12.87 12.87
CA LEU L 10 -74.81 -13.11 11.61
C LEU L 10 -74.65 -11.91 10.69
N GLY L 11 -74.50 -12.19 9.39
CA GLY L 11 -74.46 -11.14 8.39
C GLY L 11 -73.10 -10.90 7.79
N GLU L 12 -72.06 -10.94 8.61
CA GLU L 12 -70.70 -10.69 8.17
C GLU L 12 -70.02 -12.01 7.82
N THR L 13 -68.75 -11.94 7.43
CA THR L 13 -67.97 -13.11 7.07
C THR L 13 -67.04 -13.51 8.21
N ALA L 14 -66.52 -14.73 8.12
CA ALA L 14 -65.60 -15.27 9.10
C ALA L 14 -64.24 -15.48 8.45
N ARG L 15 -63.21 -14.87 9.03
CA ARG L 15 -61.85 -14.95 8.50
C ARG L 15 -61.00 -15.72 9.51
N ILE L 16 -60.80 -17.00 9.25
CA ILE L 16 -60.02 -17.88 10.12
C ILE L 16 -58.64 -18.04 9.54
N SER L 17 -57.62 -17.72 10.33
CA SER L 17 -56.22 -17.87 9.93
C SER L 17 -55.47 -18.60 11.02
N CYS L 18 -54.78 -19.67 10.64
CA CYS L 18 -54.02 -20.45 11.60
C CYS L 18 -52.70 -19.77 11.93
N GLY L 19 -52.14 -20.13 13.09
CA GLY L 19 -50.92 -19.51 13.56
C GLY L 19 -49.65 -20.07 12.94
N ARG L 20 -49.74 -21.23 12.29
CA ARG L 20 -48.58 -21.84 11.67
C ARG L 20 -48.21 -21.06 10.41
N GLN L 21 -46.98 -20.54 10.37
CA GLN L 21 -46.51 -19.80 9.21
C GLN L 21 -45.86 -20.75 8.21
N ALA L 22 -45.77 -20.29 6.97
CA ALA L 22 -45.26 -21.10 5.86
C ALA L 22 -43.86 -20.61 5.49
N LEU L 23 -42.88 -21.50 5.62
CA LEU L 23 -41.50 -21.19 5.24
C LEU L 23 -41.24 -21.68 3.81
N GLY L 24 -42.05 -21.16 2.88
CA GLY L 24 -41.92 -21.54 1.48
C GLY L 24 -43.25 -21.88 0.84
N SER L 25 -43.23 -22.77 -0.15
CA SER L 25 -44.45 -23.16 -0.82
C SER L 25 -45.28 -24.05 0.09
N ARG L 26 -46.57 -23.70 0.24
CA ARG L 26 -47.45 -24.37 1.18
C ARG L 26 -48.62 -25.02 0.46
N ALA L 27 -49.23 -25.99 1.13
CA ALA L 27 -50.47 -26.62 0.67
C ALA L 27 -51.23 -27.04 1.94
N VAL L 28 -52.11 -26.16 2.40
CA VAL L 28 -52.78 -26.35 3.68
C VAL L 28 -54.07 -27.12 3.48
N GLN L 29 -54.60 -27.65 4.57
CA GLN L 29 -55.87 -28.37 4.58
C GLN L 29 -56.74 -27.83 5.71
N TRP L 30 -57.96 -27.44 5.39
CA TRP L 30 -58.91 -26.93 6.36
C TRP L 30 -59.95 -27.99 6.65
N TYR L 31 -60.20 -28.24 7.93
CA TYR L 31 -61.14 -29.25 8.37
C TYR L 31 -62.26 -28.62 9.20
N GLN L 32 -63.31 -29.39 9.44
CA GLN L 32 -64.43 -28.97 10.27
C GLN L 32 -64.90 -30.17 11.07
N HIS L 33 -64.78 -30.08 12.40
CA HIS L 33 -65.08 -31.19 13.28
C HIS L 33 -66.07 -30.75 14.35
N ARG L 34 -67.31 -31.21 14.23
CA ARG L 34 -68.28 -30.99 15.29
C ARG L 34 -68.08 -32.02 16.40
N PRO L 35 -68.34 -31.66 17.66
CA PRO L 35 -68.17 -32.62 18.75
C PRO L 35 -69.20 -33.75 18.70
N GLY L 36 -68.73 -34.95 18.36
CA GLY L 36 -69.59 -36.11 18.21
C GLY L 36 -69.77 -36.55 16.77
N GLN L 37 -69.54 -35.67 15.81
CA GLN L 37 -69.68 -35.97 14.40
C GLN L 37 -68.32 -36.24 13.78
N ALA L 38 -68.34 -36.79 12.57
CA ALA L 38 -67.11 -37.05 11.85
C ALA L 38 -66.54 -35.76 11.28
N PRO L 39 -65.21 -35.64 11.21
CA PRO L 39 -64.62 -34.45 10.60
C PRO L 39 -64.87 -34.39 9.10
N ILE L 40 -65.04 -33.17 8.59
CA ILE L 40 -65.37 -32.92 7.20
C ILE L 40 -64.21 -32.16 6.56
N LEU L 41 -63.76 -32.63 5.41
CA LEU L 41 -62.72 -31.94 4.65
C LEU L 41 -63.34 -30.78 3.88
N LEU L 42 -62.72 -29.60 3.97
CA LEU L 42 -63.23 -28.40 3.35
C LEU L 42 -62.37 -27.92 2.18
N ILE L 43 -61.08 -27.70 2.43
CA ILE L 43 -60.18 -27.12 1.43
C ILE L 43 -58.93 -28.00 1.34
N TYR L 44 -58.57 -28.40 0.13
CA TYR L 44 -57.29 -29.05 -0.13
C TYR L 44 -56.64 -28.39 -1.33
N ASN L 45 -55.30 -28.32 -1.30
CA ASN L 45 -54.48 -27.64 -2.31
C ASN L 45 -54.84 -26.16 -2.44
N ASN L 46 -55.31 -25.56 -1.32
CA ASN L 46 -55.51 -24.13 -1.09
C ASN L 46 -56.67 -23.51 -1.86
N GLN L 47 -57.24 -24.24 -2.82
CA GLN L 47 -58.37 -23.70 -3.57
C GLN L 47 -59.47 -24.70 -3.88
N ASP L 48 -59.24 -26.00 -3.74
CA ASP L 48 -60.16 -27.01 -4.26
C ASP L 48 -61.16 -27.43 -3.19
N ARG L 49 -62.42 -27.54 -3.59
CA ARG L 49 -63.48 -28.01 -2.73
C ARG L 49 -63.99 -29.36 -3.22
N PRO L 50 -64.11 -30.34 -2.34
CA PRO L 50 -64.56 -31.67 -2.76
C PRO L 50 -66.08 -31.70 -2.98
N SER L 51 -66.57 -32.88 -3.31
CA SER L 51 -68.01 -33.06 -3.56
C SER L 51 -68.77 -33.01 -2.24
N GLY L 52 -69.72 -32.09 -2.13
CA GLY L 52 -70.50 -31.93 -0.93
C GLY L 52 -70.27 -30.64 -0.18
N ILE L 53 -69.56 -29.69 -0.77
CA ILE L 53 -69.27 -28.40 -0.15
C ILE L 53 -69.91 -27.31 -0.99
N PRO L 54 -70.77 -26.46 -0.44
CA PRO L 54 -71.42 -25.42 -1.22
C PRO L 54 -70.46 -24.25 -1.46
N GLU L 55 -70.97 -23.22 -2.15
CA GLU L 55 -70.22 -22.00 -2.39
C GLU L 55 -70.37 -21.10 -1.14
N ARG L 56 -69.65 -21.50 -0.10
CA ARG L 56 -69.64 -20.76 1.15
C ARG L 56 -68.21 -20.54 1.62
N PHE L 57 -67.35 -21.53 1.39
CA PHE L 57 -65.98 -21.52 1.87
C PHE L 57 -65.02 -21.32 0.70
N SER L 58 -63.89 -20.68 0.99
CA SER L 58 -62.87 -20.43 -0.01
C SER L 58 -61.53 -20.27 0.68
N GLY L 59 -60.46 -20.64 -0.02
CA GLY L 59 -59.11 -20.52 0.52
C GLY L 59 -58.22 -19.64 -0.32
N THR L 60 -57.14 -19.16 0.28
CA THR L 60 -56.21 -18.30 -0.45
C THR L 60 -55.23 -19.17 -1.25
N PRO L 61 -55.06 -18.91 -2.55
CA PRO L 61 -54.14 -19.72 -3.34
C PRO L 61 -52.69 -19.37 -3.02
N ASP L 62 -51.80 -20.26 -3.46
CA ASP L 62 -50.36 -20.11 -3.23
C ASP L 62 -49.73 -19.48 -4.48
N ILE L 63 -49.97 -18.18 -4.64
CA ILE L 63 -49.44 -17.40 -5.74
C ILE L 63 -48.75 -16.17 -5.15
N ASN L 64 -47.51 -15.91 -5.56
CA ASN L 64 -46.67 -14.83 -5.02
C ASN L 64 -46.52 -14.97 -3.50
N PHE L 65 -45.77 -16.01 -3.13
CA PHE L 65 -45.53 -16.37 -1.73
C PHE L 65 -45.04 -15.16 -0.92
N GLY L 66 -45.57 -15.04 0.29
CA GLY L 66 -45.33 -13.89 1.14
C GLY L 66 -46.61 -13.51 1.87
N THR L 67 -47.68 -14.23 1.58
CA THR L 67 -48.99 -14.02 2.18
C THR L 67 -49.26 -15.10 3.22
N ARG L 68 -50.44 -15.02 3.82
CA ARG L 68 -50.86 -15.96 4.85
C ARG L 68 -52.02 -16.82 4.35
N ALA L 69 -52.35 -17.83 5.15
CA ALA L 69 -53.44 -18.74 4.84
C ALA L 69 -54.68 -18.31 5.61
N THR L 70 -55.76 -18.03 4.89
CA THR L 70 -56.99 -17.54 5.48
C THR L 70 -58.17 -18.30 4.87
N LEU L 71 -59.04 -18.83 5.73
CA LEU L 71 -60.27 -19.50 5.30
C LEU L 71 -61.43 -18.53 5.49
N THR L 72 -61.97 -18.02 4.39
CA THR L 72 -63.07 -17.08 4.42
C THR L 72 -64.39 -17.84 4.28
N ILE L 73 -65.38 -17.44 5.07
CA ILE L 73 -66.70 -18.07 5.08
C ILE L 73 -67.72 -17.00 4.76
N SER L 74 -68.29 -17.05 3.56
CA SER L 74 -69.34 -16.10 3.15
C SER L 74 -70.69 -16.71 3.50
N GLY L 75 -71.21 -16.32 4.66
CA GLY L 75 -72.48 -16.84 5.15
C GLY L 75 -72.31 -17.69 6.40
N VAL L 76 -72.63 -17.12 7.56
CA VAL L 76 -72.49 -17.83 8.82
C VAL L 76 -73.78 -18.58 9.12
N GLU L 77 -73.65 -19.82 9.61
CA GLU L 77 -74.80 -20.65 9.92
C GLU L 77 -74.68 -21.10 11.37
N ALA L 78 -75.83 -21.20 12.06
CA ALA L 78 -75.85 -21.60 13.46
C ALA L 78 -75.37 -23.03 13.68
N GLY L 79 -75.41 -23.86 12.65
CA GLY L 79 -74.89 -25.21 12.72
C GLY L 79 -73.39 -25.34 12.49
N ASP L 80 -72.67 -24.20 12.42
CA ASP L 80 -71.23 -24.20 12.21
C ASP L 80 -70.46 -24.03 13.52
N GLU L 81 -71.01 -24.53 14.62
CA GLU L 81 -70.34 -24.52 15.92
C GLU L 81 -69.37 -25.70 15.98
N ALA L 82 -68.24 -25.54 15.28
CA ALA L 82 -67.26 -26.61 15.17
C ALA L 82 -65.87 -26.01 15.24
N ASP L 83 -64.87 -26.89 15.24
CA ASP L 83 -63.47 -26.48 15.24
C ASP L 83 -62.94 -26.49 13.81
N TYR L 84 -62.07 -25.53 13.51
CA TYR L 84 -61.51 -25.37 12.17
C TYR L 84 -59.99 -25.50 12.27
N TYR L 85 -59.46 -26.61 11.77
CA TYR L 85 -58.04 -26.91 11.88
C TYR L 85 -57.30 -26.41 10.64
N CYS L 86 -55.97 -26.34 10.76
CA CYS L 86 -55.10 -25.85 9.68
C CYS L 86 -53.93 -26.83 9.56
N HIS L 87 -54.09 -27.83 8.70
CA HIS L 87 -53.05 -28.82 8.46
C HIS L 87 -52.05 -28.23 7.47
N MET L 88 -51.01 -27.59 7.99
CA MET L 88 -50.03 -26.90 7.16
C MET L 88 -48.98 -27.89 6.67
N TRP L 89 -48.85 -28.00 5.34
CA TRP L 89 -47.82 -28.81 4.71
C TRP L 89 -46.84 -27.87 4.03
N ASP L 90 -45.58 -27.91 4.45
CA ASP L 90 -44.56 -27.00 3.95
C ASP L 90 -43.46 -27.79 3.26
N SER L 91 -42.70 -27.10 2.42
CA SER L 91 -41.59 -27.72 1.71
C SER L 91 -40.32 -27.74 2.54
N ARG L 92 -40.22 -26.90 3.57
CA ARG L 92 -39.03 -26.84 4.41
C ARG L 92 -39.25 -27.40 5.81
N SER L 93 -40.49 -27.58 6.24
CA SER L 93 -40.78 -28.11 7.57
C SER L 93 -40.83 -29.63 7.60
N GLY L 94 -40.63 -30.30 6.46
CA GLY L 94 -40.65 -31.74 6.45
C GLY L 94 -42.07 -32.28 6.57
N PHE L 95 -42.15 -33.51 7.08
CA PHE L 95 -43.44 -34.15 7.26
C PHE L 95 -44.17 -33.55 8.46
N SER L 96 -45.45 -33.26 8.29
CA SER L 96 -46.28 -32.67 9.33
C SER L 96 -47.15 -33.76 9.94
N TRP L 97 -46.86 -34.12 11.19
CA TRP L 97 -47.61 -35.16 11.88
C TRP L 97 -48.69 -34.61 12.80
N SER L 98 -48.68 -33.32 13.10
CA SER L 98 -49.65 -32.69 13.98
C SER L 98 -50.63 -31.85 13.19
N PHE L 99 -51.86 -31.76 13.70
CA PHE L 99 -52.89 -30.96 13.06
C PHE L 99 -52.84 -29.49 13.45
N GLY L 100 -52.02 -29.13 14.43
CA GLY L 100 -51.91 -27.75 14.86
C GLY L 100 -52.89 -27.43 15.98
N GLY L 101 -53.59 -26.31 15.85
CA GLY L 101 -54.53 -25.89 16.86
C GLY L 101 -55.91 -25.68 16.25
N ALA L 102 -56.91 -25.75 17.13
CA ALA L 102 -58.31 -25.59 16.72
C ALA L 102 -58.81 -24.20 17.08
N THR L 103 -59.64 -23.65 16.19
CA THR L 103 -60.27 -22.35 16.39
C THR L 103 -61.77 -22.58 16.54
N ARG L 104 -62.25 -22.58 17.78
CA ARG L 104 -63.65 -22.83 18.07
C ARG L 104 -64.47 -21.59 17.73
N LEU L 105 -65.09 -21.60 16.56
CA LEU L 105 -65.90 -20.46 16.13
C LEU L 105 -67.25 -20.48 16.84
N THR L 106 -67.56 -19.38 17.51
CA THR L 106 -68.83 -19.20 18.19
C THR L 106 -69.66 -18.17 17.43
N VAL L 107 -70.97 -18.39 17.36
CA VAL L 107 -71.89 -17.49 16.68
C VAL L 107 -72.79 -16.84 17.71
N LEU L 108 -73.01 -15.54 17.56
CA LEU L 108 -73.85 -14.77 18.47
C LEU L 108 -75.22 -14.54 17.86
N GLY L 109 -76.22 -14.42 18.73
CA GLY L 109 -77.59 -14.20 18.30
C GLY L 109 -78.22 -15.43 17.67
N ASN M 3 -3.69 40.78 -58.83
CA ASN M 3 -4.56 39.85 -58.13
C ASN M 3 -4.03 39.55 -56.74
N LEU M 4 -4.92 39.19 -55.83
CA LEU M 4 -4.57 38.90 -54.44
C LEU M 4 -4.24 37.42 -54.28
N TRP M 5 -3.27 37.14 -53.41
CA TRP M 5 -2.82 35.78 -53.14
C TRP M 5 -2.78 35.54 -51.65
N VAL M 6 -3.10 34.32 -51.25
CA VAL M 6 -3.13 33.97 -49.83
C VAL M 6 -1.73 33.66 -49.34
N THR M 7 -1.39 34.16 -48.16
CA THR M 7 -0.10 33.93 -47.54
C THR M 7 -0.31 33.30 -46.17
N VAL M 8 0.67 32.50 -45.74
CA VAL M 8 0.59 31.75 -44.49
C VAL M 8 1.48 32.44 -43.46
N TYR M 9 0.89 32.82 -42.33
CA TYR M 9 1.60 33.45 -41.23
C TYR M 9 1.62 32.49 -40.05
N TYR M 10 2.79 32.33 -39.43
CA TYR M 10 2.96 31.45 -38.29
C TYR M 10 3.36 32.29 -37.08
N GLY M 11 2.58 32.19 -36.02
CA GLY M 11 2.83 32.94 -34.80
C GLY M 11 1.94 34.14 -34.60
N VAL M 12 0.71 34.11 -35.09
CA VAL M 12 -0.20 35.24 -34.95
C VAL M 12 -0.79 35.24 -33.55
N PRO M 13 -1.02 36.42 -32.95
CA PRO M 13 -1.60 36.49 -31.58
C PRO M 13 -3.10 36.18 -31.57
N VAL M 14 -3.43 34.91 -31.75
CA VAL M 14 -4.81 34.44 -31.73
C VAL M 14 -4.92 33.32 -30.68
N TRP M 15 -5.87 33.47 -29.77
CA TRP M 15 -6.09 32.48 -28.73
C TRP M 15 -7.53 31.99 -28.76
N LYS M 16 -7.75 30.83 -28.13
CA LYS M 16 -9.08 30.26 -27.99
C LYS M 16 -9.21 29.68 -26.59
N ASP M 17 -10.46 29.51 -26.15
CA ASP M 17 -10.71 28.98 -24.82
C ASP M 17 -10.49 27.48 -24.81
N ALA M 18 -9.78 26.99 -23.79
CA ALA M 18 -9.50 25.57 -23.66
C ALA M 18 -9.27 25.25 -22.19
N GLU M 19 -9.22 23.95 -21.89
CA GLU M 19 -9.01 23.45 -20.54
C GLU M 19 -7.82 22.51 -20.56
N THR M 20 -6.76 22.89 -19.86
CA THR M 20 -5.54 22.08 -19.76
C THR M 20 -5.21 21.84 -18.30
N THR M 21 -4.14 21.07 -18.08
CA THR M 21 -3.68 20.71 -16.74
C THR M 21 -2.52 21.61 -16.37
N LEU M 22 -2.78 22.60 -15.54
CA LEU M 22 -1.74 23.50 -15.06
C LEU M 22 -0.88 22.80 -14.01
N PHE M 23 0.39 23.16 -13.96
CA PHE M 23 1.32 22.59 -12.99
C PHE M 23 1.63 23.60 -11.90
N CYS M 24 2.16 23.10 -10.79
CA CYS M 24 2.44 23.90 -9.62
C CYS M 24 3.77 24.62 -9.75
N ALA M 25 3.99 25.61 -8.88
CA ALA M 25 5.25 26.35 -8.83
C ALA M 25 5.37 26.96 -7.44
N SER M 26 6.36 26.51 -6.68
CA SER M 26 6.56 26.94 -5.31
C SER M 26 7.61 28.05 -5.27
N ASP M 27 8.03 28.42 -4.07
CA ASP M 27 9.04 29.44 -3.85
C ASP M 27 10.37 28.79 -3.48
N ALA M 28 11.35 29.64 -3.18
CA ALA M 28 12.68 29.15 -2.85
C ALA M 28 12.71 28.60 -1.44
N LYS M 29 13.42 27.47 -1.28
CA LYS M 29 13.58 26.84 0.02
C LYS M 29 14.78 27.45 0.73
N ALA M 30 14.56 28.01 1.91
CA ALA M 30 15.63 28.64 2.67
C ALA M 30 16.53 27.59 3.31
N LYS M 35 9.73 22.54 6.63
CA LYS M 35 10.45 21.50 5.91
C LYS M 35 9.50 20.66 5.06
N HIS M 36 8.53 20.02 5.72
CA HIS M 36 7.55 19.19 5.06
C HIS M 36 6.15 19.66 5.42
N ASN M 37 5.19 19.36 4.54
CA ASN M 37 3.80 19.74 4.77
C ASN M 37 2.91 18.83 3.93
N VAL M 38 1.60 18.93 4.17
CA VAL M 38 0.64 18.07 3.49
C VAL M 38 0.50 18.43 2.02
N TRP M 39 0.83 19.67 1.64
CA TRP M 39 0.85 20.08 0.25
C TRP M 39 2.28 19.93 -0.26
N ALA M 40 2.46 19.08 -1.27
CA ALA M 40 3.79 18.65 -1.70
C ALA M 40 4.47 19.81 -2.42
N THR M 41 5.00 20.74 -1.64
CA THR M 41 5.71 21.91 -2.17
C THR M 41 7.21 21.65 -2.26
N HIS M 42 7.55 20.50 -2.86
CA HIS M 42 8.93 20.17 -3.17
C HIS M 42 9.10 19.61 -4.58
N ALA M 43 8.05 19.08 -5.19
CA ALA M 43 8.08 18.65 -6.58
C ALA M 43 7.71 19.77 -7.54
N CYS M 44 7.24 20.91 -7.03
CA CYS M 44 6.95 22.05 -7.88
C CYS M 44 8.23 22.68 -8.40
N VAL M 45 8.14 23.24 -9.61
CA VAL M 45 9.28 23.93 -10.22
C VAL M 45 9.49 25.25 -9.51
N PRO M 46 10.73 25.72 -9.38
CA PRO M 46 10.95 27.03 -8.75
C PRO M 46 10.50 28.16 -9.65
N THR M 47 9.85 29.16 -9.04
CA THR M 47 9.32 30.27 -9.81
C THR M 47 10.44 31.23 -10.20
N ASP M 48 10.12 32.12 -11.14
CA ASP M 48 11.08 33.12 -11.57
C ASP M 48 11.18 34.22 -10.52
N PRO M 49 12.37 34.80 -10.30
CA PRO M 49 12.50 35.86 -9.29
C PRO M 49 11.71 37.12 -9.61
N ASN M 50 11.43 37.40 -10.87
CA ASN M 50 10.57 38.52 -11.24
C ASN M 50 9.52 38.05 -12.24
N PRO M 51 8.23 38.30 -11.99
CA PRO M 51 7.20 37.89 -12.94
C PRO M 51 7.13 38.85 -14.13
N GLN M 52 6.87 38.28 -15.30
CA GLN M 52 6.74 39.05 -16.54
C GLN M 52 5.26 39.21 -16.85
N GLU M 53 4.73 40.40 -16.63
CA GLU M 53 3.33 40.72 -16.89
C GLU M 53 3.28 41.67 -18.08
N ILE M 54 2.94 41.13 -19.25
CA ILE M 54 2.85 41.93 -20.47
C ILE M 54 1.43 42.49 -20.58
N HIS M 55 1.33 43.81 -20.59
CA HIS M 55 0.03 44.46 -20.71
C HIS M 55 -0.49 44.36 -22.13
N LEU M 56 -1.77 44.07 -22.27
CA LEU M 56 -2.42 43.89 -23.57
C LEU M 56 -3.38 45.05 -23.78
N GLU M 57 -3.10 45.89 -24.77
CA GLU M 57 -3.93 47.03 -25.08
C GLU M 57 -4.90 46.72 -26.22
N ASN M 58 -5.96 47.54 -26.30
CA ASN M 58 -6.95 47.50 -27.38
C ASN M 58 -7.64 46.14 -27.50
N VAL M 59 -7.84 45.45 -26.37
CA VAL M 59 -8.47 44.14 -26.36
C VAL M 59 -9.49 44.10 -25.23
N THR M 60 -10.68 43.59 -25.53
CA THR M 60 -11.76 43.43 -24.56
C THR M 60 -12.07 41.93 -24.46
N GLU M 61 -11.37 41.25 -23.56
CA GLU M 61 -11.56 39.82 -23.38
C GLU M 61 -12.72 39.58 -22.42
N GLU M 62 -13.56 38.60 -22.74
CA GLU M 62 -14.72 38.27 -21.93
C GLU M 62 -14.33 37.17 -20.94
N PHE M 63 -14.38 37.49 -19.66
CA PHE M 63 -14.15 36.52 -18.61
C PHE M 63 -15.47 35.89 -18.18
N ASN M 64 -15.38 34.74 -17.53
CA ASN M 64 -16.58 34.03 -17.07
C ASN M 64 -16.24 33.29 -15.78
N MET M 65 -16.75 33.80 -14.67
CA MET M 65 -16.67 33.10 -13.40
C MET M 65 -17.68 31.96 -13.38
N TRP M 66 -17.58 31.11 -12.34
CA TRP M 66 -18.46 29.99 -12.04
C TRP M 66 -18.45 28.89 -13.11
N LYS M 67 -17.59 29.01 -14.13
CA LYS M 67 -17.42 27.98 -15.14
C LYS M 67 -15.95 27.73 -15.44
N ASN M 68 -15.05 28.35 -14.67
CA ASN M 68 -13.62 28.20 -14.90
C ASN M 68 -13.16 26.80 -14.48
N ASN M 69 -12.24 26.24 -15.27
CA ASN M 69 -11.68 24.93 -14.96
C ASN M 69 -10.51 25.01 -13.99
N MET M 70 -10.00 26.20 -13.70
CA MET M 70 -8.86 26.32 -12.81
C MET M 70 -9.24 26.03 -11.36
N VAL M 71 -10.46 26.42 -10.97
CA VAL M 71 -10.92 26.13 -9.62
C VAL M 71 -11.33 24.67 -9.49
N GLU M 72 -11.87 24.07 -10.54
CA GLU M 72 -12.20 22.65 -10.54
C GLU M 72 -10.97 21.77 -10.52
N GLN M 73 -9.84 22.25 -11.00
CA GLN M 73 -8.59 21.50 -10.91
C GLN M 73 -7.91 21.68 -9.56
N MET M 74 -7.98 22.89 -8.99
CA MET M 74 -7.39 23.11 -7.67
C MET M 74 -8.15 22.38 -6.57
N HIS M 75 -9.46 22.19 -6.76
CA HIS M 75 -10.23 21.42 -5.79
C HIS M 75 -9.81 19.95 -5.79
N THR M 76 -9.40 19.42 -6.93
CA THR M 76 -8.93 18.04 -7.00
C THR M 76 -7.51 17.91 -6.46
N ASP M 77 -6.68 18.93 -6.66
CA ASP M 77 -5.28 18.85 -6.24
C ASP M 77 -5.14 18.94 -4.73
N ILE M 78 -6.05 19.64 -4.04
CA ILE M 78 -5.97 19.72 -2.59
C ILE M 78 -6.38 18.40 -1.95
N ILE M 79 -7.43 17.76 -2.48
CA ILE M 79 -7.86 16.46 -1.96
C ILE M 79 -6.81 15.40 -2.26
N SER M 80 -6.15 15.49 -3.42
CA SER M 80 -5.13 14.51 -3.79
C SER M 80 -3.83 14.69 -3.00
N LEU M 81 -3.70 15.76 -2.23
CA LEU M 81 -2.54 15.94 -1.35
C LEU M 81 -2.88 15.82 0.13
N TRP M 82 -4.11 16.16 0.52
CA TRP M 82 -4.50 16.00 1.92
C TRP M 82 -4.71 14.53 2.27
N CYS M 83 -5.19 13.73 1.32
CA CYS M 83 -5.51 12.34 1.57
C CYS M 83 -4.36 11.39 1.26
N GLN M 84 -3.30 11.87 0.61
CA GLN M 84 -2.16 11.02 0.29
C GLN M 84 -1.02 11.17 1.30
N SER M 85 -1.20 11.97 2.35
CA SER M 85 -0.19 12.13 3.39
C SER M 85 -0.53 11.39 4.67
N LEU M 86 -1.76 10.87 4.80
CA LEU M 86 -2.17 10.10 5.95
C LEU M 86 -1.88 8.62 5.80
N LYS M 87 -1.38 8.20 4.64
CA LYS M 87 -1.11 6.78 4.39
C LYS M 87 0.14 6.24 5.08
N PRO M 88 1.34 6.81 4.92
CA PRO M 88 2.54 6.03 5.29
C PRO M 88 2.77 5.90 6.79
N CYS M 89 2.43 6.90 7.59
CA CYS M 89 2.69 6.83 9.02
C CYS M 89 1.50 6.19 9.74
N VAL M 90 1.50 6.29 11.08
CA VAL M 90 0.80 5.33 11.93
C VAL M 90 -0.71 5.52 11.84
N LYS M 91 -1.44 4.42 11.84
CA LYS M 91 -2.90 4.41 11.93
C LYS M 91 -3.33 3.92 13.31
N LEU M 92 -4.30 4.61 13.90
CA LEU M 92 -4.74 4.31 15.26
C LEU M 92 -5.95 3.38 15.28
N THR M 93 -5.85 2.24 14.62
CA THR M 93 -6.92 1.25 14.71
C THR M 93 -7.13 0.57 16.08
N PRO M 94 -6.16 0.44 17.00
CA PRO M 94 -6.54 -0.09 18.31
C PRO M 94 -7.00 0.96 19.32
N LEU M 95 -7.34 2.17 18.87
CA LEU M 95 -7.79 3.22 19.77
C LEU M 95 -9.28 3.14 20.09
N CYS M 96 -10.02 2.22 19.47
CA CYS M 96 -11.46 2.11 19.67
C CYS M 96 -11.83 1.22 20.84
N VAL M 97 -10.94 1.05 21.83
CA VAL M 97 -11.27 0.31 23.04
C VAL M 97 -12.18 1.17 23.92
N THR M 98 -12.84 0.52 24.87
CA THR M 98 -13.74 1.24 25.77
C THR M 98 -12.95 2.07 26.77
N LEU M 99 -13.40 3.30 26.99
CA LEU M 99 -12.71 4.25 27.85
C LEU M 99 -13.43 4.37 29.18
N GLN M 100 -12.72 4.94 30.16
CA GLN M 100 -13.25 5.23 31.48
C GLN M 100 -12.98 6.71 31.75
N CYS M 101 -13.90 7.57 31.32
CA CYS M 101 -13.68 9.01 31.33
C CYS M 101 -14.29 9.64 32.57
N THR M 102 -13.50 10.46 33.27
CA THR M 102 -13.96 11.27 34.38
C THR M 102 -13.81 12.74 34.02
N ASN M 103 -14.43 13.60 34.83
CA ASN M 103 -14.36 15.03 34.60
C ASN M 103 -13.02 15.58 35.11
N VAL M 104 -12.71 16.80 34.67
CA VAL M 104 -11.47 17.48 35.02
C VAL M 104 -11.74 18.67 35.93
N THR M 105 -12.71 19.50 35.57
CA THR M 105 -13.01 20.71 36.32
C THR M 105 -13.82 20.38 37.56
N ASN M 106 -13.41 20.93 38.70
CA ASN M 106 -14.10 20.70 39.96
C ASN M 106 -15.26 21.67 40.16
N ASN M 107 -14.98 22.98 40.10
CA ASN M 107 -16.01 23.99 40.28
C ASN M 107 -16.90 24.07 39.03
N ILE M 108 -18.13 23.60 39.17
CA ILE M 108 -19.07 23.62 38.05
C ILE M 108 -19.59 25.04 37.84
N THR M 109 -19.93 25.36 36.60
CA THR M 109 -20.41 26.69 36.25
C THR M 109 -21.93 26.75 36.33
N MET M 112 -16.31 25.52 30.57
CA MET M 112 -17.51 24.80 30.94
C MET M 112 -17.15 23.44 31.55
N ARG M 113 -17.85 23.09 32.63
CA ARG M 113 -17.64 21.81 33.33
C ARG M 113 -18.18 20.70 32.43
N GLY M 114 -17.26 19.97 31.80
CA GLY M 114 -17.60 18.92 30.88
C GLY M 114 -17.00 19.05 29.49
N GLU M 115 -16.06 19.97 29.28
CA GLU M 115 -15.42 20.13 27.99
C GLU M 115 -14.31 19.11 27.80
N LEU M 116 -13.48 18.92 28.82
CA LEU M 116 -12.38 17.96 28.78
C LEU M 116 -12.77 16.70 29.55
N LYS M 117 -12.27 15.56 29.07
CA LYS M 117 -12.52 14.28 29.69
C LYS M 117 -11.20 13.57 29.96
N ASN M 118 -11.06 13.02 31.16
CA ASN M 118 -9.86 12.30 31.57
C ASN M 118 -10.15 10.80 31.42
N CYS M 119 -9.83 10.26 30.24
CA CYS M 119 -10.16 8.89 29.91
C CYS M 119 -8.95 7.99 30.07
N SER M 120 -9.17 6.82 30.65
CA SER M 120 -8.16 5.78 30.79
C SER M 120 -8.63 4.52 30.07
N PHE M 121 -7.68 3.79 29.50
CA PHE M 121 -8.02 2.63 28.68
C PHE M 121 -6.84 1.68 28.65
N ASN M 122 -7.08 0.50 28.09
CA ASN M 122 -6.06 -0.54 27.93
C ASN M 122 -5.49 -0.43 26.52
N MET M 123 -4.20 -0.13 26.42
CA MET M 123 -3.53 0.00 25.15
C MET M 123 -2.54 -1.15 24.95
N THR M 124 -2.32 -1.49 23.68
CA THR M 124 -1.42 -2.59 23.37
C THR M 124 0.03 -2.19 23.58
N THR M 125 0.81 -3.07 24.19
CA THR M 125 2.23 -2.86 24.38
C THR M 125 2.97 -3.31 23.12
N GLU M 126 4.25 -2.92 23.03
CA GLU M 126 5.08 -3.33 21.89
C GLU M 126 5.30 -4.84 21.87
N LEU M 127 5.19 -5.51 23.02
CA LEU M 127 5.16 -6.96 23.08
C LEU M 127 3.69 -7.38 23.12
N ARG M 128 3.25 -8.11 22.09
CA ARG M 128 1.82 -8.38 21.94
C ARG M 128 1.36 -9.58 22.77
N ASP M 129 1.74 -9.59 24.04
CA ASP M 129 1.16 -10.52 25.01
C ASP M 129 0.87 -9.84 26.34
N LYS M 130 1.21 -8.56 26.49
CA LYS M 130 0.90 -7.79 27.68
C LYS M 130 0.14 -6.54 27.28
N LYS M 131 -0.44 -5.87 28.27
CA LYS M 131 -1.22 -4.67 28.03
C LYS M 131 -0.92 -3.65 29.12
N GLN M 132 -0.97 -2.38 28.75
CA GLN M 132 -0.71 -1.28 29.68
C GLN M 132 -1.97 -0.46 29.88
N LYS M 133 -2.07 0.13 31.07
CA LYS M 133 -3.21 0.97 31.42
C LYS M 133 -2.75 2.42 31.37
N VAL M 134 -3.01 3.09 30.26
CA VAL M 134 -2.60 4.46 30.05
C VAL M 134 -3.83 5.37 30.11
N TYR M 135 -3.57 6.67 30.26
CA TYR M 135 -4.63 7.66 30.33
C TYR M 135 -4.30 8.83 29.40
N SER M 136 -5.35 9.53 28.99
CA SER M 136 -5.20 10.66 28.08
C SER M 136 -6.39 11.59 28.24
N LEU M 137 -6.21 12.83 27.77
CA LEU M 137 -7.26 13.83 27.81
C LEU M 137 -7.92 13.93 26.45
N PHE M 138 -9.25 13.83 26.43
CA PHE M 138 -10.03 13.97 25.21
C PHE M 138 -11.08 15.04 25.40
N TYR M 139 -11.44 15.70 24.29
CA TYR M 139 -12.50 16.70 24.33
C TYR M 139 -13.87 16.02 24.28
N ARG M 140 -14.90 16.81 24.58
CA ARG M 140 -16.26 16.27 24.58
C ARG M 140 -16.75 15.96 23.18
N LEU M 141 -16.24 16.67 22.17
CA LEU M 141 -16.67 16.45 20.80
C LEU M 141 -16.04 15.21 20.17
N ASP M 142 -15.11 14.56 20.86
CA ASP M 142 -14.45 13.36 20.34
C ASP M 142 -14.90 12.09 21.04
N VAL M 143 -15.80 12.17 22.02
CA VAL M 143 -16.24 11.02 22.78
C VAL M 143 -17.76 10.97 22.76
N VAL M 144 -18.30 9.74 22.77
CA VAL M 144 -19.73 9.51 22.93
C VAL M 144 -19.93 8.47 24.02
N GLN M 145 -21.12 8.45 24.60
CA GLN M 145 -21.44 7.50 25.64
C GLN M 145 -21.96 6.20 25.02
N ILE M 146 -21.51 5.07 25.55
CA ILE M 146 -21.91 3.78 25.00
C ILE M 146 -23.34 3.46 25.40
N ASN M 147 -23.63 3.45 26.70
CA ASN M 147 -24.97 3.16 27.19
C ASN M 147 -25.59 4.34 27.92
N LYS M 159 -19.98 7.25 32.82
CA LYS M 159 -18.70 6.72 32.36
C LYS M 159 -18.89 5.78 31.19
N GLU M 160 -17.87 4.96 30.93
CA GLU M 160 -17.86 3.96 29.85
C GLU M 160 -18.10 4.61 28.49
N TYR M 161 -17.16 5.46 28.09
CA TYR M 161 -17.20 6.16 26.82
C TYR M 161 -16.38 5.42 25.78
N ARG M 162 -16.32 5.99 24.58
CA ARG M 162 -15.45 5.52 23.51
C ARG M 162 -15.06 6.74 22.68
N LEU M 163 -14.49 6.52 21.49
CA LEU M 163 -14.21 7.62 20.60
C LEU M 163 -15.50 8.09 19.93
N ILE M 164 -15.38 9.06 19.02
CA ILE M 164 -16.57 9.74 18.49
C ILE M 164 -17.37 8.81 17.59
N ASN M 165 -16.76 8.29 16.53
CA ASN M 165 -17.48 7.39 15.63
C ASN M 165 -17.21 5.92 15.92
N CYS M 166 -15.97 5.47 15.68
CA CYS M 166 -15.54 4.08 15.80
C CYS M 166 -16.43 3.07 15.08
N ASN M 167 -17.26 3.52 14.15
CA ASN M 167 -18.15 2.62 13.41
C ASN M 167 -18.25 2.93 11.93
N THR M 168 -17.96 4.14 11.49
CA THR M 168 -18.00 4.50 10.08
C THR M 168 -16.65 4.85 9.50
N SER M 169 -15.62 5.03 10.32
CA SER M 169 -14.33 5.50 9.86
C SER M 169 -13.21 4.71 10.52
N ALA M 170 -12.09 4.63 9.80
CA ALA M 170 -10.85 4.04 10.32
C ALA M 170 -9.92 5.19 10.68
N ILE M 171 -9.80 5.48 11.97
CA ILE M 171 -9.09 6.66 12.45
C ILE M 171 -7.59 6.43 12.34
N THR M 172 -6.93 7.25 11.53
CA THR M 172 -5.48 7.27 11.45
C THR M 172 -4.97 8.60 12.00
N GLN M 173 -3.76 8.57 12.54
CA GLN M 173 -3.18 9.76 13.16
C GLN M 173 -2.65 10.70 12.08
N ALA M 174 -2.89 12.00 12.28
CA ALA M 174 -2.25 13.00 11.44
C ALA M 174 -0.75 12.96 11.66
N CYS M 175 0.00 13.17 10.61
CA CYS M 175 1.40 12.79 10.64
C CYS M 175 2.21 13.89 11.31
N PRO M 176 3.07 13.57 12.28
CA PRO M 176 3.63 14.62 13.14
C PRO M 176 4.74 15.43 12.49
N LYS M 177 5.46 14.87 11.53
CA LYS M 177 6.59 15.59 10.94
C LYS M 177 6.15 16.63 9.93
N VAL M 178 5.05 16.39 9.22
CA VAL M 178 4.54 17.35 8.23
C VAL M 178 3.83 18.48 8.96
N SER M 179 3.61 19.59 8.26
CA SER M 179 2.98 20.76 8.83
C SER M 179 1.69 21.09 8.09
N PHE M 180 0.88 21.94 8.71
CA PHE M 180 -0.41 22.35 8.16
C PHE M 180 -0.40 23.80 7.69
N GLU M 181 0.77 24.41 7.60
CA GLU M 181 0.86 25.83 7.25
C GLU M 181 0.57 26.02 5.77
N PRO M 182 -0.42 26.82 5.39
CA PRO M 182 -0.69 27.09 3.97
C PRO M 182 0.31 28.10 3.41
N ILE M 183 1.23 27.61 2.60
CA ILE M 183 2.21 28.49 1.96
C ILE M 183 1.73 28.78 0.54
N PRO M 184 2.04 29.95 -0.03
CA PRO M 184 1.48 30.31 -1.34
C PRO M 184 2.06 29.44 -2.46
N ILE M 185 1.17 28.95 -3.31
CA ILE M 185 1.55 28.17 -4.49
C ILE M 185 1.07 28.92 -5.72
N HIS M 186 1.68 28.59 -6.86
CA HIS M 186 1.34 29.19 -8.14
C HIS M 186 0.92 28.10 -9.12
N TYR M 187 0.19 28.51 -10.15
CA TYR M 187 -0.34 27.58 -11.15
C TYR M 187 0.09 28.07 -12.53
N CYS M 188 1.14 27.46 -13.08
CA CYS M 188 1.71 27.96 -14.32
C CYS M 188 1.35 27.05 -15.50
N ALA M 189 1.04 27.70 -16.65
CA ALA M 189 0.53 27.12 -17.87
C ALA M 189 1.66 26.51 -18.69
N PRO M 190 1.38 25.42 -19.41
CA PRO M 190 2.41 24.81 -20.25
C PRO M 190 2.71 25.61 -21.50
N ALA M 191 3.58 25.07 -22.37
CA ALA M 191 3.89 25.75 -23.62
C ALA M 191 2.70 25.70 -24.56
N GLY M 192 2.43 26.83 -25.21
CA GLY M 192 1.29 26.95 -26.10
C GLY M 192 0.04 27.49 -25.45
N PHE M 193 0.01 27.61 -24.12
CA PHE M 193 -1.13 28.15 -23.39
C PHE M 193 -0.71 29.43 -22.69
N ALA M 194 -1.70 30.26 -22.37
CA ALA M 194 -1.47 31.53 -21.70
C ALA M 194 -2.56 31.77 -20.67
N ILE M 195 -2.24 32.59 -19.67
CA ILE M 195 -3.15 32.95 -18.61
C ILE M 195 -3.42 34.45 -18.72
N LEU M 196 -4.70 34.82 -18.80
CA LEU M 196 -5.11 36.21 -18.92
C LEU M 196 -5.62 36.70 -17.57
N LYS M 197 -5.07 37.81 -17.10
CA LYS M 197 -5.47 38.40 -15.83
C LYS M 197 -6.27 39.67 -16.09
N CYS M 198 -7.47 39.74 -15.50
CA CYS M 198 -8.32 40.91 -15.62
C CYS M 198 -8.01 41.88 -14.48
N LYS M 199 -7.67 43.12 -14.83
CA LYS M 199 -7.31 44.13 -13.85
C LYS M 199 -8.38 45.21 -13.71
N ASP M 200 -9.59 44.95 -14.20
CA ASP M 200 -10.67 45.92 -14.10
C ASP M 200 -11.23 45.93 -12.68
N LYS M 201 -11.37 47.13 -12.12
CA LYS M 201 -11.84 47.26 -10.73
C LYS M 201 -13.33 47.02 -10.63
N LYS M 202 -14.13 47.70 -11.45
CA LYS M 202 -15.58 47.53 -11.45
C LYS M 202 -15.96 46.35 -12.34
N PHE M 203 -15.58 45.16 -11.88
CA PHE M 203 -15.77 43.92 -12.62
C PHE M 203 -16.31 42.86 -11.68
N ASN M 204 -17.54 42.42 -11.92
CA ASN M 204 -18.13 41.34 -11.16
C ASN M 204 -17.70 40.00 -11.75
N GLY M 205 -18.39 38.92 -11.39
CA GLY M 205 -17.98 37.60 -11.82
C GLY M 205 -18.06 37.38 -13.32
N THR M 206 -19.23 37.63 -13.90
CA THR M 206 -19.46 37.39 -15.33
C THR M 206 -19.54 38.73 -16.06
N GLY M 207 -18.80 38.85 -17.15
CA GLY M 207 -18.82 40.05 -17.95
C GLY M 207 -17.50 40.29 -18.68
N PRO M 208 -17.52 41.15 -19.69
CA PRO M 208 -16.28 41.47 -20.40
C PRO M 208 -15.35 42.32 -19.54
N CYS M 209 -14.06 42.25 -19.85
CA CYS M 209 -13.03 42.97 -19.11
C CYS M 209 -12.17 43.75 -20.10
N PRO M 210 -12.31 45.07 -20.16
CA PRO M 210 -11.52 45.86 -21.12
C PRO M 210 -10.10 46.15 -20.66
N ASN M 211 -9.71 45.73 -19.47
CA ASN M 211 -8.36 45.94 -18.94
C ASN M 211 -7.79 44.57 -18.60
N VAL M 212 -7.22 43.90 -19.59
CA VAL M 212 -6.72 42.54 -19.44
C VAL M 212 -5.26 42.50 -19.86
N SER M 213 -4.45 41.79 -19.07
CA SER M 213 -3.04 41.56 -19.37
C SER M 213 -2.77 40.06 -19.25
N THR M 214 -1.62 39.64 -19.75
CA THR M 214 -1.21 38.24 -19.67
C THR M 214 -0.10 38.11 -18.64
N VAL M 215 -0.02 36.92 -18.04
CA VAL M 215 1.03 36.58 -17.09
C VAL M 215 1.56 35.22 -17.44
N GLN M 216 2.78 34.92 -16.96
CA GLN M 216 3.25 33.56 -17.00
C GLN M 216 2.41 32.69 -16.08
N CYS M 217 2.18 33.16 -14.85
CA CYS M 217 1.26 32.56 -13.90
C CYS M 217 0.90 33.53 -12.77
N THR M 218 0.01 33.03 -11.91
CA THR M 218 -0.76 33.84 -10.97
C THR M 218 0.10 34.31 -9.79
N HIS M 219 -0.55 35.00 -8.86
CA HIS M 219 0.08 35.46 -7.64
C HIS M 219 0.09 34.34 -6.60
N GLY M 220 0.48 34.66 -5.37
CA GLY M 220 0.50 33.68 -4.31
C GLY M 220 -0.87 33.32 -3.80
N ILE M 221 -1.32 32.09 -4.06
CA ILE M 221 -2.62 31.61 -3.63
C ILE M 221 -2.39 30.67 -2.46
N LYS M 222 -2.82 31.09 -1.28
CA LYS M 222 -2.67 30.26 -0.09
C LYS M 222 -3.88 29.34 0.05
N PRO M 223 -3.69 28.02 0.10
CA PRO M 223 -4.84 27.10 0.25
C PRO M 223 -5.36 27.06 1.69
N VAL M 224 -6.05 28.12 2.07
CA VAL M 224 -6.61 28.24 3.42
C VAL M 224 -7.99 27.60 3.43
N VAL M 225 -8.23 26.74 4.41
CA VAL M 225 -9.50 26.03 4.55
C VAL M 225 -10.33 26.72 5.62
N SER M 226 -11.43 27.33 5.20
CA SER M 226 -12.36 27.97 6.13
C SER M 226 -13.75 27.90 5.53
N THR M 227 -14.76 28.16 6.37
CA THR M 227 -16.15 27.99 5.99
C THR M 227 -16.92 29.31 5.93
N GLN M 228 -16.93 30.07 7.01
CA GLN M 228 -17.75 31.28 7.08
C GLN M 228 -16.98 32.55 6.77
N LEU M 229 -15.73 32.67 7.22
CA LEU M 229 -14.93 33.85 7.00
C LEU M 229 -13.70 33.48 6.18
N LEU M 230 -13.48 34.20 5.08
CA LEU M 230 -12.32 33.97 4.22
C LEU M 230 -11.10 34.58 4.86
N LEU M 231 -10.19 33.74 5.35
CA LEU M 231 -9.00 34.20 6.06
C LEU M 231 -7.80 34.19 5.13
N ASN M 232 -6.97 35.25 5.25
CA ASN M 232 -5.71 35.40 4.53
C ASN M 232 -5.91 35.33 3.01
N GLY M 233 -6.80 36.20 2.51
CA GLY M 233 -7.12 36.23 1.10
C GLY M 233 -6.66 37.50 0.42
N SER M 234 -7.10 37.65 -0.83
CA SER M 234 -6.79 38.83 -1.62
C SER M 234 -7.91 39.87 -1.45
N LEU M 235 -7.51 41.12 -1.28
CA LEU M 235 -8.46 42.19 -1.00
C LEU M 235 -8.85 42.89 -2.30
N ALA M 236 -9.88 43.74 -2.20
CA ALA M 236 -10.32 44.54 -3.34
C ALA M 236 -9.43 45.78 -3.47
N GLU M 237 -9.77 46.63 -4.43
CA GLU M 237 -8.97 47.82 -4.72
C GLU M 237 -9.62 49.11 -4.22
N GLU M 238 -10.87 49.37 -4.58
CA GLU M 238 -11.53 50.62 -4.25
C GLU M 238 -12.68 50.43 -3.27
N GLU M 239 -13.65 49.57 -3.59
CA GLU M 239 -14.84 49.38 -2.78
C GLU M 239 -15.06 47.89 -2.52
N VAL M 240 -16.02 47.60 -1.67
CA VAL M 240 -16.37 46.22 -1.35
C VAL M 240 -17.11 45.62 -2.53
N MET M 241 -16.60 44.50 -3.04
CA MET M 241 -17.17 43.84 -4.20
C MET M 241 -18.03 42.67 -3.76
N ILE M 242 -19.21 42.54 -4.34
CA ILE M 242 -20.15 41.46 -4.03
C ILE M 242 -20.36 40.66 -5.31
N ARG M 243 -19.92 39.41 -5.29
CA ARG M 243 -19.99 38.54 -6.47
C ARG M 243 -20.86 37.33 -6.15
N SER M 244 -21.71 36.96 -7.12
CA SER M 244 -22.54 35.77 -7.00
C SER M 244 -22.88 35.29 -8.41
N GLU M 245 -23.25 34.01 -8.49
CA GLU M 245 -23.66 33.47 -9.78
C GLU M 245 -25.00 34.05 -10.22
N ASN M 246 -25.96 34.14 -9.30
CA ASN M 246 -27.24 34.79 -9.58
C ASN M 246 -27.83 35.26 -8.26
N ILE M 247 -28.18 36.54 -8.19
CA ILE M 247 -28.74 37.09 -6.96
C ILE M 247 -30.17 36.60 -6.76
N THR M 248 -30.89 36.29 -7.85
CA THR M 248 -32.27 35.85 -7.73
C THR M 248 -32.36 34.45 -7.15
N ASN M 249 -31.46 33.55 -7.53
CA ASN M 249 -31.44 32.20 -7.01
C ASN M 249 -30.88 32.21 -5.60
N ASN M 250 -31.72 31.90 -4.61
CA ASN M 250 -31.28 31.92 -3.21
C ASN M 250 -30.43 30.73 -2.83
N ALA M 251 -30.33 29.71 -3.70
CA ALA M 251 -29.50 28.55 -3.42
C ALA M 251 -28.03 28.77 -3.77
N LYS M 252 -27.66 29.96 -4.22
CA LYS M 252 -26.29 30.29 -4.56
C LYS M 252 -25.68 31.13 -3.45
N ASN M 253 -24.48 30.73 -3.00
CA ASN M 253 -23.83 31.46 -1.93
C ASN M 253 -23.26 32.77 -2.44
N ILE M 254 -23.58 33.85 -1.74
CA ILE M 254 -23.11 35.19 -2.10
C ILE M 254 -21.70 35.37 -1.57
N LEU M 255 -20.76 35.66 -2.47
CA LEU M 255 -19.37 35.87 -2.11
C LEU M 255 -19.08 37.35 -1.95
N VAL M 256 -18.56 37.73 -0.78
CA VAL M 256 -18.23 39.11 -0.48
C VAL M 256 -16.71 39.22 -0.38
N GLN M 257 -16.15 40.31 -0.89
CA GLN M 257 -14.72 40.57 -0.82
C GLN M 257 -14.50 41.96 -0.25
N PHE M 258 -13.73 42.04 0.83
CA PHE M 258 -13.48 43.30 1.50
C PHE M 258 -12.37 44.09 0.82
N ASN M 259 -12.36 45.40 1.07
CA ASN M 259 -11.29 46.27 0.61
C ASN M 259 -10.31 46.65 1.70
N THR M 260 -10.73 46.55 2.96
CA THR M 260 -9.88 46.75 4.12
C THR M 260 -9.88 45.50 4.99
N PRO M 261 -8.75 45.16 5.61
CA PRO M 261 -8.71 43.93 6.41
C PRO M 261 -9.28 44.12 7.80
N VAL M 262 -9.88 43.05 8.30
CA VAL M 262 -10.41 42.99 9.65
C VAL M 262 -9.56 42.00 10.44
N GLN M 263 -8.74 42.50 11.35
CA GLN M 263 -7.81 41.66 12.08
C GLN M 263 -8.54 40.86 13.14
N ILE M 264 -8.23 39.56 13.23
CA ILE M 264 -8.83 38.66 14.20
C ILE M 264 -7.70 37.98 14.97
N ASN M 265 -7.85 37.92 16.30
CA ASN M 265 -6.84 37.34 17.18
C ASN M 265 -7.43 36.11 17.86
N CYS M 266 -7.03 34.94 17.40
CA CYS M 266 -7.50 33.68 17.96
C CYS M 266 -6.40 33.02 18.77
N THR M 267 -6.77 32.37 19.86
CA THR M 267 -5.80 31.78 20.76
C THR M 267 -6.38 30.54 21.43
N ARG M 268 -5.49 29.74 22.00
CA ARG M 268 -5.85 28.59 22.83
C ARG M 268 -4.96 28.65 24.06
N PRO M 269 -5.44 29.26 25.15
CA PRO M 269 -4.56 29.52 26.31
C PRO M 269 -4.25 28.30 27.16
N ASN M 270 -4.75 27.12 26.82
CA ASN M 270 -4.45 25.91 27.58
C ASN M 270 -3.04 25.44 27.24
N ASN M 271 -2.15 25.44 28.24
CA ASN M 271 -0.77 24.99 28.06
C ASN M 271 -0.76 23.47 28.15
N ASN M 272 -0.87 22.81 27.01
CA ASN M 272 -0.96 21.36 26.95
C ASN M 272 0.42 20.73 26.87
N THR M 273 0.51 19.50 27.35
CA THR M 273 1.72 18.69 27.25
C THR M 273 1.43 17.44 26.42
N ARG M 274 2.44 17.00 25.68
CA ARG M 274 2.31 15.87 24.77
C ARG M 274 3.15 14.71 25.28
N LYS M 275 2.52 13.58 25.54
CA LYS M 275 3.19 12.37 25.96
C LYS M 275 3.13 11.33 24.85
N SER M 276 4.17 10.50 24.77
CA SER M 276 4.29 9.48 23.74
C SER M 276 3.94 8.13 24.32
N ILE M 277 3.08 7.39 23.62
CA ILE M 277 2.65 6.07 24.03
C ILE M 277 2.97 5.09 22.91
N ARG M 278 3.84 4.13 23.19
CA ARG M 278 4.21 3.11 22.20
C ARG M 278 3.10 2.06 22.13
N ILE M 279 2.37 2.05 21.02
CA ILE M 279 1.27 1.10 20.83
C ILE M 279 1.66 -0.09 19.97
N GLY M 280 2.90 -0.14 19.50
CA GLY M 280 3.35 -1.24 18.69
C GLY M 280 4.84 -1.15 18.39
N PRO M 281 5.35 -2.06 17.57
CA PRO M 281 6.77 -2.01 17.21
C PRO M 281 7.06 -0.86 16.26
N GLY M 282 7.71 0.19 16.76
CA GLY M 282 8.03 1.34 15.94
C GLY M 282 6.86 2.24 15.63
N GLN M 283 5.78 2.17 16.41
CA GLN M 283 4.60 3.01 16.19
C GLN M 283 4.24 3.68 17.50
N ALA M 284 4.23 5.02 17.49
CA ALA M 284 3.94 5.80 18.68
C ALA M 284 2.61 6.54 18.51
N PHE M 285 1.96 6.83 19.63
CA PHE M 285 0.69 7.54 19.66
C PHE M 285 0.82 8.71 20.62
N TYR M 286 0.69 9.93 20.09
CA TYR M 286 0.88 11.14 20.90
C TYR M 286 -0.42 11.47 21.61
N ALA M 287 -0.47 11.16 22.91
CA ALA M 287 -1.64 11.46 23.72
C ALA M 287 -1.49 12.86 24.32
N THR M 288 -2.40 13.22 25.22
CA THR M 288 -2.39 14.52 25.88
C THR M 288 -2.24 14.29 27.38
N GLY M 289 -1.11 14.74 27.93
CA GLY M 289 -0.84 14.59 29.35
C GLY M 289 -1.56 15.63 30.19
N ASP M 290 -0.90 16.07 31.25
CA ASP M 290 -1.48 17.07 32.13
C ASP M 290 -1.42 18.45 31.46
N ILE M 291 -2.27 19.34 31.94
CA ILE M 291 -2.30 20.73 31.48
C ILE M 291 -1.67 21.59 32.56
N ILE M 292 -0.51 22.16 32.26
CA ILE M 292 0.26 22.95 33.22
C ILE M 292 -0.33 24.36 33.25
N GLY M 293 -1.15 24.63 34.26
CA GLY M 293 -1.73 25.96 34.40
C GLY M 293 -3.23 25.94 34.63
N ASP M 294 -3.91 26.99 34.16
CA ASP M 294 -5.35 27.11 34.34
C ASP M 294 -6.10 26.46 33.18
N ILE M 295 -7.28 25.95 33.48
CA ILE M 295 -8.18 25.40 32.47
C ILE M 295 -9.01 26.57 31.93
N ARG M 296 -8.71 26.98 30.71
CA ARG M 296 -9.39 28.09 30.07
C ARG M 296 -10.00 27.65 28.75
N GLN M 297 -10.76 28.55 28.13
CA GLN M 297 -11.48 28.27 26.89
C GLN M 297 -10.87 29.06 25.75
N ALA M 298 -10.72 28.40 24.60
CA ALA M 298 -10.22 29.06 23.41
C ALA M 298 -11.26 30.04 22.88
N HIS M 299 -10.78 31.16 22.33
CA HIS M 299 -11.67 32.21 21.88
C HIS M 299 -10.98 33.00 20.77
N CYS M 300 -11.73 33.93 20.18
CA CYS M 300 -11.22 34.83 19.16
C CYS M 300 -11.73 36.24 19.44
N ASN M 301 -10.98 37.24 18.99
CA ASN M 301 -11.31 38.63 19.23
C ASN M 301 -11.29 39.40 17.92
N VAL M 302 -12.32 40.20 17.68
CA VAL M 302 -12.35 41.14 16.58
C VAL M 302 -12.71 42.52 17.14
N SER M 303 -12.28 43.55 16.43
CA SER M 303 -12.55 44.91 16.86
C SER M 303 -14.00 45.28 16.56
N LYS M 304 -14.72 45.72 17.59
CA LYS M 304 -16.13 46.06 17.42
C LYS M 304 -16.31 47.35 16.62
N ALA M 305 -15.35 48.27 16.72
CA ALA M 305 -15.44 49.49 15.94
C ALA M 305 -15.13 49.22 14.47
N THR M 306 -14.21 48.28 14.19
CA THR M 306 -13.88 47.94 12.82
C THR M 306 -14.95 47.07 12.18
N TRP M 307 -15.62 46.23 12.98
CA TRP M 307 -16.63 45.32 12.42
C TRP M 307 -17.88 46.08 11.99
N ASN M 308 -18.28 47.11 12.74
CA ASN M 308 -19.41 47.92 12.32
C ASN M 308 -19.04 48.79 11.12
N GLU M 309 -17.79 49.21 11.01
CA GLU M 309 -17.34 49.95 9.84
C GLU M 309 -17.28 49.06 8.61
N THR M 310 -16.86 47.81 8.78
CA THR M 310 -16.79 46.88 7.66
C THR M 310 -18.18 46.42 7.24
N LEU M 311 -19.04 46.10 8.21
CA LEU M 311 -20.40 45.69 7.88
C LEU M 311 -21.24 46.85 7.36
N GLY M 312 -20.86 48.09 7.69
CA GLY M 312 -21.54 49.25 7.14
C GLY M 312 -21.29 49.48 5.67
N LYS M 313 -20.21 48.92 5.13
CA LYS M 313 -19.93 49.02 3.70
C LYS M 313 -20.59 47.91 2.90
N VAL M 314 -20.77 46.73 3.51
CA VAL M 314 -21.44 45.64 2.81
C VAL M 314 -22.92 45.93 2.64
N VAL M 315 -23.53 46.58 3.64
CA VAL M 315 -24.95 46.92 3.53
C VAL M 315 -25.14 48.06 2.54
N LYS M 316 -24.09 48.85 2.27
CA LYS M 316 -24.19 49.89 1.26
C LYS M 316 -24.10 49.30 -0.14
N GLN M 317 -23.28 48.27 -0.32
CA GLN M 317 -23.15 47.61 -1.62
C GLN M 317 -24.23 46.58 -1.88
N LEU M 318 -24.87 46.07 -0.83
CA LEU M 318 -25.96 45.11 -1.02
C LEU M 318 -27.22 45.78 -1.54
N ARG M 319 -27.40 47.07 -1.29
CA ARG M 319 -28.59 47.79 -1.74
C ARG M 319 -28.56 48.13 -3.22
N LYS M 320 -27.49 47.79 -3.94
CA LYS M 320 -27.46 48.01 -5.38
C LYS M 320 -28.22 46.92 -6.13
N HIS M 321 -28.20 45.70 -5.61
CA HIS M 321 -28.94 44.59 -6.22
C HIS M 321 -30.37 44.49 -5.69
N PHE M 322 -30.71 45.24 -4.66
CA PHE M 322 -32.06 45.25 -4.11
C PHE M 322 -32.59 46.68 -4.06
N GLY M 323 -33.70 46.90 -3.37
CA GLY M 323 -34.26 48.23 -3.26
C GLY M 323 -33.39 49.18 -2.45
N ASN M 324 -33.69 50.47 -2.59
CA ASN M 324 -32.94 51.48 -1.87
C ASN M 324 -33.37 51.60 -0.41
N ASN M 325 -34.63 51.34 -0.11
CA ASN M 325 -35.17 51.51 1.24
C ASN M 325 -35.58 50.18 1.85
N THR M 326 -34.78 49.14 1.60
CA THR M 326 -35.05 47.83 2.17
C THR M 326 -34.30 47.66 3.49
N ILE M 327 -34.83 46.78 4.33
CA ILE M 327 -34.25 46.49 5.64
C ILE M 327 -33.39 45.23 5.50
N ILE M 328 -32.09 45.38 5.69
CA ILE M 328 -31.14 44.27 5.55
C ILE M 328 -30.75 43.81 6.94
N ARG M 329 -31.04 42.56 7.25
CA ARG M 329 -30.74 41.96 8.55
C ARG M 329 -29.61 40.95 8.41
N PHE M 330 -28.99 40.65 9.55
CA PHE M 330 -27.93 39.65 9.62
C PHE M 330 -28.23 38.72 10.80
N ALA M 331 -28.50 37.46 10.50
CA ALA M 331 -28.74 36.45 11.52
C ALA M 331 -27.62 35.42 11.49
N ASN M 332 -27.58 34.58 12.53
CA ASN M 332 -26.56 33.55 12.64
C ASN M 332 -26.99 32.32 11.83
N SER M 333 -26.22 31.24 11.94
CA SER M 333 -26.46 30.06 11.11
C SER M 333 -27.73 29.34 11.53
N SER M 334 -28.33 28.64 10.57
CA SER M 334 -29.60 27.96 10.80
C SER M 334 -29.44 26.51 11.23
N GLY M 335 -28.33 25.87 10.94
CA GLY M 335 -28.12 24.49 11.32
C GLY M 335 -27.10 23.82 10.43
N GLY M 336 -27.11 22.49 10.47
CA GLY M 336 -26.16 21.67 9.76
C GLY M 336 -25.18 21.00 10.73
N ASP M 337 -24.14 20.41 10.16
CA ASP M 337 -23.07 19.88 11.00
C ASP M 337 -22.21 21.01 11.55
N LEU M 338 -21.29 20.64 12.44
CA LEU M 338 -20.46 21.62 13.13
C LEU M 338 -19.51 22.37 12.20
N GLU M 339 -19.22 21.82 11.02
CA GLU M 339 -18.31 22.49 10.10
C GLU M 339 -18.94 23.72 9.47
N VAL M 340 -20.24 23.67 9.17
CA VAL M 340 -20.88 24.76 8.44
C VAL M 340 -21.63 25.74 9.32
N THR M 341 -21.87 25.40 10.59
CA THR M 341 -22.56 26.33 11.48
C THR M 341 -21.60 27.14 12.34
N THR M 342 -20.33 26.79 12.34
CA THR M 342 -19.31 27.50 13.10
C THR M 342 -18.13 27.81 12.21
N HIS M 343 -17.41 28.89 12.54
CA HIS M 343 -16.24 29.29 11.79
C HIS M 343 -15.09 28.34 12.12
N SER M 344 -14.69 27.52 11.15
CA SER M 344 -13.65 26.52 11.35
C SER M 344 -12.39 26.91 10.57
N PHE M 345 -11.24 26.71 11.20
CA PHE M 345 -9.95 26.98 10.55
C PHE M 345 -8.90 26.07 11.20
N ASN M 346 -7.64 26.36 10.93
CA ASN M 346 -6.52 25.50 11.29
C ASN M 346 -5.40 26.31 11.93
N CYS M 347 -5.76 27.13 12.93
CA CYS M 347 -4.79 27.97 13.62
C CYS M 347 -3.75 27.16 14.39
N GLY M 348 -2.49 27.21 13.94
CA GLY M 348 -1.40 26.59 14.66
C GLY M 348 -1.40 25.08 14.67
N GLY M 349 -2.08 24.44 13.72
CA GLY M 349 -2.15 23.01 13.66
C GLY M 349 -3.36 22.40 14.35
N GLU M 350 -4.03 23.15 15.22
CA GLU M 350 -5.25 22.69 15.87
C GLU M 350 -6.48 23.23 15.16
N PHE M 351 -7.53 22.43 15.16
CA PHE M 351 -8.77 22.78 14.46
C PHE M 351 -9.72 23.47 15.43
N PHE M 352 -10.19 24.65 15.04
CA PHE M 352 -11.11 25.43 15.85
C PHE M 352 -12.52 25.36 15.30
N TYR M 353 -13.50 25.67 16.15
CA TYR M 353 -14.90 25.74 15.74
C TYR M 353 -15.53 26.86 16.55
N CYS M 354 -15.59 28.06 15.97
CA CYS M 354 -15.94 29.26 16.70
C CYS M 354 -17.39 29.66 16.47
N ASN M 355 -18.08 29.96 17.57
CA ASN M 355 -19.47 30.40 17.54
C ASN M 355 -19.52 31.84 17.05
N THR M 356 -20.22 32.07 15.94
CA THR M 356 -20.27 33.38 15.29
C THR M 356 -21.65 34.03 15.43
N SER M 357 -22.27 33.86 16.60
CA SER M 357 -23.56 34.50 16.85
C SER M 357 -23.43 35.96 17.27
N GLY M 358 -22.20 36.46 17.44
CA GLY M 358 -22.00 37.84 17.82
C GLY M 358 -21.67 38.73 16.65
N LEU M 359 -21.11 38.13 15.58
CA LEU M 359 -20.80 38.90 14.38
C LEU M 359 -22.05 39.21 13.58
N PHE M 360 -22.79 38.18 13.18
CA PHE M 360 -23.97 38.34 12.34
C PHE M 360 -25.23 38.45 13.21
N ASN M 361 -25.27 39.53 13.99
CA ASN M 361 -26.44 39.86 14.81
C ASN M 361 -26.63 41.38 14.71
N SER M 362 -27.38 41.82 13.70
CA SER M 362 -27.59 43.24 13.46
C SER M 362 -28.88 43.41 12.66
N THR M 363 -29.31 44.66 12.57
CA THR M 363 -30.44 45.04 11.73
C THR M 363 -30.21 46.46 11.25
N TRP M 364 -30.11 46.65 9.93
CA TRP M 364 -29.72 47.92 9.35
C TRP M 364 -30.94 48.57 8.71
N ILE M 365 -31.52 49.53 9.40
CA ILE M 365 -32.62 50.32 8.86
C ILE M 365 -32.05 51.34 7.89
N SER M 366 -32.71 51.48 6.73
CA SER M 366 -32.24 52.43 5.72
C SER M 366 -32.44 53.86 6.20
N ASN M 367 -31.48 54.72 5.85
CA ASN M 367 -31.45 56.14 6.22
C ASN M 367 -31.54 56.36 7.73
N ASN M 379 -12.31 50.54 21.52
CA ASN M 379 -11.38 49.77 22.34
C ASN M 379 -11.99 48.42 22.72
N ASP M 380 -13.32 48.33 22.65
CA ASP M 380 -14.02 47.11 22.99
C ASP M 380 -13.89 46.08 21.87
N SER M 381 -13.85 44.82 22.26
CA SER M 381 -13.69 43.71 21.33
C SER M 381 -14.80 42.69 21.51
N ILE M 382 -15.15 42.03 20.41
CA ILE M 382 -16.15 40.98 20.41
C ILE M 382 -15.46 39.65 20.66
N THR M 383 -15.83 38.98 21.74
CA THR M 383 -15.24 37.70 22.10
C THR M 383 -16.09 36.56 21.54
N LEU M 384 -15.50 35.74 20.69
CA LEU M 384 -16.20 34.61 20.07
C LEU M 384 -15.76 33.32 20.73
N PRO M 385 -16.65 32.62 21.45
CA PRO M 385 -16.25 31.35 22.08
C PRO M 385 -16.08 30.26 21.03
N CYS M 386 -14.96 29.53 21.13
CA CYS M 386 -14.63 28.48 20.18
C CYS M 386 -14.51 27.15 20.90
N ARG M 387 -14.42 26.08 20.10
CA ARG M 387 -14.24 24.74 20.61
C ARG M 387 -13.18 24.03 19.79
N ILE M 388 -12.50 23.08 20.43
CA ILE M 388 -11.38 22.37 19.82
C ILE M 388 -11.81 20.94 19.53
N LYS M 389 -11.47 20.45 18.34
CA LYS M 389 -11.74 19.08 17.93
C LYS M 389 -10.44 18.46 17.45
N GLN M 390 -10.31 17.15 17.68
CA GLN M 390 -9.11 16.43 17.30
C GLN M 390 -9.32 15.37 16.23
N ILE M 391 -10.50 14.75 16.19
CA ILE M 391 -10.80 13.74 15.17
C ILE M 391 -11.60 14.43 14.08
N ILE M 392 -10.99 14.62 12.91
CA ILE M 392 -11.53 15.40 11.81
C ILE M 392 -11.76 14.49 10.63
N ASN M 393 -12.95 14.57 10.03
CA ASN M 393 -13.26 13.92 8.76
C ASN M 393 -13.51 14.99 7.69
N MET M 394 -12.70 14.97 6.64
CA MET M 394 -12.80 15.97 5.59
C MET M 394 -12.76 15.30 4.23
N TRP M 395 -13.23 16.03 3.21
CA TRP M 395 -13.22 15.60 1.81
C TRP M 395 -13.99 14.30 1.62
N GLN M 396 -15.15 14.21 2.30
CA GLN M 396 -16.06 13.07 2.24
C GLN M 396 -15.37 11.76 2.62
N GLY M 397 -14.52 11.81 3.63
CA GLY M 397 -13.84 10.61 4.09
C GLY M 397 -12.69 10.15 3.23
N CYS M 398 -12.13 11.05 2.40
CA CYS M 398 -10.98 10.76 1.52
C CYS M 398 -11.27 9.61 0.57
N GLY M 399 -12.50 9.55 0.08
CA GLY M 399 -12.85 8.58 -0.95
C GLY M 399 -13.49 7.30 -0.45
N ILE M 400 -13.09 6.76 0.69
CA ILE M 400 -13.67 5.51 1.17
C ILE M 400 -14.29 5.67 2.55
N GLY M 401 -13.47 5.82 3.59
CA GLY M 401 -14.00 6.07 4.91
C GLY M 401 -13.09 6.82 5.85
N GLN M 402 -11.93 7.27 5.37
CA GLN M 402 -10.84 7.59 6.28
C GLN M 402 -11.02 8.94 6.95
N ALA M 403 -10.73 8.97 8.25
CA ALA M 403 -10.75 10.19 9.06
C ALA M 403 -9.32 10.53 9.45
N MET M 404 -9.16 11.56 10.28
CA MET M 404 -7.85 12.04 10.69
C MET M 404 -7.87 12.44 12.15
N TYR M 405 -6.80 12.10 12.87
CA TYR M 405 -6.64 12.44 14.28
C TYR M 405 -5.45 13.37 14.41
N ALA M 406 -5.70 14.65 14.67
CA ALA M 406 -4.63 15.63 14.81
C ALA M 406 -3.96 15.47 16.16
N PRO M 407 -2.63 15.42 16.22
CA PRO M 407 -1.95 15.29 17.51
C PRO M 407 -2.02 16.61 18.28
N PRO M 408 -1.93 16.56 19.61
CA PRO M 408 -1.97 17.80 20.38
C PRO M 408 -0.67 18.58 20.25
N ILE M 409 -0.82 19.90 20.07
CA ILE M 409 0.32 20.80 19.94
C ILE M 409 0.73 21.27 21.32
N GLN M 410 2.01 21.07 21.65
CA GLN M 410 2.52 21.45 22.96
C GLN M 410 2.72 22.96 23.03
N GLY M 411 2.24 23.57 24.10
CA GLY M 411 2.38 24.99 24.32
C GLY M 411 1.11 25.75 24.03
N VAL M 412 1.22 27.07 24.12
CA VAL M 412 0.11 27.98 23.85
C VAL M 412 0.12 28.37 22.38
N ILE M 413 -1.05 28.38 21.77
CA ILE M 413 -1.21 28.69 20.35
C ILE M 413 -1.89 30.04 20.22
N ARG M 414 -1.38 30.87 19.32
CA ARG M 414 -1.96 32.18 19.06
C ARG M 414 -1.72 32.55 17.60
N CYS M 415 -2.80 32.87 16.89
CA CYS M 415 -2.74 33.25 15.49
C CYS M 415 -3.33 34.64 15.29
N VAL M 416 -2.72 35.40 14.38
CA VAL M 416 -3.21 36.72 13.99
C VAL M 416 -3.41 36.69 12.48
N SER M 417 -4.65 36.81 12.03
CA SER M 417 -4.97 36.72 10.62
C SER M 417 -5.94 37.83 10.23
N ASN M 418 -6.19 37.93 8.94
CA ASN M 418 -7.12 38.91 8.39
C ASN M 418 -8.43 38.24 7.99
N ILE M 419 -9.50 39.01 8.05
CA ILE M 419 -10.81 38.59 7.55
C ILE M 419 -11.06 39.36 6.27
N THR M 420 -10.89 38.70 5.12
CA THR M 420 -10.96 39.35 3.82
C THR M 420 -12.19 38.94 3.02
N GLY M 421 -13.30 38.69 3.69
CA GLY M 421 -14.54 38.40 3.01
C GLY M 421 -15.40 37.41 3.77
N LEU M 422 -16.67 37.34 3.39
CA LEU M 422 -17.63 36.45 4.00
C LEU M 422 -18.28 35.59 2.92
N ILE M 423 -18.99 34.56 3.36
CA ILE M 423 -19.79 33.71 2.50
C ILE M 423 -21.21 33.72 3.06
N LEU M 424 -22.10 34.46 2.42
CA LEU M 424 -23.46 34.63 2.91
C LEU M 424 -24.43 33.76 2.12
N THR M 425 -25.66 33.68 2.63
CA THR M 425 -26.73 32.92 1.98
C THR M 425 -28.05 33.62 2.30
N ARG M 426 -28.70 34.15 1.28
CA ARG M 426 -29.94 34.89 1.48
C ARG M 426 -31.10 33.93 1.71
N ASP M 427 -32.03 34.32 2.57
CA ASP M 427 -33.21 33.52 2.84
C ASP M 427 -34.31 33.86 1.83
N GLY M 428 -34.87 32.82 1.21
CA GLY M 428 -35.88 33.01 0.19
C GLY M 428 -37.27 33.20 0.77
N GLY M 429 -38.22 33.43 -0.14
CA GLY M 429 -39.61 33.62 0.22
C GLY M 429 -40.01 35.03 0.57
N SER M 430 -39.04 35.94 0.75
CA SER M 430 -39.33 37.32 1.11
C SER M 430 -39.62 38.12 -0.14
N THR M 431 -40.88 38.49 -0.35
CA THR M 431 -41.28 39.28 -1.49
C THR M 431 -42.04 40.54 -1.15
N ASN M 432 -42.49 40.70 0.10
CA ASN M 432 -43.06 41.96 0.57
C ASN M 432 -42.25 42.41 1.78
N SER M 433 -42.70 43.50 2.40
CA SER M 433 -42.20 44.13 3.63
C SER M 433 -40.79 44.69 3.52
N THR M 434 -40.13 44.53 2.37
CA THR M 434 -38.77 45.02 2.09
C THR M 434 -37.78 44.60 3.18
N ASN M 435 -37.70 43.29 3.39
CA ASN M 435 -36.85 42.71 4.43
C ASN M 435 -36.05 41.55 3.84
N GLU M 436 -34.72 41.65 3.92
CA GLU M 436 -33.83 40.60 3.44
C GLU M 436 -32.86 40.25 4.54
N THR M 437 -32.82 38.98 4.93
CA THR M 437 -31.93 38.50 5.98
C THR M 437 -30.83 37.65 5.35
N PHE M 438 -29.59 37.90 5.76
CA PHE M 438 -28.43 37.19 5.22
C PHE M 438 -27.76 36.41 6.33
N ARG M 439 -27.56 35.12 6.11
CA ARG M 439 -26.96 34.22 7.08
C ARG M 439 -25.69 33.61 6.52
N PRO M 440 -24.68 33.38 7.35
CA PRO M 440 -23.42 32.81 6.85
C PRO M 440 -23.56 31.35 6.50
N GLY M 441 -22.82 30.94 5.48
CA GLY M 441 -22.83 29.56 5.03
C GLY M 441 -21.44 29.07 4.70
N GLY M 442 -21.35 28.08 3.81
CA GLY M 442 -20.07 27.54 3.41
C GLY M 442 -20.19 26.06 3.11
N GLY M 443 -19.21 25.30 3.59
CA GLY M 443 -19.20 23.87 3.37
C GLY M 443 -18.54 23.47 2.06
N ASP M 444 -19.03 24.02 0.95
CA ASP M 444 -18.42 23.81 -0.35
C ASP M 444 -17.08 24.53 -0.37
N MET M 445 -15.99 23.76 -0.40
CA MET M 445 -14.66 24.34 -0.33
C MET M 445 -14.25 25.03 -1.62
N ARG M 446 -14.98 24.82 -2.71
CA ARG M 446 -14.66 25.49 -3.97
C ARG M 446 -14.84 26.99 -3.89
N ASP M 447 -15.79 27.46 -3.07
CA ASP M 447 -16.02 28.90 -2.92
C ASP M 447 -14.86 29.61 -2.24
N ASN M 448 -14.01 28.88 -1.52
CA ASN M 448 -12.81 29.48 -0.96
C ASN M 448 -11.79 29.83 -2.04
N TRP M 449 -11.82 29.11 -3.17
CA TRP M 449 -10.92 29.39 -4.28
C TRP M 449 -11.59 30.14 -5.42
N ARG M 450 -12.91 30.32 -5.38
CA ARG M 450 -13.55 31.25 -6.30
C ARG M 450 -13.13 32.68 -6.02
N SER M 451 -12.84 33.01 -4.75
CA SER M 451 -12.44 34.35 -4.38
C SER M 451 -11.00 34.68 -4.77
N GLU M 452 -10.21 33.68 -5.18
CA GLU M 452 -8.83 33.89 -5.58
C GLU M 452 -8.59 33.74 -7.07
N LEU M 453 -9.24 32.77 -7.71
CA LEU M 453 -9.05 32.49 -9.13
C LEU M 453 -10.20 33.04 -9.97
N TYR M 454 -10.78 34.19 -9.58
CA TYR M 454 -11.85 34.79 -10.34
C TYR M 454 -11.35 35.67 -11.48
N LYS M 455 -10.12 36.16 -11.39
CA LYS M 455 -9.57 37.10 -12.36
C LYS M 455 -8.69 36.43 -13.40
N TYR M 456 -8.63 35.10 -13.42
CA TYR M 456 -7.75 34.38 -14.33
C TYR M 456 -8.53 33.51 -15.28
N LYS M 457 -7.95 33.26 -16.45
CA LYS M 457 -8.55 32.38 -17.46
C LYS M 457 -7.42 31.84 -18.34
N VAL M 458 -7.46 30.55 -18.61
CA VAL M 458 -6.45 29.90 -19.43
C VAL M 458 -6.95 29.83 -20.87
N VAL M 459 -6.07 30.20 -21.82
CA VAL M 459 -6.40 30.19 -23.24
C VAL M 459 -5.41 29.29 -23.96
N LYS M 460 -5.69 29.01 -25.24
CA LYS M 460 -4.85 28.16 -26.06
C LYS M 460 -4.47 28.90 -27.33
N ILE M 461 -3.18 29.08 -27.56
CA ILE M 461 -2.70 29.87 -28.68
C ILE M 461 -2.84 29.08 -29.97
N GLU M 462 -3.46 29.69 -30.98
CA GLU M 462 -3.54 29.12 -32.32
C GLU M 462 -2.69 29.97 -33.26
N PRO M 463 -1.46 29.57 -33.54
CA PRO M 463 -0.52 30.44 -34.28
C PRO M 463 -0.64 30.40 -35.79
N LEU M 464 -1.58 29.67 -36.36
CA LEU M 464 -1.74 29.57 -37.81
C LEU M 464 -2.79 30.58 -38.28
N GLY M 465 -2.45 31.34 -39.31
CA GLY M 465 -3.35 32.33 -39.85
C GLY M 465 -3.05 32.61 -41.30
N VAL M 466 -4.10 32.90 -42.06
CA VAL M 466 -3.99 33.21 -43.48
C VAL M 466 -4.51 34.62 -43.72
N ALA M 467 -3.96 35.27 -44.76
CA ALA M 467 -4.33 36.65 -45.09
C ALA M 467 -3.97 36.90 -46.54
N PRO M 468 -4.76 37.70 -47.25
CA PRO M 468 -4.44 38.01 -48.65
C PRO M 468 -3.34 39.05 -48.76
N THR M 469 -2.40 38.80 -49.69
CA THR M 469 -1.28 39.69 -49.93
C THR M 469 -1.00 39.69 -51.43
N ARG M 470 -0.36 40.75 -51.91
CA ARG M 470 -0.02 40.89 -53.33
C ARG M 470 1.33 40.25 -53.66
N ALA M 471 1.79 39.31 -52.85
CA ALA M 471 3.06 38.62 -53.10
C ALA M 471 2.81 37.35 -53.93
N LYS M 472 3.91 36.77 -54.41
CA LYS M 472 3.83 35.58 -55.25
C LYS M 472 5.00 34.66 -54.94
N ARG M 473 4.77 33.36 -55.12
CA ARG M 473 5.81 32.36 -54.91
C ARG M 473 6.74 32.34 -56.11
N ARG M 474 8.02 32.62 -55.87
CA ARG M 474 9.02 32.65 -56.93
C ARG M 474 9.29 31.22 -57.41
N VAL M 475 8.91 30.93 -58.64
CA VAL M 475 9.11 29.60 -59.21
C VAL M 475 10.51 29.48 -59.80
N LEU N 9 7.39 44.08 -28.20
CA LEU N 9 7.16 44.37 -26.79
C LEU N 9 7.36 43.12 -25.94
N GLY N 10 6.49 42.14 -26.11
CA GLY N 10 6.58 40.92 -25.36
C GLY N 10 5.68 39.85 -25.93
N PHE N 11 5.41 38.83 -25.11
CA PHE N 11 4.53 37.75 -25.53
C PHE N 11 3.09 38.25 -25.62
N LEU N 12 2.49 38.06 -26.80
CA LEU N 12 1.12 38.49 -27.12
C LEU N 12 0.92 39.99 -26.96
N GLY N 13 1.98 40.79 -27.07
CA GLY N 13 1.86 42.21 -26.88
C GLY N 13 1.17 42.93 -28.03
N ALA N 14 1.23 42.36 -29.23
CA ALA N 14 0.60 42.94 -30.40
C ALA N 14 -0.77 42.34 -30.71
N ALA N 15 -1.47 41.90 -29.66
CA ALA N 15 -2.79 41.32 -29.87
C ALA N 15 -3.82 42.39 -30.25
N GLY N 16 -3.67 43.59 -29.71
CA GLY N 16 -4.55 44.69 -30.05
C GLY N 16 -4.11 45.55 -31.21
N SER N 17 -2.86 45.42 -31.64
CA SER N 17 -2.37 46.18 -32.77
C SER N 17 -2.93 45.62 -34.07
N THR N 18 -2.68 46.34 -35.16
CA THR N 18 -3.20 45.96 -36.46
C THR N 18 -2.44 44.74 -37.00
N MET N 19 -2.98 44.17 -38.08
CA MET N 19 -2.35 43.00 -38.68
C MET N 19 -1.04 43.33 -39.36
N GLY N 20 -0.88 44.57 -39.83
CA GLY N 20 0.38 44.97 -40.42
C GLY N 20 1.47 45.18 -39.40
N ALA N 21 1.11 45.56 -38.17
CA ALA N 21 2.10 45.76 -37.12
C ALA N 21 2.41 44.49 -36.35
N ALA N 22 1.44 43.58 -36.22
CA ALA N 22 1.66 42.34 -35.50
C ALA N 22 2.44 41.31 -36.31
N SER N 23 2.54 41.48 -37.63
CA SER N 23 3.27 40.54 -38.46
C SER N 23 4.78 40.74 -38.40
N MET N 24 5.24 41.87 -37.87
CA MET N 24 6.67 42.13 -37.74
C MET N 24 7.26 41.57 -36.46
N THR N 25 6.43 41.06 -35.55
CA THR N 25 6.87 40.54 -34.27
C THR N 25 6.43 39.10 -34.07
N LEU N 26 6.45 38.31 -35.14
CA LEU N 26 6.01 36.92 -35.08
C LEU N 26 7.00 36.02 -34.35
N THR N 27 8.23 36.49 -34.09
CA THR N 27 9.24 35.66 -33.46
C THR N 27 9.04 35.52 -31.96
N VAL N 28 8.26 36.41 -31.33
CA VAL N 28 8.04 36.32 -29.89
C VAL N 28 6.88 35.43 -29.52
N GLN N 29 6.03 35.05 -30.49
CA GLN N 29 4.95 34.11 -30.23
C GLN N 29 5.27 32.69 -30.71
N ALA N 30 6.28 32.54 -31.58
CA ALA N 30 6.71 31.22 -32.02
C ALA N 30 7.78 30.62 -31.12
N ARG N 31 8.49 31.44 -30.35
CA ARG N 31 9.53 30.92 -29.47
C ARG N 31 8.97 30.37 -28.18
N ASN N 32 7.81 30.87 -27.74
CA ASN N 32 7.21 30.45 -26.47
C ASN N 32 6.27 29.26 -26.62
N LEU N 33 6.49 28.41 -27.62
CA LEU N 33 5.68 27.23 -27.84
C LEU N 33 6.42 25.94 -27.50
N LEU N 34 7.62 26.04 -26.92
CA LEU N 34 8.41 24.85 -26.61
C LEU N 34 8.98 24.83 -25.20
N SER N 35 9.07 25.96 -24.51
CA SER N 35 9.63 25.99 -23.16
C SER N 35 8.66 25.36 -22.15
N GLU N 49 14.90 9.38 2.95
CA GLU N 49 14.52 10.77 3.15
C GLU N 49 13.36 11.15 2.24
N ALA N 50 13.12 10.33 1.22
CA ALA N 50 12.03 10.57 0.28
C ALA N 50 11.26 9.31 -0.09
N GLN N 51 11.58 8.16 0.49
CA GLN N 51 10.89 6.92 0.16
C GLN N 51 9.59 6.74 0.92
N GLN N 52 9.28 7.61 1.87
CA GLN N 52 8.04 7.48 2.62
C GLN N 52 6.83 7.88 1.78
N HIS N 53 7.01 8.79 0.84
CA HIS N 53 5.93 9.28 -0.01
C HIS N 53 6.31 9.12 -1.48
N LEU N 54 6.81 7.95 -1.84
CA LEU N 54 7.20 7.66 -3.21
C LEU N 54 6.00 7.59 -4.16
N LEU N 55 4.80 7.38 -3.63
CA LEU N 55 3.59 7.46 -4.44
C LEU N 55 3.10 8.90 -4.60
N LYS N 56 3.52 9.80 -3.73
CA LYS N 56 3.08 11.19 -3.79
C LYS N 56 3.65 11.95 -4.97
N LEU N 57 4.74 11.46 -5.58
CA LEU N 57 5.31 12.13 -6.73
C LEU N 57 4.56 11.85 -8.03
N THR N 58 3.48 11.07 -7.98
CA THR N 58 2.61 10.95 -9.15
C THR N 58 1.93 12.27 -9.44
N VAL N 59 1.43 12.95 -8.41
CA VAL N 59 0.93 14.31 -8.56
C VAL N 59 2.10 15.23 -8.86
N TRP N 60 1.95 16.03 -9.94
CA TRP N 60 2.97 16.94 -10.46
C TRP N 60 4.25 16.21 -10.86
N GLY N 61 4.16 14.92 -11.15
CA GLY N 61 5.25 14.17 -11.75
C GLY N 61 4.78 13.51 -13.03
N ILE N 62 3.48 13.25 -13.10
CA ILE N 62 2.83 12.79 -14.32
C ILE N 62 1.99 13.90 -14.95
N LYS N 63 1.33 14.72 -14.14
CA LYS N 63 0.61 15.88 -14.66
C LYS N 63 1.56 16.88 -15.32
N GLN N 64 2.76 17.07 -14.75
CA GLN N 64 3.76 17.90 -15.40
C GLN N 64 4.37 17.21 -16.60
N LEU N 65 4.52 15.88 -16.55
CA LEU N 65 5.10 15.16 -17.68
C LEU N 65 4.14 15.08 -18.85
N GLN N 66 2.84 14.94 -18.58
CA GLN N 66 1.86 14.90 -19.66
C GLN N 66 1.69 16.27 -20.31
N ALA N 67 1.94 17.35 -19.57
CA ALA N 67 1.88 18.69 -20.15
C ALA N 67 3.05 18.99 -21.06
N ARG N 68 4.18 18.30 -20.88
CA ARG N 68 5.33 18.50 -21.75
C ARG N 68 5.22 17.70 -23.05
N VAL N 69 4.59 16.53 -22.99
CA VAL N 69 4.40 15.72 -24.20
C VAL N 69 3.33 16.34 -25.09
N LEU N 70 2.30 16.92 -24.49
CA LEU N 70 1.24 17.56 -25.27
C LEU N 70 1.73 18.81 -25.96
N ALA N 71 2.69 19.51 -25.37
CA ALA N 71 3.25 20.70 -26.02
C ALA N 71 4.11 20.34 -27.21
N VAL N 72 4.71 19.14 -27.21
CA VAL N 72 5.52 18.71 -28.34
C VAL N 72 4.64 18.26 -29.49
N GLU N 73 3.58 17.49 -29.20
CA GLU N 73 2.70 17.00 -30.25
C GLU N 73 1.90 18.13 -30.87
N ARG N 74 1.55 19.16 -30.09
CA ARG N 74 0.86 20.31 -30.67
C ARG N 74 1.78 21.17 -31.50
N TYR N 75 3.08 21.12 -31.24
CA TYR N 75 4.04 21.87 -32.04
C TYR N 75 4.38 21.14 -33.33
N LEU N 76 4.45 19.81 -33.29
CA LEU N 76 4.77 19.03 -34.48
C LEU N 76 3.62 18.97 -35.47
N ARG N 77 2.38 19.14 -35.01
CA ARG N 77 1.25 19.18 -35.93
C ARG N 77 1.25 20.46 -36.76
N ASP N 78 1.71 21.58 -36.20
CA ASP N 78 1.78 22.83 -36.94
C ASP N 78 2.96 22.84 -37.90
N GLN N 79 4.08 22.24 -37.51
CA GLN N 79 5.24 22.16 -38.40
C GLN N 79 5.02 21.16 -39.52
N GLN N 80 4.10 20.21 -39.35
CA GLN N 80 3.82 19.26 -40.42
C GLN N 80 2.95 19.90 -41.50
N LEU N 81 2.00 20.75 -41.11
CA LEU N 81 1.17 21.43 -42.09
C LEU N 81 1.97 22.46 -42.88
N LEU N 82 3.01 23.04 -42.28
CA LEU N 82 3.87 23.94 -43.02
C LEU N 82 4.75 23.17 -44.01
N GLY N 83 5.09 21.93 -43.68
CA GLY N 83 5.86 21.13 -44.62
C GLY N 83 5.04 20.62 -45.78
N ILE N 84 3.74 20.38 -45.56
CA ILE N 84 2.87 19.93 -46.64
C ILE N 84 2.61 21.07 -47.61
N TRP N 85 2.37 22.28 -47.09
CA TRP N 85 2.12 23.43 -47.94
C TRP N 85 3.39 23.96 -48.60
N GLY N 86 4.57 23.52 -48.16
CA GLY N 86 5.81 24.01 -48.71
C GLY N 86 6.39 25.20 -48.00
N CYS N 87 5.99 25.47 -46.77
CA CYS N 87 6.44 26.63 -46.01
C CYS N 87 7.19 26.20 -44.76
N SER N 88 8.04 25.18 -44.90
CA SER N 88 8.79 24.67 -43.77
C SER N 88 9.96 25.60 -43.44
N GLY N 89 9.99 26.07 -42.19
CA GLY N 89 11.07 26.93 -41.73
C GLY N 89 10.85 28.40 -41.94
N LYS N 90 9.74 28.80 -42.57
CA LYS N 90 9.45 30.20 -42.83
C LYS N 90 8.25 30.64 -41.99
N LEU N 91 8.31 31.86 -41.47
CA LEU N 91 7.19 32.41 -40.71
C LEU N 91 6.19 33.12 -41.60
N ILE N 92 6.66 33.84 -42.62
CA ILE N 92 5.81 34.50 -43.60
C ILE N 92 6.06 33.80 -44.92
N CYS N 93 5.09 33.01 -45.39
CA CYS N 93 5.24 32.21 -46.59
C CYS N 93 4.25 32.67 -47.65
N ALA N 94 4.76 32.96 -48.84
CA ALA N 94 3.91 33.33 -49.98
C ALA N 94 3.58 32.08 -50.79
N THR N 95 2.29 31.84 -50.98
CA THR N 95 1.83 30.65 -51.67
C THR N 95 1.46 30.99 -53.11
N ASN N 96 0.91 30.01 -53.82
CA ASN N 96 0.56 30.14 -55.23
C ASN N 96 -0.93 29.85 -55.46
N VAL N 97 -1.76 30.26 -54.52
CA VAL N 97 -3.21 30.06 -54.59
C VAL N 97 -3.87 31.43 -54.70
N PRO N 98 -4.73 31.64 -55.70
CA PRO N 98 -5.39 32.95 -55.82
C PRO N 98 -6.45 33.14 -54.74
N TRP N 99 -6.52 34.35 -54.21
CA TRP N 99 -7.45 34.68 -53.14
C TRP N 99 -8.84 34.87 -53.72
N ASN N 100 -9.78 34.01 -53.30
CA ASN N 100 -11.15 34.12 -53.76
C ASN N 100 -11.85 35.30 -53.11
N SER N 101 -12.66 36.01 -53.89
CA SER N 101 -13.37 37.18 -53.39
C SER N 101 -14.60 36.82 -52.57
N SER N 102 -15.03 35.56 -52.57
CA SER N 102 -16.19 35.16 -51.79
C SER N 102 -15.88 35.02 -50.31
N TRP N 103 -14.60 34.90 -49.95
CA TRP N 103 -14.25 34.76 -48.54
C TRP N 103 -14.36 36.08 -47.80
N SER N 104 -13.78 37.15 -48.34
CA SER N 104 -13.87 38.47 -47.74
C SER N 104 -13.73 39.52 -48.83
N ASN N 105 -14.78 40.31 -49.02
CA ASN N 105 -14.78 41.36 -50.05
C ASN N 105 -14.36 42.70 -49.45
N ARG N 106 -13.16 42.72 -48.89
CA ARG N 106 -12.60 43.91 -48.28
C ARG N 106 -11.34 44.33 -49.01
N ASN N 107 -11.03 45.62 -48.95
CA ASN N 107 -9.83 46.14 -49.59
C ASN N 107 -8.60 45.73 -48.81
N LEU N 108 -7.43 45.87 -49.45
CA LEU N 108 -6.18 45.53 -48.79
C LEU N 108 -5.79 46.58 -47.76
N SER N 109 -6.24 47.82 -47.93
CA SER N 109 -5.86 48.89 -47.02
C SER N 109 -6.61 48.81 -45.69
N GLU N 110 -7.79 48.18 -45.67
CA GLU N 110 -8.58 48.08 -44.45
C GLU N 110 -8.36 46.78 -43.68
N ILE N 111 -7.48 45.92 -44.16
CA ILE N 111 -7.17 44.67 -43.47
C ILE N 111 -5.94 44.81 -42.59
N TRP N 112 -4.86 45.34 -43.14
CA TRP N 112 -3.60 45.48 -42.42
C TRP N 112 -3.51 46.78 -41.62
N ASP N 113 -4.47 47.69 -41.78
CA ASP N 113 -4.43 48.97 -41.08
C ASP N 113 -5.64 49.25 -40.21
N ASN N 114 -6.68 48.41 -40.25
CA ASN N 114 -7.88 48.68 -39.46
C ASN N 114 -8.26 47.50 -38.59
N MET N 115 -8.01 46.28 -39.07
CA MET N 115 -8.40 45.07 -38.37
C MET N 115 -7.22 44.47 -37.63
N THR N 116 -7.53 43.67 -36.61
CA THR N 116 -6.52 42.96 -35.85
C THR N 116 -6.69 41.47 -36.08
N TRP N 117 -5.74 40.68 -35.55
CA TRP N 117 -5.74 39.25 -35.79
C TRP N 117 -6.82 38.51 -35.02
N LEU N 118 -7.37 39.13 -33.96
CA LEU N 118 -8.37 38.44 -33.15
C LEU N 118 -9.70 38.36 -33.88
N GLN N 119 -10.23 39.50 -34.33
CA GLN N 119 -11.50 39.50 -35.04
C GLN N 119 -11.38 39.01 -36.48
N TRP N 120 -10.15 38.91 -37.01
CA TRP N 120 -9.98 38.34 -38.34
C TRP N 120 -10.19 36.84 -38.35
N ASP N 121 -9.91 36.17 -37.22
CA ASP N 121 -10.11 34.72 -37.15
C ASP N 121 -11.59 34.37 -37.18
N LYS N 122 -12.45 35.23 -36.63
CA LYS N 122 -13.88 34.93 -36.60
C LYS N 122 -14.51 35.06 -37.98
N GLU N 123 -13.88 35.79 -38.89
CA GLU N 123 -14.44 35.96 -40.23
C GLU N 123 -14.04 34.84 -41.18
N ILE N 124 -12.94 34.14 -40.90
CA ILE N 124 -12.45 33.10 -41.80
C ILE N 124 -12.68 31.71 -41.23
N SER N 125 -13.05 31.58 -39.96
CA SER N 125 -13.25 30.27 -39.34
C SER N 125 -14.39 29.48 -39.99
N ASN N 126 -15.32 30.17 -40.66
CA ASN N 126 -16.33 29.46 -41.44
C ASN N 126 -15.73 28.82 -42.68
N TYR N 127 -14.67 29.43 -43.24
CA TYR N 127 -14.05 28.95 -44.47
C TYR N 127 -12.58 28.56 -44.26
N THR N 128 -12.17 28.30 -43.01
CA THR N 128 -10.77 28.01 -42.73
C THR N 128 -10.36 26.60 -43.15
N GLN N 129 -11.31 25.72 -43.47
CA GLN N 129 -10.97 24.38 -43.94
C GLN N 129 -10.90 24.29 -45.45
N ILE N 130 -11.52 25.22 -46.17
CA ILE N 130 -11.41 25.23 -47.63
C ILE N 130 -10.05 25.76 -48.05
N ILE N 131 -9.53 26.75 -47.33
CA ILE N 131 -8.22 27.30 -47.67
C ILE N 131 -7.12 26.30 -47.32
N TYR N 132 -7.32 25.52 -46.26
CA TYR N 132 -6.33 24.50 -45.89
C TYR N 132 -6.27 23.35 -46.88
N GLY N 133 -7.33 23.14 -47.66
CA GLY N 133 -7.34 22.11 -48.68
C GLY N 133 -6.75 22.59 -49.99
N LEU N 134 -6.94 23.88 -50.30
CA LEU N 134 -6.41 24.43 -51.54
C LEU N 134 -4.89 24.59 -51.46
N LEU N 135 -4.35 24.83 -50.27
CA LEU N 135 -2.90 24.91 -50.12
C LEU N 135 -2.26 23.53 -50.24
N GLU N 136 -2.95 22.49 -49.79
CA GLU N 136 -2.43 21.14 -49.94
C GLU N 136 -2.50 20.68 -51.40
N GLU N 137 -3.58 21.04 -52.11
CA GLU N 137 -3.76 20.65 -53.49
C GLU N 137 -2.83 21.40 -54.44
N SER N 138 -2.25 22.52 -54.01
CA SER N 138 -1.37 23.30 -54.87
C SER N 138 0.08 22.84 -54.82
N GLN N 139 0.53 22.31 -53.68
CA GLN N 139 1.92 21.88 -53.57
C GLN N 139 2.17 20.55 -54.24
N ASN N 140 1.29 19.56 -54.03
CA ASN N 140 1.44 18.27 -54.68
C ASN N 140 1.23 18.36 -56.18
N GLN N 141 0.43 19.33 -56.64
CA GLN N 141 0.33 19.60 -58.07
C GLN N 141 1.62 20.20 -58.61
N GLN N 142 2.20 21.18 -57.90
CA GLN N 142 3.44 21.81 -58.31
C GLN N 142 4.63 20.87 -58.23
N GLU N 143 4.64 19.99 -57.23
CA GLU N 143 5.72 19.01 -57.11
C GLU N 143 5.66 17.97 -58.22
N LYS N 144 4.48 17.77 -58.82
CA LYS N 144 4.33 16.76 -59.86
C LYS N 144 4.92 17.23 -61.19
N ASN N 145 4.92 18.54 -61.45
CA ASN N 145 5.44 19.02 -62.74
C ASN N 145 6.96 18.96 -62.76
N GLU N 146 7.63 19.64 -61.83
CA GLU N 146 9.08 19.73 -61.87
C GLU N 146 9.77 18.48 -61.34
N GLN N 147 9.10 17.74 -60.45
CA GLN N 147 9.60 16.51 -59.82
C GLN N 147 10.96 16.70 -59.14
N GLN O 1 -36.01 3.87 -11.14
CA GLN O 1 -35.20 3.57 -9.96
C GLN O 1 -35.16 4.76 -9.01
N VAL O 2 -35.15 5.96 -9.58
CA VAL O 2 -35.11 7.19 -8.79
C VAL O 2 -36.48 7.36 -8.13
N GLN O 3 -36.56 7.12 -6.84
CA GLN O 3 -37.80 7.22 -6.09
C GLN O 3 -37.56 7.92 -4.76
N LEU O 4 -38.59 8.59 -4.27
CA LEU O 4 -38.54 9.29 -2.99
C LEU O 4 -39.67 8.74 -2.13
N LEU O 5 -39.32 7.88 -1.18
CA LEU O 5 -40.33 7.25 -0.32
C LEU O 5 -40.92 8.27 0.65
N GLN O 6 -42.18 8.06 1.00
CA GLN O 6 -42.93 8.98 1.83
C GLN O 6 -43.51 8.25 3.04
N SER O 7 -43.50 8.94 4.18
CA SER O 7 -44.02 8.37 5.42
C SER O 7 -45.54 8.50 5.48
N GLY O 8 -46.13 7.78 6.42
CA GLY O 8 -47.57 7.78 6.58
C GLY O 8 -48.09 9.02 7.28
N ALA O 9 -49.40 9.19 7.23
CA ALA O 9 -50.06 10.34 7.82
C ALA O 9 -50.05 10.27 9.35
N ALA O 10 -50.26 11.42 9.98
CA ALA O 10 -50.25 11.51 11.43
C ALA O 10 -51.24 12.56 11.88
N VAL O 11 -51.95 12.27 12.96
CA VAL O 11 -52.91 13.19 13.56
C VAL O 11 -52.40 13.60 14.93
N THR O 12 -52.31 14.91 15.16
CA THR O 12 -51.82 15.46 16.42
C THR O 12 -52.79 16.52 16.92
N LYS O 13 -52.43 17.16 18.03
CA LYS O 13 -53.16 18.22 18.69
C LYS O 13 -52.45 19.55 18.49
N PRO O 14 -53.18 20.69 18.59
CA PRO O 14 -52.50 21.99 18.49
C PRO O 14 -51.54 22.23 19.64
N GLY O 15 -50.24 22.29 19.32
CA GLY O 15 -49.19 22.44 20.31
C GLY O 15 -48.21 21.29 20.35
N ALA O 16 -48.44 20.21 19.61
CA ALA O 16 -47.57 19.06 19.60
C ALA O 16 -46.46 19.26 18.55
N SER O 17 -45.75 18.19 18.24
CA SER O 17 -44.68 18.21 17.24
C SER O 17 -44.84 17.02 16.31
N VAL O 18 -44.70 17.26 15.02
CA VAL O 18 -44.83 16.22 14.01
C VAL O 18 -43.46 15.93 13.40
N ARG O 19 -43.41 14.90 12.58
CA ARG O 19 -42.19 14.54 11.85
C ARG O 19 -42.59 13.82 10.57
N VAL O 20 -42.13 14.36 9.43
CA VAL O 20 -42.41 13.79 8.12
C VAL O 20 -41.09 13.34 7.52
N SER O 21 -41.04 12.08 7.09
CA SER O 21 -39.83 11.47 6.58
C SER O 21 -39.82 11.47 5.06
N CYS O 22 -38.63 11.27 4.49
CA CYS O 22 -38.45 11.22 3.05
C CYS O 22 -37.15 10.49 2.77
N GLU O 23 -37.22 9.39 2.03
CA GLU O 23 -36.07 8.54 1.76
C GLU O 23 -35.76 8.54 0.27
N ALA O 24 -34.57 8.96 -0.10
CA ALA O 24 -34.10 8.94 -1.47
C ALA O 24 -33.12 7.79 -1.66
N SER O 25 -33.37 6.94 -2.65
CA SER O 25 -32.64 5.69 -2.77
C SER O 25 -31.83 5.57 -4.06
N GLY O 26 -32.45 5.78 -5.22
CA GLY O 26 -31.83 5.33 -6.46
C GLY O 26 -31.11 6.37 -7.30
N TYR O 27 -30.39 7.30 -6.68
CA TYR O 27 -29.59 8.26 -7.41
C TYR O 27 -28.50 8.79 -6.48
N ASN O 28 -27.71 9.72 -6.99
CA ASN O 28 -26.64 10.35 -6.21
C ASN O 28 -27.24 11.50 -5.43
N ILE O 29 -27.40 11.32 -4.11
CA ILE O 29 -28.15 12.26 -3.30
C ILE O 29 -27.36 13.53 -3.05
N ARG O 30 -26.05 13.42 -2.87
CA ARG O 30 -25.23 14.55 -2.43
C ARG O 30 -25.08 15.66 -3.46
N ASP O 31 -25.50 15.43 -4.71
CA ASP O 31 -25.34 16.42 -5.77
C ASP O 31 -26.64 17.10 -6.15
N TYR O 32 -27.72 16.88 -5.40
CA TYR O 32 -29.02 17.47 -5.72
C TYR O 32 -29.71 17.89 -4.42
N PHE O 33 -30.22 19.12 -4.40
CA PHE O 33 -30.92 19.63 -3.23
C PHE O 33 -32.27 18.93 -3.06
N ILE O 34 -32.79 18.99 -1.84
CA ILE O 34 -34.10 18.43 -1.52
C ILE O 34 -34.94 19.54 -0.91
N HIS O 35 -36.05 19.87 -1.57
CA HIS O 35 -36.96 20.92 -1.12
C HIS O 35 -38.18 20.30 -0.48
N TRP O 36 -38.98 21.15 0.17
CA TRP O 36 -40.21 20.73 0.82
C TRP O 36 -41.33 21.69 0.43
N TRP O 37 -42.48 21.15 0.08
CA TRP O 37 -43.62 21.93 -0.35
C TRP O 37 -44.84 21.56 0.49
N ARG O 38 -45.77 22.51 0.57
CA ARG O 38 -46.97 22.33 1.37
C ARG O 38 -48.12 23.06 0.69
N GLN O 39 -49.27 22.40 0.56
CA GLN O 39 -50.45 23.02 -0.02
C GLN O 39 -51.64 22.79 0.89
N ALA O 40 -52.39 23.85 1.15
CA ALA O 40 -53.61 23.76 1.94
C ALA O 40 -54.76 23.26 1.05
N PRO O 41 -55.74 22.56 1.63
CA PRO O 41 -56.91 22.14 0.84
C PRO O 41 -57.74 23.32 0.37
N GLY O 42 -57.74 23.56 -0.94
CA GLY O 42 -58.44 24.68 -1.53
C GLY O 42 -57.54 25.77 -2.07
N GLN O 43 -56.24 25.72 -1.76
CA GLN O 43 -55.28 26.71 -2.22
C GLN O 43 -54.15 26.03 -2.98
N GLY O 44 -53.19 26.84 -3.43
CA GLY O 44 -52.05 26.35 -4.18
C GLY O 44 -50.91 25.91 -3.28
N LEU O 45 -49.75 25.69 -3.91
CA LEU O 45 -48.57 25.26 -3.19
C LEU O 45 -47.96 26.41 -2.39
N GLN O 46 -47.10 26.04 -1.45
CA GLN O 46 -46.38 27.01 -0.63
C GLN O 46 -45.02 26.44 -0.28
N TRP O 47 -43.99 27.27 -0.39
CA TRP O 47 -42.62 26.82 -0.19
C TRP O 47 -42.30 26.73 1.29
N VAL O 48 -41.66 25.64 1.69
CA VAL O 48 -41.24 25.42 3.06
C VAL O 48 -39.74 25.64 3.24
N GLY O 49 -38.94 25.07 2.35
CA GLY O 49 -37.51 25.30 2.38
C GLY O 49 -36.76 24.12 1.82
N TRP O 50 -35.46 24.35 1.59
CA TRP O 50 -34.56 23.32 1.09
C TRP O 50 -33.52 22.97 2.15
N ILE O 51 -32.81 21.87 1.90
CA ILE O 51 -31.74 21.44 2.77
C ILE O 51 -30.63 20.86 1.91
N ASN O 52 -29.40 21.32 2.13
CA ASN O 52 -28.26 20.78 1.43
C ASN O 52 -27.94 19.38 1.96
N PRO O 53 -28.04 18.33 1.15
CA PRO O 53 -27.76 16.98 1.67
C PRO O 53 -26.28 16.74 1.91
N LYS O 54 -25.41 17.55 1.33
CA LYS O 54 -23.97 17.38 1.54
C LYS O 54 -23.53 17.97 2.87
N THR O 55 -24.01 19.16 3.21
CA THR O 55 -23.59 19.87 4.41
C THR O 55 -24.65 19.84 5.51
N GLY O 56 -25.89 20.15 5.17
CA GLY O 56 -26.95 20.09 6.16
C GLY O 56 -27.56 21.44 6.45
N GLN O 57 -27.09 22.47 5.76
CA GLN O 57 -27.54 23.83 6.01
C GLN O 57 -28.95 24.03 5.46
N PRO O 58 -29.93 24.35 6.31
CA PRO O 58 -31.30 24.56 5.81
C PRO O 58 -31.55 26.02 5.46
N ASN O 59 -32.71 26.26 4.86
CA ASN O 59 -33.16 27.60 4.54
C ASN O 59 -34.67 27.64 4.71
N ASN O 60 -35.18 28.73 5.28
CA ASN O 60 -36.60 28.84 5.57
C ASN O 60 -37.01 30.29 5.41
N PRO O 61 -38.25 30.56 5.00
CA PRO O 61 -38.73 31.94 4.89
C PRO O 61 -38.96 32.57 6.25
N ARG O 62 -39.38 33.84 6.23
CA ARG O 62 -39.58 34.57 7.48
C ARG O 62 -40.81 34.05 8.25
N GLN O 63 -41.79 33.51 7.55
CA GLN O 63 -43.01 33.00 8.18
C GLN O 63 -42.84 31.59 8.73
N PHE O 64 -41.65 31.01 8.66
CA PHE O 64 -41.41 29.66 9.16
C PHE O 64 -40.19 29.55 10.06
N GLN O 65 -39.51 30.66 10.37
CA GLN O 65 -38.34 30.60 11.21
C GLN O 65 -38.72 30.33 12.66
N GLY O 66 -37.98 29.43 13.30
CA GLY O 66 -38.23 29.07 14.68
C GLY O 66 -39.20 27.93 14.88
N ARG O 67 -39.86 27.46 13.82
CA ARG O 67 -40.83 26.38 13.93
C ARG O 67 -40.37 25.11 13.22
N VAL O 68 -40.04 25.20 11.94
CA VAL O 68 -39.61 24.05 11.16
C VAL O 68 -38.10 23.90 11.25
N SER O 69 -37.63 22.68 11.43
CA SER O 69 -36.20 22.38 11.51
C SER O 69 -35.91 21.22 10.56
N LEU O 70 -35.27 21.52 9.44
CA LEU O 70 -34.96 20.51 8.43
C LEU O 70 -33.70 19.75 8.83
N THR O 71 -33.79 18.42 8.85
CA THR O 71 -32.68 17.59 9.26
C THR O 71 -32.61 16.37 8.34
N ARG O 72 -31.38 16.01 7.94
CA ARG O 72 -31.15 14.84 7.12
C ARG O 72 -30.29 13.85 7.87
N HIS O 73 -30.32 12.60 7.41
CA HIS O 73 -29.52 11.53 8.00
C HIS O 73 -29.06 10.59 6.91
N ALA O 74 -27.77 10.28 6.89
CA ALA O 74 -27.18 9.41 5.89
C ALA O 74 -26.80 8.07 6.52
N SER O 75 -26.85 7.02 5.70
CA SER O 75 -26.48 5.69 6.16
C SER O 75 -24.96 5.53 6.13
N TRP O 76 -24.50 4.34 6.50
CA TRP O 76 -23.06 4.09 6.56
C TRP O 76 -22.45 3.96 5.16
N ASP O 77 -23.22 3.44 4.20
CA ASP O 77 -22.73 3.26 2.84
C ASP O 77 -23.14 4.39 1.89
N PHE O 78 -23.89 5.38 2.39
CA PHE O 78 -24.24 6.61 1.67
C PHE O 78 -25.02 6.33 0.38
N ASP O 79 -25.82 5.27 0.36
CA ASP O 79 -26.68 5.02 -0.80
C ASP O 79 -28.11 5.47 -0.59
N THR O 80 -28.59 5.53 0.64
CA THR O 80 -29.94 6.00 0.95
C THR O 80 -29.87 7.02 2.07
N TYR O 81 -30.80 7.96 2.06
CA TYR O 81 -30.86 9.04 3.03
C TYR O 81 -32.21 9.03 3.73
N SER O 82 -32.35 9.91 4.72
CA SER O 82 -33.60 10.03 5.47
C SER O 82 -33.78 11.51 5.81
N PHE O 83 -34.56 12.21 5.01
CA PHE O 83 -34.80 13.64 5.20
C PHE O 83 -36.03 13.82 6.10
N TYR O 84 -35.84 14.52 7.20
CA TYR O 84 -36.91 14.76 8.18
C TYR O 84 -37.37 16.20 8.11
N MET O 85 -38.51 16.46 8.75
CA MET O 85 -39.09 17.80 8.81
C MET O 85 -39.94 17.87 10.07
N ASP O 86 -39.39 18.49 11.12
CA ASP O 86 -40.05 18.58 12.41
C ASP O 86 -40.62 19.99 12.60
N LEU O 87 -41.91 20.05 12.96
CA LEU O 87 -42.58 21.31 13.26
C LEU O 87 -42.65 21.47 14.77
N LYS O 88 -42.33 22.68 15.25
CA LYS O 88 -42.26 22.91 16.69
C LYS O 88 -43.65 23.04 17.31
N ALA O 89 -44.43 24.03 16.87
CA ALA O 89 -45.75 24.29 17.43
C ALA O 89 -46.73 24.49 16.28
N LEU O 90 -47.55 23.48 16.02
CA LEU O 90 -48.52 23.55 14.94
C LEU O 90 -49.69 24.44 15.32
N ARG O 91 -50.11 25.29 14.39
CA ARG O 91 -51.27 26.15 14.58
C ARG O 91 -52.52 25.43 14.10
N SER O 92 -53.64 26.16 14.05
CA SER O 92 -54.89 25.55 13.60
C SER O 92 -54.97 25.46 12.08
N ASP O 93 -54.29 26.37 11.37
CA ASP O 93 -54.34 26.40 9.92
C ASP O 93 -53.18 25.63 9.27
N ASP O 94 -52.58 24.70 10.00
CA ASP O 94 -51.49 23.89 9.47
C ASP O 94 -51.97 22.55 8.93
N THR O 95 -53.28 22.34 8.83
CA THR O 95 -53.83 21.10 8.28
C THR O 95 -53.61 21.11 6.77
N ALA O 96 -52.56 20.40 6.33
CA ALA O 96 -52.18 20.40 4.93
C ALA O 96 -51.39 19.13 4.63
N VAL O 97 -51.02 18.95 3.37
CA VAL O 97 -50.23 17.82 2.92
C VAL O 97 -48.84 18.33 2.54
N TYR O 98 -47.82 17.56 2.91
CA TYR O 98 -46.43 17.94 2.69
C TYR O 98 -45.78 17.03 1.66
N PHE O 99 -44.99 17.62 0.78
CA PHE O 99 -44.31 16.89 -0.28
C PHE O 99 -42.81 16.92 -0.05
N CYS O 100 -42.09 16.19 -0.91
CA CYS O 100 -40.64 16.09 -0.83
C CYS O 100 -40.11 16.17 -2.27
N ALA O 101 -39.74 17.36 -2.70
CA ALA O 101 -39.30 17.58 -4.07
C ALA O 101 -37.81 17.27 -4.21
N ARG O 102 -37.25 17.52 -5.39
CA ARG O 102 -35.83 17.29 -5.65
C ARG O 102 -35.41 18.22 -6.76
N GLN O 103 -34.54 19.19 -6.43
CA GLN O 103 -34.04 20.11 -7.44
C GLN O 103 -33.02 19.43 -8.34
N ARG O 104 -33.24 19.50 -9.65
CA ARG O 104 -32.37 18.82 -10.60
C ARG O 104 -31.24 19.72 -11.08
N SER O 105 -31.56 20.93 -11.55
CA SER O 105 -30.56 21.82 -12.11
C SER O 105 -30.83 23.23 -11.57
N ASP O 106 -30.15 24.22 -12.16
CA ASP O 106 -30.28 25.61 -11.74
C ASP O 106 -31.61 26.22 -12.14
N TYR O 107 -32.38 25.57 -13.02
CA TYR O 107 -33.71 26.04 -13.38
C TYR O 107 -34.77 25.61 -12.38
N TRP O 108 -34.37 24.93 -11.29
CA TRP O 108 -35.26 24.43 -10.25
C TRP O 108 -36.31 23.48 -10.83
N ASP O 109 -35.81 22.39 -11.41
CA ASP O 109 -36.66 21.36 -12.01
C ASP O 109 -36.95 20.28 -10.98
N PHE O 110 -38.20 20.22 -10.51
CA PHE O 110 -38.61 19.22 -9.53
C PHE O 110 -39.27 18.07 -10.29
N ASP O 111 -38.43 17.21 -10.86
CA ASP O 111 -38.93 16.14 -11.71
C ASP O 111 -39.57 15.01 -10.90
N VAL O 112 -38.98 14.66 -9.76
CA VAL O 112 -39.49 13.59 -8.91
C VAL O 112 -40.00 14.19 -7.61
N TRP O 113 -41.16 13.74 -7.17
CA TRP O 113 -41.80 14.24 -5.96
C TRP O 113 -42.09 13.07 -5.02
N GLY O 114 -42.75 13.39 -3.90
CA GLY O 114 -43.14 12.38 -2.94
C GLY O 114 -44.63 12.06 -3.04
N SER O 115 -45.03 11.03 -2.28
CA SER O 115 -46.42 10.61 -2.30
C SER O 115 -47.32 11.57 -1.53
N GLY O 116 -46.77 12.31 -0.57
CA GLY O 116 -47.54 13.25 0.20
C GLY O 116 -47.95 12.73 1.57
N THR O 117 -47.83 13.57 2.59
CA THR O 117 -48.24 13.24 3.95
C THR O 117 -49.15 14.34 4.47
N GLN O 118 -50.42 14.01 4.66
CA GLN O 118 -51.40 14.97 5.16
C GLN O 118 -51.51 14.85 6.67
N VAL O 119 -51.29 15.96 7.36
CA VAL O 119 -51.39 16.01 8.82
C VAL O 119 -52.48 17.02 9.19
N THR O 120 -53.15 16.74 10.30
CA THR O 120 -54.19 17.61 10.84
C THR O 120 -53.88 17.94 12.30
N VAL O 121 -54.55 18.96 12.81
CA VAL O 121 -54.37 19.36 14.19
C VAL O 121 -55.69 19.26 14.96
N ASP P 1 -36.41 40.95 -7.55
CA ASP P 1 -37.84 40.85 -7.28
C ASP P 1 -38.53 40.00 -8.34
N ILE P 2 -39.59 39.31 -7.95
CA ILE P 2 -40.35 38.42 -8.83
C ILE P 2 -41.79 38.91 -8.85
N GLN P 3 -42.32 39.12 -10.05
CA GLN P 3 -43.71 39.55 -10.25
C GLN P 3 -44.48 38.45 -10.95
N MET P 4 -45.72 38.23 -10.50
CA MET P 4 -46.55 37.14 -11.01
C MET P 4 -47.90 37.68 -11.46
N THR P 5 -48.40 37.11 -12.57
CA THR P 5 -49.74 37.40 -13.03
C THR P 5 -50.31 36.12 -13.64
N GLN P 6 -51.59 35.85 -13.36
CA GLN P 6 -52.28 34.66 -13.89
C GLN P 6 -53.68 35.08 -14.30
N SER P 7 -53.85 35.46 -15.57
CA SER P 7 -55.13 35.92 -16.09
C SER P 7 -56.13 34.80 -16.41
N PRO P 8 -55.75 33.62 -17.01
CA PRO P 8 -56.78 32.58 -17.18
C PRO P 8 -57.13 31.89 -15.87
N SER P 9 -58.04 32.49 -15.11
CA SER P 9 -58.41 31.93 -13.82
C SER P 9 -59.21 30.64 -13.95
N SER P 10 -60.07 30.55 -14.96
CA SER P 10 -60.90 29.36 -15.13
C SER P 10 -61.31 29.23 -16.58
N LEU P 11 -61.20 28.02 -17.12
CA LEU P 11 -61.65 27.73 -18.47
C LEU P 11 -62.08 26.26 -18.53
N SER P 12 -63.15 26.00 -19.28
CA SER P 12 -63.75 24.68 -19.37
C SER P 12 -64.03 24.32 -20.83
N ALA P 13 -63.03 24.51 -21.68
CA ALA P 13 -63.17 24.22 -23.11
C ALA P 13 -63.31 22.72 -23.35
N SER P 14 -63.79 22.39 -24.55
CA SER P 14 -64.08 21.01 -24.90
C SER P 14 -62.81 20.30 -25.37
N VAL P 15 -62.96 19.08 -25.87
CA VAL P 15 -61.84 18.25 -26.30
C VAL P 15 -61.67 18.39 -27.81
N GLY P 16 -60.41 18.45 -28.24
CA GLY P 16 -60.08 18.54 -29.66
C GLY P 16 -59.63 19.90 -30.12
N ASP P 17 -59.77 20.93 -29.29
CA ASP P 17 -59.42 22.29 -29.67
C ASP P 17 -57.94 22.55 -29.34
N THR P 18 -57.54 23.81 -29.37
CA THR P 18 -56.20 24.22 -29.00
C THR P 18 -56.32 25.37 -28.01
N VAL P 19 -56.08 25.08 -26.74
CA VAL P 19 -56.18 26.08 -25.67
C VAL P 19 -54.77 26.45 -25.21
N THR P 20 -54.61 27.68 -24.74
CA THR P 20 -53.34 28.19 -24.28
C THR P 20 -53.54 29.00 -23.02
N ILE P 21 -52.67 28.79 -22.03
CA ILE P 21 -52.67 29.55 -20.80
C ILE P 21 -51.35 30.31 -20.71
N THR P 22 -51.40 31.54 -20.20
CA THR P 22 -50.25 32.41 -20.13
C THR P 22 -50.06 32.94 -18.71
N CYS P 23 -48.80 33.22 -18.38
CA CYS P 23 -48.45 33.89 -17.13
C CYS P 23 -47.17 34.67 -17.34
N GLN P 24 -47.14 35.90 -16.82
CA GLN P 24 -46.02 36.80 -17.03
C GLN P 24 -45.11 36.80 -15.81
N ALA P 25 -43.85 36.43 -16.01
CA ALA P 25 -42.89 36.37 -14.92
C ALA P 25 -41.49 36.51 -15.49
N ASN P 26 -40.59 37.07 -14.68
CA ASN P 26 -39.19 37.19 -15.03
C ASN P 26 -38.36 36.10 -14.37
N GLY P 27 -37.40 35.58 -15.11
CA GLY P 27 -36.56 34.50 -14.63
C GLY P 27 -36.94 33.17 -15.26
N TYR P 28 -36.37 32.11 -14.69
CA TYR P 28 -36.68 30.76 -15.15
C TYR P 28 -38.09 30.36 -14.74
N LEU P 29 -38.75 29.60 -15.60
CA LEU P 29 -40.16 29.25 -15.40
C LEU P 29 -40.40 27.81 -15.84
N ASN P 30 -40.96 27.01 -14.95
CA ASN P 30 -41.30 25.62 -15.21
C ASN P 30 -42.81 25.45 -15.16
N TRP P 31 -43.31 24.44 -15.87
CA TRP P 31 -44.73 24.13 -15.92
C TRP P 31 -44.97 22.78 -15.26
N TYR P 32 -46.02 22.69 -14.45
CA TYR P 32 -46.34 21.48 -13.72
C TYR P 32 -47.80 21.11 -13.93
N GLN P 33 -48.07 19.80 -13.89
CA GLN P 33 -49.41 19.25 -14.00
C GLN P 33 -49.77 18.57 -12.68
N GLN P 34 -50.88 18.98 -12.08
CA GLN P 34 -51.30 18.47 -10.78
C GLN P 34 -52.74 18.00 -10.84
N ARG P 35 -52.98 16.77 -10.43
CA ARG P 35 -54.32 16.22 -10.34
C ARG P 35 -54.92 16.53 -8.97
N ARG P 36 -56.05 15.92 -8.65
CA ARG P 36 -56.70 16.13 -7.37
C ARG P 36 -56.15 15.13 -6.36
N GLY P 37 -55.46 15.65 -5.32
CA GLY P 37 -54.91 14.81 -4.29
C GLY P 37 -53.65 14.06 -4.66
N LYS P 38 -53.08 14.33 -5.83
CA LYS P 38 -51.88 13.66 -6.30
C LYS P 38 -50.70 14.63 -6.30
N ALA P 39 -49.51 14.07 -6.50
CA ALA P 39 -48.31 14.88 -6.57
C ALA P 39 -48.19 15.55 -7.94
N PRO P 40 -47.67 16.78 -7.98
CA PRO P 40 -47.48 17.44 -9.28
C PRO P 40 -46.38 16.78 -10.09
N LYS P 41 -46.47 16.95 -11.40
CA LYS P 41 -45.54 16.34 -12.34
C LYS P 41 -45.02 17.41 -13.30
N LEU P 42 -43.70 17.43 -13.49
CA LEU P 42 -43.08 18.40 -14.38
C LEU P 42 -43.34 18.03 -15.83
N LEU P 43 -43.85 18.98 -16.61
CA LEU P 43 -44.08 18.78 -18.03
C LEU P 43 -42.96 19.37 -18.87
N ILE P 44 -42.72 20.68 -18.75
CA ILE P 44 -41.65 21.36 -19.47
C ILE P 44 -40.94 22.29 -18.49
N TYR P 45 -39.67 22.55 -18.77
CA TYR P 45 -38.85 23.43 -17.97
C TYR P 45 -38.14 24.42 -18.87
N ASP P 46 -37.70 25.53 -18.26
CA ASP P 46 -37.01 26.63 -18.95
C ASP P 46 -37.86 27.21 -20.08
N GLY P 47 -39.17 27.20 -19.90
CA GLY P 47 -40.08 27.76 -20.91
C GLY P 47 -40.42 26.89 -22.10
N SER P 48 -39.42 26.27 -22.72
CA SER P 48 -39.64 25.52 -23.95
C SER P 48 -39.02 24.12 -23.97
N LYS P 49 -38.09 23.81 -23.09
CA LYS P 49 -37.43 22.51 -23.14
C LYS P 49 -38.36 21.42 -22.62
N LEU P 50 -38.36 20.29 -23.31
CA LEU P 50 -39.26 19.19 -23.01
C LEU P 50 -38.60 18.17 -22.09
N GLU P 51 -39.37 17.63 -21.16
CA GLU P 51 -38.89 16.61 -20.24
C GLU P 51 -39.16 15.23 -20.80
N ARG P 52 -38.20 14.32 -20.62
CA ARG P 52 -38.34 12.95 -21.10
C ARG P 52 -39.43 12.23 -20.31
N GLY P 53 -40.36 11.60 -21.04
CA GLY P 53 -41.50 10.93 -20.44
C GLY P 53 -42.82 11.63 -20.71
N VAL P 54 -42.78 12.91 -21.06
CA VAL P 54 -43.98 13.68 -21.38
C VAL P 54 -44.31 13.44 -22.85
N PRO P 55 -45.58 13.19 -23.20
CA PRO P 55 -45.93 13.02 -24.62
C PRO P 55 -45.71 14.29 -25.42
N SER P 56 -45.56 14.10 -26.73
CA SER P 56 -45.18 15.19 -27.64
C SER P 56 -46.33 16.11 -28.00
N ARG P 57 -47.50 15.96 -27.38
CA ARG P 57 -48.59 16.90 -27.60
C ARG P 57 -48.46 18.16 -26.74
N PHE P 58 -47.43 18.25 -25.91
CA PHE P 58 -47.18 19.42 -25.08
C PHE P 58 -46.04 20.23 -25.65
N SER P 59 -46.24 21.54 -25.75
CA SER P 59 -45.23 22.43 -26.27
C SER P 59 -45.42 23.83 -25.68
N GLY P 60 -44.33 24.58 -25.62
CA GLY P 60 -44.38 25.92 -25.06
C GLY P 60 -43.33 26.80 -25.70
N ARG P 61 -43.56 28.10 -25.64
CA ARG P 61 -42.62 29.08 -26.19
C ARG P 61 -42.74 30.37 -25.38
N ARG P 62 -41.71 31.21 -25.52
CA ARG P 62 -41.65 32.47 -24.80
C ARG P 62 -41.31 33.61 -25.75
N TRP P 63 -41.74 34.82 -25.38
CA TRP P 63 -41.42 36.01 -26.14
C TRP P 63 -41.40 37.18 -25.15
N GLY P 64 -40.20 37.58 -24.72
CA GLY P 64 -40.07 38.63 -23.74
C GLY P 64 -40.41 38.14 -22.34
N GLN P 65 -41.53 38.60 -21.79
CA GLN P 65 -42.00 38.19 -20.48
C GLN P 65 -43.39 37.57 -20.56
N GLU P 66 -43.59 36.72 -21.56
CA GLU P 66 -44.87 36.03 -21.76
C GLU P 66 -44.58 34.58 -22.13
N TYR P 67 -44.97 33.66 -21.25
CA TYR P 67 -44.79 32.23 -21.47
C TYR P 67 -46.14 31.61 -21.81
N ASN P 68 -46.17 30.79 -22.85
CA ASN P 68 -47.40 30.16 -23.31
C ASN P 68 -47.26 28.65 -23.23
N LEU P 69 -48.37 27.98 -22.93
CA LEU P 69 -48.44 26.51 -22.89
C LEU P 69 -49.49 26.07 -23.89
N THR P 70 -49.05 25.48 -25.00
CA THR P 70 -49.94 25.04 -26.05
C THR P 70 -50.46 23.64 -25.74
N ILE P 71 -51.78 23.49 -25.79
CA ILE P 71 -52.44 22.21 -25.53
C ILE P 71 -53.27 21.87 -26.76
N ASN P 72 -52.73 21.00 -27.61
CA ASN P 72 -53.43 20.51 -28.79
C ASN P 72 -53.64 19.01 -28.65
N ASN P 73 -54.72 18.52 -29.27
CA ASN P 73 -55.15 17.12 -29.20
C ASN P 73 -55.36 16.71 -27.74
N LEU P 74 -56.35 17.34 -27.12
CA LEU P 74 -56.71 17.03 -25.74
C LEU P 74 -57.19 15.59 -25.61
N GLN P 75 -57.02 15.04 -24.41
CA GLN P 75 -57.32 13.66 -24.10
C GLN P 75 -58.23 13.58 -22.89
N PRO P 76 -58.96 12.47 -22.73
CA PRO P 76 -59.78 12.29 -21.51
C PRO P 76 -58.98 12.14 -20.23
N GLU P 77 -57.69 11.85 -20.31
CA GLU P 77 -56.82 11.81 -19.13
C GLU P 77 -55.91 13.03 -19.02
N ASP P 78 -56.20 14.10 -19.77
CA ASP P 78 -55.41 15.32 -19.75
C ASP P 78 -56.21 16.51 -19.20
N ILE P 79 -57.00 16.28 -18.15
CA ILE P 79 -57.75 17.33 -17.49
C ILE P 79 -57.24 17.41 -16.06
N ALA P 80 -56.46 18.45 -15.76
CA ALA P 80 -55.86 18.61 -14.45
C ALA P 80 -55.57 20.09 -14.23
N THR P 81 -54.81 20.39 -13.18
CA THR P 81 -54.44 21.76 -12.83
C THR P 81 -53.02 22.05 -13.31
N TYR P 82 -52.84 23.22 -13.92
CA TYR P 82 -51.56 23.63 -14.49
C TYR P 82 -51.16 24.98 -13.94
N PHE P 83 -49.93 25.10 -13.45
CA PHE P 83 -49.42 26.35 -12.93
C PHE P 83 -47.95 26.50 -13.33
N CYS P 84 -47.51 27.74 -13.46
CA CYS P 84 -46.11 28.04 -13.75
C CYS P 84 -45.37 28.36 -12.47
N GLN P 85 -44.12 27.91 -12.40
CA GLN P 85 -43.36 27.88 -11.14
C GLN P 85 -42.04 28.61 -11.29
N VAL P 86 -41.94 29.79 -10.68
CA VAL P 86 -40.69 30.47 -10.41
C VAL P 86 -40.18 29.82 -9.12
N TYR P 87 -38.92 30.08 -8.75
CA TYR P 87 -38.17 29.34 -7.72
C TYR P 87 -38.97 29.05 -6.44
N GLU P 88 -39.39 30.09 -5.73
CA GLU P 88 -40.13 29.92 -4.49
C GLU P 88 -41.52 30.52 -4.56
N PHE P 89 -41.99 30.90 -5.75
CA PHE P 89 -43.29 31.52 -5.92
C PHE P 89 -44.12 30.68 -6.87
N VAL P 90 -45.22 30.12 -6.37
CA VAL P 90 -46.13 29.28 -7.14
C VAL P 90 -47.52 29.88 -7.05
N VAL P 91 -48.07 30.28 -8.19
CA VAL P 91 -49.42 30.84 -8.25
C VAL P 91 -50.43 29.70 -8.28
N PRO P 92 -51.62 29.88 -7.72
CA PRO P 92 -52.65 28.84 -7.84
C PRO P 92 -53.14 28.72 -9.27
N GLY P 93 -52.86 27.56 -9.88
CA GLY P 93 -53.19 27.34 -11.27
C GLY P 93 -54.67 27.16 -11.51
N THR P 94 -55.01 26.98 -12.78
CA THR P 94 -56.39 26.83 -13.21
C THR P 94 -56.68 25.38 -13.59
N ARG P 95 -57.97 25.04 -13.53
CA ARG P 95 -58.44 23.71 -13.87
C ARG P 95 -59.19 23.76 -15.20
N LEU P 96 -59.20 22.63 -15.91
CA LEU P 96 -59.86 22.54 -17.20
C LEU P 96 -61.32 22.12 -17.03
N GLN Q 1 -13.64 51.57 61.27
CA GLN Q 1 -13.27 51.01 62.56
C GLN Q 1 -14.37 50.12 63.12
N VAL Q 2 -14.11 48.83 63.15
CA VAL Q 2 -15.06 47.83 63.65
C VAL Q 2 -14.43 47.06 64.80
N GLN Q 3 -15.19 46.90 65.88
CA GLN Q 3 -14.73 46.18 67.06
C GLN Q 3 -15.63 44.99 67.32
N LEU Q 4 -15.00 43.86 67.68
CA LEU Q 4 -15.71 42.61 67.92
C LEU Q 4 -15.41 42.12 69.33
N GLN Q 5 -16.45 41.65 70.02
CA GLN Q 5 -16.30 41.12 71.38
C GLN Q 5 -17.45 40.16 71.63
N GLU Q 6 -17.12 38.91 71.94
CA GLU Q 6 -18.12 37.88 72.15
C GLU Q 6 -18.04 37.33 73.56
N SER Q 7 -19.09 36.63 73.96
CA SER Q 7 -19.19 36.00 75.27
C SER Q 7 -19.93 34.68 75.12
N GLY Q 8 -19.35 33.61 75.68
CA GLY Q 8 -19.94 32.30 75.61
C GLY Q 8 -20.46 31.83 76.94
N PRO Q 9 -21.17 30.69 76.94
CA PRO Q 9 -21.67 30.16 78.22
C PRO Q 9 -20.59 29.56 79.09
N GLY Q 10 -19.54 29.00 78.51
CA GLY Q 10 -18.45 28.40 79.25
C GLY Q 10 -18.64 26.94 79.59
N LEU Q 11 -19.83 26.57 80.06
CA LEU Q 11 -20.15 25.22 80.44
C LEU Q 11 -21.25 24.68 79.53
N VAL Q 12 -21.12 23.42 79.13
CA VAL Q 12 -22.09 22.78 78.24
C VAL Q 12 -22.10 21.28 78.53
N LYS Q 13 -23.30 20.70 78.59
CA LYS Q 13 -23.47 19.27 78.82
C LYS Q 13 -23.49 18.52 77.49
N PRO Q 14 -23.11 17.24 77.49
CA PRO Q 14 -23.23 16.45 76.26
C PRO Q 14 -24.69 16.22 75.89
N SER Q 15 -24.94 16.14 74.58
CA SER Q 15 -26.27 16.02 73.98
C SER Q 15 -27.18 17.17 74.44
N GLU Q 16 -26.74 18.38 74.14
CA GLU Q 16 -27.42 19.59 74.57
C GLU Q 16 -27.17 20.69 73.54
N THR Q 17 -28.07 21.66 73.50
CA THR Q 17 -27.94 22.76 72.55
C THR Q 17 -26.76 23.65 72.92
N LEU Q 18 -26.33 24.45 71.93
CA LEU Q 18 -25.16 25.32 72.10
C LEU Q 18 -25.45 26.65 71.45
N SER Q 19 -25.06 27.73 72.12
CA SER Q 19 -25.32 29.08 71.61
C SER Q 19 -24.20 30.01 72.06
N VAL Q 20 -23.43 30.52 71.11
CA VAL Q 20 -22.38 31.50 71.38
C VAL Q 20 -22.75 32.78 70.61
N THR Q 21 -22.91 33.87 71.35
CA THR Q 21 -23.36 35.14 70.80
C THR Q 21 -22.20 36.13 70.72
N CYS Q 22 -22.06 36.75 69.55
CA CYS Q 22 -20.98 37.70 69.31
C CYS Q 22 -21.56 39.09 69.12
N SER Q 23 -21.05 40.06 69.88
CA SER Q 23 -21.51 41.44 69.81
C SER Q 23 -20.51 42.26 69.00
N VAL Q 24 -21.00 42.96 67.99
CA VAL Q 24 -20.17 43.77 67.11
C VAL Q 24 -20.74 45.19 67.09
N SER Q 25 -19.86 46.17 67.18
CA SER Q 25 -20.24 47.57 67.12
C SER Q 25 -19.18 48.36 66.36
N GLY Q 26 -19.57 49.55 65.92
CA GLY Q 26 -18.67 50.40 65.17
C GLY Q 26 -19.14 50.69 63.76
N ASP Q 27 -19.84 49.73 63.17
CA ASP Q 27 -20.32 49.83 61.80
C ASP Q 27 -21.45 48.81 61.62
N SER Q 28 -22.31 49.05 60.63
CA SER Q 28 -23.43 48.17 60.33
C SER Q 28 -22.95 46.92 59.60
N MET Q 29 -23.89 46.07 59.21
CA MET Q 29 -23.61 44.83 58.49
C MET Q 29 -23.89 44.95 57.00
N ASN Q 30 -23.63 46.12 56.42
CA ASN Q 30 -23.98 46.34 55.01
C ASN Q 30 -23.02 45.65 54.06
N ASN Q 31 -21.71 45.80 54.28
CA ASN Q 31 -20.74 45.14 53.40
C ASN Q 31 -19.84 44.17 54.14
N TYR Q 32 -20.16 43.83 55.39
CA TYR Q 32 -19.28 43.02 56.23
C TYR Q 32 -19.77 41.57 56.24
N TYR Q 33 -18.92 40.66 55.78
CA TYR Q 33 -19.17 39.23 55.91
C TYR Q 33 -18.80 38.77 57.31
N TRP Q 34 -19.39 37.65 57.73
CA TRP Q 34 -19.16 37.09 59.05
C TRP Q 34 -18.92 35.59 58.94
N THR Q 35 -18.06 35.08 59.82
CA THR Q 35 -17.71 33.67 59.80
C THR Q 35 -17.37 33.22 61.21
N TRP Q 36 -17.32 31.90 61.40
CA TRP Q 36 -16.98 31.28 62.66
C TRP Q 36 -15.75 30.40 62.49
N ILE Q 37 -14.75 30.61 63.34
CA ILE Q 37 -13.49 29.89 63.27
C ILE Q 37 -13.28 29.15 64.58
N ARG Q 38 -12.86 27.89 64.50
CA ARG Q 38 -12.64 27.04 65.66
C ARG Q 38 -11.20 26.55 65.66
N GLN Q 39 -10.62 26.43 66.86
CA GLN Q 39 -9.26 25.91 67.02
C GLN Q 39 -9.19 25.08 68.28
N SER Q 40 -8.84 23.81 68.13
CA SER Q 40 -8.65 22.87 69.22
C SER Q 40 -7.16 22.69 69.52
N PRO Q 41 -6.80 22.50 70.80
CA PRO Q 41 -5.39 22.26 71.14
C PRO Q 41 -4.92 20.92 70.61
N GLY Q 42 -3.82 20.95 69.86
CA GLY Q 42 -3.27 19.78 69.20
C GLY Q 42 -3.40 19.81 67.69
N LYS Q 43 -4.18 20.73 67.14
CA LYS Q 43 -4.36 20.86 65.71
C LYS Q 43 -4.35 22.34 65.35
N GLY Q 44 -4.62 22.63 64.08
CA GLY Q 44 -4.63 24.00 63.58
C GLY Q 44 -6.02 24.62 63.60
N LEU Q 45 -6.14 25.74 62.89
CA LEU Q 45 -7.41 26.43 62.79
C LEU Q 45 -8.37 25.63 61.91
N GLU Q 46 -9.66 25.70 62.25
CA GLU Q 46 -10.70 24.94 61.54
C GLU Q 46 -11.82 25.89 61.14
N TRP Q 47 -12.05 26.01 59.84
CA TRP Q 47 -13.15 26.81 59.32
C TRP Q 47 -14.41 25.96 59.24
N ILE Q 48 -15.53 26.48 59.74
CA ILE Q 48 -16.77 25.73 59.79
C ILE Q 48 -17.87 26.33 58.91
N GLY Q 49 -17.75 27.57 58.48
CA GLY Q 49 -18.75 28.16 57.62
C GLY Q 49 -18.78 29.66 57.77
N TYR Q 50 -19.63 30.28 56.95
CA TYR Q 50 -19.78 31.73 56.95
C TYR Q 50 -21.20 32.07 56.51
N ILE Q 51 -21.56 33.34 56.73
CA ILE Q 51 -22.87 33.86 56.36
C ILE Q 51 -22.68 35.04 55.42
N SER Q 52 -23.50 35.10 54.37
CA SER Q 52 -23.43 36.17 53.40
C SER Q 52 -24.35 37.32 53.83
N ASP Q 53 -24.58 38.27 52.92
CA ASP Q 53 -25.42 39.41 53.21
C ASP Q 53 -26.88 39.18 52.82
N ARG Q 54 -27.13 38.31 51.83
CA ARG Q 54 -28.47 38.01 51.37
C ARG Q 54 -29.06 36.77 52.01
N GLU Q 55 -28.61 36.43 53.23
CA GLU Q 55 -29.11 35.29 54.02
C GLU Q 55 -28.94 33.96 53.29
N SER Q 56 -27.84 33.82 52.56
CA SER Q 56 -27.48 32.57 51.91
C SER Q 56 -26.41 31.89 52.74
N ALA Q 57 -26.82 30.98 53.61
CA ALA Q 57 -25.93 30.35 54.57
C ALA Q 57 -25.38 29.04 54.01
N THR Q 58 -24.05 28.96 53.89
CA THR Q 58 -23.37 27.73 53.55
C THR Q 58 -22.40 27.38 54.67
N TYR Q 59 -22.10 26.09 54.80
CA TYR Q 59 -21.28 25.59 55.90
C TYR Q 59 -20.26 24.61 55.37
N ASN Q 60 -19.39 24.14 56.27
CA ASN Q 60 -18.33 23.22 55.89
C ASN Q 60 -18.91 21.84 55.61
N PRO Q 61 -18.63 21.25 54.45
CA PRO Q 61 -19.17 19.90 54.15
C PRO Q 61 -18.53 18.79 54.98
N SER Q 62 -17.39 19.04 55.64
CA SER Q 62 -16.78 18.03 56.49
C SER Q 62 -17.50 17.84 57.80
N LEU Q 63 -18.43 18.73 58.16
CA LEU Q 63 -19.23 18.58 59.36
C LEU Q 63 -20.65 18.11 59.09
N ASN Q 64 -21.00 17.90 57.81
CA ASN Q 64 -22.31 17.37 57.38
C ASN Q 64 -23.47 18.26 57.83
N SER Q 65 -23.20 19.57 57.99
CA SER Q 65 -24.19 20.60 58.30
C SER Q 65 -24.96 20.30 59.59
N ARG Q 66 -24.21 20.26 60.69
CA ARG Q 66 -24.79 20.11 62.01
C ARG Q 66 -25.03 21.43 62.72
N VAL Q 67 -24.56 22.55 62.14
CA VAL Q 67 -24.71 23.86 62.76
C VAL Q 67 -25.58 24.73 61.86
N VAL Q 68 -26.12 25.79 62.44
CA VAL Q 68 -26.89 26.79 61.71
C VAL Q 68 -26.75 28.12 62.44
N ILE Q 69 -26.49 29.18 61.67
CA ILE Q 69 -26.26 30.50 62.23
C ILE Q 69 -27.26 31.48 61.64
N SER Q 70 -27.42 32.62 62.32
CA SER Q 70 -28.33 33.67 61.88
C SER Q 70 -27.88 34.98 62.47
N ARG Q 71 -28.37 36.07 61.89
CA ARG Q 71 -28.04 37.41 62.35
C ARG Q 71 -29.15 38.36 61.93
N ASP Q 72 -29.31 39.43 62.72
CA ASP Q 72 -30.35 40.41 62.47
C ASP Q 72 -29.80 41.81 62.76
N THR Q 73 -30.43 42.81 62.15
CA THR Q 73 -30.08 44.21 62.33
C THR Q 73 -30.80 44.82 63.53
N SER Q 74 -31.98 44.33 63.88
CA SER Q 74 -32.75 44.90 64.98
C SER Q 74 -32.10 44.64 66.33
N LYS Q 75 -31.26 43.61 66.44
CA LYS Q 75 -30.55 43.33 67.67
C LYS Q 75 -29.04 43.45 67.54
N ASN Q 76 -28.50 43.52 66.31
CA ASN Q 76 -27.07 43.62 66.02
C ASN Q 76 -26.29 42.47 66.65
N GLN Q 77 -26.87 41.27 66.61
CA GLN Q 77 -26.31 40.10 67.26
C GLN Q 77 -26.33 38.92 66.30
N LEU Q 78 -25.23 38.18 66.27
CA LEU Q 78 -25.13 36.95 65.51
C LEU Q 78 -24.77 35.81 66.46
N SER Q 79 -25.32 34.63 66.22
CA SER Q 79 -25.16 33.52 67.14
C SER Q 79 -24.95 32.23 66.33
N LEU Q 80 -24.91 31.11 67.04
CA LEU Q 80 -24.72 29.80 66.44
C LEU Q 80 -25.62 28.80 67.15
N LYS Q 81 -26.18 27.86 66.39
CA LYS Q 81 -27.05 26.82 66.94
C LYS Q 81 -26.47 25.46 66.56
N LEU Q 82 -26.22 24.63 67.57
CA LEU Q 82 -25.64 23.31 67.37
C LEU Q 82 -26.41 22.30 68.21
N ASN Q 83 -26.81 21.19 67.59
CA ASN Q 83 -27.50 20.10 68.27
C ASN Q 83 -26.66 18.83 68.17
N SER Q 84 -26.87 17.94 69.14
CA SER Q 84 -26.17 16.66 69.27
C SER Q 84 -24.65 16.87 69.32
N VAL Q 85 -24.21 17.55 70.37
CA VAL Q 85 -22.80 17.92 70.52
C VAL Q 85 -22.00 16.67 70.84
N THR Q 86 -21.17 16.23 69.89
CA THR Q 86 -20.23 15.17 70.15
C THR Q 86 -19.13 15.67 71.09
N PRO Q 87 -18.75 14.89 72.12
CA PRO Q 87 -17.72 15.38 73.06
C PRO Q 87 -16.33 15.46 72.46
N ALA Q 88 -16.15 16.39 71.51
CA ALA Q 88 -14.85 16.67 70.92
C ALA Q 88 -14.63 18.15 70.69
N ASP Q 89 -15.47 19.01 71.28
CA ASP Q 89 -15.41 20.45 71.07
C ASP Q 89 -14.71 21.19 72.21
N THR Q 90 -13.71 20.56 72.82
CA THR Q 90 -12.89 21.22 73.84
C THR Q 90 -11.93 22.16 73.12
N ALA Q 91 -12.45 23.32 72.74
CA ALA Q 91 -11.74 24.23 71.86
C ALA Q 91 -12.12 25.67 72.22
N VAL Q 92 -11.59 26.61 71.44
CA VAL Q 92 -11.85 28.03 71.63
C VAL Q 92 -12.42 28.58 70.32
N TYR Q 93 -13.44 29.43 70.44
CA TYR Q 93 -14.11 30.01 69.28
C TYR Q 93 -13.56 31.40 68.98
N TYR Q 94 -13.77 31.84 67.74
CA TYR Q 94 -13.31 33.14 67.29
C TYR Q 94 -14.39 33.79 66.43
N CYS Q 95 -14.66 35.06 66.71
CA CYS Q 95 -15.64 35.85 65.95
C CYS Q 95 -14.87 36.83 65.08
N ALA Q 96 -14.80 36.54 63.79
CA ALA Q 96 -14.04 37.35 62.85
C ALA Q 96 -14.88 37.65 61.61
N THR Q 97 -14.45 38.64 60.86
CA THR Q 97 -15.12 39.05 59.64
C THR Q 97 -14.44 38.43 58.42
N ALA Q 98 -14.90 38.82 57.24
CA ALA Q 98 -14.34 38.30 55.99
C ALA Q 98 -14.58 39.32 54.89
N ARG Q 99 -13.73 39.25 53.87
CA ARG Q 99 -13.84 40.11 52.70
C ARG Q 99 -13.95 39.25 51.45
N ARG Q 100 -14.86 39.63 50.57
CA ARG Q 100 -15.09 38.88 49.33
C ARG Q 100 -14.18 39.44 48.25
N GLY Q 101 -13.06 38.74 48.00
CA GLY Q 101 -12.12 39.14 46.98
C GLY Q 101 -12.28 38.28 45.73
N GLN Q 102 -12.24 38.93 44.58
CA GLN Q 102 -12.39 38.27 43.29
C GLN Q 102 -11.04 38.20 42.60
N ARG Q 103 -10.61 36.99 42.26
CA ARG Q 103 -9.34 36.76 41.57
C ARG Q 103 -9.65 36.39 40.12
N ILE Q 104 -9.33 37.30 39.21
CA ILE Q 104 -9.59 37.12 37.78
C ILE Q 104 -8.30 36.65 37.11
N TYR Q 105 -8.38 35.51 36.43
CA TYR Q 105 -7.24 34.96 35.71
C TYR Q 105 -7.49 34.78 34.23
N GLY Q 106 -8.72 34.92 33.76
CA GLY Q 106 -9.01 34.75 32.35
C GLY Q 106 -10.06 35.70 31.84
N VAL Q 107 -10.87 35.26 30.88
CA VAL Q 107 -11.94 36.10 30.35
C VAL Q 107 -13.05 36.24 31.38
N VAL Q 108 -13.47 37.47 31.65
CA VAL Q 108 -14.53 37.71 32.62
C VAL Q 108 -15.86 37.19 32.10
N SER Q 109 -16.11 37.31 30.80
CA SER Q 109 -17.39 36.91 30.22
C SER Q 109 -17.60 35.39 30.25
N PHE Q 110 -16.52 34.61 30.33
CA PHE Q 110 -16.63 33.16 30.36
C PHE Q 110 -16.68 32.60 31.78
N GLY Q 111 -16.67 33.45 32.79
CA GLY Q 111 -16.67 32.99 34.17
C GLY Q 111 -15.37 32.38 34.62
N GLU Q 112 -14.24 32.91 34.14
CA GLU Q 112 -12.93 32.37 34.49
C GLU Q 112 -12.35 33.16 35.66
N PHE Q 113 -13.00 33.02 36.80
CA PHE Q 113 -12.57 33.67 38.03
C PHE Q 113 -13.09 32.87 39.21
N PHE Q 114 -12.45 33.06 40.35
CA PHE Q 114 -12.87 32.41 41.60
C PHE Q 114 -12.76 33.40 42.73
N TYR Q 115 -13.64 33.25 43.71
CA TYR Q 115 -13.71 34.14 44.86
C TYR Q 115 -12.89 33.58 46.01
N TYR Q 116 -12.15 34.46 46.68
CA TYR Q 116 -11.37 34.08 47.85
C TYR Q 116 -11.74 34.98 49.01
N TYR Q 117 -11.74 34.42 50.21
CA TYR Q 117 -12.12 35.13 51.42
C TYR Q 117 -10.92 35.27 52.34
N SER Q 118 -10.73 36.47 52.90
CA SER Q 118 -9.65 36.75 53.83
C SER Q 118 -10.23 37.42 55.06
N MET Q 119 -9.80 36.96 56.24
CA MET Q 119 -10.26 37.51 57.51
C MET Q 119 -9.40 38.73 57.86
N ASP Q 120 -10.01 39.91 57.80
CA ASP Q 120 -9.26 41.14 58.06
C ASP Q 120 -9.06 41.37 59.56
N VAL Q 121 -10.16 41.53 60.29
CA VAL Q 121 -10.13 41.78 61.72
C VAL Q 121 -10.72 40.58 62.45
N TRP Q 122 -10.16 40.26 63.60
CA TRP Q 122 -10.57 39.10 64.39
C TRP Q 122 -11.15 39.57 65.73
N GLY Q 123 -11.56 38.59 66.54
CA GLY Q 123 -12.04 38.85 67.88
C GLY Q 123 -11.22 38.10 68.91
N LYS Q 124 -11.47 38.43 70.18
CA LYS Q 124 -10.75 37.78 71.27
C LYS Q 124 -11.22 36.35 71.45
N GLY Q 125 -12.52 36.17 71.73
CA GLY Q 125 -13.11 34.86 71.81
C GLY Q 125 -13.01 34.24 73.19
N THR Q 126 -13.76 33.15 73.37
CA THR Q 126 -13.74 32.39 74.61
C THR Q 126 -13.75 30.91 74.27
N THR Q 127 -13.41 30.09 75.27
CA THR Q 127 -13.33 28.65 75.10
C THR Q 127 -14.46 27.95 75.85
N VAL Q 128 -14.80 26.76 75.38
CA VAL Q 128 -15.80 25.91 76.03
C VAL Q 128 -15.17 24.57 76.36
N THR Q 129 -15.68 23.94 77.41
CA THR Q 129 -15.20 22.64 77.86
C THR Q 129 -16.40 21.75 78.18
N VAL Q 130 -16.41 20.55 77.60
CA VAL Q 130 -17.44 19.57 77.86
C VAL Q 130 -16.99 18.69 79.02
N SER Q 131 -17.74 18.70 80.11
CA SER Q 131 -17.40 17.94 81.31
C SER Q 131 -18.56 17.03 81.69
N SER Q 132 -18.21 15.89 82.30
CA SER Q 132 -19.20 14.93 82.74
C SER Q 132 -19.64 15.13 84.18
N ALA Q 133 -19.22 16.22 84.81
CA ALA Q 133 -19.57 16.50 86.20
C ALA Q 133 -20.91 17.25 86.27
N TYR R 2 -1.19 18.48 62.73
CA TYR R 2 0.18 18.18 62.33
C TYR R 2 0.97 19.46 62.11
N VAL R 3 1.83 19.80 63.08
CA VAL R 3 2.61 21.03 63.05
C VAL R 3 4.08 20.66 62.82
N ARG R 4 4.75 21.44 61.95
CA ARG R 4 6.16 21.23 61.67
C ARG R 4 7.02 22.32 62.29
N PRO R 5 8.17 21.98 62.85
CA PRO R 5 9.01 22.99 63.50
C PRO R 5 9.97 23.67 62.53
N LEU R 6 10.47 24.83 62.96
CA LEU R 6 11.43 25.60 62.19
C LEU R 6 12.24 26.46 63.15
N SER R 7 13.57 26.43 62.99
CA SER R 7 14.47 27.13 63.88
C SER R 7 15.28 28.15 63.08
N VAL R 8 15.07 29.43 63.38
CA VAL R 8 15.77 30.54 62.73
C VAL R 8 16.36 31.43 63.81
N ALA R 9 17.66 31.66 63.75
CA ALA R 9 18.34 32.47 64.75
C ALA R 9 18.23 33.95 64.42
N LEU R 10 18.84 34.77 65.27
CA LEU R 10 18.83 36.22 65.10
C LEU R 10 19.80 36.62 63.99
N GLY R 11 19.42 37.62 63.21
CA GLY R 11 20.31 38.17 62.21
C GLY R 11 19.94 37.82 60.79
N GLU R 12 19.54 36.58 60.56
CA GLU R 12 19.19 36.11 59.23
C GLU R 12 17.68 36.27 59.00
N THR R 13 17.22 35.83 57.84
CA THR R 13 15.82 35.92 57.46
C THR R 13 15.14 34.56 57.63
N ALA R 14 13.81 34.58 57.63
CA ALA R 14 12.99 33.38 57.76
C ALA R 14 12.23 33.16 56.48
N ARG R 15 12.40 31.99 55.87
CA ARG R 15 11.76 31.64 54.61
C ARG R 15 10.76 30.52 54.89
N ILE R 16 9.49 30.88 55.04
CA ILE R 16 8.43 29.91 55.33
C ILE R 16 7.68 29.62 54.03
N SER R 17 7.61 28.33 53.68
CA SER R 17 6.90 27.89 52.48
C SER R 17 5.98 26.73 52.86
N CYS R 18 4.70 26.86 52.52
CA CYS R 18 3.74 25.83 52.84
C CYS R 18 3.86 24.66 51.85
N GLY R 19 3.35 23.50 52.28
CA GLY R 19 3.46 22.30 51.47
C GLY R 19 2.40 22.18 50.39
N ARG R 20 1.34 22.97 50.48
CA ARG R 20 0.29 22.93 49.47
C ARG R 20 0.77 23.56 48.18
N GLN R 21 0.75 22.79 47.10
CA GLN R 21 1.17 23.30 45.79
C GLN R 21 -0.01 23.91 45.06
N ALA R 22 0.30 24.76 44.09
CA ALA R 22 -0.70 25.50 43.33
C ALA R 22 -0.84 24.89 41.94
N LEU R 23 -2.04 24.41 41.63
CA LEU R 23 -2.35 23.87 40.31
C LEU R 23 -2.97 24.95 39.42
N GLY R 24 -2.23 26.04 39.26
CA GLY R 24 -2.70 27.15 38.46
C GLY R 24 -2.51 28.50 39.14
N SER R 25 -3.39 29.45 38.84
CA SER R 25 -3.30 30.77 39.44
C SER R 25 -3.71 30.70 40.90
N ARG R 26 -2.88 31.25 41.78
CA ARG R 26 -3.07 31.14 43.22
C ARG R 26 -3.23 32.52 43.85
N ALA R 27 -3.85 32.53 45.03
CA ALA R 27 -3.93 33.73 45.86
C ALA R 27 -3.94 33.25 47.32
N VAL R 28 -2.76 33.20 47.92
CA VAL R 28 -2.60 32.60 49.23
C VAL R 28 -2.79 33.66 50.31
N GLN R 29 -3.00 33.21 51.54
CA GLN R 29 -3.14 34.07 52.70
C GLN R 29 -2.24 33.56 53.81
N TRP R 30 -1.40 34.44 54.36
CA TRP R 30 -0.50 34.10 55.44
C TRP R 30 -1.03 34.69 56.74
N TYR R 31 -1.09 33.86 57.78
CA TYR R 31 -1.61 34.26 59.07
C TYR R 31 -0.52 34.10 60.14
N GLN R 32 -0.81 34.67 61.31
CA GLN R 32 0.08 34.58 62.47
C GLN R 32 -0.77 34.45 63.71
N HIS R 33 -0.67 33.30 64.39
CA HIS R 33 -1.52 33.00 65.53
C HIS R 33 -0.65 32.63 66.73
N ARG R 34 -0.58 33.53 67.71
CA ARG R 34 0.07 33.20 68.97
C ARG R 34 -0.90 32.41 69.85
N PRO R 35 -0.38 31.49 70.68
CA PRO R 35 -1.26 30.72 71.57
C PRO R 35 -1.88 31.57 72.65
N GLY R 36 -3.19 31.83 72.55
CA GLY R 36 -3.91 32.67 73.47
C GLY R 36 -4.33 34.01 72.89
N GLN R 37 -3.66 34.45 71.83
CA GLN R 37 -3.96 35.72 71.18
C GLN R 37 -4.78 35.49 69.92
N ALA R 38 -5.36 36.57 69.41
CA ALA R 38 -6.13 36.50 68.18
C ALA R 38 -5.21 36.36 66.98
N PRO R 39 -5.64 35.64 65.94
CA PRO R 39 -4.83 35.54 64.73
C PRO R 39 -4.76 36.86 63.99
N ILE R 40 -3.60 37.11 63.36
CA ILE R 40 -3.32 38.35 62.67
C ILE R 40 -3.12 38.05 61.19
N LEU R 41 -3.81 38.80 60.33
CA LEU R 41 -3.63 38.67 58.90
C LEU R 41 -2.37 39.39 58.46
N LEU R 42 -1.55 38.72 57.66
CA LEU R 42 -0.27 39.28 57.22
C LEU R 42 -0.25 39.60 55.74
N ILE R 43 -0.54 38.63 54.88
CA ILE R 43 -0.44 38.78 53.44
C ILE R 43 -1.75 38.31 52.80
N TYR R 44 -2.33 39.16 51.95
CA TYR R 44 -3.45 38.76 51.11
C TYR R 44 -3.17 39.21 49.68
N ASN R 45 -3.66 38.41 48.72
CA ASN R 45 -3.42 38.59 47.29
C ASN R 45 -1.93 38.61 46.95
N ASN R 46 -1.14 37.87 47.73
CA ASN R 46 0.26 37.50 47.51
C ASN R 46 1.25 38.66 47.66
N GLN R 47 0.77 39.89 47.75
CA GLN R 47 1.67 41.02 47.91
C GLN R 47 1.18 42.10 48.86
N ASP R 48 -0.09 42.12 49.24
CA ASP R 48 -0.66 43.27 49.94
C ASP R 48 -0.59 43.09 51.45
N ARG R 49 -0.20 44.14 52.15
CA ARG R 49 -0.15 44.17 53.60
C ARG R 49 -1.21 45.11 54.13
N PRO R 50 -2.02 44.69 55.10
CA PRO R 50 -3.07 45.54 55.63
C PRO R 50 -2.49 46.59 56.58
N SER R 51 -3.39 47.39 57.16
CA SER R 51 -2.98 48.43 58.10
C SER R 51 -2.57 47.81 59.42
N GLY R 52 -1.34 48.09 59.84
CA GLY R 52 -0.80 47.55 61.07
C GLY R 52 0.32 46.56 60.91
N ILE R 53 0.88 46.42 59.71
CA ILE R 53 1.97 45.50 59.43
C ILE R 53 3.18 46.32 58.98
N PRO R 54 4.32 46.20 59.64
CA PRO R 54 5.50 46.97 59.25
C PRO R 54 6.17 46.39 58.02
N GLU R 55 7.26 47.01 57.60
CA GLU R 55 8.07 46.52 56.48
C GLU R 55 9.01 45.44 57.03
N ARG R 56 8.43 44.28 57.30
CA ARG R 56 9.17 43.13 57.77
C ARG R 56 8.81 41.89 56.96
N PHE R 57 7.56 41.78 56.57
CA PHE R 57 7.04 40.62 55.87
C PHE R 57 6.78 40.95 54.40
N SER R 58 6.92 39.94 53.55
CA SER R 58 6.67 40.11 52.12
C SER R 58 6.31 38.76 51.52
N GLY R 59 5.50 38.78 50.47
CA GLY R 59 5.11 37.56 49.80
C GLY R 59 5.50 37.54 48.34
N THR R 60 5.55 36.34 47.76
CA THR R 60 5.90 36.21 46.35
C THR R 60 4.67 36.47 45.48
N PRO R 61 4.77 37.35 44.48
CA PRO R 61 3.62 37.61 43.61
C PRO R 61 3.36 36.46 42.66
N ASP R 62 2.17 36.48 42.06
CA ASP R 62 1.74 35.45 41.12
C ASP R 62 1.99 35.94 39.71
N ILE R 63 3.26 35.95 39.32
CA ILE R 63 3.70 36.36 38.00
C ILE R 63 4.58 35.24 37.43
N ASN R 64 4.29 34.80 36.21
CA ASN R 64 4.97 33.68 35.56
C ASN R 64 4.87 32.42 36.42
N PHE R 65 3.65 31.90 36.48
CA PHE R 65 3.30 30.72 37.26
C PHE R 65 4.24 29.55 36.98
N GLY R 66 4.64 28.87 38.05
CA GLY R 66 5.64 27.83 37.99
C GLY R 66 6.54 27.90 39.20
N THR R 67 6.30 28.89 40.05
CA THR R 67 7.06 29.12 41.28
C THR R 67 6.25 28.66 42.48
N ARG R 68 6.82 28.85 43.67
CA ARG R 68 6.19 28.46 44.92
C ARG R 68 5.84 29.70 45.74
N ALA R 69 5.10 29.46 46.82
CA ALA R 69 4.68 30.51 47.73
C ALA R 69 5.62 30.52 48.93
N THR R 70 6.27 31.66 49.16
CA THR R 70 7.24 31.80 50.23
C THR R 70 7.00 33.10 50.97
N LEU R 71 6.92 33.03 52.29
CA LEU R 71 6.77 34.20 53.15
C LEU R 71 8.14 34.52 53.75
N THR R 72 8.75 35.61 53.28
CA THR R 72 10.06 36.02 53.77
C THR R 72 9.89 37.04 54.89
N ILE R 73 10.70 36.91 55.93
CA ILE R 73 10.66 37.78 57.10
C ILE R 73 12.03 38.39 57.27
N SER R 74 12.15 39.69 56.96
CA SER R 74 13.41 40.42 57.13
C SER R 74 13.42 41.03 58.52
N GLY R 75 14.06 40.33 59.46
CA GLY R 75 14.12 40.77 60.84
C GLY R 75 13.35 39.86 61.78
N VAL R 76 14.06 39.01 62.50
CA VAL R 76 13.43 38.06 63.42
C VAL R 76 13.28 38.73 64.78
N GLU R 77 12.13 38.51 65.42
CA GLU R 77 11.84 39.09 66.72
C GLU R 77 11.47 37.96 67.68
N ALA R 78 11.88 38.10 68.94
CA ALA R 78 11.60 37.07 69.95
C ALA R 78 10.12 36.92 70.24
N GLY R 79 9.30 37.92 69.94
CA GLY R 79 7.87 37.84 70.08
C GLY R 79 7.15 37.20 68.92
N ASP R 80 7.88 36.62 67.97
CA ASP R 80 7.29 35.95 66.81
C ASP R 80 7.20 34.44 66.99
N GLU R 81 7.03 33.98 68.24
CA GLU R 81 6.85 32.56 68.53
C GLU R 81 5.38 32.20 68.29
N ALA R 82 5.03 32.08 67.01
CA ALA R 82 3.65 31.82 66.62
C ALA R 82 3.64 30.85 65.45
N ASP R 83 2.44 30.45 65.05
CA ASP R 83 2.25 29.57 63.91
C ASP R 83 1.95 30.41 62.67
N TYR R 84 2.45 29.96 61.52
CA TYR R 84 2.30 30.65 60.26
C TYR R 84 1.58 29.74 59.29
N TYR R 85 0.32 30.06 59.00
CA TYR R 85 -0.52 29.22 58.15
C TYR R 85 -0.44 29.67 56.70
N CYS R 86 -0.90 28.81 55.79
CA CYS R 86 -0.86 29.06 54.35
C CYS R 86 -2.24 28.69 53.79
N HIS R 87 -3.14 29.67 53.74
CA HIS R 87 -4.48 29.46 53.18
C HIS R 87 -4.39 29.55 51.67
N MET R 88 -4.20 28.42 51.01
CA MET R 88 -4.00 28.38 49.57
C MET R 88 -5.37 28.38 48.87
N TRP R 89 -5.59 29.37 48.03
CA TRP R 89 -6.78 29.44 47.19
C TRP R 89 -6.36 29.25 45.74
N ASP R 90 -6.88 28.19 45.11
CA ASP R 90 -6.49 27.82 43.76
C ASP R 90 -7.69 27.90 42.84
N SER R 91 -7.42 28.00 41.54
CA SER R 91 -8.47 28.05 40.54
C SER R 91 -8.96 26.66 40.14
N ARG R 92 -8.17 25.61 40.40
CA ARG R 92 -8.55 24.25 40.03
C ARG R 92 -8.89 23.38 41.23
N SER R 93 -8.53 23.79 42.44
CA SER R 93 -8.82 23.02 43.64
C SER R 93 -10.19 23.33 44.23
N GLY R 94 -10.94 24.24 43.63
CA GLY R 94 -12.25 24.57 44.15
C GLY R 94 -12.17 25.39 45.42
N PHE R 95 -13.23 25.28 46.23
CA PHE R 95 -13.28 26.01 47.49
C PHE R 95 -12.37 25.34 48.52
N SER R 96 -11.60 26.16 49.22
CA SER R 96 -10.66 25.68 50.24
C SER R 96 -11.28 25.92 51.62
N TRP R 97 -11.66 24.84 52.30
CA TRP R 97 -12.27 24.92 53.61
C TRP R 97 -11.28 24.69 54.75
N SER R 98 -10.08 24.20 54.46
CA SER R 98 -9.08 23.92 55.47
C SER R 98 -7.95 24.95 55.39
N PHE R 99 -7.34 25.22 56.54
CA PHE R 99 -6.23 26.16 56.61
C PHE R 99 -4.88 25.52 56.31
N GLY R 100 -4.84 24.20 56.18
CA GLY R 100 -3.59 23.52 55.87
C GLY R 100 -2.85 23.12 57.13
N GLY R 101 -1.54 23.39 57.16
CA GLY R 101 -0.72 23.05 58.31
C GLY R 101 0.00 24.27 58.84
N ALA R 102 0.38 24.17 60.10
CA ALA R 102 1.06 25.26 60.80
C ALA R 102 2.55 24.98 60.89
N THR R 103 3.34 26.04 60.76
CA THR R 103 4.80 25.98 60.87
C THR R 103 5.20 26.77 62.11
N ARG R 104 5.45 26.05 63.21
CA ARG R 104 5.81 26.68 64.47
C ARG R 104 7.26 27.16 64.40
N LEU R 105 7.44 28.45 64.15
CA LEU R 105 8.77 29.02 64.06
C LEU R 105 9.34 29.24 65.46
N THR R 106 10.51 28.66 65.70
CA THR R 106 11.23 28.81 66.95
C THR R 106 12.46 29.67 66.72
N VAL R 107 12.79 30.53 67.69
CA VAL R 107 13.94 31.42 67.62
C VAL R 107 14.96 30.98 68.66
N LEU R 108 16.23 30.95 68.27
CA LEU R 108 17.32 30.55 69.14
C LEU R 108 18.04 31.78 69.68
N GLY R 109 18.60 31.63 70.88
CA GLY R 109 19.33 32.72 71.51
C GLY R 109 18.42 33.83 72.01
#